data_6KYV
#
_entry.id   6KYV
#
_cell.length_a   112.166
_cell.length_b   175.130
_cell.length_c   308.965
_cell.angle_alpha   90.000
_cell.angle_beta   90.000
_cell.angle_gamma   90.000
#
_symmetry.space_group_name_H-M   'P 21 21 21'
#
loop_
_entity.id
_entity.type
_entity.pdbx_description
1 polymer "RNA (5'-R(*GP*GP*UP*AP*GP*AP*CP*GP*CP*UP*UP*CP*GP*GP*CP*GP*UP*UP*UP*GP*CP*C)-3')"
2 polymer 'Probable ATP-dependent RNA helicase DDX58'
3 non-polymer 'ZINC ION'
#
loop_
_entity_poly.entity_id
_entity_poly.type
_entity_poly.pdbx_seq_one_letter_code
_entity_poly.pdbx_strand_id
1 'polyribonucleotide' GGUAGACGCUUCGGCGUUUGCC A,C,E,G,I,K
2 'polypeptide(L)'
;SNAKPRNYQLELALPAMKGKNTIICAPTGCGKTFVSLLICEHHLKKFPQGQKGKVVFFANQIPVYEQQKSVFSKYFERHG
YRVTGISGATAENVPVEQIVENNDIIILTPQILVNNLKKGTIPSLSIFTLMIFDECHNTSKQHPYNMIMFNYLDQKLGGS
SGPLPQVIGLTASVGVGDAKNTDEALDYICKLCASLDASVIATVKHNLEELEQVVYKPQKFFRKVESRISDKFKYIIAQL
MRDTESLAKRICKDLENLSQIQNREFGTQKYEQWIVTVQKACMVFQMPDKDEESRICKALFLYTSHLRKYNDALIISEHA
RMKDALDYLKDFFSNVRAAGFDEIEQDLTQRFEEKLQELESVSRDPSNENPKLEDLCFILQEEYHLNPETITILFVKTRA
LVDALKNWIEGNPKLSFLKPGILTGRGKTNQNTGMTLPAQKCILDAFKASGDHNILIATSVADEGIDIAQCNLVILYEYV
GNVIKMIQTRGRGRARGSKCFLLTSNAGVIEKEQINMYKEKMMNDSILRLQTWDEAVFREKILHIQTHEKFIRDSQEKPK
PVPDKENKKLLCRKCKALACYTADVRVIEECHYTVLGDAFKECFVSRPHPKPKQFSSFEKRAKIFCARQNCSHDWGIHVK
YKTFEIPVIKIESFVVEDIATGVQTLYSKWKDFHFEKIPFDPAE
;
B,D,F,H,J,L
#
# COMPACT_ATOMS: atom_id res chain seq x y z
N LYS B 4 -22.23 38.00 28.16
CA LYS B 4 -23.09 38.84 27.33
C LYS B 4 -22.29 39.98 26.71
N PRO B 5 -22.61 40.32 25.45
CA PRO B 5 -21.89 41.41 24.78
C PRO B 5 -22.33 42.77 25.29
N ARG B 6 -21.36 43.68 25.42
CA ARG B 6 -21.67 45.02 25.88
C ARG B 6 -22.12 45.90 24.70
N ASN B 7 -22.77 47.01 25.05
CA ASN B 7 -23.35 47.88 24.03
C ASN B 7 -22.28 48.54 23.17
N TYR B 8 -21.13 48.87 23.75
CA TYR B 8 -20.05 49.43 22.93
C TYR B 8 -19.40 48.37 22.06
N GLN B 9 -19.50 47.10 22.43
CA GLN B 9 -19.02 46.03 21.55
C GLN B 9 -19.92 45.87 20.34
N LEU B 10 -21.24 45.96 20.55
CA LEU B 10 -22.17 45.94 19.42
C LEU B 10 -22.00 47.17 18.55
N GLU B 11 -21.73 48.33 19.17
CA GLU B 11 -21.55 49.56 18.42
C GLU B 11 -20.37 49.48 17.48
N LEU B 12 -19.30 48.79 17.88
CA LEU B 12 -18.14 48.65 17.02
C LEU B 12 -18.39 47.67 15.89
N ALA B 13 -19.14 46.60 16.15
CA ALA B 13 -19.40 45.57 15.16
C ALA B 13 -20.50 45.96 14.17
N LEU B 14 -21.22 47.05 14.42
CA LEU B 14 -22.36 47.41 13.56
C LEU B 14 -21.95 47.72 12.12
N PRO B 15 -20.92 48.54 11.86
CA PRO B 15 -20.55 48.76 10.44
C PRO B 15 -20.10 47.50 9.74
N ALA B 16 -19.40 46.60 10.45
CA ALA B 16 -18.96 45.35 9.84
C ALA B 16 -20.13 44.43 9.56
N MET B 17 -21.08 44.35 10.50
CA MET B 17 -22.27 43.52 10.28
C MET B 17 -23.17 44.07 9.18
N LYS B 18 -22.97 45.32 8.77
CA LYS B 18 -23.66 45.88 7.62
C LYS B 18 -22.92 45.63 6.31
N GLY B 19 -21.85 44.84 6.34
CA GLY B 19 -21.10 44.50 5.15
C GLY B 19 -20.01 45.47 4.75
N LYS B 20 -19.84 46.56 5.49
CA LYS B 20 -18.85 47.57 5.13
C LYS B 20 -17.45 47.13 5.54
N ASN B 21 -16.46 47.45 4.70
CA ASN B 21 -15.07 47.30 5.11
C ASN B 21 -14.77 48.34 6.19
N THR B 22 -14.41 47.86 7.38
CA THR B 22 -14.38 48.71 8.56
C THR B 22 -13.07 48.53 9.33
N ILE B 23 -12.49 49.65 9.75
CA ILE B 23 -11.37 49.67 10.69
C ILE B 23 -11.95 49.98 12.07
N ILE B 24 -11.75 49.06 13.01
CA ILE B 24 -12.31 49.18 14.35
C ILE B 24 -11.21 49.65 15.29
N CYS B 25 -11.30 50.90 15.74
CA CYS B 25 -10.31 51.51 16.62
C CYS B 25 -10.91 51.64 18.01
N ALA B 26 -10.35 50.91 18.96
CA ALA B 26 -10.89 50.83 20.31
C ALA B 26 -9.74 50.67 21.29
N PRO B 27 -9.92 51.05 22.55
CA PRO B 27 -8.81 50.95 23.52
C PRO B 27 -8.42 49.50 23.79
N THR B 28 -7.15 49.32 24.13
CA THR B 28 -6.63 47.99 24.43
C THR B 28 -7.28 47.45 25.70
N GLY B 29 -7.85 46.25 25.61
CA GLY B 29 -8.50 45.62 26.73
C GLY B 29 -10.01 45.71 26.75
N CYS B 30 -10.62 46.44 25.81
CA CYS B 30 -12.05 46.58 25.76
C CYS B 30 -12.75 45.36 25.16
N GLY B 31 -12.00 44.33 24.77
CA GLY B 31 -12.60 43.12 24.24
C GLY B 31 -12.86 43.16 22.75
N LYS B 32 -11.82 43.42 21.96
CA LYS B 32 -11.98 43.38 20.50
C LYS B 32 -12.15 41.95 20.00
N THR B 33 -11.59 40.97 20.70
CA THR B 33 -11.73 39.58 20.30
C THR B 33 -13.21 39.17 20.27
N PHE B 34 -13.98 39.62 21.27
CA PHE B 34 -15.41 39.37 21.26
C PHE B 34 -16.06 40.05 20.06
N VAL B 35 -15.62 41.26 19.73
CA VAL B 35 -16.16 41.97 18.56
C VAL B 35 -15.87 41.19 17.29
N SER B 36 -14.67 40.61 17.20
CA SER B 36 -14.36 39.76 16.04
C SER B 36 -15.31 38.58 15.95
N LEU B 37 -15.64 37.97 17.09
CA LEU B 37 -16.59 36.87 17.10
C LEU B 37 -17.98 37.34 16.67
N LEU B 38 -18.42 38.50 17.18
CA LEU B 38 -19.73 39.01 16.82
C LEU B 38 -19.84 39.25 15.31
N ILE B 39 -18.80 39.82 14.71
CA ILE B 39 -18.78 40.02 13.26
C ILE B 39 -18.78 38.68 12.54
N CYS B 40 -17.89 37.77 12.96
CA CYS B 40 -17.77 36.49 12.30
C CYS B 40 -19.01 35.62 12.51
N GLU B 41 -19.66 35.74 13.68
CA GLU B 41 -20.90 35.00 13.90
C GLU B 41 -22.02 35.52 13.03
N HIS B 42 -22.01 36.81 12.71
CA HIS B 42 -23.01 37.38 11.81
C HIS B 42 -22.69 37.07 10.36
N HIS B 43 -21.39 37.09 10.00
CA HIS B 43 -21.01 36.86 8.61
C HIS B 43 -21.38 35.46 8.14
N LEU B 44 -21.20 34.46 9.00
CA LEU B 44 -21.41 33.07 8.60
C LEU B 44 -22.87 32.67 8.61
N LYS B 45 -23.75 33.44 9.24
CA LYS B 45 -25.17 33.11 9.29
C LYS B 45 -26.01 33.86 8.26
N LYS B 46 -25.45 34.88 7.62
CA LYS B 46 -26.21 35.65 6.63
C LYS B 46 -26.33 34.93 5.29
N PHE B 47 -25.49 33.94 5.04
CA PHE B 47 -25.51 33.27 3.75
C PHE B 47 -26.70 32.31 3.66
N PRO B 48 -27.36 32.23 2.50
CA PRO B 48 -28.48 31.31 2.35
C PRO B 48 -28.05 29.85 2.38
N GLN B 49 -29.00 28.93 2.20
CA GLN B 49 -28.70 27.51 2.36
C GLN B 49 -27.71 27.02 1.30
N GLY B 50 -27.88 27.46 0.05
CA GLY B 50 -27.01 27.02 -1.02
C GLY B 50 -25.63 27.65 -1.04
N GLN B 51 -25.33 28.54 -0.11
CA GLN B 51 -24.05 29.24 -0.06
C GLN B 51 -23.43 29.08 1.32
N LYS B 52 -22.15 29.44 1.41
CA LYS B 52 -21.43 29.42 2.68
C LYS B 52 -20.29 30.42 2.62
N GLY B 53 -19.94 30.96 3.78
CA GLY B 53 -18.87 31.93 3.88
C GLY B 53 -17.59 31.33 4.44
N LYS B 54 -16.47 32.00 4.16
CA LYS B 54 -15.15 31.55 4.60
C LYS B 54 -14.40 32.75 5.17
N VAL B 55 -13.95 32.63 6.41
CA VAL B 55 -13.31 33.71 7.14
C VAL B 55 -11.85 33.35 7.41
N VAL B 56 -10.97 34.33 7.24
CA VAL B 56 -9.56 34.18 7.58
C VAL B 56 -9.19 35.25 8.59
N PHE B 57 -8.51 34.84 9.66
CA PHE B 57 -8.09 35.73 10.73
C PHE B 57 -6.57 35.74 10.78
N PHE B 58 -5.99 36.94 10.70
CA PHE B 58 -4.54 37.10 10.64
C PHE B 58 -3.97 37.44 12.01
N ALA B 59 -2.87 36.76 12.36
CA ALA B 59 -2.18 36.98 13.62
C ALA B 59 -0.69 37.16 13.33
N ASN B 60 -0.09 38.17 13.95
CA ASN B 60 1.31 38.50 13.69
C ASN B 60 2.30 37.73 14.54
N GLN B 61 1.87 37.13 15.66
CA GLN B 61 2.74 36.34 16.50
C GLN B 61 2.11 34.99 16.78
N ILE B 62 2.97 33.99 16.99
CA ILE B 62 2.48 32.65 17.31
C ILE B 62 1.63 32.63 18.58
N PRO B 63 1.97 33.33 19.67
CA PRO B 63 1.08 33.32 20.84
C PRO B 63 -0.32 33.82 20.54
N VAL B 64 -0.45 34.93 19.82
CA VAL B 64 -1.77 35.41 19.43
C VAL B 64 -2.41 34.45 18.44
N TYR B 65 -1.61 33.76 17.64
CA TYR B 65 -2.14 32.77 16.71
C TYR B 65 -2.81 31.62 17.46
N GLU B 66 -2.11 31.01 18.41
CA GLU B 66 -2.68 29.91 19.18
C GLU B 66 -3.84 30.38 20.05
N GLN B 67 -3.78 31.60 20.56
CA GLN B 67 -4.87 32.12 21.39
C GLN B 67 -6.15 32.24 20.58
N GLN B 68 -6.10 32.96 19.45
CA GLN B 68 -7.29 33.15 18.64
C GLN B 68 -7.78 31.84 18.02
N LYS B 69 -6.86 30.93 17.67
CA LYS B 69 -7.27 29.64 17.15
C LYS B 69 -8.09 28.87 18.19
N SER B 70 -7.71 28.97 19.46
CA SER B 70 -8.47 28.29 20.51
C SER B 70 -9.79 29.00 20.81
N VAL B 71 -9.80 30.33 20.71
CA VAL B 71 -11.03 31.07 20.98
C VAL B 71 -12.07 30.82 19.91
N PHE B 72 -11.66 30.89 18.63
CA PHE B 72 -12.60 30.64 17.54
C PHE B 72 -13.02 29.18 17.47
N SER B 73 -12.18 28.26 17.95
CA SER B 73 -12.53 26.84 17.89
C SER B 73 -13.65 26.50 18.85
N LYS B 74 -13.55 26.94 20.10
CA LYS B 74 -14.54 26.60 21.11
C LYS B 74 -15.80 27.44 21.01
N TYR B 75 -15.83 28.48 20.18
CA TYR B 75 -17.00 29.32 20.02
C TYR B 75 -17.87 28.92 18.84
N PHE B 76 -17.28 28.32 17.80
CA PHE B 76 -18.00 27.97 16.59
C PHE B 76 -18.13 26.48 16.34
N GLU B 77 -17.45 25.64 17.12
CA GLU B 77 -17.55 24.20 16.91
C GLU B 77 -18.97 23.70 17.13
N ARG B 78 -19.61 24.16 18.22
CA ARG B 78 -20.98 23.77 18.51
C ARG B 78 -21.93 24.22 17.41
N HIS B 79 -21.64 25.34 16.75
CA HIS B 79 -22.53 25.90 15.74
C HIS B 79 -22.35 25.25 14.37
N GLY B 80 -21.43 24.29 14.23
CA GLY B 80 -21.28 23.56 12.99
C GLY B 80 -20.26 24.10 12.01
N TYR B 81 -19.32 24.93 12.47
CA TYR B 81 -18.26 25.45 11.62
C TYR B 81 -16.92 24.84 12.02
N ARG B 82 -16.06 24.63 11.04
CA ARG B 82 -14.75 24.03 11.25
C ARG B 82 -13.69 25.13 11.31
N VAL B 83 -12.90 25.13 12.37
CA VAL B 83 -11.81 26.08 12.56
C VAL B 83 -10.49 25.33 12.41
N THR B 84 -9.50 26.00 11.83
CA THR B 84 -8.17 25.43 11.67
C THR B 84 -7.15 26.57 11.69
N GLY B 85 -5.88 26.20 11.54
CA GLY B 85 -4.82 27.19 11.52
C GLY B 85 -3.61 26.65 10.78
N ILE B 86 -2.89 27.56 10.14
CA ILE B 86 -1.66 27.23 9.41
C ILE B 86 -0.60 28.23 9.85
N SER B 87 0.39 27.75 10.60
CA SER B 87 1.55 28.54 10.99
C SER B 87 2.79 27.99 10.31
N GLY B 88 3.94 28.60 10.61
CA GLY B 88 5.19 28.17 10.02
C GLY B 88 5.55 26.72 10.31
N ALA B 89 5.02 26.16 11.40
CA ALA B 89 5.34 24.78 11.76
C ALA B 89 4.61 23.80 10.85
N THR B 90 3.34 24.03 10.58
CA THR B 90 2.51 23.11 9.80
C THR B 90 2.24 23.62 8.40
N ALA B 91 3.18 24.38 7.82
CA ALA B 91 2.96 24.99 6.52
C ALA B 91 3.51 24.17 5.36
N GLU B 92 4.44 23.26 5.61
CA GLU B 92 5.15 22.57 4.56
C GLU B 92 4.57 21.19 4.30
N ASN B 93 4.63 20.75 3.04
CA ASN B 93 4.17 19.43 2.61
C ASN B 93 2.71 19.19 2.97
N VAL B 94 1.91 20.25 3.04
CA VAL B 94 0.49 20.14 3.33
C VAL B 94 -0.30 20.80 2.20
N PRO B 95 -1.42 20.20 1.77
CA PRO B 95 -2.22 20.82 0.71
C PRO B 95 -3.01 22.02 1.22
N VAL B 96 -2.37 23.19 1.23
CA VAL B 96 -2.99 24.40 1.79
C VAL B 96 -4.33 24.67 1.13
N GLU B 97 -4.44 24.42 -0.17
CA GLU B 97 -5.69 24.69 -0.88
C GLU B 97 -6.83 23.85 -0.34
N GLN B 98 -6.56 22.59 -0.01
CA GLN B 98 -7.59 21.73 0.58
C GLN B 98 -7.94 22.19 1.99
N ILE B 99 -6.94 22.53 2.80
CA ILE B 99 -7.18 22.96 4.17
C ILE B 99 -8.04 24.22 4.19
N VAL B 100 -7.78 25.14 3.26
CA VAL B 100 -8.58 26.37 3.18
C VAL B 100 -10.00 26.04 2.74
N GLU B 101 -10.15 25.10 1.80
CA GLU B 101 -11.47 24.79 1.27
C GLU B 101 -12.31 23.97 2.25
N ASN B 102 -11.67 23.05 2.97
CA ASN B 102 -12.41 22.14 3.84
C ASN B 102 -12.75 22.75 5.20
N ASN B 103 -12.25 23.95 5.50
CA ASN B 103 -12.56 24.62 6.76
C ASN B 103 -13.19 25.98 6.47
N ASP B 104 -14.05 26.42 7.37
CA ASP B 104 -14.80 27.66 7.18
C ASP B 104 -14.13 28.86 7.82
N ILE B 105 -13.35 28.66 8.89
CA ILE B 105 -12.57 29.71 9.51
C ILE B 105 -11.12 29.24 9.60
N ILE B 106 -10.20 30.05 9.11
CA ILE B 106 -8.78 29.70 9.06
C ILE B 106 -7.99 30.84 9.72
N ILE B 107 -7.53 30.60 10.94
CA ILE B 107 -6.60 31.54 11.57
C ILE B 107 -5.23 31.36 10.93
N LEU B 108 -4.68 32.45 10.40
CA LEU B 108 -3.49 32.37 9.56
C LEU B 108 -2.44 33.38 10.01
N THR B 109 -1.19 33.02 9.80
CA THR B 109 -0.10 33.99 9.87
C THR B 109 0.08 34.61 8.49
N PRO B 110 0.17 35.94 8.38
CA PRO B 110 0.13 36.57 7.05
C PRO B 110 1.17 36.06 6.08
N GLN B 111 2.35 35.67 6.55
CA GLN B 111 3.38 35.19 5.63
C GLN B 111 2.97 33.88 4.97
N ILE B 112 2.13 33.08 5.64
CA ILE B 112 1.66 31.83 5.04
C ILE B 112 0.81 32.12 3.81
N LEU B 113 0.01 33.19 3.86
CA LEU B 113 -0.81 33.55 2.71
C LEU B 113 0.01 34.23 1.62
N VAL B 114 1.00 35.05 2.01
CA VAL B 114 1.83 35.74 1.03
C VAL B 114 2.61 34.75 0.19
N ASN B 115 3.10 33.67 0.83
CA ASN B 115 3.88 32.68 0.10
C ASN B 115 3.02 31.78 -0.77
N ASN B 116 1.76 31.54 -0.36
CA ASN B 116 0.87 30.71 -1.17
C ASN B 116 0.26 31.48 -2.33
N LEU B 117 0.12 32.80 -2.20
CA LEU B 117 -0.33 33.60 -3.34
C LEU B 117 0.72 33.65 -4.44
N LYS B 118 2.00 33.72 -4.06
CA LYS B 118 3.07 33.73 -5.05
C LYS B 118 3.21 32.37 -5.71
N LYS B 119 3.21 31.30 -4.90
CA LYS B 119 3.31 29.94 -5.45
C LYS B 119 2.11 29.60 -6.34
N GLY B 120 0.99 30.30 -6.18
CA GLY B 120 -0.20 29.99 -6.92
C GLY B 120 -1.08 28.92 -6.32
N THR B 121 -0.67 28.32 -5.20
CA THR B 121 -1.50 27.32 -4.55
C THR B 121 -2.82 27.92 -4.08
N ILE B 122 -2.82 29.19 -3.69
CA ILE B 122 -4.04 29.95 -3.48
C ILE B 122 -4.12 30.98 -4.60
N PRO B 123 -4.91 30.73 -5.65
CA PRO B 123 -4.88 31.61 -6.83
C PRO B 123 -5.24 33.06 -6.53
N SER B 124 -6.43 33.30 -5.98
CA SER B 124 -6.88 34.65 -5.70
C SER B 124 -7.62 34.67 -4.36
N LEU B 125 -7.75 35.87 -3.80
CA LEU B 125 -8.42 36.05 -2.52
C LEU B 125 -9.93 35.89 -2.61
N SER B 126 -10.48 35.58 -3.79
CA SER B 126 -11.91 35.36 -3.92
C SER B 126 -12.39 34.15 -3.14
N ILE B 127 -11.47 33.25 -2.78
CA ILE B 127 -11.84 32.08 -1.98
C ILE B 127 -12.37 32.49 -0.61
N PHE B 128 -11.91 33.63 -0.11
CA PHE B 128 -12.38 34.14 1.17
C PHE B 128 -13.50 35.14 0.96
N THR B 129 -14.42 35.17 1.93
CA THR B 129 -15.51 36.14 1.95
C THR B 129 -15.36 37.19 3.04
N LEU B 130 -14.37 37.04 3.93
CA LEU B 130 -14.16 37.98 5.02
C LEU B 130 -12.74 37.82 5.54
N MET B 131 -11.97 38.90 5.52
CA MET B 131 -10.62 38.93 6.07
C MET B 131 -10.61 39.84 7.28
N ILE B 132 -10.00 39.37 8.37
CA ILE B 132 -9.95 40.12 9.62
C ILE B 132 -8.48 40.31 9.99
N PHE B 133 -8.00 41.54 9.89
CA PHE B 133 -6.63 41.87 10.22
C PHE B 133 -6.56 42.33 11.67
N ASP B 134 -5.80 41.60 12.49
CA ASP B 134 -5.52 41.99 13.85
C ASP B 134 -4.29 42.90 13.85
N GLU B 135 -4.37 44.01 14.60
CA GLU B 135 -3.35 45.05 14.57
C GLU B 135 -3.16 45.57 13.15
N CYS B 136 -4.26 46.09 12.59
CA CYS B 136 -4.30 46.47 11.18
C CYS B 136 -3.40 47.66 10.86
N HIS B 137 -2.95 48.40 11.88
CA HIS B 137 -2.03 49.52 11.64
C HIS B 137 -0.73 49.06 11.01
N ASN B 138 -0.38 47.78 11.15
CA ASN B 138 0.83 47.25 10.54
C ASN B 138 0.75 47.15 9.03
N THR B 139 -0.39 47.45 8.42
CA THR B 139 -0.53 47.43 6.96
C THR B 139 0.23 48.63 6.40
N SER B 140 1.53 48.44 6.21
CA SER B 140 2.47 49.53 5.98
C SER B 140 3.55 49.07 5.01
N LYS B 141 4.67 49.82 4.96
CA LYS B 141 5.66 49.77 3.90
C LYS B 141 5.87 48.39 3.27
N GLN B 142 6.35 47.42 4.05
CA GLN B 142 6.60 46.09 3.48
C GLN B 142 6.11 44.96 4.38
N HIS B 143 5.29 45.27 5.39
CA HIS B 143 4.74 44.24 6.26
C HIS B 143 3.90 43.25 5.44
N PRO B 144 3.87 41.98 5.84
CA PRO B 144 3.05 41.00 5.10
C PRO B 144 1.58 41.38 4.97
N TYR B 145 1.06 42.21 5.88
CA TYR B 145 -0.31 42.69 5.73
C TYR B 145 -0.51 43.45 4.42
N ASN B 146 0.41 44.37 4.13
CA ASN B 146 0.30 45.17 2.91
C ASN B 146 0.49 44.32 1.67
N MET B 147 1.39 43.33 1.73
CA MET B 147 1.60 42.45 0.59
C MET B 147 0.33 41.69 0.25
N ILE B 148 -0.46 41.33 1.27
CA ILE B 148 -1.75 40.70 1.01
C ILE B 148 -2.70 41.70 0.36
N MET B 149 -2.71 42.94 0.85
CA MET B 149 -3.61 43.94 0.29
C MET B 149 -3.19 44.36 -1.12
N PHE B 150 -1.90 44.29 -1.43
CA PHE B 150 -1.46 44.50 -2.81
C PHE B 150 -2.12 43.49 -3.74
N ASN B 151 -2.19 42.23 -3.31
CA ASN B 151 -2.91 41.22 -4.08
C ASN B 151 -4.40 41.55 -4.15
N TYR B 152 -4.96 42.07 -3.05
CA TYR B 152 -6.37 42.47 -3.03
C TYR B 152 -6.63 43.63 -3.96
N LEU B 153 -5.75 44.63 -3.95
CA LEU B 153 -6.01 45.86 -4.70
C LEU B 153 -5.78 45.65 -6.20
N ASP B 154 -4.77 44.87 -6.58
CA ASP B 154 -4.53 44.61 -8.00
C ASP B 154 -5.72 43.91 -8.64
N GLN B 155 -6.43 43.07 -7.88
CA GLN B 155 -7.64 42.45 -8.40
C GLN B 155 -8.82 43.41 -8.41
N LYS B 156 -8.90 44.30 -7.42
CA LYS B 156 -9.99 45.27 -7.38
C LYS B 156 -9.88 46.29 -8.51
N LEU B 157 -8.69 46.83 -8.73
CA LEU B 157 -8.51 47.88 -9.72
C LEU B 157 -8.43 47.33 -11.14
N GLY B 158 -7.85 46.14 -11.31
CA GLY B 158 -7.78 45.53 -12.62
C GLY B 158 -9.15 45.08 -13.11
N GLY B 159 -9.19 44.75 -14.40
CA GLY B 159 -10.42 44.30 -15.02
C GLY B 159 -10.89 42.93 -14.57
N SER B 160 -10.04 42.18 -13.86
CA SER B 160 -10.42 40.86 -13.39
C SER B 160 -11.54 40.96 -12.37
N SER B 161 -12.68 40.35 -12.68
CA SER B 161 -13.81 40.33 -11.76
C SER B 161 -13.58 39.26 -10.71
N GLY B 162 -14.62 38.94 -9.95
CA GLY B 162 -14.51 38.00 -8.86
C GLY B 162 -14.80 38.67 -7.53
N PRO B 163 -15.67 38.06 -6.73
CA PRO B 163 -16.08 38.69 -5.46
C PRO B 163 -14.90 38.84 -4.51
N LEU B 164 -14.76 40.03 -3.95
CA LEU B 164 -13.73 40.30 -2.98
C LEU B 164 -14.26 40.11 -1.57
N PRO B 165 -13.41 39.70 -0.64
CA PRO B 165 -13.85 39.54 0.75
C PRO B 165 -14.02 40.89 1.44
N GLN B 166 -14.85 40.88 2.48
CA GLN B 166 -14.95 42.03 3.35
C GLN B 166 -13.70 42.11 4.22
N VAL B 167 -13.13 43.31 4.33
CA VAL B 167 -11.88 43.52 5.06
C VAL B 167 -12.18 44.25 6.35
N ILE B 168 -11.83 43.63 7.47
CA ILE B 168 -12.02 44.21 8.79
C ILE B 168 -10.65 44.37 9.45
N GLY B 169 -10.43 45.52 10.06
CA GLY B 169 -9.18 45.77 10.75
C GLY B 169 -9.37 46.20 12.19
N LEU B 170 -8.62 45.59 13.10
CA LEU B 170 -8.67 45.91 14.52
C LEU B 170 -7.37 46.56 14.93
N THR B 171 -7.46 47.66 15.68
CA THR B 171 -6.28 48.32 16.21
C THR B 171 -6.71 49.27 17.32
N ALA B 172 -5.76 49.61 18.18
CA ALA B 172 -5.98 50.62 19.20
C ALA B 172 -5.50 52.00 18.76
N SER B 173 -4.79 52.08 17.64
CA SER B 173 -4.27 53.35 17.14
C SER B 173 -3.90 53.16 15.68
N VAL B 174 -4.49 53.98 14.80
CA VAL B 174 -4.10 53.93 13.40
C VAL B 174 -2.79 54.68 13.14
N GLY B 175 -2.39 55.57 14.05
CA GLY B 175 -1.19 56.34 13.88
C GLY B 175 -1.40 57.57 13.01
N VAL B 176 -0.38 58.43 13.00
CA VAL B 176 -0.39 59.63 12.17
C VAL B 176 0.88 59.77 11.34
N GLY B 177 1.85 58.87 11.49
CA GLY B 177 3.10 59.01 10.76
C GLY B 177 3.93 60.17 11.29
N ASP B 178 4.51 60.94 10.38
CA ASP B 178 5.30 62.11 10.72
C ASP B 178 4.50 63.40 10.56
N ALA B 179 3.20 63.35 10.87
CA ALA B 179 2.32 64.48 10.65
C ALA B 179 2.67 65.63 11.58
N LYS B 180 2.53 66.86 11.07
CA LYS B 180 2.77 68.07 11.84
C LYS B 180 1.50 68.81 12.21
N ASN B 181 0.43 68.67 11.43
CA ASN B 181 -0.85 69.30 11.72
C ASN B 181 -1.97 68.32 11.37
N THR B 182 -3.21 68.74 11.58
CA THR B 182 -4.35 67.85 11.38
C THR B 182 -4.50 67.45 9.92
N ASP B 183 -4.19 68.35 8.98
CA ASP B 183 -4.31 68.01 7.57
C ASP B 183 -3.33 66.91 7.18
N GLU B 184 -2.09 66.98 7.66
CA GLU B 184 -1.14 65.91 7.42
C GLU B 184 -1.58 64.62 8.11
N ALA B 185 -2.14 64.74 9.32
CA ALA B 185 -2.62 63.56 10.02
C ALA B 185 -3.81 62.93 9.31
N LEU B 186 -4.69 63.76 8.74
CA LEU B 186 -5.87 63.23 8.06
C LEU B 186 -5.51 62.46 6.80
N ASP B 187 -4.42 62.84 6.12
CA ASP B 187 -4.03 62.14 4.90
C ASP B 187 -3.37 60.80 5.21
N TYR B 188 -2.57 60.72 6.28
CA TYR B 188 -1.98 59.44 6.66
C TYR B 188 -3.06 58.43 7.03
N ILE B 189 -4.12 58.89 7.69
CA ILE B 189 -5.22 57.99 8.06
C ILE B 189 -5.99 57.56 6.81
N CYS B 190 -6.22 58.49 5.88
CA CYS B 190 -6.93 58.14 4.65
C CYS B 190 -6.12 57.15 3.82
N LYS B 191 -4.81 57.34 3.74
CA LYS B 191 -3.98 56.40 2.99
C LYS B 191 -3.93 55.04 3.68
N LEU B 192 -4.09 55.01 5.00
CA LEU B 192 -4.17 53.72 5.70
C LEU B 192 -5.51 53.04 5.42
N CYS B 193 -6.60 53.80 5.43
CA CYS B 193 -7.89 53.24 5.03
C CYS B 193 -7.86 52.76 3.59
N ALA B 194 -7.10 53.46 2.74
CA ALA B 194 -6.97 53.03 1.34
C ALA B 194 -6.16 51.75 1.22
N SER B 195 -5.23 51.52 2.15
CA SER B 195 -4.44 50.29 2.10
C SER B 195 -5.27 49.08 2.51
N LEU B 196 -6.28 49.28 3.35
CA LEU B 196 -7.16 48.20 3.78
C LEU B 196 -8.52 48.24 3.10
N ASP B 197 -8.70 49.12 2.11
CA ASP B 197 -9.97 49.28 1.40
C ASP B 197 -11.11 49.61 2.35
N ALA B 198 -10.79 50.31 3.45
CA ALA B 198 -11.78 50.58 4.48
C ALA B 198 -12.64 51.78 4.11
N SER B 199 -13.95 51.64 4.34
CA SER B 199 -14.91 52.70 4.09
C SER B 199 -15.40 53.38 5.36
N VAL B 200 -15.15 52.77 6.52
CA VAL B 200 -15.67 53.25 7.79
C VAL B 200 -14.62 53.02 8.88
N ILE B 201 -14.44 54.00 9.75
CA ILE B 201 -13.63 53.86 10.95
C ILE B 201 -14.58 53.79 12.13
N ALA B 202 -14.68 52.60 12.75
CA ALA B 202 -15.62 52.36 13.83
C ALA B 202 -14.96 52.67 15.17
N THR B 203 -15.47 53.70 15.85
CA THR B 203 -15.04 54.05 17.20
C THR B 203 -16.26 54.08 18.12
N VAL B 204 -15.99 54.15 19.41
CA VAL B 204 -17.04 54.23 20.42
C VAL B 204 -17.44 55.69 20.60
N LYS B 205 -18.68 56.02 20.27
CA LYS B 205 -19.18 57.39 20.37
C LYS B 205 -20.43 57.51 21.24
N HIS B 206 -21.32 56.52 21.21
CA HIS B 206 -22.58 56.60 21.93
C HIS B 206 -22.52 55.96 23.31
N ASN B 207 -21.69 54.93 23.49
CA ASN B 207 -21.55 54.24 24.76
C ASN B 207 -20.20 54.53 25.42
N LEU B 208 -19.74 55.78 25.33
CA LEU B 208 -18.46 56.14 25.92
C LEU B 208 -18.46 55.98 27.43
N GLU B 209 -19.61 56.20 28.08
CA GLU B 209 -19.67 56.06 29.54
C GLU B 209 -19.49 54.61 29.95
N GLU B 210 -20.03 53.67 29.18
CA GLU B 210 -19.86 52.25 29.50
C GLU B 210 -18.42 51.80 29.26
N LEU B 211 -17.80 52.29 28.17
CA LEU B 211 -16.43 51.91 27.88
C LEU B 211 -15.47 52.43 28.94
N GLU B 212 -15.74 53.62 29.48
CA GLU B 212 -14.84 54.19 30.49
C GLU B 212 -14.93 53.42 31.80
N GLN B 213 -16.12 52.94 32.17
CA GLN B 213 -16.27 52.16 33.38
C GLN B 213 -15.71 50.75 33.26
N VAL B 214 -15.12 50.40 32.12
CA VAL B 214 -14.45 49.13 31.93
C VAL B 214 -12.94 49.31 31.75
N VAL B 215 -12.52 50.29 30.95
CA VAL B 215 -11.12 50.56 30.69
C VAL B 215 -10.85 52.00 31.11
N TYR B 216 -10.03 52.17 32.15
CA TYR B 216 -9.67 53.49 32.63
C TYR B 216 -8.29 53.89 32.09
N LYS B 217 -8.06 55.19 32.05
CA LYS B 217 -6.81 55.73 31.54
C LYS B 217 -5.83 55.95 32.68
N PRO B 218 -4.65 55.33 32.65
CA PRO B 218 -3.69 55.55 33.74
C PRO B 218 -3.11 56.95 33.70
N GLN B 219 -2.93 57.54 34.88
CA GLN B 219 -2.35 58.87 34.98
C GLN B 219 -0.83 58.79 34.82
N LYS B 220 -0.29 59.60 33.92
CA LYS B 220 1.11 59.54 33.55
C LYS B 220 1.93 60.53 34.39
N PHE B 221 3.17 60.12 34.69
CA PHE B 221 4.08 60.95 35.47
C PHE B 221 5.43 60.99 34.77
N PHE B 222 5.90 62.19 34.44
CA PHE B 222 7.19 62.39 33.81
C PHE B 222 8.22 62.72 34.89
N ARG B 223 9.29 61.92 34.96
CA ARG B 223 10.32 62.07 35.98
C ARG B 223 11.65 62.36 35.28
N LYS B 224 11.99 63.64 35.17
CA LYS B 224 13.25 64.07 34.58
C LYS B 224 14.31 64.14 35.65
N VAL B 225 15.42 63.43 35.46
CA VAL B 225 16.49 63.37 36.44
C VAL B 225 17.80 63.82 35.79
N GLU B 226 18.87 63.85 36.58
CA GLU B 226 20.19 64.23 36.11
C GLU B 226 21.11 63.02 36.09
N SER B 227 22.05 63.02 35.14
CA SER B 227 23.03 61.94 35.06
C SER B 227 24.03 62.04 36.20
N ARG B 228 24.82 60.98 36.38
CA ARG B 228 25.82 60.96 37.43
C ARG B 228 26.91 61.97 37.13
N ILE B 229 27.41 62.61 38.19
CA ILE B 229 28.29 63.77 38.02
C ILE B 229 29.72 63.33 37.73
N SER B 230 30.35 62.62 38.67
CA SER B 230 31.74 62.22 38.56
C SER B 230 31.81 60.73 38.26
N ASP B 231 32.52 60.37 37.20
CA ASP B 231 32.63 58.99 36.73
C ASP B 231 34.09 58.54 36.87
N LYS B 232 34.42 58.02 38.04
CA LYS B 232 35.71 57.35 38.20
C LYS B 232 35.75 56.02 37.47
N PHE B 233 34.58 55.45 37.17
CA PHE B 233 34.52 54.24 36.36
C PHE B 233 34.84 54.55 34.89
N LYS B 234 34.38 55.71 34.40
CA LYS B 234 34.63 56.07 33.01
C LYS B 234 36.09 56.45 32.79
N TYR B 235 36.68 57.19 33.74
CA TYR B 235 38.07 57.61 33.60
C TYR B 235 39.00 56.40 33.46
N ILE B 236 38.65 55.28 34.08
CA ILE B 236 39.44 54.07 33.92
C ILE B 236 39.18 53.41 32.58
N ILE B 237 37.89 53.21 32.25
CA ILE B 237 37.55 52.50 31.02
C ILE B 237 37.90 53.32 29.79
N ALA B 238 37.75 54.65 29.87
CA ALA B 238 38.17 55.51 28.76
C ALA B 238 39.67 55.43 28.52
N GLN B 239 40.45 55.04 29.54
CA GLN B 239 41.88 54.84 29.35
C GLN B 239 42.16 53.53 28.63
N LEU B 240 41.45 52.46 29.00
CA LEU B 240 41.63 51.18 28.32
C LEU B 240 41.24 51.28 26.85
N MET B 241 40.31 52.17 26.51
CA MET B 241 39.95 52.36 25.11
C MET B 241 41.03 53.14 24.38
N ARG B 242 41.52 54.22 24.99
CA ARG B 242 42.62 54.97 24.38
C ARG B 242 43.87 54.09 24.25
N ASP B 243 44.07 53.18 25.21
CA ASP B 243 45.16 52.22 25.08
C ASP B 243 44.91 51.26 23.92
N THR B 244 43.68 50.74 23.81
CA THR B 244 43.36 49.85 22.71
C THR B 244 43.33 50.58 21.38
N GLU B 245 42.92 51.85 21.37
CA GLU B 245 42.97 52.63 20.14
C GLU B 245 44.41 52.84 19.67
N SER B 246 45.36 52.91 20.60
CA SER B 246 46.75 53.13 20.22
C SER B 246 47.39 51.86 19.66
N LEU B 247 47.08 50.71 20.23
CA LEU B 247 47.63 49.45 19.72
C LEU B 247 47.19 49.20 18.29
N ALA B 248 46.00 49.66 17.91
CA ALA B 248 45.56 49.56 16.52
C ALA B 248 46.34 50.52 15.63
N LYS B 249 46.67 51.71 16.15
CA LYS B 249 47.41 52.69 15.36
C LYS B 249 48.78 52.16 14.97
N ARG B 250 49.45 51.45 15.89
CA ARG B 250 50.77 50.89 15.58
C ARG B 250 50.71 49.93 14.41
N ILE B 251 49.58 49.25 14.23
CA ILE B 251 49.40 48.34 13.09
C ILE B 251 48.89 49.10 11.88
N CYS B 252 47.89 49.97 12.05
CA CYS B 252 47.27 50.71 10.96
C CYS B 252 47.52 52.19 11.16
N LYS B 253 48.38 52.76 10.32
CA LYS B 253 48.61 54.21 10.36
C LYS B 253 47.42 54.95 9.77
N ASP B 254 47.22 56.18 10.26
CA ASP B 254 46.10 57.02 9.85
C ASP B 254 44.77 56.28 9.99
N LEU B 255 44.56 55.72 11.18
CA LEU B 255 43.29 55.07 11.49
C LEU B 255 42.15 56.08 11.59
N GLU B 256 42.46 57.34 11.88
CA GLU B 256 41.44 58.37 12.01
C GLU B 256 40.77 58.71 10.68
N ASN B 257 41.37 58.34 9.56
CA ASN B 257 40.79 58.58 8.24
C ASN B 257 40.01 57.38 7.71
N LEU B 258 39.85 56.34 8.52
CA LEU B 258 39.11 55.15 8.07
C LEU B 258 37.60 55.32 8.14
N SER B 259 37.12 56.26 8.96
CA SER B 259 35.69 56.53 9.08
C SER B 259 35.42 58.01 8.85
N GLN B 260 34.22 58.30 8.36
CA GLN B 260 33.79 59.68 8.17
C GLN B 260 33.24 60.31 9.44
N ILE B 261 33.37 59.63 10.57
CA ILE B 261 32.88 60.13 11.85
C ILE B 261 34.01 60.85 12.57
N GLN B 262 33.80 62.13 12.87
CA GLN B 262 34.79 62.96 13.54
C GLN B 262 34.30 63.35 14.93
N ASN B 263 35.26 63.65 15.81
CA ASN B 263 35.00 64.11 17.17
C ASN B 263 34.17 63.09 17.95
N ARG B 264 34.56 61.83 17.84
CA ARG B 264 33.86 60.77 18.54
C ARG B 264 34.19 60.80 20.04
N GLU B 265 33.24 60.33 20.84
CA GLU B 265 33.37 60.32 22.29
C GLU B 265 33.02 58.93 22.82
N PHE B 266 33.69 58.54 23.91
CA PHE B 266 33.49 57.22 24.48
C PHE B 266 32.09 57.08 25.05
N GLY B 267 31.53 55.88 24.91
CA GLY B 267 30.20 55.61 25.46
C GLY B 267 29.06 56.27 24.74
N THR B 268 29.15 56.42 23.42
CA THR B 268 28.11 57.04 22.62
C THR B 268 27.70 56.13 21.49
N GLN B 269 26.52 56.43 20.91
CA GLN B 269 26.09 55.73 19.71
C GLN B 269 26.95 56.11 18.52
N LYS B 270 27.46 57.35 18.50
CA LYS B 270 28.35 57.77 17.41
C LYS B 270 29.66 56.98 17.45
N TYR B 271 30.19 56.71 18.63
CA TYR B 271 31.39 55.89 18.74
C TYR B 271 31.13 54.47 18.26
N GLU B 272 29.94 53.94 18.56
CA GLU B 272 29.58 52.61 18.10
C GLU B 272 29.54 52.55 16.57
N GLN B 273 28.94 53.56 15.94
CA GLN B 273 28.98 53.63 14.48
C GLN B 273 30.41 53.75 13.97
N TRP B 274 31.30 54.37 14.75
CA TRP B 274 32.69 54.51 14.34
C TRP B 274 33.45 53.20 14.49
N ILE B 275 33.29 52.52 15.64
CA ILE B 275 33.97 51.25 15.87
C ILE B 275 33.49 50.16 14.93
N VAL B 276 32.39 50.38 14.23
CA VAL B 276 31.92 49.44 13.21
C VAL B 276 32.45 49.82 11.84
N THR B 277 32.49 51.12 11.52
CA THR B 277 32.98 51.55 10.22
C THR B 277 34.45 51.17 10.02
N VAL B 278 35.28 51.37 11.04
CA VAL B 278 36.67 50.95 10.96
C VAL B 278 36.77 49.43 10.88
N GLN B 279 35.88 48.73 11.56
CA GLN B 279 35.91 47.27 11.55
C GLN B 279 35.68 46.72 10.15
N LYS B 280 34.75 47.31 9.40
CA LYS B 280 34.52 46.89 8.02
C LYS B 280 35.59 47.38 7.06
N ALA B 281 36.47 48.29 7.49
CA ALA B 281 37.55 48.76 6.63
C ALA B 281 38.83 47.97 6.82
N CYS B 282 39.05 47.42 8.02
CA CYS B 282 40.23 46.59 8.26
C CYS B 282 40.10 45.20 7.69
N MET B 283 38.91 44.81 7.22
CA MET B 283 38.73 43.49 6.62
C MET B 283 39.11 43.46 5.15
N VAL B 284 39.15 44.61 4.48
CA VAL B 284 39.45 44.67 3.06
C VAL B 284 40.93 44.95 2.80
N PHE B 285 41.78 44.82 3.81
CA PHE B 285 43.22 45.01 3.62
C PHE B 285 43.78 43.90 2.74
N GLN B 286 44.73 44.27 1.88
CA GLN B 286 45.31 43.35 0.90
C GLN B 286 46.83 43.32 1.09
N MET B 287 47.30 42.40 1.93
CA MET B 287 48.75 42.27 1.94
C MET B 287 49.19 41.14 1.04
N PRO B 288 50.27 41.32 0.28
CA PRO B 288 50.74 40.23 -0.61
C PRO B 288 51.20 38.99 0.15
N ASP B 289 51.49 39.11 1.44
CA ASP B 289 52.01 37.97 2.21
C ASP B 289 50.93 36.91 2.38
N LYS B 290 49.68 37.33 2.59
CA LYS B 290 48.55 36.44 2.81
C LYS B 290 48.66 35.67 4.12
N ASP B 291 49.72 35.92 4.87
CA ASP B 291 49.87 35.42 6.24
C ASP B 291 49.97 36.55 7.25
N GLU B 292 50.68 37.63 6.91
CA GLU B 292 50.55 38.86 7.67
C GLU B 292 49.16 39.46 7.52
N GLU B 293 48.49 39.18 6.41
CA GLU B 293 47.10 39.58 6.24
C GLU B 293 46.22 38.95 7.31
N SER B 294 46.38 37.64 7.53
CA SER B 294 45.66 36.95 8.59
C SER B 294 46.13 37.38 9.97
N ARG B 295 47.26 38.07 10.08
CA ARG B 295 47.75 38.56 11.36
C ARG B 295 47.28 39.99 11.63
N ILE B 296 47.41 40.87 10.64
CA ILE B 296 47.04 42.27 10.83
C ILE B 296 45.53 42.42 10.95
N CYS B 297 44.78 41.77 10.06
CA CYS B 297 43.33 41.87 10.10
C CYS B 297 42.77 41.29 11.39
N LYS B 298 43.18 40.07 11.74
CA LYS B 298 42.70 39.43 12.95
C LYS B 298 43.04 40.25 14.20
N ALA B 299 44.20 40.93 14.18
CA ALA B 299 44.56 41.77 15.32
C ALA B 299 43.63 42.98 15.43
N LEU B 300 43.33 43.63 14.30
CA LEU B 300 42.44 44.78 14.32
C LEU B 300 41.00 44.37 14.62
N PHE B 301 40.59 43.18 14.18
CA PHE B 301 39.24 42.70 14.50
C PHE B 301 39.07 42.52 16.00
N LEU B 302 40.12 42.06 16.69
CA LEU B 302 40.03 41.87 18.14
C LEU B 302 40.03 43.21 18.87
N TYR B 303 40.82 44.17 18.39
CA TYR B 303 40.84 45.50 19.01
C TYR B 303 39.48 46.16 18.87
N THR B 304 38.90 46.13 17.67
CA THR B 304 37.58 46.71 17.45
C THR B 304 36.50 45.97 18.22
N SER B 305 36.66 44.65 18.38
CA SER B 305 35.68 43.89 19.16
C SER B 305 35.75 44.23 20.64
N HIS B 306 36.97 44.40 21.17
CA HIS B 306 37.11 44.77 22.58
C HIS B 306 36.68 46.21 22.81
N LEU B 307 36.97 47.09 21.86
CA LEU B 307 36.51 48.48 21.97
C LEU B 307 35.00 48.58 21.99
N ARG B 308 34.30 47.58 21.45
CA ARG B 308 32.84 47.59 21.51
C ARG B 308 32.34 47.34 22.93
N LYS B 309 32.81 46.27 23.56
CA LYS B 309 32.35 45.93 24.90
C LYS B 309 32.69 47.03 25.90
N TYR B 310 33.82 47.71 25.72
CA TYR B 310 34.14 48.86 26.57
C TYR B 310 33.13 49.98 26.38
N ASN B 311 32.83 50.31 25.12
CA ASN B 311 31.81 51.32 24.85
C ASN B 311 30.44 50.88 25.32
N ASP B 312 30.16 49.57 25.27
CA ASP B 312 28.90 49.06 25.81
C ASP B 312 28.84 49.27 27.31
N ALA B 313 29.94 48.94 28.02
CA ALA B 313 29.95 49.05 29.47
C ALA B 313 29.79 50.50 29.91
N LEU B 314 30.38 51.45 29.18
CA LEU B 314 30.19 52.85 29.52
C LEU B 314 28.74 53.27 29.44
N ILE B 315 27.97 52.68 28.53
CA ILE B 315 26.55 52.97 28.44
C ILE B 315 25.80 52.25 29.56
N ILE B 316 26.20 51.02 29.88
CA ILE B 316 25.59 50.30 30.99
C ILE B 316 25.83 51.04 32.30
N SER B 317 27.02 51.64 32.45
CA SER B 317 27.33 52.39 33.65
C SER B 317 26.44 53.62 33.78
N GLU B 318 26.13 54.28 32.66
CA GLU B 318 25.32 55.49 32.70
C GLU B 318 23.85 55.19 32.99
N HIS B 319 23.41 53.94 32.84
CA HIS B 319 22.03 53.57 33.07
C HIS B 319 21.82 52.60 34.21
N ALA B 320 22.90 52.06 34.80
CA ALA B 320 22.77 51.09 35.88
C ALA B 320 23.98 51.24 36.80
N ARG B 321 24.20 50.25 37.65
CA ARG B 321 25.33 50.28 38.57
C ARG B 321 26.65 50.14 37.82
N MET B 322 27.71 50.71 38.39
CA MET B 322 29.05 50.43 37.89
C MET B 322 29.36 48.95 37.96
N LYS B 323 28.79 48.25 38.94
CA LYS B 323 28.98 46.81 39.06
C LYS B 323 28.36 46.07 37.87
N ASP B 324 27.26 46.58 37.33
CA ASP B 324 26.64 45.93 36.17
C ASP B 324 27.53 46.03 34.94
N ALA B 325 28.10 47.21 34.69
CA ALA B 325 29.06 47.35 33.60
C ALA B 325 30.32 46.54 33.86
N LEU B 326 30.66 46.31 35.13
CA LEU B 326 31.83 45.50 35.45
C LEU B 326 31.59 44.03 35.13
N ASP B 327 30.51 43.46 35.64
CA ASP B 327 30.19 42.07 35.36
C ASP B 327 29.96 41.82 33.88
N TYR B 328 29.58 42.84 33.12
CA TYR B 328 29.44 42.69 31.67
C TYR B 328 30.79 42.42 31.01
N LEU B 329 31.81 43.19 31.41
CA LEU B 329 33.15 42.97 30.86
C LEU B 329 33.76 41.68 31.41
N LYS B 330 33.50 41.38 32.69
CA LYS B 330 33.99 40.14 33.27
C LYS B 330 33.49 38.92 32.50
N ASP B 331 32.21 38.94 32.11
CA ASP B 331 31.67 37.84 31.32
C ASP B 331 32.26 37.82 29.92
N PHE B 332 32.62 38.99 29.38
CA PHE B 332 33.20 39.03 28.04
C PHE B 332 34.58 38.38 28.02
N PHE B 333 35.48 38.82 28.90
CA PHE B 333 36.80 38.20 28.96
C PHE B 333 36.72 36.74 29.39
N SER B 334 35.72 36.39 30.20
CA SER B 334 35.48 34.98 30.50
C SER B 334 34.96 34.22 29.30
N ASN B 335 34.33 34.91 28.34
CA ASN B 335 33.94 34.27 27.10
C ASN B 335 35.09 34.24 26.10
N VAL B 336 35.90 35.31 26.07
CA VAL B 336 37.07 35.33 25.20
C VAL B 336 38.03 34.21 25.58
N ARG B 337 38.28 34.05 26.88
CA ARG B 337 39.07 32.93 27.37
C ARG B 337 38.23 31.65 27.33
N ALA B 338 38.89 30.55 26.98
CA ALA B 338 38.23 29.24 26.86
C ALA B 338 37.06 29.30 25.89
N ASP B 342 44.62 33.12 22.67
CA ASP B 342 45.32 33.89 21.65
C ASP B 342 46.30 34.86 22.30
N GLU B 343 47.38 35.18 21.56
CA GLU B 343 48.40 36.08 22.09
C GLU B 343 47.88 37.50 22.24
N ILE B 344 46.97 37.92 21.35
CA ILE B 344 46.43 39.27 21.43
C ILE B 344 45.36 39.36 22.52
N GLU B 345 44.51 38.33 22.63
CA GLU B 345 43.49 38.33 23.67
C GLU B 345 44.11 38.32 25.06
N GLN B 346 45.24 37.62 25.22
CA GLN B 346 45.92 37.61 26.52
C GLN B 346 46.51 38.98 26.84
N ASP B 347 46.95 39.73 25.83
CA ASP B 347 47.47 41.07 26.07
C ASP B 347 46.35 42.01 26.53
N LEU B 348 45.23 42.01 25.81
CA LEU B 348 44.09 42.83 26.20
C LEU B 348 43.47 42.38 27.51
N THR B 349 43.64 41.11 27.87
CA THR B 349 43.17 40.64 29.18
C THR B 349 44.09 41.11 30.29
N GLN B 350 45.41 41.04 30.07
CA GLN B 350 46.35 41.50 31.09
C GLN B 350 46.24 43.00 31.32
N ARG B 351 46.05 43.77 30.25
CA ARG B 351 45.82 45.20 30.39
C ARG B 351 44.54 45.48 31.16
N PHE B 352 43.56 44.57 31.09
CA PHE B 352 42.32 44.74 31.84
C PHE B 352 42.46 44.23 33.27
N GLU B 353 42.99 43.01 33.43
CA GLU B 353 43.15 42.44 34.77
C GLU B 353 44.03 43.28 35.66
N GLU B 354 44.87 44.15 35.09
CA GLU B 354 45.66 45.09 35.88
C GLU B 354 44.75 46.04 36.66
N LYS B 355 43.87 46.74 35.94
CA LYS B 355 42.97 47.72 36.54
C LYS B 355 41.68 47.10 37.06
N LEU B 356 41.60 45.77 37.12
CA LEU B 356 40.39 45.13 37.63
C LEU B 356 40.19 45.40 39.12
N GLN B 357 41.27 45.27 39.91
CA GLN B 357 41.16 45.51 41.34
C GLN B 357 40.79 46.96 41.64
N GLU B 358 41.33 47.90 40.87
CA GLU B 358 40.97 49.30 41.06
C GLU B 358 39.52 49.55 40.69
N LEU B 359 39.02 48.91 39.63
CA LEU B 359 37.62 49.05 39.26
C LEU B 359 36.70 48.52 40.35
N GLU B 360 37.05 47.37 40.93
CA GLU B 360 36.22 46.79 41.99
C GLU B 360 36.19 47.68 43.22
N SER B 361 37.26 48.41 43.51
CA SER B 361 37.25 49.36 44.61
C SER B 361 36.45 50.61 44.29
N VAL B 362 36.18 50.88 43.00
CA VAL B 362 35.33 51.99 42.61
C VAL B 362 33.87 51.55 42.52
N SER B 363 33.63 50.32 42.06
CA SER B 363 32.26 49.82 41.97
C SER B 363 31.64 49.62 43.35
N ARG B 364 32.44 49.15 44.32
CA ARG B 364 31.91 48.89 45.65
C ARG B 364 31.68 50.17 46.45
N ASP B 365 32.31 51.28 46.06
CA ASP B 365 32.17 52.54 46.76
C ASP B 365 30.70 52.97 46.79
N PRO B 366 30.07 52.99 47.97
CA PRO B 366 28.64 53.33 48.03
C PRO B 366 28.35 54.77 47.65
N SER B 367 29.35 55.65 47.61
CA SER B 367 29.12 57.03 47.21
C SER B 367 28.97 57.19 45.70
N ASN B 368 29.39 56.20 44.92
CA ASN B 368 29.22 56.23 43.47
C ASN B 368 27.93 55.54 43.05
N GLU B 369 26.82 55.96 43.63
CA GLU B 369 25.52 55.37 43.34
C GLU B 369 24.85 56.12 42.19
N ASN B 370 24.15 55.38 41.35
CA ASN B 370 23.46 55.96 40.20
C ASN B 370 22.27 56.78 40.68
N PRO B 371 22.25 58.09 40.42
CA PRO B 371 21.09 58.90 40.86
C PRO B 371 19.79 58.52 40.19
N LYS B 372 19.85 57.93 38.99
CA LYS B 372 18.62 57.50 38.31
C LYS B 372 18.01 56.29 38.99
N LEU B 373 18.86 55.37 39.47
CA LEU B 373 18.36 54.21 40.19
C LEU B 373 17.84 54.58 41.58
N GLU B 374 18.25 55.73 42.12
CA GLU B 374 17.74 56.16 43.41
C GLU B 374 16.38 56.83 43.28
N ASP B 375 16.09 57.45 42.13
CA ASP B 375 14.75 57.93 41.87
C ASP B 375 13.81 56.79 41.49
N LEU B 376 14.35 55.74 40.86
CA LEU B 376 13.54 54.55 40.60
C LEU B 376 13.26 53.79 41.89
N CYS B 377 14.23 53.74 42.80
CA CYS B 377 14.02 53.11 44.09
C CYS B 377 12.99 53.88 44.91
N PHE B 378 13.07 55.22 44.88
CA PHE B 378 12.09 56.05 45.60
C PHE B 378 10.67 55.77 45.13
N ILE B 379 10.48 55.65 43.81
CA ILE B 379 9.14 55.41 43.28
C ILE B 379 8.64 54.03 43.68
N LEU B 380 9.48 53.01 43.58
CA LEU B 380 9.07 51.67 43.96
C LEU B 380 8.76 51.58 45.44
N GLN B 381 9.57 52.24 46.28
CA GLN B 381 9.33 52.22 47.71
C GLN B 381 8.01 52.89 48.05
N GLU B 382 7.66 53.98 47.36
CA GLU B 382 6.44 54.72 47.67
C GLU B 382 5.20 53.91 47.35
N GLU B 383 5.13 53.35 46.14
CA GLU B 383 3.91 52.65 45.72
C GLU B 383 3.70 51.37 46.52
N TYR B 384 4.78 50.61 46.77
CA TYR B 384 4.65 49.40 47.55
C TYR B 384 4.46 49.67 49.03
N HIS B 385 4.80 50.87 49.50
CA HIS B 385 4.47 51.26 50.86
C HIS B 385 2.98 51.57 50.98
N LEU B 386 2.39 52.18 49.95
CA LEU B 386 0.97 52.48 49.95
C LEU B 386 0.14 51.24 49.66
N ASN B 387 0.43 50.56 48.56
CA ASN B 387 -0.25 49.31 48.18
C ASN B 387 0.76 48.19 48.14
N PRO B 388 0.91 47.41 49.23
CA PRO B 388 1.92 46.34 49.24
C PRO B 388 1.67 45.24 48.23
N GLU B 389 0.44 45.14 47.70
CA GLU B 389 0.11 44.16 46.67
C GLU B 389 0.30 44.69 45.26
N THR B 390 1.19 45.66 45.08
CA THR B 390 1.39 46.27 43.78
C THR B 390 2.02 45.30 42.80
N ILE B 391 1.50 45.28 41.57
CA ILE B 391 2.07 44.51 40.48
C ILE B 391 2.70 45.50 39.50
N THR B 392 4.01 45.37 39.29
CA THR B 392 4.78 46.34 38.53
C THR B 392 5.44 45.68 37.33
N ILE B 393 5.47 46.41 36.22
CA ILE B 393 6.23 46.01 35.03
C ILE B 393 7.11 47.17 34.62
N LEU B 394 8.38 46.87 34.35
CA LEU B 394 9.40 47.89 34.09
C LEU B 394 10.01 47.64 32.73
N PHE B 395 9.74 48.55 31.78
CA PHE B 395 10.27 48.43 30.43
C PHE B 395 11.62 49.14 30.34
N VAL B 396 12.60 48.46 29.75
CA VAL B 396 13.91 49.03 29.48
C VAL B 396 14.25 48.81 28.01
N LYS B 397 15.36 49.42 27.60
CA LYS B 397 15.70 49.52 26.18
C LYS B 397 16.45 48.29 25.66
N THR B 398 17.50 47.87 26.37
CA THR B 398 18.35 46.79 25.91
C THR B 398 18.22 45.58 26.82
N ARG B 399 18.53 44.39 26.27
CA ARG B 399 18.49 43.17 27.05
C ARG B 399 19.57 43.12 28.11
N ALA B 400 20.67 43.84 27.91
CA ALA B 400 21.66 43.97 28.97
C ALA B 400 21.12 44.78 30.14
N LEU B 401 20.25 45.76 29.86
CA LEU B 401 19.65 46.56 30.92
C LEU B 401 18.66 45.75 31.74
N VAL B 402 18.00 44.76 31.12
CA VAL B 402 17.11 43.87 31.87
C VAL B 402 17.90 43.12 32.93
N ASP B 403 18.96 42.44 32.51
CA ASP B 403 19.80 41.71 33.46
C ASP B 403 20.45 42.64 34.46
N ALA B 404 20.73 43.88 34.07
CA ALA B 404 21.35 44.83 34.98
C ALA B 404 20.41 45.20 36.12
N LEU B 405 19.18 45.58 35.79
CA LEU B 405 18.23 45.99 36.82
C LEU B 405 17.70 44.82 37.63
N LYS B 406 17.76 43.60 37.09
CA LYS B 406 17.37 42.42 37.87
C LYS B 406 18.31 42.21 39.04
N ASN B 407 19.62 42.14 38.76
CA ASN B 407 20.60 41.99 39.82
C ASN B 407 20.61 43.17 40.77
N TRP B 408 20.32 44.37 40.25
CA TRP B 408 20.24 45.55 41.10
C TRP B 408 19.08 45.45 42.08
N ILE B 409 17.94 44.90 41.63
CA ILE B 409 16.80 44.73 42.52
C ILE B 409 17.07 43.61 43.53
N GLU B 410 17.61 42.48 43.05
CA GLU B 410 17.93 41.38 43.95
C GLU B 410 19.09 41.71 44.88
N GLY B 411 19.91 42.70 44.53
CA GLY B 411 21.05 43.05 45.36
C GLY B 411 20.91 44.36 46.09
N ASN B 412 19.68 44.76 46.38
CA ASN B 412 19.41 45.99 47.12
C ASN B 412 18.57 45.66 48.34
N PRO B 413 19.03 45.99 49.55
CA PRO B 413 18.21 45.70 50.74
C PRO B 413 16.94 46.52 50.81
N LYS B 414 16.94 47.73 50.23
CA LYS B 414 15.75 48.59 50.25
C LYS B 414 14.62 48.06 49.38
N LEU B 415 14.85 46.98 48.62
CA LEU B 415 13.84 46.42 47.73
C LEU B 415 13.59 44.95 48.04
N SER B 416 13.77 44.55 49.30
CA SER B 416 13.56 43.15 49.69
C SER B 416 12.13 42.70 49.48
N PHE B 417 11.19 43.64 49.33
CA PHE B 417 9.80 43.31 49.05
C PHE B 417 9.57 42.93 47.60
N LEU B 418 10.56 43.10 46.73
CA LEU B 418 10.41 42.80 45.32
C LEU B 418 10.82 41.37 45.02
N LYS B 419 10.10 40.76 44.07
CA LYS B 419 10.38 39.40 43.60
C LYS B 419 10.48 39.48 42.07
N PRO B 420 11.63 39.92 41.57
CA PRO B 420 11.72 40.31 40.16
C PRO B 420 11.75 39.14 39.20
N GLY B 421 11.10 39.34 38.05
CA GLY B 421 11.13 38.39 36.96
C GLY B 421 11.65 39.05 35.69
N ILE B 422 11.93 38.23 34.69
CA ILE B 422 12.54 38.68 33.45
C ILE B 422 11.63 38.31 32.27
N LEU B 423 11.64 39.19 31.26
CA LEU B 423 10.90 38.91 30.02
C LEU B 423 11.65 39.58 28.88
N THR B 424 12.28 38.78 28.03
CA THR B 424 12.97 39.27 26.85
C THR B 424 12.40 38.59 25.61
N GLY B 425 12.85 39.08 24.45
CA GLY B 425 12.44 38.48 23.19
C GLY B 425 13.10 37.13 22.96
N ARG B 426 12.63 36.46 21.91
CA ARG B 426 13.18 35.15 21.56
C ARG B 426 14.63 35.23 21.07
N GLY B 427 15.14 36.42 20.79
CA GLY B 427 16.50 36.57 20.34
C GLY B 427 16.68 36.09 18.91
N LYS B 428 17.92 36.21 18.42
CA LYS B 428 18.25 35.74 17.10
C LYS B 428 18.11 34.22 17.01
N THR B 429 17.77 33.75 15.82
CA THR B 429 17.50 32.33 15.61
C THR B 429 18.77 31.48 15.59
N ASN B 430 19.93 32.08 15.34
CA ASN B 430 21.18 31.35 15.23
C ASN B 430 22.21 31.80 16.26
N GLN B 431 21.75 32.27 17.41
CA GLN B 431 22.62 32.64 18.52
C GLN B 431 21.95 32.23 19.82
N ASN B 432 22.74 31.65 20.72
CA ASN B 432 22.19 31.20 22.00
C ASN B 432 21.94 32.41 22.91
N THR B 433 20.91 33.19 22.58
CA THR B 433 20.56 34.39 23.31
C THR B 433 19.05 34.45 23.45
N GLY B 434 18.57 35.50 24.12
CA GLY B 434 17.14 35.72 24.24
C GLY B 434 16.47 34.80 25.23
N MET B 435 15.24 34.38 24.91
CA MET B 435 14.44 33.58 25.83
C MET B 435 13.43 32.79 25.01
N THR B 436 13.43 31.47 25.17
CA THR B 436 12.53 30.62 24.40
C THR B 436 11.08 30.91 24.77
N LEU B 437 10.18 30.57 23.84
CA LEU B 437 8.76 30.80 24.06
C LEU B 437 8.21 30.09 25.30
N PRO B 438 8.55 28.82 25.59
CA PRO B 438 8.08 28.25 26.86
C PRO B 438 8.65 28.96 28.07
N ALA B 439 9.90 29.40 28.01
CA ALA B 439 10.47 30.20 29.10
C ALA B 439 9.78 31.54 29.24
N GLN B 440 9.18 32.06 28.17
CA GLN B 440 8.41 33.30 28.26
C GLN B 440 7.07 33.07 28.94
N LYS B 441 6.32 32.06 28.48
CA LYS B 441 5.02 31.78 29.07
C LYS B 441 5.14 31.27 30.50
N CYS B 442 6.27 30.63 30.85
CA CYS B 442 6.45 30.12 32.20
C CYS B 442 6.58 31.24 33.21
N ILE B 443 7.04 32.41 32.78
CA ILE B 443 7.20 33.54 33.68
C ILE B 443 5.94 34.40 33.72
N LEU B 444 5.26 34.56 32.58
CA LEU B 444 4.01 35.32 32.55
C LEU B 444 2.91 34.61 33.34
N ASP B 445 3.02 33.30 33.54
CA ASP B 445 2.13 32.59 34.46
C ASP B 445 2.55 32.77 35.91
N ALA B 446 3.82 33.06 36.17
CA ALA B 446 4.31 33.35 37.50
C ALA B 446 4.22 34.82 37.87
N PHE B 447 3.88 35.68 36.91
CA PHE B 447 3.80 37.12 37.14
C PHE B 447 2.33 37.48 37.38
N LYS B 448 1.85 37.17 38.59
CA LYS B 448 0.47 37.40 38.98
C LYS B 448 0.42 37.83 40.43
N ALA B 449 -0.76 38.28 40.86
CA ALA B 449 -0.95 38.72 42.24
C ALA B 449 -0.88 37.55 43.22
N SER B 450 -1.15 36.33 42.76
CA SER B 450 -1.04 35.13 43.59
C SER B 450 0.17 34.29 43.23
N GLY B 451 1.03 34.79 42.34
CA GLY B 451 2.17 34.03 41.84
C GLY B 451 3.45 34.33 42.60
N ASP B 452 4.55 33.84 42.03
CA ASP B 452 5.85 33.96 42.68
C ASP B 452 6.42 35.38 42.57
N HIS B 453 6.31 35.98 41.39
CA HIS B 453 7.04 37.20 41.09
C HIS B 453 6.17 38.43 41.32
N ASN B 454 6.81 39.49 41.83
CA ASN B 454 6.15 40.73 42.19
C ASN B 454 6.31 41.84 41.15
N ILE B 455 7.40 41.81 40.39
CA ILE B 455 7.68 42.82 39.38
C ILE B 455 8.33 42.15 38.18
N LEU B 456 8.02 42.64 36.99
CA LEU B 456 8.54 42.10 35.75
C LEU B 456 9.37 43.16 35.03
N ILE B 457 10.59 42.78 34.65
CA ILE B 457 11.48 43.64 33.86
C ILE B 457 11.50 43.11 32.44
N ALA B 458 11.08 43.93 31.49
CA ALA B 458 10.88 43.48 30.12
C ALA B 458 11.47 44.45 29.11
N THR B 459 11.83 43.91 27.95
CA THR B 459 12.16 44.72 26.79
C THR B 459 10.88 45.14 26.10
N SER B 460 10.99 45.67 24.88
CA SER B 460 9.81 46.02 24.11
C SER B 460 8.96 44.78 23.84
N VAL B 461 7.65 44.99 23.71
CA VAL B 461 6.71 43.92 23.44
C VAL B 461 5.96 44.26 22.15
N ALA B 462 5.50 43.23 21.45
CA ALA B 462 4.67 43.42 20.28
C ALA B 462 3.41 44.20 20.65
N ASP B 463 2.66 44.59 19.61
CA ASP B 463 1.59 45.58 19.73
C ASP B 463 0.74 45.40 20.99
N GLU B 464 0.06 44.28 21.11
CA GLU B 464 -0.68 43.98 22.32
C GLU B 464 -0.32 42.62 22.91
N GLY B 465 -0.07 41.62 22.07
CA GLY B 465 0.38 40.31 22.49
C GLY B 465 -0.58 39.62 23.44
N ILE B 466 -0.09 38.50 24.00
CA ILE B 466 -0.87 37.78 24.98
C ILE B 466 -1.07 38.66 26.21
N ASP B 467 -2.21 38.52 26.86
CA ASP B 467 -2.58 39.39 27.96
C ASP B 467 -1.98 38.85 29.26
N ILE B 468 -1.17 39.67 29.92
CA ILE B 468 -0.57 39.31 31.19
C ILE B 468 -1.30 40.05 32.30
N ALA B 469 -0.96 39.71 33.54
CA ALA B 469 -1.66 40.28 34.70
C ALA B 469 -1.65 41.81 34.66
N GLN B 470 -2.77 42.40 35.05
CA GLN B 470 -2.89 43.85 35.07
C GLN B 470 -1.92 44.43 36.10
N CYS B 471 -1.20 45.47 35.70
CA CYS B 471 -0.18 46.09 36.53
C CYS B 471 -0.66 47.49 36.92
N ASN B 472 -0.93 47.69 38.21
CA ASN B 472 -1.27 49.01 38.71
C ASN B 472 -0.08 49.96 38.70
N LEU B 473 1.08 49.51 38.21
CA LEU B 473 2.24 50.38 38.08
C LEU B 473 3.04 49.94 36.86
N VAL B 474 3.27 50.87 35.93
CA VAL B 474 4.12 50.64 34.77
C VAL B 474 5.19 51.72 34.77
N ILE B 475 6.45 51.31 34.57
CA ILE B 475 7.58 52.24 34.61
C ILE B 475 8.35 52.11 33.30
N LEU B 476 8.53 53.23 32.60
CA LEU B 476 9.32 53.29 31.38
C LEU B 476 10.67 53.91 31.72
N TYR B 477 11.72 53.09 31.67
CA TYR B 477 13.06 53.51 32.08
C TYR B 477 13.88 53.83 30.83
N GLU B 478 14.12 55.12 30.59
CA GLU B 478 14.84 55.59 29.40
C GLU B 478 14.22 55.02 28.13
N TYR B 479 12.90 54.84 28.14
CA TYR B 479 12.19 54.10 27.10
C TYR B 479 11.10 54.99 26.51
N VAL B 480 11.17 55.24 25.21
CA VAL B 480 10.16 56.00 24.50
C VAL B 480 9.80 55.27 23.22
N GLY B 481 8.57 55.51 22.76
CA GLY B 481 8.09 54.88 21.55
C GLY B 481 7.19 55.79 20.74
N ASN B 482 6.47 55.23 19.77
CA ASN B 482 5.57 56.03 18.94
C ASN B 482 4.21 56.16 19.65
N VAL B 483 3.29 56.87 18.99
CA VAL B 483 1.97 57.08 19.55
C VAL B 483 1.22 55.77 19.70
N ILE B 484 1.43 54.83 18.76
CA ILE B 484 0.73 53.55 18.81
C ILE B 484 1.11 52.78 20.06
N LYS B 485 2.41 52.68 20.33
CA LYS B 485 2.86 51.95 21.51
C LYS B 485 2.44 52.64 22.81
N MET B 486 2.31 53.97 22.78
CA MET B 486 1.86 54.69 23.97
C MET B 486 0.43 54.29 24.34
N ILE B 487 -0.43 54.11 23.34
CA ILE B 487 -1.82 53.77 23.60
C ILE B 487 -1.96 52.31 24.01
N GLN B 488 -1.06 51.45 23.55
CA GLN B 488 -1.15 50.03 23.87
C GLN B 488 -0.67 49.73 25.28
N THR B 489 0.37 50.44 25.75
CA THR B 489 0.83 50.26 27.12
C THR B 489 -0.18 50.75 28.15
N ARG B 490 -1.20 51.49 27.72
CA ARG B 490 -2.29 51.84 28.63
C ARG B 490 -3.05 50.59 29.05
N GLY B 491 -3.19 49.62 28.15
CA GLY B 491 -3.86 48.37 28.46
C GLY B 491 -3.14 47.50 29.46
N ARG B 492 -1.88 47.81 29.78
CA ARG B 492 -1.18 47.08 30.82
C ARG B 492 -1.89 47.22 32.16
N GLY B 493 -2.40 48.40 32.46
CA GLY B 493 -3.28 48.58 33.58
C GLY B 493 -4.54 49.34 33.19
N ARG B 494 -5.68 48.68 33.26
CA ARG B 494 -6.95 49.30 32.89
C ARG B 494 -7.80 49.67 34.09
N ALA B 495 -7.52 49.11 35.26
CA ALA B 495 -8.31 49.40 36.45
C ALA B 495 -8.04 50.81 36.95
N ARG B 496 -8.98 51.33 37.73
CA ARG B 496 -8.85 52.67 38.30
C ARG B 496 -7.67 52.70 39.27
N GLY B 497 -6.84 53.73 39.14
CA GLY B 497 -5.66 53.87 39.98
C GLY B 497 -4.37 53.39 39.37
N SER B 498 -4.39 52.91 38.12
CA SER B 498 -3.16 52.51 37.46
C SER B 498 -2.29 53.72 37.17
N LYS B 499 -0.97 53.53 37.24
CA LYS B 499 -0.02 54.61 37.10
C LYS B 499 1.07 54.23 36.11
N CYS B 500 1.61 55.23 35.44
CA CYS B 500 2.67 55.04 34.46
C CYS B 500 3.73 56.11 34.65
N PHE B 501 4.98 55.69 34.87
CA PHE B 501 6.09 56.60 35.10
C PHE B 501 7.05 56.54 33.91
N LEU B 502 7.46 57.70 33.43
CA LEU B 502 8.50 57.82 32.41
C LEU B 502 9.72 58.45 33.08
N LEU B 503 10.71 57.61 33.36
CA LEU B 503 11.89 58.03 34.12
C LEU B 503 13.09 58.03 33.17
N THR B 504 13.65 59.21 32.93
CA THR B 504 14.79 59.34 32.02
C THR B 504 15.61 60.56 32.43
N SER B 505 16.89 60.55 32.05
CA SER B 505 17.78 61.67 32.21
C SER B 505 17.97 62.46 30.91
N ASN B 506 17.17 62.16 29.89
CA ASN B 506 17.24 62.82 28.60
C ASN B 506 15.98 63.64 28.39
N ALA B 507 16.14 64.92 28.05
CA ALA B 507 14.99 65.77 27.80
C ALA B 507 14.29 65.40 26.50
N GLY B 508 15.04 64.87 25.51
CA GLY B 508 14.42 64.45 24.27
C GLY B 508 13.47 63.29 24.42
N VAL B 509 13.68 62.46 25.45
CA VAL B 509 12.76 61.35 25.71
C VAL B 509 11.45 61.87 26.28
N ILE B 510 11.53 62.79 27.25
CA ILE B 510 10.33 63.43 27.78
C ILE B 510 9.58 64.17 26.69
N GLU B 511 10.32 64.86 25.83
CA GLU B 511 9.68 65.65 24.78
C GLU B 511 8.99 64.77 23.74
N LYS B 512 9.57 63.61 23.45
CA LYS B 512 8.97 62.70 22.45
C LYS B 512 7.62 62.20 22.91
N GLU B 513 7.45 61.97 24.22
CA GLU B 513 6.16 61.52 24.73
C GLU B 513 5.13 62.65 24.69
N GLN B 514 5.57 63.89 24.90
CA GLN B 514 4.68 65.03 24.74
C GLN B 514 4.22 65.16 23.30
N ILE B 515 5.11 64.87 22.34
CA ILE B 515 4.73 64.88 20.92
C ILE B 515 3.71 63.79 20.65
N ASN B 516 3.96 62.58 21.15
CA ASN B 516 3.03 61.46 20.95
C ASN B 516 1.66 61.79 21.53
N MET B 517 1.63 62.47 22.68
CA MET B 517 0.35 62.86 23.27
C MET B 517 -0.40 63.82 22.35
N TYR B 518 0.32 64.75 21.70
CA TYR B 518 -0.32 65.64 20.75
C TYR B 518 -0.69 64.91 19.47
N LYS B 519 0.11 63.91 19.06
CA LYS B 519 -0.22 63.13 17.88
C LYS B 519 -1.49 62.32 18.09
N GLU B 520 -1.72 61.83 19.31
CA GLU B 520 -2.97 61.13 19.59
C GLU B 520 -4.16 62.07 19.49
N LYS B 521 -4.00 63.31 19.94
CA LYS B 521 -5.07 64.30 19.79
C LYS B 521 -5.40 64.52 18.32
N MET B 522 -4.37 64.69 17.48
CA MET B 522 -4.60 64.79 16.05
C MET B 522 -5.15 63.50 15.48
N MET B 523 -4.78 62.35 16.06
CA MET B 523 -5.30 61.08 15.58
C MET B 523 -6.80 60.96 15.80
N ASN B 524 -7.31 61.54 16.89
CA ASN B 524 -8.74 61.45 17.17
C ASN B 524 -9.53 62.50 16.41
N ASP B 525 -9.06 63.76 16.45
CA ASP B 525 -9.80 64.85 15.80
C ASP B 525 -9.86 64.65 14.29
N SER B 526 -8.82 64.06 13.69
CA SER B 526 -8.88 63.72 12.27
C SER B 526 -9.93 62.64 12.02
N ILE B 527 -9.99 61.64 12.89
CA ILE B 527 -10.99 60.58 12.74
C ILE B 527 -12.39 61.14 13.02
N LEU B 528 -12.50 62.04 13.99
CA LEU B 528 -13.81 62.59 14.34
C LEU B 528 -14.47 63.28 13.15
N ARG B 529 -13.71 64.09 12.42
CA ARG B 529 -14.28 64.77 11.25
C ARG B 529 -14.32 63.87 10.03
N LEU B 530 -13.44 62.86 9.95
CA LEU B 530 -13.50 61.90 8.87
C LEU B 530 -14.80 61.09 8.91
N GLN B 531 -15.35 60.89 10.11
CA GLN B 531 -16.59 60.14 10.25
C GLN B 531 -17.80 60.96 9.82
N THR B 532 -17.65 62.28 9.68
CA THR B 532 -18.75 63.16 9.28
C THR B 532 -18.84 63.32 7.77
N TRP B 533 -18.25 62.41 7.00
CA TRP B 533 -18.27 62.46 5.55
C TRP B 533 -19.29 61.47 5.00
N ASP B 534 -19.84 61.79 3.84
CA ASP B 534 -20.66 60.83 3.11
C ASP B 534 -19.82 59.63 2.74
N GLU B 535 -20.31 58.44 3.07
CA GLU B 535 -19.52 57.22 2.87
C GLU B 535 -19.15 57.02 1.40
N ALA B 536 -19.95 57.54 0.48
CA ALA B 536 -19.61 57.44 -0.94
C ALA B 536 -18.45 58.35 -1.29
N VAL B 537 -18.40 59.55 -0.72
CA VAL B 537 -17.28 60.45 -0.95
C VAL B 537 -16.00 59.85 -0.39
N PHE B 538 -16.08 59.21 0.78
CA PHE B 538 -14.91 58.59 1.37
C PHE B 538 -14.40 57.43 0.51
N ARG B 539 -15.32 56.59 0.00
CA ARG B 539 -14.90 55.49 -0.85
C ARG B 539 -14.24 55.97 -2.13
N GLU B 540 -14.61 57.16 -2.61
CA GLU B 540 -14.02 57.69 -3.83
C GLU B 540 -12.68 58.36 -3.58
N LYS B 541 -12.49 58.99 -2.41
CA LYS B 541 -11.22 59.61 -2.11
C LYS B 541 -10.11 58.57 -2.02
N ILE B 542 -10.38 57.44 -1.36
CA ILE B 542 -9.39 56.38 -1.26
C ILE B 542 -9.17 55.67 -2.59
N LEU B 543 -10.06 55.85 -3.57
CA LEU B 543 -9.93 55.14 -4.83
C LEU B 543 -8.76 55.68 -5.66
N HIS B 544 -8.67 57.00 -5.80
CA HIS B 544 -7.49 57.56 -6.47
C HIS B 544 -6.22 57.30 -5.67
N ILE B 545 -6.34 57.22 -4.34
CA ILE B 545 -5.19 56.81 -3.52
C ILE B 545 -4.81 55.37 -3.85
N GLN B 546 -5.79 54.46 -3.81
CA GLN B 546 -5.54 53.08 -4.21
C GLN B 546 -4.97 53.00 -5.61
N THR B 547 -5.41 53.88 -6.50
CA THR B 547 -4.93 53.85 -7.88
C THR B 547 -3.55 54.49 -8.00
N HIS B 548 -3.32 55.62 -7.32
CA HIS B 548 -2.03 56.29 -7.44
C HIS B 548 -0.94 55.53 -6.72
N GLU B 549 -1.27 54.92 -5.58
CA GLU B 549 -0.30 54.07 -4.89
C GLU B 549 0.01 52.80 -5.69
N LYS B 550 -0.92 52.36 -6.55
CA LYS B 550 -0.64 51.21 -7.42
C LYS B 550 0.18 51.61 -8.63
N PHE B 551 -0.13 52.77 -9.24
CA PHE B 551 0.65 53.25 -10.37
C PHE B 551 2.12 53.42 -9.98
N ILE B 552 2.38 54.00 -8.81
CA ILE B 552 3.76 54.12 -8.32
C ILE B 552 4.36 52.74 -8.12
N ARG B 553 3.58 51.81 -7.57
CA ARG B 553 4.07 50.45 -7.37
C ARG B 553 4.25 49.71 -8.69
N ASP B 554 3.36 49.95 -9.65
CA ASP B 554 3.48 49.33 -10.96
C ASP B 554 4.58 49.96 -11.82
N SER B 555 5.12 51.11 -11.41
CA SER B 555 6.15 51.79 -12.19
C SER B 555 7.43 51.92 -11.39
N GLN B 556 7.84 50.85 -10.71
CA GLN B 556 9.07 50.85 -9.93
C GLN B 556 9.97 49.68 -10.32
N PRO B 559 14.32 46.63 -12.98
CA PRO B 559 15.54 46.65 -12.16
C PRO B 559 16.14 45.26 -11.93
N LYS B 560 16.32 44.51 -13.01
CA LYS B 560 16.94 43.20 -12.93
C LYS B 560 18.42 43.33 -13.25
N PRO B 561 19.32 43.13 -12.29
CA PRO B 561 20.74 43.38 -12.54
C PRO B 561 21.35 42.31 -13.42
N VAL B 562 22.52 42.64 -13.97
CA VAL B 562 23.30 41.72 -14.79
C VAL B 562 24.33 41.03 -13.89
N PRO B 563 24.38 39.70 -13.86
CA PRO B 563 25.33 39.02 -12.98
C PRO B 563 26.77 39.20 -13.46
N ASP B 564 27.70 38.73 -12.63
CA ASP B 564 29.13 38.81 -12.89
C ASP B 564 29.66 37.37 -12.89
N LYS B 565 29.76 36.78 -14.08
CA LYS B 565 30.20 35.39 -14.22
C LYS B 565 31.65 35.17 -13.81
N GLU B 566 32.38 36.22 -13.45
CA GLU B 566 33.75 36.06 -12.98
C GLU B 566 33.76 35.39 -11.61
N ASN B 567 34.57 34.34 -11.47
CA ASN B 567 34.64 33.61 -10.21
C ASN B 567 35.35 34.46 -9.15
N LYS B 568 34.90 34.32 -7.91
CA LYS B 568 35.42 35.11 -6.80
C LYS B 568 35.84 34.18 -5.68
N LYS B 569 36.55 34.74 -4.70
CA LYS B 569 36.98 34.02 -3.50
C LYS B 569 36.16 34.47 -2.30
N LEU B 570 35.87 33.52 -1.40
CA LEU B 570 35.17 33.80 -0.15
C LEU B 570 36.13 33.56 1.00
N LEU B 571 36.48 34.63 1.71
CA LEU B 571 37.43 34.58 2.80
C LEU B 571 36.73 34.91 4.11
N CYS B 572 37.18 34.29 5.19
CA CYS B 572 36.64 34.59 6.52
C CYS B 572 36.88 36.05 6.87
N ARG B 573 35.84 36.72 7.36
CA ARG B 573 35.95 38.14 7.67
C ARG B 573 36.92 38.43 8.81
N LYS B 574 37.26 37.42 9.62
CA LYS B 574 38.10 37.63 10.79
C LYS B 574 39.56 37.23 10.56
N CYS B 575 39.81 36.11 9.88
CA CYS B 575 41.17 35.65 9.66
C CYS B 575 41.57 35.60 8.19
N LYS B 576 40.70 36.04 7.28
CA LYS B 576 41.00 36.13 5.85
C LYS B 576 41.33 34.79 5.22
N ALA B 577 40.98 33.69 5.89
CA ALA B 577 41.29 32.36 5.35
C ALA B 577 40.38 32.01 4.20
N LEU B 578 40.96 31.41 3.16
CA LEU B 578 40.17 30.95 2.02
C LEU B 578 39.23 29.83 2.46
N ALA B 579 37.93 30.03 2.27
CA ALA B 579 36.92 29.04 2.61
C ALA B 579 36.45 28.26 1.39
N CYS B 580 36.08 28.96 0.32
CA CYS B 580 35.59 28.32 -0.90
C CYS B 580 35.60 29.37 -2.01
N TYR B 581 35.19 28.95 -3.20
CA TYR B 581 35.00 29.82 -4.35
C TYR B 581 33.52 29.89 -4.70
N THR B 582 33.18 30.86 -5.54
CA THR B 582 31.80 30.98 -6.00
C THR B 582 31.40 29.82 -6.90
N ALA B 583 32.37 29.10 -7.47
CA ALA B 583 32.04 27.97 -8.33
C ALA B 583 31.48 26.81 -7.52
N ASP B 584 31.86 26.69 -6.25
CA ASP B 584 31.37 25.62 -5.38
C ASP B 584 30.03 25.94 -4.73
N VAL B 585 29.43 27.09 -5.05
CA VAL B 585 28.25 27.58 -4.35
C VAL B 585 27.01 27.30 -5.20
N ARG B 586 26.04 26.62 -4.60
CA ARG B 586 24.75 26.36 -5.24
C ARG B 586 23.66 27.03 -4.42
N VAL B 587 22.62 27.48 -5.12
CA VAL B 587 21.51 28.20 -4.49
C VAL B 587 20.34 27.26 -4.32
N ILE B 588 19.63 27.40 -3.19
CA ILE B 588 18.48 26.56 -2.87
C ILE B 588 17.25 27.45 -2.81
N GLU B 589 16.27 27.15 -3.66
CA GLU B 589 14.97 27.84 -3.66
C GLU B 589 15.12 29.36 -3.79
N GLU B 590 16.18 29.79 -4.48
CA GLU B 590 16.49 31.19 -4.75
C GLU B 590 16.79 32.00 -3.50
N CYS B 591 16.85 31.37 -2.33
CA CYS B 591 17.08 32.07 -1.08
C CYS B 591 18.37 31.64 -0.38
N HIS B 592 18.56 30.34 -0.17
CA HIS B 592 19.65 29.84 0.65
C HIS B 592 20.82 29.39 -0.21
N TYR B 593 22.02 29.48 0.37
CA TYR B 593 23.27 29.23 -0.35
C TYR B 593 24.10 28.21 0.41
N THR B 594 24.58 27.20 -0.31
CA THR B 594 25.40 26.15 0.26
C THR B 594 26.67 26.00 -0.57
N VAL B 595 27.58 25.15 -0.08
CA VAL B 595 28.88 24.93 -0.72
C VAL B 595 29.03 23.44 -1.03
N LEU B 596 29.57 23.14 -2.21
CA LEU B 596 29.87 21.78 -2.61
C LEU B 596 31.38 21.52 -2.46
N GLY B 597 31.82 20.36 -2.92
CA GLY B 597 33.22 20.01 -2.87
C GLY B 597 33.69 19.51 -1.52
N ASP B 598 34.66 18.59 -1.51
CA ASP B 598 35.19 18.05 -0.27
C ASP B 598 36.27 18.92 0.35
N ALA B 599 36.74 19.96 -0.35
CA ALA B 599 37.75 20.84 0.21
C ALA B 599 37.15 21.77 1.26
N PHE B 600 35.88 22.14 1.10
CA PHE B 600 35.24 23.05 2.06
C PHE B 600 34.98 22.36 3.39
N LYS B 601 34.81 21.03 3.39
CA LYS B 601 34.58 20.30 4.63
C LYS B 601 35.77 20.38 5.59
N GLU B 602 36.96 20.68 5.08
CA GLU B 602 38.16 20.77 5.89
C GLU B 602 38.37 22.15 6.50
N CYS B 603 37.40 23.06 6.33
CA CYS B 603 37.56 24.44 6.74
C CYS B 603 36.66 24.86 7.89
N PHE B 604 35.69 24.04 8.28
CA PHE B 604 34.75 24.43 9.32
C PHE B 604 34.59 23.32 10.35
N VAL B 605 34.18 23.73 11.55
CA VAL B 605 33.77 22.80 12.60
C VAL B 605 32.27 23.02 12.85
N SER B 606 31.68 22.23 13.73
CA SER B 606 30.26 22.36 13.99
C SER B 606 29.97 22.15 15.48
N ARG B 607 29.19 23.07 16.05
CA ARG B 607 28.63 22.98 17.39
C ARG B 607 27.13 22.72 17.28
N PRO B 608 26.55 21.95 18.20
CA PRO B 608 25.11 21.68 18.14
C PRO B 608 24.30 22.97 18.23
N HIS B 609 23.22 23.01 17.46
CA HIS B 609 22.45 24.25 17.35
C HIS B 609 21.67 24.50 18.65
N PRO B 610 21.69 25.74 19.16
CA PRO B 610 20.94 26.04 20.38
C PRO B 610 19.44 26.18 20.18
N LYS B 611 19.00 26.49 18.96
CA LYS B 611 17.57 26.66 18.65
C LYS B 611 17.25 25.88 17.39
N PRO B 612 17.12 24.56 17.50
CA PRO B 612 16.83 23.74 16.31
C PRO B 612 15.42 23.92 15.78
N LYS B 613 15.14 25.08 15.19
CA LYS B 613 13.83 25.36 14.61
C LYS B 613 13.78 24.75 13.20
N GLN B 614 12.73 25.08 12.45
CA GLN B 614 12.55 24.52 11.12
C GLN B 614 11.90 25.53 10.20
N PHE B 615 12.49 25.73 9.02
CA PHE B 615 11.91 26.55 7.96
C PHE B 615 11.66 25.67 6.72
N SER B 616 11.37 26.32 5.60
CA SER B 616 10.66 25.74 4.45
C SER B 616 10.87 24.24 4.25
N SER B 617 12.14 23.80 4.15
CA SER B 617 12.39 22.37 4.02
C SER B 617 13.63 21.95 4.79
N PHE B 618 13.97 22.67 5.86
CA PHE B 618 15.26 22.55 6.52
C PHE B 618 15.06 22.23 8.00
N GLU B 619 15.90 21.35 8.52
CA GLU B 619 15.95 21.02 9.94
C GLU B 619 17.30 21.47 10.47
N LYS B 620 17.30 22.52 11.29
CA LYS B 620 18.55 23.02 11.85
C LYS B 620 19.21 21.96 12.72
N ARG B 621 20.51 21.76 12.51
CA ARG B 621 21.25 20.74 13.24
C ARG B 621 22.48 21.29 13.96
N ALA B 622 23.21 22.22 13.35
CA ALA B 622 24.45 22.69 13.95
C ALA B 622 24.81 24.06 13.40
N LYS B 623 25.67 24.76 14.14
CA LYS B 623 26.29 26.00 13.68
C LYS B 623 27.72 25.72 13.27
N ILE B 624 28.15 26.34 12.17
CA ILE B 624 29.49 26.12 11.63
C ILE B 624 30.33 27.36 11.86
N PHE B 625 31.62 27.15 12.11
CA PHE B 625 32.56 28.22 12.39
C PHE B 625 33.84 27.98 11.61
N CYS B 626 34.68 29.02 11.54
CA CYS B 626 36.01 28.85 10.98
C CYS B 626 36.85 27.99 11.91
N ALA B 627 37.79 27.24 11.32
CA ALA B 627 38.63 26.33 12.06
C ALA B 627 40.12 26.63 11.97
N ARG B 628 40.56 27.37 10.97
CA ARG B 628 41.98 27.64 10.79
C ARG B 628 42.50 28.55 11.89
N GLN B 629 43.53 28.09 12.59
CA GLN B 629 44.17 28.83 13.69
C GLN B 629 43.17 29.20 14.79
N ASN B 630 42.12 28.39 14.94
CA ASN B 630 41.06 28.61 15.92
C ASN B 630 40.48 30.03 15.78
N CYS B 631 39.90 30.29 14.61
CA CYS B 631 39.23 31.56 14.39
C CYS B 631 37.84 31.56 15.01
N SER B 632 37.10 30.45 14.86
CA SER B 632 35.79 30.26 15.46
C SER B 632 34.78 31.30 15.02
N HIS B 633 35.07 32.03 13.95
CA HIS B 633 34.14 33.04 13.46
C HIS B 633 32.91 32.37 12.85
N ASP B 634 31.73 32.85 13.23
CA ASP B 634 30.50 32.25 12.76
C ASP B 634 30.39 32.37 11.24
N TRP B 635 30.15 31.24 10.57
CA TRP B 635 29.99 31.20 9.13
C TRP B 635 28.56 30.93 8.69
N GLY B 636 27.75 30.29 9.51
CA GLY B 636 26.40 29.94 9.15
C GLY B 636 25.86 28.81 10.00
N ILE B 637 25.14 27.87 9.37
CA ILE B 637 24.57 26.73 10.07
C ILE B 637 24.69 25.49 9.19
N HIS B 638 24.67 24.33 9.85
CA HIS B 638 24.64 23.04 9.17
C HIS B 638 23.25 22.45 9.40
N VAL B 639 22.47 22.36 8.32
CA VAL B 639 21.09 21.92 8.39
C VAL B 639 20.95 20.58 7.69
N LYS B 640 19.75 20.01 7.78
CA LYS B 640 19.39 18.78 7.07
C LYS B 640 18.28 19.15 6.08
N TYR B 641 18.64 19.22 4.80
CA TYR B 641 17.65 19.45 3.77
C TYR B 641 16.80 18.20 3.59
N LYS B 642 15.92 18.23 2.58
CA LYS B 642 15.02 17.10 2.33
C LYS B 642 15.78 15.79 2.26
N THR B 643 16.76 15.70 1.37
CA THR B 643 17.50 14.45 1.19
C THR B 643 18.64 14.32 2.20
N PHE B 644 19.62 15.22 2.15
CA PHE B 644 20.87 15.08 2.89
C PHE B 644 21.04 16.21 3.88
N GLU B 645 22.21 16.22 4.53
CA GLU B 645 22.59 17.25 5.48
C GLU B 645 23.73 18.07 4.88
N ILE B 646 23.56 19.39 4.87
CA ILE B 646 24.48 20.29 4.17
C ILE B 646 24.74 21.52 5.04
N PRO B 647 25.85 22.21 4.79
CA PRO B 647 26.06 23.51 5.43
C PRO B 647 25.34 24.61 4.67
N VAL B 648 24.95 25.64 5.41
CA VAL B 648 24.32 26.83 4.85
C VAL B 648 25.07 28.05 5.38
N ILE B 649 25.68 28.81 4.47
CA ILE B 649 26.54 29.93 4.85
C ILE B 649 25.81 31.24 4.62
N LYS B 650 26.17 32.25 5.40
CA LYS B 650 25.68 33.61 5.22
C LYS B 650 26.81 34.47 4.68
N ILE B 651 26.53 35.22 3.61
CA ILE B 651 27.55 36.06 2.98
C ILE B 651 28.06 37.13 3.95
N GLU B 652 27.29 37.44 4.99
CA GLU B 652 27.72 38.43 5.98
C GLU B 652 28.97 37.98 6.72
N SER B 653 29.26 36.68 6.74
CA SER B 653 30.42 36.16 7.45
C SER B 653 31.71 36.24 6.66
N PHE B 654 31.65 36.56 5.37
CA PHE B 654 32.80 36.44 4.49
C PHE B 654 33.07 37.77 3.77
N VAL B 655 34.28 37.86 3.22
CA VAL B 655 34.68 38.97 2.36
C VAL B 655 34.96 38.42 0.97
N VAL B 656 34.40 39.06 -0.04
CA VAL B 656 34.51 38.60 -1.42
C VAL B 656 35.78 39.19 -2.03
N GLU B 657 36.77 38.34 -2.27
CA GLU B 657 38.00 38.74 -2.95
C GLU B 657 37.92 38.31 -4.41
N ASP B 658 38.20 39.26 -5.30
CA ASP B 658 38.22 38.96 -6.73
C ASP B 658 39.57 38.37 -7.11
N ILE B 659 39.55 37.42 -8.05
CA ILE B 659 40.76 36.69 -8.42
C ILE B 659 41.75 37.62 -9.10
N ALA B 660 41.37 38.17 -10.25
CA ALA B 660 42.32 38.95 -11.06
C ALA B 660 42.51 40.35 -10.51
N THR B 661 41.41 41.08 -10.29
CA THR B 661 41.52 42.47 -9.84
C THR B 661 42.00 42.57 -8.39
N GLY B 662 41.86 41.51 -7.61
CA GLY B 662 42.34 41.52 -6.23
C GLY B 662 41.60 42.44 -5.30
N VAL B 663 40.40 42.87 -5.66
CA VAL B 663 39.61 43.75 -4.80
C VAL B 663 38.86 42.90 -3.77
N GLN B 664 38.70 43.45 -2.57
CA GLN B 664 37.97 42.80 -1.50
C GLN B 664 36.72 43.62 -1.19
N THR B 665 35.56 43.00 -1.38
CA THR B 665 34.27 43.66 -1.20
C THR B 665 33.52 43.04 -0.04
N LEU B 666 32.64 43.84 0.58
CA LEU B 666 31.81 43.39 1.70
C LEU B 666 30.35 43.48 1.29
N TYR B 667 29.64 42.35 1.37
CA TYR B 667 28.22 42.27 1.07
C TYR B 667 27.46 41.84 2.31
N SER B 668 26.37 42.52 2.61
CA SER B 668 25.57 42.22 3.80
C SER B 668 24.46 41.21 3.52
N LYS B 669 23.94 41.18 2.29
CA LYS B 669 22.92 40.22 1.89
C LYS B 669 23.33 39.58 0.58
N TRP B 670 22.81 38.36 0.35
CA TRP B 670 23.11 37.67 -0.91
C TRP B 670 22.49 38.38 -2.10
N LYS B 671 21.35 39.05 -1.91
CA LYS B 671 20.68 39.74 -3.01
C LYS B 671 21.52 40.88 -3.57
N ASP B 672 22.44 41.43 -2.77
CA ASP B 672 23.32 42.51 -3.22
C ASP B 672 24.64 42.00 -3.76
N PHE B 673 24.82 40.68 -3.86
CA PHE B 673 26.04 40.07 -4.39
C PHE B 673 25.65 39.31 -5.65
N HIS B 674 26.08 39.82 -6.81
CA HIS B 674 25.69 39.27 -8.10
C HIS B 674 26.83 38.45 -8.68
N PHE B 675 26.58 37.16 -8.89
CA PHE B 675 27.56 36.25 -9.46
C PHE B 675 26.81 35.06 -10.06
N GLU B 676 27.57 34.11 -10.60
CA GLU B 676 26.99 32.92 -11.20
C GLU B 676 26.29 32.08 -10.15
N LYS B 677 24.96 32.04 -10.18
CA LYS B 677 24.16 31.38 -9.17
C LYS B 677 23.51 30.15 -9.80
N ILE B 678 24.08 28.97 -9.53
CA ILE B 678 23.60 27.71 -10.07
C ILE B 678 22.61 27.09 -9.10
N PRO B 679 21.44 26.64 -9.55
CA PRO B 679 20.49 25.98 -8.65
C PRO B 679 21.09 24.69 -8.08
N PHE B 680 20.66 24.35 -6.88
CA PHE B 680 21.16 23.17 -6.18
C PHE B 680 20.36 21.93 -6.56
N LYS D 4 42.33 -23.58 -22.08
CA LYS D 4 42.73 -24.94 -21.72
C LYS D 4 43.63 -24.94 -20.48
N PRO D 5 43.31 -25.81 -19.52
CA PRO D 5 44.11 -25.87 -18.29
C PRO D 5 45.41 -26.63 -18.49
N ARG D 6 46.43 -26.21 -17.76
CA ARG D 6 47.72 -26.88 -17.80
C ARG D 6 47.65 -28.19 -17.03
N ASN D 7 48.59 -29.09 -17.35
CA ASN D 7 48.54 -30.45 -16.81
C ASN D 7 48.65 -30.45 -15.29
N TYR D 8 49.44 -29.54 -14.73
CA TYR D 8 49.57 -29.50 -13.27
C TYR D 8 48.34 -28.90 -12.61
N GLN D 9 47.59 -28.05 -13.33
CA GLN D 9 46.34 -27.54 -12.77
C GLN D 9 45.32 -28.66 -12.61
N LEU D 10 45.31 -29.62 -13.53
CA LEU D 10 44.44 -30.79 -13.38
C LEU D 10 44.92 -31.68 -12.24
N GLU D 11 46.22 -31.71 -11.98
CA GLU D 11 46.76 -32.52 -10.89
C GLU D 11 46.34 -31.99 -9.53
N LEU D 12 46.34 -30.66 -9.37
CA LEU D 12 45.97 -30.07 -8.09
C LEU D 12 44.48 -30.22 -7.81
N ALA D 13 43.65 -30.32 -8.85
CA ALA D 13 42.21 -30.43 -8.68
C ALA D 13 41.73 -31.87 -8.54
N LEU D 14 42.54 -32.84 -8.97
CA LEU D 14 42.12 -34.24 -8.94
C LEU D 14 41.66 -34.72 -7.56
N PRO D 15 42.37 -34.46 -6.46
CA PRO D 15 41.84 -34.90 -5.16
C PRO D 15 40.53 -34.24 -4.79
N ALA D 16 40.36 -32.95 -5.13
CA ALA D 16 39.11 -32.26 -4.81
C ALA D 16 37.96 -32.77 -5.68
N MET D 17 38.24 -33.05 -6.96
CA MET D 17 37.20 -33.54 -7.85
C MET D 17 36.77 -34.96 -7.52
N LYS D 18 37.52 -35.68 -6.70
CA LYS D 18 37.12 -37.00 -6.22
C LYS D 18 36.28 -36.94 -4.96
N GLY D 19 35.89 -35.74 -4.52
CA GLY D 19 35.03 -35.58 -3.37
C GLY D 19 35.72 -35.40 -2.04
N LYS D 20 37.03 -35.21 -2.02
CA LYS D 20 37.80 -35.11 -0.79
C LYS D 20 38.03 -33.65 -0.42
N ASN D 21 37.96 -33.36 0.87
CA ASN D 21 38.39 -32.05 1.36
C ASN D 21 39.90 -31.94 1.23
N THR D 22 40.36 -30.91 0.55
CA THR D 22 41.75 -30.84 0.12
C THR D 22 42.33 -29.44 0.35
N ILE D 23 43.57 -29.41 0.83
CA ILE D 23 44.38 -28.19 0.85
C ILE D 23 45.29 -28.21 -0.36
N ILE D 24 45.29 -27.13 -1.13
CA ILE D 24 46.05 -27.04 -2.37
C ILE D 24 47.17 -26.04 -2.15
N CYS D 25 48.41 -26.53 -2.11
CA CYS D 25 49.59 -25.71 -1.90
C CYS D 25 50.35 -25.60 -3.22
N ALA D 26 50.43 -24.39 -3.75
CA ALA D 26 51.06 -24.15 -5.05
C ALA D 26 51.55 -22.72 -5.09
N PRO D 27 52.60 -22.43 -5.87
CA PRO D 27 53.22 -21.09 -5.81
C PRO D 27 52.27 -19.99 -6.26
N THR D 28 52.50 -18.80 -5.72
CA THR D 28 51.69 -17.63 -6.06
C THR D 28 51.88 -17.28 -7.53
N GLY D 29 50.77 -17.22 -8.27
CA GLY D 29 50.81 -16.94 -9.69
C GLY D 29 50.69 -18.15 -10.59
N CYS D 30 50.67 -19.36 -10.02
CA CYS D 30 50.54 -20.57 -10.82
C CYS D 30 49.16 -20.74 -11.42
N GLY D 31 48.19 -19.91 -11.03
CA GLY D 31 46.84 -20.03 -11.53
C GLY D 31 45.94 -20.84 -10.62
N LYS D 32 45.97 -20.53 -9.31
CA LYS D 32 45.10 -21.20 -8.37
C LYS D 32 43.63 -20.86 -8.60
N THR D 33 43.34 -19.71 -9.21
CA THR D 33 41.97 -19.34 -9.49
C THR D 33 41.32 -20.30 -10.48
N PHE D 34 42.06 -20.70 -11.52
CA PHE D 34 41.53 -21.64 -12.50
C PHE D 34 41.22 -22.99 -11.87
N VAL D 35 42.04 -23.41 -10.88
CA VAL D 35 41.79 -24.68 -10.21
C VAL D 35 40.46 -24.65 -9.48
N SER D 36 40.12 -23.50 -8.88
CA SER D 36 38.81 -23.35 -8.24
C SER D 36 37.69 -23.52 -9.25
N LEU D 37 37.86 -22.96 -10.45
CA LEU D 37 36.82 -23.05 -11.47
C LEU D 37 36.66 -24.49 -11.97
N LEU D 38 37.78 -25.18 -12.20
CA LEU D 38 37.70 -26.58 -12.61
C LEU D 38 36.99 -27.43 -11.57
N ILE D 39 37.31 -27.21 -10.29
CA ILE D 39 36.66 -27.95 -9.22
C ILE D 39 35.18 -27.59 -9.15
N CYS D 40 34.87 -26.29 -9.15
CA CYS D 40 33.48 -25.86 -9.07
C CYS D 40 32.68 -26.32 -10.28
N GLU D 41 33.31 -26.32 -11.46
CA GLU D 41 32.63 -26.81 -12.66
C GLU D 41 32.34 -28.30 -12.54
N HIS D 42 33.30 -29.09 -12.06
CA HIS D 42 33.07 -30.52 -11.87
C HIS D 42 32.09 -30.79 -10.74
N HIS D 43 32.08 -29.94 -9.72
CA HIS D 43 31.22 -30.16 -8.57
C HIS D 43 29.74 -29.98 -8.93
N LEU D 44 29.43 -29.04 -9.81
CA LEU D 44 28.04 -28.78 -10.19
C LEU D 44 27.56 -29.67 -11.32
N LYS D 45 28.48 -30.27 -12.09
CA LYS D 45 28.08 -31.21 -13.13
C LYS D 45 27.69 -32.57 -12.58
N LYS D 46 28.10 -32.89 -11.36
CA LYS D 46 27.90 -34.24 -10.82
C LYS D 46 26.55 -34.44 -10.16
N PHE D 47 25.85 -33.36 -9.79
CA PHE D 47 24.59 -33.52 -9.09
C PHE D 47 23.52 -34.07 -10.03
N PRO D 48 22.66 -34.97 -9.54
CA PRO D 48 21.65 -35.58 -10.42
C PRO D 48 20.60 -34.60 -10.91
N GLN D 49 19.64 -35.09 -11.69
CA GLN D 49 18.60 -34.23 -12.23
C GLN D 49 17.72 -33.65 -11.15
N GLY D 50 17.40 -34.43 -10.11
CA GLY D 50 16.57 -33.97 -9.04
C GLY D 50 17.26 -33.19 -7.94
N GLN D 51 18.57 -33.01 -8.03
CA GLN D 51 19.34 -32.32 -7.01
C GLN D 51 20.20 -31.23 -7.65
N LYS D 52 20.67 -30.30 -6.83
CA LYS D 52 21.53 -29.23 -7.29
C LYS D 52 22.55 -28.91 -6.21
N GLY D 53 23.57 -28.14 -6.58
CA GLY D 53 24.63 -27.79 -5.66
C GLY D 53 24.71 -26.30 -5.36
N LYS D 54 25.31 -25.95 -4.22
CA LYS D 54 25.46 -24.56 -3.82
C LYS D 54 26.90 -24.36 -3.34
N VAL D 55 27.65 -23.53 -4.05
CA VAL D 55 29.07 -23.32 -3.78
C VAL D 55 29.25 -21.91 -3.21
N VAL D 56 30.21 -21.78 -2.29
CA VAL D 56 30.53 -20.50 -1.67
C VAL D 56 32.04 -20.31 -1.69
N PHE D 57 32.48 -19.16 -2.19
CA PHE D 57 33.88 -18.79 -2.25
C PHE D 57 34.13 -17.66 -1.25
N PHE D 58 35.10 -17.86 -0.36
CA PHE D 58 35.43 -16.89 0.67
C PHE D 58 36.59 -16.02 0.21
N ALA D 59 36.43 -14.70 0.29
CA ALA D 59 37.45 -13.75 -0.11
C ALA D 59 37.75 -12.83 1.07
N ASN D 60 39.04 -12.62 1.35
CA ASN D 60 39.44 -11.90 2.54
C ASN D 60 39.42 -10.39 2.37
N GLN D 61 39.66 -9.88 1.16
CA GLN D 61 39.65 -8.44 0.91
C GLN D 61 38.70 -8.12 -0.23
N ILE D 62 38.24 -6.87 -0.24
CA ILE D 62 37.29 -6.44 -1.27
C ILE D 62 37.87 -6.55 -2.67
N PRO D 63 39.10 -6.09 -2.96
CA PRO D 63 39.63 -6.26 -4.32
C PRO D 63 39.59 -7.70 -4.82
N VAL D 64 39.82 -8.66 -3.94
CA VAL D 64 39.69 -10.07 -4.33
C VAL D 64 38.22 -10.43 -4.47
N TYR D 65 37.37 -9.91 -3.59
CA TYR D 65 35.93 -10.14 -3.70
C TYR D 65 35.39 -9.63 -5.03
N GLU D 66 35.83 -8.43 -5.45
CA GLU D 66 35.39 -7.90 -6.73
C GLU D 66 35.92 -8.74 -7.88
N GLN D 67 37.18 -9.17 -7.81
CA GLN D 67 37.78 -9.92 -8.90
C GLN D 67 37.15 -11.31 -9.02
N GLN D 68 37.09 -12.06 -7.92
CA GLN D 68 36.58 -13.42 -7.98
C GLN D 68 35.10 -13.46 -8.37
N LYS D 69 34.33 -12.47 -7.94
CA LYS D 69 32.94 -12.39 -8.40
C LYS D 69 32.87 -12.13 -9.89
N SER D 70 33.81 -11.34 -10.42
CA SER D 70 33.82 -11.07 -11.85
C SER D 70 34.26 -12.30 -12.65
N VAL D 71 35.22 -13.06 -12.13
CA VAL D 71 35.73 -14.22 -12.86
C VAL D 71 34.72 -15.36 -12.80
N PHE D 72 34.10 -15.58 -11.63
CA PHE D 72 33.14 -16.66 -11.51
C PHE D 72 31.85 -16.37 -12.27
N SER D 73 31.44 -15.10 -12.34
CA SER D 73 30.23 -14.76 -13.07
C SER D 73 30.42 -14.95 -14.57
N LYS D 74 31.60 -14.62 -15.09
CA LYS D 74 31.84 -14.74 -16.52
C LYS D 74 32.10 -16.19 -16.94
N TYR D 75 32.78 -16.96 -16.09
CA TYR D 75 33.14 -18.32 -16.47
C TYR D 75 31.91 -19.24 -16.50
N PHE D 76 30.88 -18.93 -15.71
CA PHE D 76 29.73 -19.80 -15.56
C PHE D 76 28.45 -19.26 -16.16
N GLU D 77 28.46 -18.04 -16.71
CA GLU D 77 27.22 -17.44 -17.20
C GLU D 77 26.62 -18.26 -18.33
N ARG D 78 27.47 -18.76 -19.23
CA ARG D 78 27.00 -19.64 -20.30
C ARG D 78 26.45 -20.96 -19.75
N HIS D 79 27.02 -21.44 -18.64
CA HIS D 79 26.65 -22.75 -18.12
C HIS D 79 25.24 -22.79 -17.57
N GLY D 80 24.67 -21.64 -17.21
CA GLY D 80 23.33 -21.63 -16.63
C GLY D 80 23.29 -21.67 -15.13
N TYR D 81 24.33 -21.17 -14.46
CA TYR D 81 24.36 -21.09 -13.00
C TYR D 81 24.28 -19.63 -12.59
N ARG D 82 23.68 -19.40 -11.42
CA ARG D 82 23.50 -18.05 -10.89
C ARG D 82 24.62 -17.73 -9.91
N VAL D 83 25.32 -16.62 -10.15
CA VAL D 83 26.44 -16.18 -9.32
C VAL D 83 26.07 -14.85 -8.67
N THR D 84 26.46 -14.69 -7.41
CA THR D 84 26.19 -13.46 -6.68
C THR D 84 27.36 -13.19 -5.73
N GLY D 85 27.26 -12.10 -4.99
CA GLY D 85 28.27 -11.74 -4.02
C GLY D 85 27.72 -10.86 -2.92
N ILE D 86 28.21 -11.04 -1.69
CA ILE D 86 27.78 -10.27 -0.54
C ILE D 86 29.02 -9.73 0.17
N SER D 87 29.07 -8.41 0.35
CA SER D 87 30.18 -7.77 1.05
C SER D 87 29.65 -6.88 2.17
N GLY D 88 30.52 -6.07 2.77
CA GLY D 88 30.08 -5.20 3.85
C GLY D 88 29.08 -4.15 3.41
N ALA D 89 29.10 -3.78 2.13
CA ALA D 89 28.19 -2.76 1.61
C ALA D 89 26.86 -3.35 1.15
N THR D 90 26.89 -4.52 0.51
CA THR D 90 25.70 -5.15 -0.05
C THR D 90 24.98 -6.06 0.94
N ALA D 91 25.13 -5.83 2.24
CA ALA D 91 24.66 -6.76 3.26
C ALA D 91 23.40 -6.30 3.98
N GLU D 92 23.31 -5.01 4.33
CA GLU D 92 22.29 -4.56 5.26
C GLU D 92 20.93 -4.40 4.58
N ASN D 93 19.88 -4.60 5.38
CA ASN D 93 18.49 -4.40 4.97
C ASN D 93 18.06 -5.36 3.86
N VAL D 94 18.73 -6.49 3.71
CA VAL D 94 18.34 -7.48 2.70
C VAL D 94 18.19 -8.85 3.36
N PRO D 95 17.35 -9.74 2.81
CA PRO D 95 17.25 -11.10 3.35
C PRO D 95 18.42 -11.99 2.93
N VAL D 96 19.50 -11.96 3.70
CA VAL D 96 20.69 -12.76 3.40
C VAL D 96 20.35 -14.22 3.17
N GLU D 97 19.26 -14.71 3.78
CA GLU D 97 18.87 -16.09 3.58
C GLU D 97 18.32 -16.34 2.18
N GLN D 98 17.76 -15.30 1.54
CA GLN D 98 17.22 -15.46 0.20
C GLN D 98 18.31 -15.46 -0.87
N ILE D 99 19.29 -14.55 -0.75
CA ILE D 99 20.35 -14.46 -1.73
C ILE D 99 21.11 -15.78 -1.82
N VAL D 100 21.29 -16.46 -0.68
CA VAL D 100 21.97 -17.75 -0.69
C VAL D 100 21.10 -18.82 -1.35
N GLU D 101 19.80 -18.84 -1.03
CA GLU D 101 18.93 -19.87 -1.58
C GLU D 101 18.71 -19.72 -3.07
N ASN D 102 18.71 -18.48 -3.57
CA ASN D 102 18.40 -18.25 -4.99
C ASN D 102 19.57 -18.55 -5.90
N ASN D 103 20.80 -18.32 -5.45
CA ASN D 103 21.98 -18.46 -6.29
C ASN D 103 22.70 -19.77 -6.00
N ASP D 104 23.44 -20.24 -7.01
CA ASP D 104 24.22 -21.47 -6.88
C ASP D 104 25.64 -21.23 -6.44
N ILE D 105 26.23 -20.10 -6.81
CA ILE D 105 27.59 -19.73 -6.42
C ILE D 105 27.54 -18.37 -5.76
N ILE D 106 28.03 -18.29 -4.52
CA ILE D 106 27.95 -17.06 -3.72
C ILE D 106 29.37 -16.72 -3.28
N ILE D 107 29.97 -15.72 -3.91
CA ILE D 107 31.23 -15.18 -3.41
C ILE D 107 30.96 -14.39 -2.14
N LEU D 108 31.69 -14.70 -1.08
CA LEU D 108 31.33 -14.23 0.25
C LEU D 108 32.55 -13.69 0.99
N THR D 109 32.33 -12.61 1.73
CA THR D 109 33.30 -12.18 2.75
C THR D 109 33.05 -12.98 4.02
N PRO D 110 34.07 -13.62 4.60
CA PRO D 110 33.81 -14.57 5.69
C PRO D 110 33.09 -13.98 6.88
N GLN D 111 33.26 -12.69 7.17
CA GLN D 111 32.57 -12.08 8.30
C GLN D 111 31.06 -12.05 8.08
N ILE D 112 30.61 -12.02 6.82
CA ILE D 112 29.17 -12.01 6.54
C ILE D 112 28.54 -13.32 6.99
N LEU D 113 29.20 -14.45 6.69
CA LEU D 113 28.65 -15.74 7.09
C LEU D 113 28.75 -15.93 8.60
N VAL D 114 29.81 -15.42 9.23
CA VAL D 114 29.93 -15.51 10.68
C VAL D 114 28.78 -14.77 11.35
N ASN D 115 28.48 -13.56 10.87
CA ASN D 115 27.41 -12.77 11.47
C ASN D 115 26.04 -13.38 11.24
N ASN D 116 25.85 -14.05 10.10
CA ASN D 116 24.56 -14.65 9.79
C ASN D 116 24.36 -16.00 10.46
N LEU D 117 25.45 -16.69 10.83
CA LEU D 117 25.30 -17.95 11.56
C LEU D 117 24.86 -17.72 13.00
N LYS D 118 25.24 -16.59 13.60
CA LYS D 118 24.84 -16.32 14.97
C LYS D 118 23.36 -15.95 15.06
N LYS D 119 22.88 -15.09 14.15
CA LYS D 119 21.48 -14.69 14.19
C LYS D 119 20.55 -15.79 13.71
N GLY D 120 21.08 -16.81 13.04
CA GLY D 120 20.27 -17.91 12.57
C GLY D 120 19.67 -17.74 11.19
N THR D 121 19.90 -16.59 10.54
CA THR D 121 19.42 -16.41 9.17
C THR D 121 19.97 -17.49 8.24
N ILE D 122 21.25 -17.83 8.41
CA ILE D 122 21.82 -19.05 7.84
C ILE D 122 21.89 -20.07 8.97
N PRO D 123 20.91 -20.97 9.09
CA PRO D 123 20.86 -21.86 10.26
C PRO D 123 22.01 -22.84 10.32
N SER D 124 22.32 -23.46 9.19
CA SER D 124 23.37 -24.47 9.14
C SER D 124 24.15 -24.33 7.84
N LEU D 125 25.41 -24.77 7.87
CA LEU D 125 26.23 -24.82 6.67
C LEU D 125 25.86 -25.99 5.76
N SER D 126 24.83 -26.76 6.11
CA SER D 126 24.35 -27.83 5.25
C SER D 126 23.75 -27.29 3.96
N ILE D 127 23.41 -25.99 3.91
CA ILE D 127 22.86 -25.41 2.69
C ILE D 127 23.86 -25.48 1.55
N PHE D 128 25.16 -25.36 1.86
CA PHE D 128 26.20 -25.47 0.85
C PHE D 128 26.58 -26.93 0.63
N THR D 129 27.13 -27.20 -0.55
CA THR D 129 27.71 -28.50 -0.86
C THR D 129 29.21 -28.42 -1.14
N LEU D 130 29.78 -27.23 -1.26
CA LEU D 130 31.21 -27.07 -1.52
C LEU D 130 31.63 -25.69 -1.04
N MET D 131 32.44 -25.64 0.01
CA MET D 131 33.03 -24.40 0.47
C MET D 131 34.46 -24.28 -0.01
N ILE D 132 34.88 -23.05 -0.30
CA ILE D 132 36.21 -22.77 -0.84
C ILE D 132 36.82 -21.63 -0.05
N PHE D 133 38.00 -21.84 0.50
CA PHE D 133 38.71 -20.84 1.31
C PHE D 133 39.94 -20.36 0.54
N ASP D 134 39.89 -19.11 0.08
CA ASP D 134 41.07 -18.49 -0.51
C ASP D 134 42.01 -18.02 0.59
N GLU D 135 43.31 -18.31 0.42
CA GLU D 135 44.31 -18.07 1.45
C GLU D 135 43.92 -18.79 2.75
N CYS D 136 43.82 -20.12 2.64
CA CYS D 136 43.28 -20.94 3.71
C CYS D 136 44.18 -21.00 4.94
N HIS D 137 45.43 -20.56 4.83
CA HIS D 137 46.30 -20.52 5.99
C HIS D 137 45.81 -19.55 7.07
N ASN D 138 44.84 -18.70 6.75
CA ASN D 138 44.26 -17.78 7.72
C ASN D 138 43.31 -18.47 8.69
N THR D 139 43.09 -19.78 8.55
CA THR D 139 42.27 -20.52 9.50
C THR D 139 43.04 -20.66 10.80
N SER D 140 42.86 -19.72 11.71
CA SER D 140 43.79 -19.51 12.82
C SER D 140 43.01 -19.05 14.04
N LYS D 141 43.72 -18.44 15.00
CA LYS D 141 43.20 -18.23 16.35
C LYS D 141 41.78 -17.66 16.36
N GLN D 142 41.60 -16.46 15.82
CA GLN D 142 40.30 -15.80 15.89
C GLN D 142 39.87 -15.23 14.53
N HIS D 143 40.53 -15.63 13.47
CA HIS D 143 40.14 -15.18 12.13
C HIS D 143 38.75 -15.73 11.80
N PRO D 144 37.92 -14.97 11.08
CA PRO D 144 36.56 -15.44 10.75
C PRO D 144 36.53 -16.80 10.05
N TYR D 145 37.64 -17.20 9.43
CA TYR D 145 37.71 -18.52 8.82
C TYR D 145 37.51 -19.62 9.85
N ASN D 146 38.18 -19.50 11.00
CA ASN D 146 38.03 -20.51 12.04
C ASN D 146 36.63 -20.47 12.66
N MET D 147 36.09 -19.26 12.86
CA MET D 147 34.71 -19.15 13.35
C MET D 147 33.75 -19.87 12.41
N ILE D 148 33.98 -19.77 11.10
CA ILE D 148 33.20 -20.55 10.15
C ILE D 148 33.45 -22.04 10.34
N MET D 149 34.71 -22.42 10.48
CA MET D 149 35.05 -23.83 10.62
C MET D 149 34.71 -24.37 12.01
N PHE D 150 34.70 -23.51 13.04
CA PHE D 150 34.18 -23.93 14.33
C PHE D 150 32.72 -24.37 14.22
N ASN D 151 31.93 -23.62 13.45
CA ASN D 151 30.56 -24.02 13.18
C ASN D 151 30.51 -25.35 12.43
N TYR D 152 31.41 -25.52 11.45
CA TYR D 152 31.47 -26.77 10.69
C TYR D 152 31.79 -27.95 11.60
N LEU D 153 32.76 -27.78 12.50
CA LEU D 153 33.21 -28.90 13.33
C LEU D 153 32.23 -29.20 14.46
N ASP D 154 31.52 -28.19 14.96
CA ASP D 154 30.51 -28.45 15.99
C ASP D 154 29.41 -29.35 15.46
N GLN D 155 28.96 -29.13 14.22
CA GLN D 155 27.97 -30.01 13.63
C GLN D 155 28.57 -31.38 13.28
N LYS D 156 29.86 -31.41 12.95
CA LYS D 156 30.48 -32.69 12.58
C LYS D 156 30.70 -33.56 13.80
N LEU D 157 31.17 -32.99 14.91
CA LEU D 157 31.52 -33.76 16.08
C LEU D 157 30.33 -33.99 17.02
N GLY D 158 29.45 -33.01 17.16
CA GLY D 158 28.27 -33.18 17.99
C GLY D 158 27.32 -34.21 17.41
N GLY D 159 26.30 -34.54 18.18
CA GLY D 159 25.30 -35.48 17.73
C GLY D 159 24.45 -34.99 16.58
N SER D 160 24.71 -33.79 16.08
CA SER D 160 23.92 -33.23 14.99
C SER D 160 24.25 -33.95 13.69
N SER D 161 23.22 -34.53 13.06
CA SER D 161 23.37 -35.05 11.71
C SER D 161 23.10 -33.93 10.71
N GLY D 162 23.14 -34.26 9.42
CA GLY D 162 22.98 -33.27 8.39
C GLY D 162 24.21 -33.19 7.51
N PRO D 163 24.00 -33.17 6.19
CA PRO D 163 25.14 -33.21 5.26
C PRO D 163 26.02 -31.98 5.42
N LEU D 164 27.34 -32.20 5.31
CA LEU D 164 28.31 -31.13 5.40
C LEU D 164 28.97 -30.88 4.06
N PRO D 165 29.37 -29.64 3.78
CA PRO D 165 29.94 -29.32 2.47
C PRO D 165 31.39 -29.76 2.33
N GLN D 166 31.77 -30.09 1.11
CA GLN D 166 33.16 -30.34 0.78
C GLN D 166 33.95 -29.04 0.94
N VAL D 167 35.07 -29.11 1.67
CA VAL D 167 35.85 -27.93 2.02
C VAL D 167 37.16 -27.98 1.25
N ILE D 168 37.44 -26.93 0.48
CA ILE D 168 38.67 -26.80 -0.28
C ILE D 168 39.40 -25.55 0.17
N GLY D 169 40.70 -25.67 0.36
CA GLY D 169 41.53 -24.55 0.79
C GLY D 169 42.67 -24.30 -0.16
N LEU D 170 42.88 -23.04 -0.49
CA LEU D 170 43.95 -22.61 -1.39
C LEU D 170 44.97 -21.78 -0.62
N THR D 171 46.25 -22.04 -0.88
CA THR D 171 47.33 -21.27 -0.28
C THR D 171 48.61 -21.54 -1.04
N ALA D 172 49.57 -20.63 -0.90
CA ALA D 172 50.92 -20.83 -1.39
C ALA D 172 51.86 -21.33 -0.30
N SER D 173 51.44 -21.27 0.96
CA SER D 173 52.28 -21.71 2.08
C SER D 173 51.36 -21.97 3.27
N VAL D 174 51.31 -23.22 3.72
CA VAL D 174 50.51 -23.54 4.90
C VAL D 174 51.14 -23.00 6.17
N GLY D 175 52.44 -22.77 6.17
CA GLY D 175 53.15 -22.30 7.34
C GLY D 175 53.47 -23.41 8.32
N VAL D 176 54.37 -23.10 9.25
CA VAL D 176 54.78 -24.04 10.28
C VAL D 176 54.74 -23.45 11.68
N GLY D 177 54.42 -22.16 11.81
CA GLY D 177 54.40 -21.55 13.13
C GLY D 177 55.80 -21.38 13.69
N ASP D 178 55.94 -21.69 14.98
CA ASP D 178 57.22 -21.58 15.68
C ASP D 178 57.97 -22.91 15.73
N ALA D 179 57.79 -23.75 14.72
CA ALA D 179 58.38 -25.08 14.74
C ALA D 179 59.90 -25.01 14.67
N LYS D 180 60.55 -25.86 15.47
CA LYS D 180 62.00 -25.90 15.53
C LYS D 180 62.59 -27.11 14.81
N ASN D 181 61.78 -28.12 14.49
CA ASN D 181 62.26 -29.30 13.79
C ASN D 181 61.12 -29.84 12.91
N THR D 182 61.44 -30.88 12.13
CA THR D 182 60.47 -31.43 11.20
C THR D 182 59.28 -32.07 11.92
N ASP D 183 59.49 -32.59 13.13
CA ASP D 183 58.38 -33.21 13.86
C ASP D 183 57.42 -32.16 14.42
N GLU D 184 57.92 -31.00 14.84
CA GLU D 184 57.04 -29.94 15.30
C GLU D 184 56.28 -29.31 14.14
N ALA D 185 56.95 -29.14 12.99
CA ALA D 185 56.28 -28.60 11.82
C ALA D 185 55.20 -29.54 11.31
N LEU D 186 55.38 -30.85 11.47
CA LEU D 186 54.34 -31.80 11.08
C LEU D 186 53.11 -31.69 11.98
N ASP D 187 53.31 -31.28 13.24
CA ASP D 187 52.17 -31.06 14.13
C ASP D 187 51.31 -29.89 13.65
N TYR D 188 51.94 -28.75 13.39
CA TYR D 188 51.20 -27.55 13.00
C TYR D 188 50.43 -27.78 11.71
N ILE D 189 51.02 -28.51 10.76
CA ILE D 189 50.33 -28.76 9.49
C ILE D 189 49.13 -29.68 9.71
N CYS D 190 49.28 -30.70 10.55
CA CYS D 190 48.16 -31.57 10.86
C CYS D 190 47.05 -30.82 11.59
N LYS D 191 47.40 -29.85 12.43
CA LYS D 191 46.39 -29.05 13.11
C LYS D 191 45.67 -28.12 12.16
N LEU D 192 46.38 -27.59 11.16
CA LEU D 192 45.73 -26.75 10.16
C LEU D 192 44.78 -27.57 9.29
N CYS D 193 45.19 -28.78 8.90
CA CYS D 193 44.29 -29.66 8.16
C CYS D 193 43.07 -30.02 8.99
N ALA D 194 43.25 -30.22 10.29
CA ALA D 194 42.14 -30.53 11.16
C ALA D 194 41.17 -29.35 11.26
N SER D 195 41.70 -28.13 11.28
CA SER D 195 40.86 -26.95 11.30
C SER D 195 40.07 -26.78 10.01
N LEU D 196 40.49 -27.43 8.93
CA LEU D 196 39.77 -27.38 7.66
C LEU D 196 39.22 -28.74 7.25
N ASP D 197 39.35 -29.75 8.12
CA ASP D 197 38.86 -31.11 7.85
C ASP D 197 39.47 -31.66 6.56
N ALA D 198 40.77 -31.40 6.37
CA ALA D 198 41.45 -31.73 5.13
C ALA D 198 42.00 -33.15 5.20
N SER D 199 41.57 -34.00 4.25
CA SER D 199 42.08 -35.35 4.13
C SER D 199 43.26 -35.46 3.17
N VAL D 200 43.50 -34.43 2.37
CA VAL D 200 44.55 -34.43 1.34
C VAL D 200 45.22 -33.07 1.33
N ILE D 201 46.53 -33.05 1.10
CA ILE D 201 47.26 -31.83 0.79
C ILE D 201 47.76 -31.99 -0.64
N ALA D 202 47.21 -31.20 -1.55
CA ALA D 202 47.54 -31.29 -2.97
C ALA D 202 48.73 -30.39 -3.29
N THR D 203 49.79 -30.98 -3.82
CA THR D 203 50.95 -30.25 -4.32
C THR D 203 51.32 -30.79 -5.69
N VAL D 204 52.07 -30.00 -6.44
CA VAL D 204 52.52 -30.40 -7.77
C VAL D 204 53.71 -31.34 -7.61
N LYS D 205 53.54 -32.60 -8.01
CA LYS D 205 54.60 -33.60 -7.92
C LYS D 205 54.92 -34.26 -9.26
N HIS D 206 53.93 -34.44 -10.13
CA HIS D 206 54.12 -35.18 -11.37
C HIS D 206 54.34 -34.27 -12.58
N ASN D 207 53.93 -33.01 -12.51
CA ASN D 207 54.10 -32.06 -13.60
C ASN D 207 54.91 -30.85 -13.13
N LEU D 208 55.96 -31.10 -12.34
CA LEU D 208 56.78 -30.00 -11.82
C LEU D 208 57.51 -29.28 -12.94
N GLU D 209 57.96 -30.01 -13.96
CA GLU D 209 58.69 -29.39 -15.07
C GLU D 209 57.84 -28.37 -15.79
N GLU D 210 56.56 -28.70 -16.03
CA GLU D 210 55.66 -27.72 -16.64
C GLU D 210 55.43 -26.53 -15.71
N LEU D 211 55.31 -26.79 -14.41
CA LEU D 211 55.11 -25.71 -13.45
C LEU D 211 56.35 -24.83 -13.34
N GLU D 212 57.54 -25.44 -13.31
CA GLU D 212 58.77 -24.67 -13.15
C GLU D 212 59.02 -23.72 -14.30
N GLN D 213 58.44 -23.98 -15.47
CA GLN D 213 58.57 -23.08 -16.61
C GLN D 213 57.53 -21.99 -16.64
N VAL D 214 56.55 -22.02 -15.74
CA VAL D 214 55.52 -20.98 -15.65
C VAL D 214 55.85 -19.98 -14.55
N VAL D 215 56.13 -20.46 -13.35
CA VAL D 215 56.46 -19.61 -12.20
C VAL D 215 57.92 -19.89 -11.83
N TYR D 216 58.75 -18.86 -11.96
CA TYR D 216 60.17 -18.97 -11.63
C TYR D 216 60.45 -18.43 -10.24
N LYS D 217 61.50 -18.96 -9.62
CA LYS D 217 61.89 -18.56 -8.28
C LYS D 217 62.87 -17.40 -8.35
N PRO D 218 62.54 -16.23 -7.80
CA PRO D 218 63.47 -15.10 -7.89
C PRO D 218 64.73 -15.35 -7.08
N GLN D 219 65.87 -14.98 -7.66
CA GLN D 219 67.14 -15.11 -6.96
C GLN D 219 67.23 -14.07 -5.85
N LYS D 220 67.55 -14.53 -4.64
CA LYS D 220 67.57 -13.67 -3.46
C LYS D 220 68.99 -13.18 -3.18
N PHE D 221 69.09 -11.94 -2.72
CA PHE D 221 70.37 -11.33 -2.36
C PHE D 221 70.24 -10.63 -1.02
N PHE D 222 71.30 -10.73 -0.22
CA PHE D 222 71.35 -10.11 1.10
C PHE D 222 72.37 -8.98 1.09
N ARG D 223 71.96 -7.82 1.60
CA ARG D 223 72.81 -6.62 1.63
C ARG D 223 72.94 -6.16 3.08
N LYS D 224 73.95 -6.70 3.77
CA LYS D 224 74.24 -6.28 5.14
C LYS D 224 75.10 -5.02 5.12
N VAL D 225 74.60 -3.96 5.72
CA VAL D 225 75.29 -2.67 5.76
C VAL D 225 75.39 -2.20 7.21
N GLU D 226 76.06 -1.08 7.39
CA GLU D 226 76.24 -0.47 8.71
C GLU D 226 75.26 0.68 8.90
N SER D 227 75.10 1.09 10.16
CA SER D 227 74.32 2.26 10.47
C SER D 227 75.18 3.51 10.32
N ARG D 228 74.52 4.66 10.22
CA ARG D 228 75.24 5.93 10.10
C ARG D 228 75.99 6.22 11.40
N ILE D 229 77.30 6.39 11.30
CA ILE D 229 78.14 6.49 12.48
C ILE D 229 78.06 7.89 13.08
N SER D 230 78.45 8.91 12.32
CA SER D 230 78.40 10.28 12.80
C SER D 230 76.97 10.78 12.78
N ASP D 231 76.52 11.32 13.92
CA ASP D 231 75.14 11.76 14.10
C ASP D 231 75.15 13.22 14.56
N LYS D 232 75.21 14.14 13.60
CA LYS D 232 75.04 15.56 13.93
C LYS D 232 73.57 15.91 14.11
N PHE D 233 72.71 15.29 13.30
CA PHE D 233 71.26 15.47 13.47
C PHE D 233 70.82 14.98 14.84
N LYS D 234 71.25 13.78 15.23
CA LYS D 234 70.83 13.22 16.51
C LYS D 234 71.35 14.04 17.68
N TYR D 235 72.50 14.72 17.51
CA TYR D 235 73.06 15.51 18.60
C TYR D 235 72.12 16.60 19.06
N ILE D 236 71.35 17.18 18.14
CA ILE D 236 70.42 18.24 18.50
C ILE D 236 69.13 17.67 19.09
N ILE D 237 68.49 16.76 18.36
CA ILE D 237 67.20 16.23 18.76
C ILE D 237 67.30 15.48 20.09
N ALA D 238 68.48 14.93 20.40
CA ALA D 238 68.67 14.30 21.70
C ALA D 238 68.58 15.33 22.81
N GLN D 239 69.06 16.55 22.56
CA GLN D 239 69.02 17.58 23.60
C GLN D 239 67.65 18.20 23.75
N LEU D 240 66.90 18.34 22.64
CA LEU D 240 65.53 18.84 22.74
C LEU D 240 64.65 17.89 23.53
N MET D 241 64.97 16.59 23.52
CA MET D 241 64.24 15.63 24.34
C MET D 241 64.65 15.73 25.80
N ARG D 242 65.95 15.91 26.07
CA ARG D 242 66.39 16.13 27.45
C ARG D 242 65.83 17.44 27.99
N ASP D 243 65.60 18.42 27.13
CA ASP D 243 64.92 19.64 27.56
C ASP D 243 63.47 19.36 27.91
N THR D 244 62.76 18.64 27.04
CA THR D 244 61.35 18.35 27.27
C THR D 244 61.16 17.42 28.46
N GLU D 245 62.08 16.49 28.68
CA GLU D 245 62.00 15.64 29.87
C GLU D 245 62.17 16.46 31.15
N SER D 246 63.01 17.50 31.11
CA SER D 246 63.15 18.36 32.27
C SER D 246 61.88 19.15 32.54
N LEU D 247 61.24 19.65 31.48
CA LEU D 247 59.98 20.38 31.66
C LEU D 247 58.90 19.47 32.25
N ALA D 248 58.98 18.16 31.99
CA ALA D 248 58.07 17.23 32.63
C ALA D 248 58.40 17.05 34.11
N LYS D 249 59.69 17.08 34.45
CA LYS D 249 60.09 16.99 35.85
C LYS D 249 59.68 18.23 36.64
N ARG D 250 59.69 19.40 36.00
CA ARG D 250 59.31 20.64 36.66
C ARG D 250 57.83 20.67 37.05
N ILE D 251 57.01 19.77 36.49
CA ILE D 251 55.61 19.71 36.82
C ILE D 251 55.27 18.50 37.70
N CYS D 252 56.03 17.41 37.60
CA CYS D 252 55.79 16.20 38.39
C CYS D 252 57.13 15.65 38.85
N LYS D 253 57.42 15.77 40.14
CA LYS D 253 58.63 15.18 40.69
C LYS D 253 58.47 13.66 40.79
N ASP D 254 59.61 12.98 40.95
CA ASP D 254 59.65 11.52 40.96
C ASP D 254 59.06 10.95 39.67
N LEU D 255 59.40 11.57 38.55
CA LEU D 255 58.86 11.16 37.26
C LEU D 255 59.47 9.84 36.80
N GLU D 256 60.75 9.63 37.07
CA GLU D 256 61.47 8.46 36.56
C GLU D 256 60.95 7.15 37.13
N ASN D 257 60.14 7.19 38.20
CA ASN D 257 59.61 5.97 38.81
C ASN D 257 58.17 5.68 38.41
N LEU D 258 57.60 6.47 37.50
CA LEU D 258 56.23 6.22 37.05
C LEU D 258 56.15 5.05 36.07
N SER D 259 57.26 4.69 35.43
CA SER D 259 57.30 3.60 34.46
C SER D 259 58.28 2.54 34.93
N GLN D 260 57.94 1.28 34.67
CA GLN D 260 58.81 0.16 35.01
C GLN D 260 59.90 -0.09 33.97
N ILE D 261 60.14 0.86 33.07
CA ILE D 261 61.13 0.73 32.02
C ILE D 261 62.37 1.52 32.44
N GLN D 262 63.51 0.84 32.53
CA GLN D 262 64.76 1.43 32.97
C GLN D 262 65.80 1.38 31.86
N ASN D 263 66.81 2.23 32.00
CA ASN D 263 67.94 2.30 31.07
C ASN D 263 67.47 2.58 29.65
N ARG D 264 66.61 3.59 29.51
CA ARG D 264 66.06 3.95 28.22
C ARG D 264 67.07 4.76 27.40
N GLU D 265 66.99 4.61 26.08
CA GLU D 265 67.81 5.36 25.14
C GLU D 265 66.92 6.05 24.12
N PHE D 266 67.41 7.16 23.59
CA PHE D 266 66.67 7.90 22.58
C PHE D 266 66.60 7.09 21.27
N GLY D 267 65.54 7.32 20.51
CA GLY D 267 65.36 6.67 19.22
C GLY D 267 65.18 5.17 19.29
N THR D 268 64.50 4.67 20.32
CA THR D 268 64.29 3.25 20.50
C THR D 268 62.80 2.95 20.64
N GLN D 269 62.44 1.70 20.34
CA GLN D 269 61.10 1.23 20.64
C GLN D 269 60.85 1.18 22.14
N LYS D 270 61.92 0.99 22.94
CA LYS D 270 61.78 1.00 24.39
C LYS D 270 61.43 2.39 24.90
N TYR D 271 62.08 3.43 24.37
CA TYR D 271 61.73 4.79 24.75
C TYR D 271 60.30 5.14 24.32
N GLU D 272 59.83 4.54 23.24
CA GLU D 272 58.44 4.76 22.81
C GLU D 272 57.47 4.13 23.80
N GLN D 273 57.73 2.90 24.21
CA GLN D 273 56.88 2.25 25.22
C GLN D 273 56.95 2.97 26.56
N TRP D 274 58.10 3.55 26.88
CA TRP D 274 58.22 4.32 28.11
C TRP D 274 57.37 5.59 28.05
N ILE D 275 57.50 6.35 26.96
CA ILE D 275 56.70 7.56 26.82
C ILE D 275 55.23 7.23 26.59
N VAL D 276 54.92 5.98 26.25
CA VAL D 276 53.51 5.55 26.21
C VAL D 276 53.04 5.21 27.62
N THR D 277 53.89 4.57 28.42
CA THR D 277 53.53 4.25 29.79
C THR D 277 53.45 5.50 30.65
N VAL D 278 54.39 6.43 30.47
CA VAL D 278 54.36 7.69 31.22
C VAL D 278 53.15 8.50 30.82
N GLN D 279 52.76 8.45 29.53
CA GLN D 279 51.59 9.17 29.07
C GLN D 279 50.33 8.68 29.78
N LYS D 280 50.25 7.37 30.04
CA LYS D 280 49.12 6.85 30.82
C LYS D 280 49.26 7.18 32.30
N ALA D 281 50.50 7.23 32.81
CA ALA D 281 50.71 7.47 34.23
C ALA D 281 50.18 8.83 34.65
N CYS D 282 50.34 9.84 33.80
CA CYS D 282 49.86 11.18 34.10
C CYS D 282 48.37 11.36 33.81
N MET D 283 47.72 10.38 33.17
CA MET D 283 46.30 10.50 32.89
C MET D 283 45.44 10.19 34.11
N VAL D 284 45.89 9.30 35.00
CA VAL D 284 45.11 8.90 36.16
C VAL D 284 45.54 9.69 37.38
N PHE D 285 46.28 10.77 37.17
CA PHE D 285 46.63 11.65 38.28
C PHE D 285 45.39 12.32 38.85
N GLN D 286 45.30 12.34 40.18
CA GLN D 286 44.16 12.90 40.89
C GLN D 286 44.63 14.03 41.79
N MET D 287 44.09 15.23 41.57
CA MET D 287 44.36 16.39 42.41
C MET D 287 43.03 16.98 42.85
N PRO D 288 42.85 17.27 44.15
CA PRO D 288 41.59 17.86 44.60
C PRO D 288 41.33 19.25 44.04
N ASP D 289 42.30 19.87 43.39
CA ASP D 289 42.09 21.19 42.78
C ASP D 289 41.09 21.09 41.63
N LYS D 290 41.26 20.10 40.75
CA LYS D 290 40.40 19.86 39.61
C LYS D 290 40.43 21.00 38.60
N ASP D 291 41.27 22.00 38.84
CA ASP D 291 41.55 23.05 37.87
C ASP D 291 43.01 23.14 37.50
N GLU D 292 43.91 22.99 38.47
CA GLU D 292 45.31 22.75 38.17
C GLU D 292 45.56 21.33 37.69
N GLU D 293 44.68 20.39 38.04
CA GLU D 293 44.78 19.04 37.51
C GLU D 293 44.63 19.03 36.00
N SER D 294 43.65 19.78 35.48
CA SER D 294 43.53 19.94 34.04
C SER D 294 44.72 20.69 33.47
N ARG D 295 45.30 21.62 34.24
CA ARG D 295 46.48 22.34 33.78
C ARG D 295 47.72 21.45 33.76
N ILE D 296 47.81 20.51 34.71
CA ILE D 296 49.00 19.66 34.81
C ILE D 296 48.88 18.46 33.87
N CYS D 297 47.78 17.72 33.97
CA CYS D 297 47.62 16.51 33.17
C CYS D 297 47.63 16.80 31.66
N LYS D 298 47.29 18.02 31.26
CA LYS D 298 47.35 18.37 29.84
C LYS D 298 48.77 18.76 29.43
N ALA D 299 49.51 19.42 30.32
CA ALA D 299 50.87 19.82 30.00
C ALA D 299 51.77 18.60 29.77
N LEU D 300 51.63 17.58 30.63
CA LEU D 300 52.41 16.36 30.45
C LEU D 300 51.99 15.62 29.17
N PHE D 301 50.68 15.58 28.90
CA PHE D 301 50.20 14.99 27.66
C PHE D 301 50.82 15.69 26.45
N LEU D 302 50.96 17.02 26.52
CA LEU D 302 51.63 17.76 25.45
C LEU D 302 53.11 17.42 25.38
N TYR D 303 53.74 17.20 26.54
CA TYR D 303 55.17 16.91 26.56
C TYR D 303 55.45 15.50 26.05
N THR D 304 54.69 14.52 26.52
CA THR D 304 54.89 13.15 26.06
C THR D 304 54.64 13.01 24.56
N SER D 305 53.69 13.77 24.03
CA SER D 305 53.40 13.72 22.59
C SER D 305 54.58 14.23 21.78
N HIS D 306 55.19 15.34 22.20
CA HIS D 306 56.34 15.88 21.48
C HIS D 306 57.55 14.96 21.61
N LEU D 307 57.73 14.34 22.77
CA LEU D 307 58.81 13.36 22.94
C LEU D 307 58.64 12.20 21.98
N ARG D 308 57.39 11.80 21.72
CA ARG D 308 57.13 10.76 20.73
C ARG D 308 57.54 11.21 19.33
N LYS D 309 57.08 12.39 18.92
CA LYS D 309 57.42 12.89 17.59
C LYS D 309 58.91 13.17 17.44
N TYR D 310 59.58 13.59 18.52
CA TYR D 310 61.02 13.73 18.49
C TYR D 310 61.70 12.37 18.36
N ASN D 311 61.16 11.35 19.05
CA ASN D 311 61.73 10.01 18.97
C ASN D 311 61.53 9.42 17.59
N ASP D 312 60.35 9.61 16.99
CA ASP D 312 60.07 9.06 15.67
C ASP D 312 61.04 9.63 14.63
N ALA D 313 61.44 10.89 14.79
CA ALA D 313 62.36 11.50 13.83
C ALA D 313 63.73 10.86 13.88
N LEU D 314 64.22 10.56 15.10
CA LEU D 314 65.51 9.87 15.21
C LEU D 314 65.45 8.48 14.57
N ILE D 315 64.32 7.79 14.74
CA ILE D 315 64.15 6.50 14.07
C ILE D 315 64.09 6.68 12.56
N ILE D 316 63.43 7.75 12.10
CA ILE D 316 63.42 8.06 10.67
C ILE D 316 64.83 8.39 10.20
N SER D 317 65.61 9.07 11.03
CA SER D 317 66.98 9.42 10.65
C SER D 317 67.85 8.18 10.47
N GLU D 318 67.59 7.13 11.23
CA GLU D 318 68.40 5.92 11.13
C GLU D 318 68.11 5.16 9.83
N HIS D 319 66.90 5.28 9.30
CA HIS D 319 66.49 4.51 8.13
C HIS D 319 66.30 5.36 6.88
N ALA D 320 66.43 6.68 6.97
CA ALA D 320 66.15 7.54 5.83
C ALA D 320 67.04 8.78 5.94
N ARG D 321 66.71 9.82 5.18
CA ARG D 321 67.48 11.05 5.19
C ARG D 321 67.29 11.80 6.50
N MET D 322 68.26 12.67 6.81
CA MET D 322 68.07 13.63 7.89
C MET D 322 67.01 14.66 7.52
N LYS D 323 66.86 14.95 6.23
CA LYS D 323 65.86 15.93 5.79
C LYS D 323 64.45 15.40 5.99
N ASP D 324 64.24 14.09 5.76
CA ASP D 324 62.91 13.53 5.91
C ASP D 324 62.45 13.56 7.36
N ALA D 325 63.38 13.37 8.30
CA ALA D 325 63.03 13.49 9.71
C ALA D 325 62.71 14.94 10.08
N LEU D 326 63.32 15.90 9.38
CA LEU D 326 63.05 17.30 9.65
C LEU D 326 61.69 17.71 9.10
N ASP D 327 61.40 17.34 7.85
CA ASP D 327 60.08 17.58 7.28
C ASP D 327 58.99 16.89 8.10
N TYR D 328 59.32 15.75 8.72
CA TYR D 328 58.40 15.12 9.65
C TYR D 328 58.13 16.01 10.86
N LEU D 329 59.20 16.58 11.43
CA LEU D 329 59.02 17.52 12.55
C LEU D 329 58.46 18.84 12.07
N LYS D 330 58.85 19.30 10.89
CA LYS D 330 58.23 20.49 10.31
C LYS D 330 56.73 20.30 10.14
N ASP D 331 56.32 19.08 9.74
CA ASP D 331 54.90 18.80 9.58
C ASP D 331 54.19 18.80 10.94
N PHE D 332 54.87 18.40 12.00
CA PHE D 332 54.24 18.27 13.30
C PHE D 332 53.88 19.64 13.88
N PHE D 333 54.89 20.51 14.04
CA PHE D 333 54.66 21.81 14.65
C PHE D 333 53.74 22.67 13.78
N SER D 334 53.87 22.58 12.45
CA SER D 334 52.99 23.31 11.56
C SER D 334 51.56 22.77 11.59
N ASN D 335 51.35 21.58 12.16
CA ASN D 335 50.01 21.04 12.36
C ASN D 335 49.55 21.14 13.80
N VAL D 336 50.45 21.41 14.74
CA VAL D 336 50.04 21.69 16.11
C VAL D 336 49.17 22.93 16.16
N ARG D 337 49.55 23.97 15.41
CA ARG D 337 48.68 25.12 15.22
C ARG D 337 47.49 24.74 14.36
N ALA D 338 46.59 25.69 14.16
CA ALA D 338 45.37 25.48 13.37
C ALA D 338 44.55 24.31 13.90
N ASP D 342 48.03 26.96 22.58
CA ASP D 342 48.33 26.85 24.01
C ASP D 342 49.71 27.44 24.31
N GLU D 343 49.85 28.01 25.50
CA GLU D 343 51.13 28.60 25.89
C GLU D 343 52.22 27.55 26.01
N ILE D 344 51.86 26.31 26.34
CA ILE D 344 52.85 25.25 26.43
C ILE D 344 53.34 24.86 25.03
N GLU D 345 52.42 24.76 24.08
CA GLU D 345 52.80 24.43 22.70
C GLU D 345 53.68 25.52 22.11
N GLN D 346 53.40 26.78 22.44
CA GLN D 346 54.25 27.87 21.97
C GLN D 346 55.64 27.80 22.59
N ASP D 347 55.73 27.35 23.85
CA ASP D 347 57.02 27.19 24.51
C ASP D 347 57.86 26.13 23.80
N LEU D 348 57.24 24.98 23.50
CA LEU D 348 57.97 23.91 22.82
C LEU D 348 58.31 24.30 21.38
N THR D 349 57.38 24.96 20.69
CA THR D 349 57.64 25.38 19.32
C THR D 349 58.77 26.40 19.26
N GLN D 350 58.80 27.33 20.21
CA GLN D 350 59.88 28.31 20.26
C GLN D 350 61.22 27.62 20.54
N ARG D 351 61.22 26.61 21.40
CA ARG D 351 62.44 25.85 21.64
C ARG D 351 62.87 25.08 20.41
N PHE D 352 61.93 24.71 19.53
CA PHE D 352 62.28 24.00 18.31
C PHE D 352 62.82 24.96 17.25
N GLU D 353 62.07 26.02 16.95
CA GLU D 353 62.53 27.00 15.97
C GLU D 353 63.82 27.69 16.43
N GLU D 354 64.12 27.67 17.73
CA GLU D 354 65.40 28.17 18.20
C GLU D 354 66.57 27.37 17.64
N LYS D 355 66.37 26.07 17.43
CA LYS D 355 67.39 25.20 16.86
C LYS D 355 67.03 24.70 15.46
N LEU D 356 66.06 25.35 14.80
CA LEU D 356 65.65 24.91 13.48
C LEU D 356 66.71 25.22 12.43
N GLN D 357 67.37 26.39 12.54
CA GLN D 357 68.36 26.79 11.55
C GLN D 357 69.58 25.87 11.57
N GLU D 358 70.03 25.48 12.77
CA GLU D 358 71.20 24.61 12.85
C GLU D 358 70.89 23.22 12.31
N LEU D 359 69.63 22.78 12.39
CA LEU D 359 69.27 21.46 11.84
C LEU D 359 69.32 21.47 10.32
N GLU D 360 68.87 22.56 9.69
CA GLU D 360 68.95 22.66 8.23
C GLU D 360 70.38 22.80 7.74
N SER D 361 71.31 23.23 8.62
CA SER D 361 72.72 23.26 8.26
C SER D 361 73.32 21.86 8.14
N VAL D 362 72.61 20.83 8.57
CA VAL D 362 73.10 19.46 8.53
C VAL D 362 72.43 18.66 7.41
N SER D 363 71.12 18.85 7.23
CA SER D 363 70.41 18.11 6.19
C SER D 363 70.90 18.49 4.78
N ARG D 364 71.42 19.70 4.62
CA ARG D 364 71.95 20.15 3.35
C ARG D 364 73.45 19.90 3.21
N ASP D 365 74.10 19.40 4.26
CA ASP D 365 75.53 19.10 4.19
C ASP D 365 75.74 17.81 3.41
N PRO D 366 76.50 17.83 2.31
CA PRO D 366 76.73 16.60 1.55
C PRO D 366 77.47 15.53 2.32
N SER D 367 78.18 15.89 3.40
CA SER D 367 78.94 14.91 4.16
C SER D 367 78.05 13.96 4.96
N ASN D 368 76.80 14.35 5.21
CA ASN D 368 75.90 13.56 6.07
C ASN D 368 75.01 12.70 5.18
N GLU D 369 75.57 11.58 4.71
CA GLU D 369 74.86 10.61 3.90
C GLU D 369 74.63 9.33 4.69
N ASN D 370 73.61 8.58 4.28
CA ASN D 370 73.24 7.34 4.96
C ASN D 370 73.85 6.14 4.24
N PRO D 371 74.59 5.28 4.95
CA PRO D 371 75.17 4.11 4.29
C PRO D 371 74.13 3.13 3.75
N LYS D 372 72.92 3.12 4.30
CA LYS D 372 71.87 2.29 3.73
C LYS D 372 71.37 2.84 2.41
N LEU D 373 71.19 4.15 2.33
CA LEU D 373 70.68 4.77 1.11
C LEU D 373 71.71 4.72 -0.01
N GLU D 374 73.00 4.85 0.31
CA GLU D 374 74.03 4.74 -0.71
C GLU D 374 74.05 3.34 -1.32
N ASP D 375 73.87 2.31 -0.48
CA ASP D 375 73.78 0.95 -1.01
C ASP D 375 72.47 0.74 -1.76
N LEU D 376 71.39 1.40 -1.33
CA LEU D 376 70.14 1.33 -2.08
C LEU D 376 70.24 2.06 -3.41
N CYS D 377 70.92 3.20 -3.44
CA CYS D 377 71.17 3.90 -4.69
C CYS D 377 72.09 3.09 -5.60
N PHE D 378 73.04 2.36 -5.01
CA PHE D 378 73.93 1.53 -5.82
C PHE D 378 73.18 0.41 -6.52
N ILE D 379 72.24 -0.22 -5.82
CA ILE D 379 71.46 -1.31 -6.42
C ILE D 379 70.61 -0.77 -7.57
N LEU D 380 69.93 0.36 -7.34
CA LEU D 380 69.02 0.89 -8.36
C LEU D 380 69.78 1.33 -9.61
N GLN D 381 70.93 1.98 -9.44
CA GLN D 381 71.70 2.41 -10.59
C GLN D 381 72.19 1.23 -11.42
N GLU D 382 72.64 0.17 -10.74
CA GLU D 382 73.20 -0.97 -11.46
C GLU D 382 72.14 -1.69 -12.28
N GLU D 383 70.97 -1.94 -11.69
CA GLU D 383 69.94 -2.71 -12.38
C GLU D 383 69.34 -1.92 -13.54
N TYR D 384 68.99 -0.66 -13.32
CA TYR D 384 68.45 0.15 -14.40
C TYR D 384 69.49 0.49 -15.46
N HIS D 385 70.77 0.42 -15.11
CA HIS D 385 71.82 0.52 -16.13
C HIS D 385 71.73 -0.65 -17.11
N LEU D 386 71.59 -1.86 -16.59
CA LEU D 386 71.49 -3.04 -17.44
C LEU D 386 70.13 -3.12 -18.12
N ASN D 387 69.08 -2.62 -17.47
CA ASN D 387 67.72 -2.70 -18.02
C ASN D 387 66.97 -1.43 -17.63
N PRO D 388 66.91 -0.43 -18.51
CA PRO D 388 66.18 0.79 -18.18
C PRO D 388 64.69 0.58 -18.01
N GLU D 389 64.13 -0.45 -18.63
CA GLU D 389 62.72 -0.79 -18.49
C GLU D 389 62.42 -1.62 -17.24
N THR D 390 63.33 -1.60 -16.26
CA THR D 390 63.13 -2.34 -15.03
C THR D 390 61.92 -1.79 -14.26
N ILE D 391 61.11 -2.69 -13.73
CA ILE D 391 59.96 -2.33 -12.92
C ILE D 391 60.25 -2.80 -11.50
N THR D 392 60.41 -1.86 -10.58
CA THR D 392 60.83 -2.13 -9.22
C THR D 392 59.70 -1.86 -8.24
N ILE D 393 59.69 -2.62 -7.14
CA ILE D 393 58.81 -2.36 -6.01
C ILE D 393 59.65 -2.40 -4.74
N LEU D 394 59.43 -1.41 -3.85
CA LEU D 394 60.25 -1.21 -2.67
C LEU D 394 59.36 -1.27 -1.43
N PHE D 395 59.41 -2.40 -0.72
CA PHE D 395 58.62 -2.56 0.49
C PHE D 395 59.35 -1.95 1.68
N VAL D 396 58.61 -1.20 2.50
CA VAL D 396 59.14 -0.60 3.71
C VAL D 396 58.18 -0.89 4.86
N LYS D 397 58.63 -0.57 6.08
CA LYS D 397 57.95 -1.00 7.28
C LYS D 397 56.78 -0.08 7.63
N THR D 398 57.01 1.23 7.64
CA THR D 398 56.02 2.20 8.08
C THR D 398 55.55 3.06 6.91
N ARG D 399 54.35 3.63 7.07
CA ARG D 399 53.83 4.54 6.06
C ARG D 399 54.65 5.83 6.00
N ALA D 400 55.26 6.22 7.12
CA ALA D 400 56.11 7.40 7.11
C ALA D 400 57.37 7.17 6.28
N LEU D 401 57.93 5.96 6.35
CA LEU D 401 59.13 5.65 5.57
C LEU D 401 58.85 5.66 4.08
N VAL D 402 57.59 5.48 3.66
CA VAL D 402 57.24 5.56 2.25
C VAL D 402 57.43 6.99 1.75
N ASP D 403 56.89 7.96 2.49
CA ASP D 403 57.07 9.36 2.12
C ASP D 403 58.53 9.77 2.14
N ALA D 404 59.33 9.15 3.01
CA ALA D 404 60.75 9.48 3.09
C ALA D 404 61.50 9.04 1.84
N LEU D 405 61.38 7.76 1.47
CA LEU D 405 62.13 7.25 0.34
C LEU D 405 61.60 7.79 -0.98
N LYS D 406 60.33 8.16 -1.04
CA LYS D 406 59.80 8.78 -2.25
C LYS D 406 60.48 10.11 -2.54
N ASN D 407 60.59 10.96 -1.51
CA ASN D 407 61.23 12.27 -1.71
C ASN D 407 62.73 12.13 -1.87
N TRP D 408 63.34 11.15 -1.19
CA TRP D 408 64.78 10.92 -1.35
C TRP D 408 65.12 10.55 -2.79
N ILE D 409 64.24 9.81 -3.46
CA ILE D 409 64.47 9.46 -4.87
C ILE D 409 64.31 10.71 -5.74
N GLU D 410 63.21 11.44 -5.56
CA GLU D 410 63.01 12.67 -6.32
C GLU D 410 64.04 13.73 -5.97
N GLY D 411 64.58 13.69 -4.75
CA GLY D 411 65.61 14.60 -4.32
C GLY D 411 67.03 14.15 -4.59
N ASN D 412 67.21 12.99 -5.22
CA ASN D 412 68.54 12.49 -5.56
C ASN D 412 68.77 12.64 -7.05
N PRO D 413 69.89 13.27 -7.46
CA PRO D 413 70.12 13.44 -8.90
C PRO D 413 70.43 12.14 -9.61
N LYS D 414 71.19 11.25 -8.99
CA LYS D 414 71.57 9.98 -9.60
C LYS D 414 70.40 9.02 -9.79
N LEU D 415 69.19 9.40 -9.38
CA LEU D 415 68.00 8.56 -9.56
C LEU D 415 66.98 9.23 -10.47
N SER D 416 67.43 10.14 -11.36
CA SER D 416 66.51 10.88 -12.20
C SER D 416 65.75 9.99 -13.18
N PHE D 417 66.22 8.77 -13.41
CA PHE D 417 65.53 7.83 -14.29
C PHE D 417 64.33 7.17 -13.63
N LEU D 418 64.04 7.50 -12.38
CA LEU D 418 62.96 6.85 -11.63
C LEU D 418 61.73 7.74 -11.59
N LYS D 419 60.56 7.12 -11.80
CA LYS D 419 59.26 7.75 -11.68
C LYS D 419 58.54 7.13 -10.49
N PRO D 420 58.81 7.59 -9.27
CA PRO D 420 58.36 6.87 -8.09
C PRO D 420 56.85 6.88 -7.92
N GLY D 421 56.36 5.88 -7.20
CA GLY D 421 54.95 5.77 -6.91
C GLY D 421 54.72 5.25 -5.50
N ILE D 422 53.61 5.68 -4.91
CA ILE D 422 53.29 5.38 -3.52
C ILE D 422 52.14 4.39 -3.47
N LEU D 423 52.17 3.52 -2.46
CA LEU D 423 51.06 2.59 -2.22
C LEU D 423 51.06 2.25 -0.73
N THR D 424 50.14 2.85 0.01
CA THR D 424 49.96 2.54 1.42
C THR D 424 48.57 1.96 1.65
N GLY D 425 48.35 1.49 2.86
CA GLY D 425 47.06 0.93 3.23
C GLY D 425 46.00 2.02 3.39
N ARG D 426 44.78 1.58 3.66
CA ARG D 426 43.67 2.51 3.87
C ARG D 426 43.77 3.26 5.18
N GLY D 427 44.70 2.89 6.06
CA GLY D 427 44.85 3.56 7.33
C GLY D 427 43.67 3.27 8.26
N LYS D 428 43.71 3.92 9.42
CA LYS D 428 42.60 3.81 10.36
C LYS D 428 41.37 4.52 9.82
N THR D 429 40.20 3.93 10.08
CA THR D 429 38.98 4.41 9.45
C THR D 429 38.63 5.82 9.89
N ASN D 430 38.85 6.13 11.17
CA ASN D 430 38.45 7.42 11.75
C ASN D 430 39.61 8.40 11.84
N GLN D 431 40.56 8.33 10.91
CA GLN D 431 41.65 9.30 10.83
C GLN D 431 41.85 9.71 9.39
N ASN D 432 42.51 10.86 9.21
CA ASN D 432 42.81 11.37 7.87
C ASN D 432 44.20 10.91 7.43
N THR D 433 44.35 9.58 7.39
CA THR D 433 45.59 8.94 6.99
C THR D 433 45.30 7.86 5.96
N GLY D 434 46.34 7.38 5.32
CA GLY D 434 46.21 6.24 4.43
C GLY D 434 45.90 6.62 2.99
N MET D 435 45.36 5.64 2.27
CA MET D 435 45.12 5.75 0.84
C MET D 435 43.81 5.05 0.52
N THR D 436 42.87 5.77 -0.07
CA THR D 436 41.56 5.22 -0.34
C THR D 436 41.63 4.09 -1.37
N LEU D 437 40.59 3.27 -1.40
CA LEU D 437 40.54 2.14 -2.33
C LEU D 437 40.67 2.57 -3.78
N PRO D 438 39.96 3.59 -4.28
CA PRO D 438 40.23 4.04 -5.65
C PRO D 438 41.58 4.71 -5.79
N ALA D 439 42.06 5.39 -4.74
CA ALA D 439 43.41 5.96 -4.80
C ALA D 439 44.47 4.89 -4.92
N GLN D 440 44.24 3.72 -4.33
CA GLN D 440 45.15 2.60 -4.49
C GLN D 440 45.06 2.03 -5.90
N LYS D 441 43.84 1.77 -6.38
CA LYS D 441 43.66 1.21 -7.71
C LYS D 441 44.12 2.19 -8.79
N CYS D 442 44.06 3.49 -8.51
CA CYS D 442 44.54 4.47 -9.47
C CYS D 442 46.04 4.36 -9.69
N ILE D 443 46.78 3.99 -8.65
CA ILE D 443 48.24 3.88 -8.75
C ILE D 443 48.68 2.50 -9.24
N LEU D 444 47.87 1.46 -9.01
CA LEU D 444 48.19 0.15 -9.55
C LEU D 444 48.16 0.14 -11.08
N ASP D 445 47.20 0.87 -11.67
CA ASP D 445 47.13 0.94 -13.12
C ASP D 445 48.23 1.82 -13.69
N ALA D 446 48.60 2.89 -12.98
CA ALA D 446 49.69 3.75 -13.41
C ALA D 446 51.06 3.11 -13.19
N PHE D 447 51.14 2.01 -12.46
CA PHE D 447 52.39 1.31 -12.20
C PHE D 447 52.56 0.19 -13.23
N LYS D 448 52.86 0.60 -14.46
CA LYS D 448 52.97 -0.30 -15.59
C LYS D 448 54.32 -0.12 -16.27
N ALA D 449 54.61 -1.00 -17.22
CA ALA D 449 55.80 -0.84 -18.06
C ALA D 449 55.70 0.43 -18.90
N SER D 450 54.60 0.57 -19.64
CA SER D 450 54.32 1.79 -20.40
C SER D 450 53.65 2.86 -19.54
N GLY D 451 53.43 2.60 -18.26
CA GLY D 451 52.76 3.54 -17.40
C GLY D 451 53.63 4.74 -17.04
N ASP D 452 53.13 5.53 -16.10
CA ASP D 452 53.79 6.76 -15.68
C ASP D 452 54.74 6.55 -14.51
N HIS D 453 54.84 5.34 -13.97
CA HIS D 453 55.59 5.11 -12.75
C HIS D 453 56.62 4.00 -12.97
N ASN D 454 57.89 4.31 -12.65
CA ASN D 454 58.97 3.35 -12.77
C ASN D 454 59.00 2.38 -11.60
N ILE D 455 59.15 2.91 -10.39
CA ILE D 455 59.30 2.12 -9.18
C ILE D 455 58.14 2.44 -8.24
N LEU D 456 57.62 1.41 -7.57
CA LEU D 456 56.56 1.55 -6.61
C LEU D 456 57.12 1.39 -5.20
N ILE D 457 56.82 2.34 -4.33
CA ILE D 457 57.23 2.28 -2.93
C ILE D 457 55.98 2.03 -2.11
N ALA D 458 55.98 0.94 -1.34
CA ALA D 458 54.77 0.48 -0.68
C ALA D 458 55.10 -0.11 0.69
N THR D 459 54.06 -0.23 1.52
CA THR D 459 54.14 -0.96 2.78
C THR D 459 53.73 -2.41 2.53
N SER D 460 53.50 -3.16 3.61
CA SER D 460 53.02 -4.52 3.48
C SER D 460 51.69 -4.56 2.76
N VAL D 461 51.48 -5.62 1.98
CA VAL D 461 50.22 -5.88 1.31
C VAL D 461 49.66 -7.18 1.87
N ALA D 462 48.42 -7.50 1.48
CA ALA D 462 47.78 -8.73 1.91
C ALA D 462 48.49 -9.93 1.28
N ASP D 463 47.93 -11.12 1.55
CA ASP D 463 48.57 -12.37 1.13
C ASP D 463 49.02 -12.33 -0.33
N GLU D 464 48.08 -12.18 -1.24
CA GLU D 464 48.42 -12.04 -2.65
C GLU D 464 47.77 -10.83 -3.30
N GLY D 465 46.54 -10.49 -2.90
CA GLY D 465 45.85 -9.33 -3.43
C GLY D 465 45.58 -9.44 -4.93
N ILE D 466 45.20 -8.30 -5.50
CA ILE D 466 45.00 -8.23 -6.95
C ILE D 466 46.35 -8.39 -7.64
N ASP D 467 46.32 -9.00 -8.83
CA ASP D 467 47.55 -9.24 -9.59
C ASP D 467 48.03 -7.93 -10.18
N ILE D 468 49.16 -7.44 -9.67
CA ILE D 468 49.71 -6.17 -10.10
C ILE D 468 50.92 -6.44 -11.00
N ALA D 469 51.45 -5.37 -11.59
CA ALA D 469 52.50 -5.49 -12.61
C ALA D 469 53.67 -6.33 -12.11
N GLN D 470 54.22 -7.12 -13.03
CA GLN D 470 55.35 -7.98 -12.71
C GLN D 470 56.59 -7.14 -12.46
N CYS D 471 57.14 -7.24 -11.26
CA CYS D 471 58.34 -6.50 -10.87
C CYS D 471 59.55 -7.41 -11.03
N ASN D 472 60.40 -7.10 -12.01
CA ASN D 472 61.64 -7.84 -12.19
C ASN D 472 62.69 -7.46 -11.15
N LEU D 473 62.37 -6.56 -10.23
CA LEU D 473 63.24 -6.20 -9.12
C LEU D 473 62.39 -5.92 -7.90
N VAL D 474 62.75 -6.56 -6.77
CA VAL D 474 62.03 -6.41 -5.52
C VAL D 474 63.05 -6.12 -4.43
N ILE D 475 62.84 -5.04 -3.67
CA ILE D 475 63.75 -4.62 -2.62
C ILE D 475 63.01 -4.63 -1.29
N LEU D 476 63.64 -5.20 -0.27
CA LEU D 476 63.12 -5.21 1.08
C LEU D 476 64.03 -4.33 1.94
N TYR D 477 63.53 -3.16 2.32
CA TYR D 477 64.32 -2.16 3.05
C TYR D 477 63.97 -2.26 4.53
N GLU D 478 64.89 -2.83 5.31
CA GLU D 478 64.68 -3.03 6.74
C GLU D 478 63.36 -3.76 7.02
N TYR D 479 63.06 -4.75 6.18
CA TYR D 479 61.75 -5.38 6.16
C TYR D 479 61.90 -6.88 5.97
N VAL D 480 61.30 -7.64 6.87
CA VAL D 480 61.26 -9.10 6.75
C VAL D 480 59.98 -9.59 7.42
N GLY D 481 59.35 -10.58 6.80
CA GLY D 481 58.10 -11.10 7.33
C GLY D 481 58.21 -12.54 7.79
N ASN D 482 57.11 -13.28 7.69
CA ASN D 482 57.08 -14.69 8.08
C ASN D 482 57.38 -15.58 6.89
N VAL D 483 57.37 -16.89 7.12
CA VAL D 483 57.67 -17.85 6.07
C VAL D 483 56.64 -17.78 4.95
N ILE D 484 55.39 -17.46 5.29
CA ILE D 484 54.33 -17.45 4.28
C ILE D 484 54.48 -16.24 3.37
N LYS D 485 54.66 -15.05 3.95
CA LYS D 485 54.80 -13.85 3.14
C LYS D 485 56.05 -13.91 2.25
N MET D 486 57.09 -14.59 2.72
CA MET D 486 58.28 -14.75 1.89
C MET D 486 57.96 -15.50 0.60
N ILE D 487 57.15 -16.56 0.70
CA ILE D 487 56.78 -17.31 -0.50
C ILE D 487 55.75 -16.55 -1.32
N GLN D 488 54.90 -15.75 -0.67
CA GLN D 488 53.92 -14.96 -1.40
C GLN D 488 54.60 -13.90 -2.27
N THR D 489 55.56 -13.16 -1.69
CA THR D 489 56.25 -12.11 -2.42
C THR D 489 57.03 -12.62 -3.61
N ARG D 490 57.26 -13.94 -3.71
CA ARG D 490 57.87 -14.49 -4.92
C ARG D 490 57.00 -14.26 -6.14
N GLY D 491 55.68 -14.12 -5.95
CA GLY D 491 54.78 -13.86 -7.05
C GLY D 491 54.93 -12.49 -7.68
N ARG D 492 55.60 -11.56 -6.98
CA ARG D 492 55.84 -10.24 -7.55
C ARG D 492 56.67 -10.34 -8.83
N GLY D 493 57.75 -11.12 -8.79
CA GLY D 493 58.46 -11.46 -10.01
C GLY D 493 58.52 -12.95 -10.21
N ARG D 494 57.79 -13.46 -11.20
CA ARG D 494 57.81 -14.88 -11.52
C ARG D 494 58.28 -15.16 -12.93
N ALA D 495 58.63 -14.14 -13.71
CA ALA D 495 59.33 -14.33 -14.96
C ALA D 495 60.82 -14.55 -14.67
N ARG D 496 61.49 -15.22 -15.60
CA ARG D 496 62.90 -15.52 -15.41
C ARG D 496 63.72 -14.25 -15.32
N GLY D 497 64.71 -14.27 -14.43
CA GLY D 497 65.57 -13.12 -14.23
C GLY D 497 65.11 -12.14 -13.16
N SER D 498 64.13 -12.52 -12.34
CA SER D 498 63.68 -11.66 -11.25
C SER D 498 64.60 -11.81 -10.06
N LYS D 499 64.82 -10.71 -9.34
CA LYS D 499 65.77 -10.66 -8.23
C LYS D 499 65.14 -9.95 -7.05
N CYS D 500 65.43 -10.47 -5.85
CA CYS D 500 64.91 -9.90 -4.61
C CYS D 500 66.08 -9.56 -3.69
N PHE D 501 66.22 -8.29 -3.35
CA PHE D 501 67.27 -7.82 -2.45
C PHE D 501 66.70 -7.62 -1.04
N LEU D 502 67.50 -7.98 -0.04
CA LEU D 502 67.14 -7.80 1.36
C LEU D 502 68.17 -6.84 1.96
N LEU D 503 67.83 -5.56 1.99
CA LEU D 503 68.73 -4.51 2.45
C LEU D 503 68.40 -4.16 3.89
N THR D 504 69.38 -4.32 4.79
CA THR D 504 69.18 -3.99 6.19
C THR D 504 70.54 -3.76 6.84
N SER D 505 70.52 -3.02 7.95
CA SER D 505 71.71 -2.81 8.77
C SER D 505 71.59 -3.54 10.10
N ASN D 506 70.83 -4.64 10.11
CA ASN D 506 70.58 -5.41 11.32
C ASN D 506 70.87 -6.88 11.05
N ALA D 507 71.59 -7.51 11.97
CA ALA D 507 71.93 -8.93 11.79
C ALA D 507 70.71 -9.82 12.02
N GLY D 508 69.83 -9.43 12.94
CA GLY D 508 68.65 -10.23 13.21
C GLY D 508 67.70 -10.31 12.03
N VAL D 509 67.65 -9.24 11.21
CA VAL D 509 66.79 -9.26 10.03
C VAL D 509 67.26 -10.30 9.03
N ILE D 510 68.58 -10.38 8.81
CA ILE D 510 69.12 -11.34 7.85
C ILE D 510 68.86 -12.76 8.32
N GLU D 511 69.25 -13.07 9.56
CA GLU D 511 69.09 -14.44 10.08
C GLU D 511 67.62 -14.84 10.14
N LYS D 512 66.73 -13.89 10.42
CA LYS D 512 65.30 -14.20 10.46
C LYS D 512 64.80 -14.68 9.10
N GLU D 513 65.13 -13.94 8.04
CA GLU D 513 64.77 -14.38 6.70
C GLU D 513 65.42 -15.72 6.37
N GLN D 514 66.65 -15.93 6.84
CA GLN D 514 67.29 -17.22 6.64
C GLN D 514 66.58 -18.32 7.42
N ILE D 515 66.02 -18.00 8.58
CA ILE D 515 65.21 -18.96 9.32
C ILE D 515 63.98 -19.35 8.50
N ASN D 516 63.32 -18.37 7.89
CA ASN D 516 62.16 -18.64 7.05
C ASN D 516 62.53 -19.54 5.88
N MET D 517 63.73 -19.35 5.33
CA MET D 517 64.21 -20.24 4.26
C MET D 517 64.36 -21.68 4.77
N TYR D 518 64.73 -21.84 6.04
CA TYR D 518 64.78 -23.18 6.64
C TYR D 518 63.39 -23.66 7.05
N LYS D 519 62.51 -22.75 7.44
CA LYS D 519 61.14 -23.14 7.78
C LYS D 519 60.38 -23.65 6.57
N GLU D 520 60.65 -23.08 5.38
CA GLU D 520 60.03 -23.60 4.17
C GLU D 520 60.47 -25.02 3.88
N LYS D 521 61.73 -25.35 4.19
CA LYS D 521 62.20 -26.72 4.00
C LYS D 521 61.42 -27.69 4.86
N MET D 522 61.22 -27.34 6.14
CA MET D 522 60.43 -28.20 7.02
C MET D 522 59.00 -28.32 6.54
N MET D 523 58.46 -27.27 5.92
CA MET D 523 57.10 -27.33 5.41
C MET D 523 56.96 -28.35 4.29
N ASN D 524 57.82 -28.26 3.27
CA ASN D 524 57.71 -29.17 2.13
C ASN D 524 58.11 -30.59 2.52
N ASP D 525 59.12 -30.74 3.38
CA ASP D 525 59.53 -32.08 3.80
C ASP D 525 58.45 -32.75 4.64
N SER D 526 57.73 -31.97 5.46
CA SER D 526 56.63 -32.55 6.24
C SER D 526 55.48 -32.96 5.34
N ILE D 527 55.07 -32.07 4.42
CA ILE D 527 53.99 -32.38 3.49
C ILE D 527 54.35 -33.59 2.64
N LEU D 528 55.59 -33.64 2.15
CA LEU D 528 56.01 -34.76 1.31
C LEU D 528 55.89 -36.09 2.05
N ARG D 529 56.25 -36.10 3.33
CA ARG D 529 56.11 -37.34 4.11
C ARG D 529 54.69 -37.51 4.63
N LEU D 530 53.95 -36.42 4.81
CA LEU D 530 52.56 -36.52 5.24
C LEU D 530 51.68 -37.08 4.11
N GLN D 531 52.01 -36.78 2.86
CA GLN D 531 51.26 -37.32 1.74
C GLN D 531 51.43 -38.82 1.60
N THR D 532 52.49 -39.40 2.17
CA THR D 532 52.76 -40.82 2.04
C THR D 532 51.85 -41.68 2.91
N TRP D 533 51.18 -41.09 3.90
CA TRP D 533 50.39 -41.86 4.85
C TRP D 533 49.12 -42.40 4.18
N ASP D 534 48.69 -43.56 4.65
CA ASP D 534 47.40 -44.11 4.25
C ASP D 534 46.30 -43.14 4.67
N GLU D 535 45.48 -42.71 3.70
CA GLU D 535 44.51 -41.65 3.95
C GLU D 535 43.56 -42.01 5.08
N ALA D 536 43.31 -43.30 5.30
CA ALA D 536 42.48 -43.70 6.43
C ALA D 536 43.14 -43.35 7.76
N VAL D 537 44.45 -43.59 7.87
CA VAL D 537 45.17 -43.23 9.10
C VAL D 537 45.25 -41.72 9.24
N PHE D 538 45.22 -40.98 8.13
CA PHE D 538 45.26 -39.52 8.20
C PHE D 538 43.95 -38.96 8.74
N ARG D 539 42.82 -39.46 8.23
CA ARG D 539 41.53 -38.99 8.71
C ARG D 539 41.35 -39.29 10.20
N GLU D 540 41.87 -40.44 10.65
CA GLU D 540 41.76 -40.79 12.06
C GLU D 540 42.54 -39.83 12.94
N LYS D 541 43.70 -39.37 12.47
CA LYS D 541 44.51 -38.45 13.26
C LYS D 541 43.86 -37.08 13.38
N ILE D 542 43.38 -36.52 12.26
CA ILE D 542 42.77 -35.21 12.31
C ILE D 542 41.43 -35.26 13.03
N LEU D 543 40.73 -36.39 12.97
CA LEU D 543 39.51 -36.54 13.76
C LEU D 543 39.80 -36.43 15.25
N HIS D 544 40.99 -36.83 15.67
CA HIS D 544 41.38 -36.69 17.08
C HIS D 544 41.70 -35.24 17.42
N ILE D 545 42.43 -34.55 16.54
CA ILE D 545 42.75 -33.14 16.77
C ILE D 545 41.47 -32.31 16.80
N GLN D 546 40.54 -32.61 15.90
CA GLN D 546 39.25 -31.92 15.91
C GLN D 546 38.51 -32.17 17.21
N THR D 547 38.41 -33.43 17.63
CA THR D 547 37.67 -33.76 18.84
C THR D 547 38.32 -33.16 20.08
N HIS D 548 39.65 -33.03 20.07
CA HIS D 548 40.35 -32.50 21.24
C HIS D 548 40.21 -30.99 21.33
N GLU D 549 40.41 -30.28 20.21
CA GLU D 549 40.38 -28.83 20.23
C GLU D 549 39.00 -28.30 20.59
N LYS D 550 37.94 -28.95 20.10
CA LYS D 550 36.59 -28.53 20.48
C LYS D 550 36.35 -28.74 21.96
N PHE D 551 36.91 -29.81 22.53
CA PHE D 551 36.77 -30.06 23.96
C PHE D 551 37.41 -28.95 24.79
N ILE D 552 38.51 -28.37 24.29
CA ILE D 552 39.15 -27.27 25.01
C ILE D 552 38.31 -26.00 24.92
N ARG D 553 37.63 -25.80 23.79
CA ARG D 553 36.73 -24.65 23.66
C ARG D 553 35.54 -24.77 24.60
N ASP D 554 34.98 -25.97 24.73
CA ASP D 554 33.81 -26.21 25.56
C ASP D 554 34.13 -26.32 27.05
N SER D 555 35.32 -25.90 27.46
CA SER D 555 35.76 -25.96 28.85
C SER D 555 36.31 -24.62 29.30
N GLN D 556 35.57 -23.55 29.01
CA GLN D 556 35.97 -22.21 29.40
C GLN D 556 34.79 -21.43 29.99
N PRO D 559 32.17 -18.07 32.03
CA PRO D 559 32.74 -17.13 33.00
C PRO D 559 32.16 -15.73 32.87
N LYS D 560 30.88 -15.59 33.17
CA LYS D 560 30.20 -14.31 33.05
C LYS D 560 30.61 -13.38 34.18
N PRO D 561 31.29 -12.27 33.90
CA PRO D 561 31.69 -11.36 34.98
C PRO D 561 30.51 -10.58 35.52
N VAL D 562 30.64 -10.15 36.77
CA VAL D 562 29.57 -9.43 37.46
C VAL D 562 29.75 -7.93 37.21
N PRO D 563 28.69 -7.22 36.84
CA PRO D 563 28.80 -5.77 36.66
C PRO D 563 28.80 -5.03 37.98
N ASP D 564 29.36 -3.82 37.94
CA ASP D 564 29.39 -2.92 39.09
C ASP D 564 28.31 -1.86 38.87
N LYS D 565 27.22 -1.97 39.62
CA LYS D 565 26.05 -1.11 39.41
C LYS D 565 26.29 0.35 39.77
N GLU D 566 27.36 0.65 40.51
CA GLU D 566 27.62 2.03 40.91
C GLU D 566 27.97 2.89 39.71
N ASN D 567 27.57 4.15 39.78
CA ASN D 567 27.83 5.09 38.68
C ASN D 567 29.29 5.49 38.66
N LYS D 568 29.79 5.78 37.46
CA LYS D 568 31.18 6.18 37.26
C LYS D 568 31.23 7.46 36.45
N LYS D 569 32.39 8.11 36.49
CA LYS D 569 32.62 9.37 35.79
C LYS D 569 33.51 9.14 34.57
N LEU D 570 33.26 9.91 33.51
CA LEU D 570 34.04 9.83 32.28
C LEU D 570 34.62 11.22 32.00
N LEU D 571 35.95 11.28 31.87
CA LEU D 571 36.65 12.53 31.64
C LEU D 571 37.51 12.43 30.39
N CYS D 572 37.74 13.57 29.75
CA CYS D 572 38.62 13.63 28.59
C CYS D 572 40.05 13.31 29.02
N ARG D 573 40.70 12.39 28.29
CA ARG D 573 42.04 11.97 28.67
C ARG D 573 43.07 13.08 28.53
N LYS D 574 42.76 14.15 27.78
CA LYS D 574 43.72 15.22 27.57
C LYS D 574 43.59 16.36 28.57
N CYS D 575 42.36 16.69 28.98
CA CYS D 575 42.14 17.82 29.86
C CYS D 575 41.29 17.49 31.08
N LYS D 576 40.93 16.22 31.28
CA LYS D 576 40.19 15.75 32.45
C LYS D 576 38.82 16.41 32.61
N ALA D 577 38.33 17.09 31.58
CA ALA D 577 37.02 17.73 31.68
C ALA D 577 35.92 16.68 31.64
N LEU D 578 34.79 17.01 32.26
CA LEU D 578 33.69 16.07 32.36
C LEU D 578 33.04 15.85 31.00
N ALA D 579 32.90 14.58 30.61
CA ALA D 579 32.20 14.21 29.40
C ALA D 579 30.76 13.78 29.69
N CYS D 580 30.59 12.76 30.53
CA CYS D 580 29.27 12.27 30.92
C CYS D 580 29.46 11.31 32.08
N TYR D 581 28.33 10.89 32.65
CA TYR D 581 28.30 9.86 33.67
C TYR D 581 27.81 8.55 33.05
N THR D 582 28.33 7.43 33.57
CA THR D 582 28.00 6.13 32.99
C THR D 582 26.51 5.85 33.00
N ALA D 583 25.73 6.59 33.80
CA ALA D 583 24.27 6.49 33.71
C ALA D 583 23.73 7.00 32.39
N ASP D 584 24.47 7.88 31.72
CA ASP D 584 24.05 8.43 30.43
C ASP D 584 24.45 7.55 29.26
N VAL D 585 25.19 6.48 29.49
CA VAL D 585 25.70 5.62 28.42
C VAL D 585 24.68 4.54 28.11
N ARG D 586 24.38 4.36 26.83
CA ARG D 586 23.49 3.31 26.35
C ARG D 586 24.23 2.44 25.35
N VAL D 587 24.03 1.13 25.44
CA VAL D 587 24.72 0.16 24.61
C VAL D 587 23.83 -0.19 23.42
N ILE D 588 24.41 -0.15 22.23
CA ILE D 588 23.68 -0.39 20.99
C ILE D 588 24.21 -1.68 20.35
N GLU D 589 23.31 -2.63 20.10
CA GLU D 589 23.65 -3.90 19.46
C GLU D 589 24.80 -4.61 20.21
N GLU D 590 24.87 -4.38 21.52
CA GLU D 590 25.84 -4.97 22.44
C GLU D 590 27.27 -4.58 22.14
N CYS D 591 27.52 -3.64 21.24
CA CYS D 591 28.90 -3.29 20.91
C CYS D 591 29.16 -1.78 20.93
N HIS D 592 28.14 -0.98 20.61
CA HIS D 592 28.33 0.46 20.42
C HIS D 592 27.70 1.23 21.59
N TYR D 593 28.38 2.29 22.01
CA TYR D 593 28.05 3.01 23.24
C TYR D 593 27.78 4.46 22.92
N THR D 594 26.59 4.94 23.28
CA THR D 594 26.17 6.31 22.99
C THR D 594 25.76 7.00 24.29
N VAL D 595 25.69 8.34 24.23
CA VAL D 595 25.41 9.17 25.39
C VAL D 595 24.13 9.95 25.13
N LEU D 596 23.32 10.12 26.17
CA LEU D 596 22.08 10.89 26.12
C LEU D 596 22.25 12.20 26.88
N GLY D 597 21.18 13.00 26.90
CA GLY D 597 21.18 14.24 27.64
C GLY D 597 21.78 15.41 26.89
N ASP D 598 21.10 16.57 26.95
CA ASP D 598 21.60 17.76 26.27
C ASP D 598 22.88 18.30 26.89
N ALA D 599 23.18 17.92 28.14
CA ALA D 599 24.43 18.36 28.76
C ALA D 599 25.64 17.85 28.00
N PHE D 600 25.54 16.68 27.37
CA PHE D 600 26.64 16.15 26.59
C PHE D 600 26.81 16.90 25.27
N LYS D 601 25.73 17.46 24.74
CA LYS D 601 25.80 18.14 23.45
C LYS D 601 26.74 19.35 23.51
N GLU D 602 26.66 20.14 24.57
CA GLU D 602 27.53 21.30 24.74
C GLU D 602 28.89 20.93 25.35
N CYS D 603 29.26 19.65 25.30
CA CYS D 603 30.57 19.20 25.77
C CYS D 603 31.53 18.87 24.64
N PHE D 604 31.05 18.74 23.40
CA PHE D 604 31.89 18.33 22.29
C PHE D 604 31.65 19.22 21.08
N VAL D 605 32.71 19.40 20.30
CA VAL D 605 32.61 19.98 18.97
C VAL D 605 32.73 18.84 17.96
N SER D 606 32.44 19.15 16.69
CA SER D 606 32.44 18.11 15.68
C SER D 606 32.97 18.65 14.35
N ARG D 607 33.75 17.82 13.66
CA ARG D 607 34.23 18.00 12.31
C ARG D 607 33.71 16.87 11.42
N PRO D 608 33.43 17.16 10.15
CA PRO D 608 32.90 16.11 9.28
C PRO D 608 33.90 14.97 9.11
N HIS D 609 33.37 13.75 9.07
CA HIS D 609 34.22 12.56 9.02
C HIS D 609 34.88 12.45 7.66
N PRO D 610 36.19 12.19 7.59
CA PRO D 610 36.86 12.14 6.28
C PRO D 610 36.66 10.84 5.51
N LYS D 611 36.34 9.73 6.19
CA LYS D 611 36.14 8.43 5.56
C LYS D 611 34.73 7.95 5.86
N PRO D 612 33.72 8.51 5.19
CA PRO D 612 32.33 8.17 5.52
C PRO D 612 31.92 6.79 5.01
N LYS D 613 32.43 5.74 5.65
CA LYS D 613 31.96 4.39 5.37
C LYS D 613 30.66 4.13 6.13
N GLN D 614 30.02 3.01 5.81
CA GLN D 614 28.71 2.67 6.37
C GLN D 614 28.74 1.22 6.83
N PHE D 615 28.46 0.99 8.11
CA PHE D 615 28.41 -0.34 8.69
C PHE D 615 26.98 -0.60 9.20
N SER D 616 26.84 -1.64 10.02
CA SER D 616 25.61 -2.41 10.21
C SER D 616 24.33 -1.58 10.18
N SER D 617 24.27 -0.54 11.02
CA SER D 617 23.10 0.34 11.01
C SER D 617 23.51 1.80 11.14
N PHE D 618 24.79 2.12 10.95
CA PHE D 618 25.33 3.43 11.24
C PHE D 618 25.96 4.01 9.97
N GLU D 619 25.86 5.33 9.84
CA GLU D 619 26.46 6.05 8.72
C GLU D 619 27.36 7.14 9.29
N LYS D 620 28.65 7.05 8.99
CA LYS D 620 29.61 8.00 9.56
C LYS D 620 29.36 9.39 9.02
N ARG D 621 29.01 10.32 9.93
CA ARG D 621 28.73 11.71 9.58
C ARG D 621 29.85 12.65 9.97
N ALA D 622 30.36 12.54 11.19
CA ALA D 622 31.33 13.51 11.68
C ALA D 622 32.19 12.89 12.77
N LYS D 623 33.35 13.49 13.00
CA LYS D 623 34.20 13.18 14.14
C LYS D 623 33.95 14.19 15.23
N ILE D 624 33.91 13.72 16.48
CA ILE D 624 33.65 14.59 17.63
C ILE D 624 34.92 14.69 18.47
N PHE D 625 35.12 15.87 19.06
CA PHE D 625 36.30 16.17 19.86
C PHE D 625 35.88 16.86 21.14
N CYS D 626 36.85 17.05 22.03
CA CYS D 626 36.58 17.80 23.25
C CYS D 626 36.45 19.28 22.95
N ALA D 627 35.45 19.92 23.54
CA ALA D 627 35.15 21.32 23.25
C ALA D 627 35.87 22.30 24.16
N ARG D 628 36.43 21.84 25.27
CA ARG D 628 37.00 22.74 26.26
C ARG D 628 38.43 23.13 25.90
N GLN D 629 38.75 24.41 26.07
CA GLN D 629 40.10 24.97 26.02
C GLN D 629 40.81 24.70 24.69
N ASN D 630 40.09 24.27 23.66
CA ASN D 630 40.68 23.92 22.36
C ASN D 630 41.78 22.86 22.53
N CYS D 631 41.57 21.94 23.47
CA CYS D 631 42.43 20.76 23.53
C CYS D 631 42.09 19.79 22.42
N SER D 632 40.80 19.67 22.09
CA SER D 632 40.32 19.02 20.87
C SER D 632 40.76 17.56 20.80
N HIS D 633 40.67 16.86 21.92
CA HIS D 633 41.00 15.44 21.94
C HIS D 633 39.90 14.62 21.27
N ASP D 634 40.31 13.69 20.42
CA ASP D 634 39.35 12.85 19.70
C ASP D 634 38.54 12.01 20.67
N TRP D 635 37.22 12.13 20.58
CA TRP D 635 36.30 11.40 21.46
C TRP D 635 35.54 10.28 20.77
N GLY D 636 35.23 10.43 19.48
CA GLY D 636 34.48 9.41 18.77
C GLY D 636 33.94 9.94 17.47
N ILE D 637 32.78 9.41 17.07
CA ILE D 637 32.12 9.81 15.83
C ILE D 637 30.64 10.07 16.11
N HIS D 638 30.05 10.89 15.25
CA HIS D 638 28.62 11.11 15.23
C HIS D 638 28.04 10.40 14.01
N VAL D 639 27.08 9.51 14.24
CA VAL D 639 26.58 8.64 13.18
C VAL D 639 25.13 8.96 12.87
N LYS D 640 24.58 8.28 11.86
CA LYS D 640 23.16 8.32 11.53
C LYS D 640 22.61 6.92 11.79
N TYR D 641 21.98 6.74 12.95
CA TYR D 641 21.39 5.46 13.32
C TYR D 641 20.06 5.31 12.57
N LYS D 642 19.22 4.36 13.01
CA LYS D 642 17.98 4.04 12.31
C LYS D 642 17.19 5.31 11.94
N THR D 643 16.79 6.08 12.95
CA THR D 643 16.08 7.34 12.72
C THR D 643 16.86 8.54 13.21
N PHE D 644 17.25 8.57 14.48
CA PHE D 644 17.88 9.74 15.06
C PHE D 644 19.35 9.80 14.66
N GLU D 645 20.03 10.86 15.12
CA GLU D 645 21.46 11.06 14.87
C GLU D 645 22.15 11.22 16.21
N ILE D 646 23.05 10.29 16.52
CA ILE D 646 23.63 10.17 17.86
C ILE D 646 25.15 10.20 17.74
N PRO D 647 25.83 10.58 18.82
CA PRO D 647 27.28 10.40 18.87
C PRO D 647 27.64 9.03 19.41
N VAL D 648 28.70 8.45 18.84
CA VAL D 648 29.25 7.18 19.29
C VAL D 648 30.68 7.42 19.74
N ILE D 649 30.96 7.13 21.00
CA ILE D 649 32.26 7.41 21.59
C ILE D 649 32.99 6.09 21.86
N LYS D 650 34.28 6.20 22.15
CA LYS D 650 35.13 5.08 22.48
C LYS D 650 35.79 5.31 23.84
N ILE D 651 35.73 4.30 24.70
CA ILE D 651 36.34 4.40 26.03
C ILE D 651 37.83 4.64 25.93
N GLU D 652 38.45 4.26 24.81
CA GLU D 652 39.85 4.56 24.55
C GLU D 652 40.18 6.04 24.71
N SER D 653 39.20 6.92 24.54
CA SER D 653 39.42 8.36 24.58
C SER D 653 39.18 8.97 25.96
N PHE D 654 38.61 8.23 26.89
CA PHE D 654 38.22 8.79 28.19
C PHE D 654 38.91 8.04 29.32
N VAL D 655 38.74 8.58 30.52
CA VAL D 655 39.25 7.96 31.76
C VAL D 655 38.08 7.76 32.71
N VAL D 656 37.98 6.56 33.27
CA VAL D 656 36.87 6.20 34.15
C VAL D 656 37.28 6.55 35.58
N GLU D 657 36.64 7.58 36.13
CA GLU D 657 36.85 8.00 37.51
C GLU D 657 35.69 7.54 38.38
N ASP D 658 35.99 6.99 39.54
CA ASP D 658 34.96 6.59 40.48
C ASP D 658 34.41 7.82 41.19
N ILE D 659 33.16 7.72 41.62
CA ILE D 659 32.47 8.88 42.21
C ILE D 659 32.99 9.16 43.61
N ALA D 660 32.83 8.19 44.51
CA ALA D 660 33.18 8.42 45.92
C ALA D 660 34.69 8.35 46.13
N THR D 661 35.32 7.26 45.69
CA THR D 661 36.75 7.07 45.96
C THR D 661 37.61 8.00 45.11
N GLY D 662 37.14 8.38 43.93
CA GLY D 662 37.94 9.19 43.03
C GLY D 662 39.02 8.43 42.28
N VAL D 663 38.97 7.11 42.27
CA VAL D 663 39.97 6.31 41.57
C VAL D 663 39.71 6.38 40.08
N GLN D 664 40.74 6.74 39.32
CA GLN D 664 40.63 6.89 37.87
C GLN D 664 41.24 5.68 37.18
N THR D 665 40.47 5.05 36.32
CA THR D 665 40.87 3.81 35.64
C THR D 665 40.84 4.01 34.13
N LEU D 666 41.70 3.26 33.44
CA LEU D 666 41.80 3.30 31.99
C LEU D 666 41.34 1.99 31.39
N TYR D 667 40.68 2.07 30.23
CA TYR D 667 40.18 0.89 29.54
C TYR D 667 40.37 1.07 28.04
N SER D 668 40.93 0.06 27.38
CA SER D 668 41.21 0.13 25.95
C SER D 668 40.01 -0.30 25.11
N LYS D 669 39.16 -1.19 25.62
CA LYS D 669 38.00 -1.68 24.90
C LYS D 669 36.80 -1.69 25.84
N TRP D 670 35.61 -1.54 25.26
CA TRP D 670 34.40 -1.53 26.06
C TRP D 670 34.15 -2.89 26.73
N LYS D 671 34.53 -3.99 26.05
CA LYS D 671 34.35 -5.31 26.63
C LYS D 671 35.20 -5.52 27.88
N ASP D 672 36.24 -4.70 28.07
CA ASP D 672 37.06 -4.78 29.27
C ASP D 672 36.52 -3.94 30.42
N PHE D 673 35.63 -2.99 30.13
CA PHE D 673 35.07 -2.10 31.16
C PHE D 673 33.72 -2.66 31.58
N HIS D 674 33.74 -3.54 32.58
CA HIS D 674 32.53 -4.17 33.08
C HIS D 674 31.81 -3.21 34.03
N PHE D 675 30.55 -2.89 33.72
CA PHE D 675 29.74 -2.03 34.55
C PHE D 675 28.27 -2.30 34.23
N GLU D 676 27.38 -1.50 34.82
CA GLU D 676 25.95 -1.63 34.58
C GLU D 676 25.64 -1.08 33.19
N LYS D 677 25.93 -1.89 32.18
CA LYS D 677 25.73 -1.49 30.79
C LYS D 677 24.23 -1.51 30.47
N ILE D 678 23.65 -0.33 30.30
CA ILE D 678 22.21 -0.23 30.02
C ILE D 678 22.01 -0.42 28.51
N PRO D 679 21.14 -1.34 28.09
CA PRO D 679 20.81 -1.44 26.68
C PRO D 679 20.09 -0.18 26.21
N PHE D 680 20.37 0.21 24.97
CA PHE D 680 19.77 1.42 24.39
C PHE D 680 18.28 1.22 24.13
N LYS F 4 7.52 18.71 33.96
CA LYS F 4 8.14 17.42 33.67
C LYS F 4 7.23 16.27 34.07
N PRO F 5 7.14 15.25 33.23
CA PRO F 5 6.30 14.10 33.55
C PRO F 5 6.84 13.31 34.73
N ARG F 6 5.92 12.76 35.52
CA ARG F 6 6.31 12.00 36.69
C ARG F 6 6.75 10.59 36.29
N ASN F 7 7.47 9.94 37.19
CA ASN F 7 8.06 8.63 36.88
C ASN F 7 7.01 7.53 36.74
N TYR F 8 5.82 7.69 37.32
CA TYR F 8 4.77 6.72 37.06
C TYR F 8 4.08 6.99 35.74
N GLN F 9 4.11 8.23 35.25
CA GLN F 9 3.58 8.52 33.93
C GLN F 9 4.48 7.95 32.84
N LEU F 10 5.80 7.97 33.07
CA LEU F 10 6.71 7.31 32.13
C LEU F 10 6.54 5.81 32.17
N GLU F 11 6.37 5.24 33.36
CA GLU F 11 6.20 3.80 33.50
C GLU F 11 4.95 3.32 32.77
N LEU F 12 3.84 4.07 32.91
CA LEU F 12 2.60 3.69 32.22
C LEU F 12 2.73 3.81 30.72
N ALA F 13 3.53 4.77 30.24
CA ALA F 13 3.72 4.97 28.81
C ALA F 13 4.82 4.10 28.22
N LEU F 14 5.64 3.45 29.06
CA LEU F 14 6.77 2.68 28.56
C LEU F 14 6.34 1.49 27.69
N PRO F 15 5.38 0.66 28.08
CA PRO F 15 4.97 -0.43 27.17
C PRO F 15 4.39 0.06 25.86
N ALA F 16 3.71 1.21 25.87
CA ALA F 16 3.15 1.73 24.62
C ALA F 16 4.25 2.29 23.72
N MET F 17 5.22 3.00 24.29
CA MET F 17 6.32 3.54 23.51
C MET F 17 7.23 2.46 22.92
N LYS F 18 7.11 1.22 23.39
CA LYS F 18 7.82 0.10 22.81
C LYS F 18 7.07 -0.54 21.65
N GLY F 19 5.96 0.05 21.22
CA GLY F 19 5.16 -0.48 20.13
C GLY F 19 4.14 -1.52 20.53
N LYS F 20 4.06 -1.88 21.81
CA LYS F 20 3.13 -2.90 22.24
C LYS F 20 1.74 -2.31 22.48
N ASN F 21 0.71 -3.07 22.09
CA ASN F 21 -0.66 -2.65 22.27
C ASN F 21 -1.03 -2.82 23.74
N THR F 22 -1.30 -1.70 24.42
CA THR F 22 -1.37 -1.68 25.87
C THR F 22 -2.73 -1.16 26.36
N ILE F 23 -3.18 -1.72 27.48
CA ILE F 23 -4.25 -1.16 28.27
C ILE F 23 -3.62 -0.52 29.50
N ILE F 24 -3.93 0.75 29.74
CA ILE F 24 -3.31 1.53 30.80
C ILE F 24 -4.35 1.72 31.89
N CYS F 25 -4.20 0.97 32.98
CA CYS F 25 -5.09 1.06 34.14
C CYS F 25 -4.37 1.85 35.23
N ALA F 26 -4.98 2.94 35.68
CA ALA F 26 -4.35 3.84 36.63
C ALA F 26 -5.43 4.63 37.34
N PRO F 27 -5.20 5.09 38.57
CA PRO F 27 -6.25 5.77 39.33
C PRO F 27 -6.75 7.04 38.64
N THR F 28 -7.96 7.45 39.02
CA THR F 28 -8.59 8.61 38.41
C THR F 28 -7.86 9.88 38.84
N GLY F 29 -7.58 10.75 37.87
CA GLY F 29 -6.89 11.99 38.15
C GLY F 29 -5.39 11.89 38.26
N CYS F 30 -4.81 10.72 37.95
CA CYS F 30 -3.36 10.55 38.03
C CYS F 30 -2.61 11.20 36.88
N GLY F 31 -3.32 11.74 35.89
CA GLY F 31 -2.66 12.39 34.77
C GLY F 31 -2.50 11.50 33.54
N LYS F 32 -3.58 10.83 33.14
CA LYS F 32 -3.53 10.02 31.93
C LYS F 32 -3.44 10.89 30.67
N THR F 33 -3.93 12.13 30.75
CA THR F 33 -3.80 13.05 29.61
C THR F 33 -2.34 13.29 29.27
N PHE F 34 -1.50 13.44 30.30
CA PHE F 34 -0.06 13.57 30.07
C PHE F 34 0.52 12.29 29.49
N VAL F 35 -0.04 11.13 29.86
CA VAL F 35 0.49 9.86 29.37
C VAL F 35 0.28 9.75 27.86
N SER F 36 -0.94 10.03 27.39
CA SER F 36 -1.24 9.90 25.97
C SER F 36 -0.35 10.81 25.13
N LEU F 37 -0.14 12.04 25.58
CA LEU F 37 0.72 12.97 24.84
C LEU F 37 2.13 12.40 24.69
N LEU F 38 2.66 11.80 25.75
CA LEU F 38 3.99 11.19 25.67
C LEU F 38 3.99 10.02 24.69
N ILE F 39 2.98 9.16 24.78
CA ILE F 39 2.85 8.06 23.83
C ILE F 39 2.69 8.61 22.41
N CYS F 40 1.85 9.63 22.24
CA CYS F 40 1.61 10.19 20.92
C CYS F 40 2.84 10.93 20.40
N GLU F 41 3.51 11.69 21.27
CA GLU F 41 4.70 12.42 20.83
C GLU F 41 5.83 11.45 20.44
N HIS F 42 6.02 10.39 21.22
CA HIS F 42 7.03 9.41 20.87
C HIS F 42 6.66 8.61 19.63
N HIS F 43 5.37 8.36 19.43
CA HIS F 43 4.93 7.59 18.26
C HIS F 43 5.21 8.34 16.96
N LEU F 44 5.18 9.67 16.99
CA LEU F 44 5.37 10.45 15.78
C LEU F 44 6.83 10.81 15.51
N LYS F 45 7.69 10.75 16.52
CA LYS F 45 9.10 11.03 16.35
C LYS F 45 9.92 9.79 16.03
N LYS F 46 9.30 8.62 15.94
CA LYS F 46 10.00 7.38 15.65
C LYS F 46 10.06 7.06 14.17
N PHE F 47 9.33 7.79 13.33
CA PHE F 47 9.19 7.41 11.93
C PHE F 47 10.38 7.88 11.11
N PRO F 48 10.69 7.18 10.01
CA PRO F 48 11.81 7.59 9.15
C PRO F 48 11.53 8.88 8.39
N GLN F 49 12.47 9.26 7.51
CA GLN F 49 12.34 10.49 6.75
C GLN F 49 11.15 10.45 5.80
N GLY F 50 10.96 9.31 5.12
CA GLY F 50 9.91 9.23 4.12
C GLY F 50 8.54 8.88 4.66
N GLN F 51 8.47 8.31 5.86
CA GLN F 51 7.21 7.88 6.44
C GLN F 51 6.71 8.90 7.47
N LYS F 52 5.43 8.77 7.80
CA LYS F 52 4.80 9.60 8.83
C LYS F 52 3.66 8.83 9.45
N GLY F 53 3.26 9.25 10.65
CA GLY F 53 2.23 8.55 11.39
C GLY F 53 0.93 9.32 11.52
N LYS F 54 -0.17 8.60 11.74
CA LYS F 54 -1.49 9.19 11.88
C LYS F 54 -2.15 8.64 13.14
N VAL F 55 -2.53 9.53 14.06
CA VAL F 55 -3.08 9.16 15.35
C VAL F 55 -4.54 9.57 15.40
N VAL F 56 -5.38 8.72 16.00
CA VAL F 56 -6.78 9.03 16.26
C VAL F 56 -7.02 8.87 17.75
N PHE F 57 -7.69 9.86 18.34
CA PHE F 57 -8.05 9.85 19.75
C PHE F 57 -9.56 9.82 19.87
N PHE F 58 -10.07 8.88 20.66
CA PHE F 58 -11.51 8.69 20.81
C PHE F 58 -11.97 9.26 22.15
N ALA F 59 -13.05 10.03 22.12
CA ALA F 59 -13.68 10.57 23.32
C ALA F 59 -15.18 10.29 23.25
N ASN F 60 -15.76 9.94 24.39
CA ASN F 60 -17.16 9.54 24.42
C ASN F 60 -18.13 10.69 24.66
N GLN F 61 -17.66 11.81 25.19
CA GLN F 61 -18.51 12.96 25.45
C GLN F 61 -17.98 14.18 24.71
N ILE F 62 -18.90 15.09 24.36
CA ILE F 62 -18.51 16.35 23.72
C ILE F 62 -17.58 17.16 24.60
N PRO F 63 -17.82 17.31 25.92
CA PRO F 63 -16.83 18.04 26.74
C PRO F 63 -15.43 17.43 26.69
N VAL F 64 -15.32 16.10 26.74
CA VAL F 64 -14.00 15.48 26.66
C VAL F 64 -13.41 15.66 25.27
N TYR F 65 -14.25 15.62 24.23
CA TYR F 65 -13.79 15.91 22.88
C TYR F 65 -13.24 17.33 22.79
N GLU F 66 -13.98 18.31 23.31
CA GLU F 66 -13.52 19.69 23.26
C GLU F 66 -12.25 19.89 24.08
N GLN F 67 -12.16 19.19 25.23
CA GLN F 67 -10.99 19.34 26.08
C GLN F 67 -9.75 18.75 25.43
N GLN F 68 -9.84 17.49 24.99
CA GLN F 68 -8.67 16.81 24.43
C GLN F 68 -8.18 17.50 23.17
N LYS F 69 -9.11 17.98 22.33
CA LYS F 69 -8.70 18.70 21.12
C LYS F 69 -7.92 19.95 21.47
N SER F 70 -8.21 20.57 22.62
CA SER F 70 -7.48 21.75 23.03
C SER F 70 -6.10 21.40 23.59
N VAL F 71 -6.02 20.35 24.40
CA VAL F 71 -4.74 19.97 24.99
C VAL F 71 -3.77 19.50 23.92
N PHE F 72 -4.25 18.70 22.96
CA PHE F 72 -3.38 18.17 21.93
C PHE F 72 -2.91 19.26 20.97
N SER F 73 -3.82 20.15 20.56
CA SER F 73 -3.48 21.16 19.55
C SER F 73 -2.44 22.14 20.05
N LYS F 74 -2.41 22.42 21.35
CA LYS F 74 -1.38 23.30 21.90
C LYS F 74 -0.07 22.58 22.13
N TYR F 75 -0.09 21.25 22.24
CA TYR F 75 1.11 20.46 22.52
C TYR F 75 1.85 20.04 21.25
N PHE F 76 1.14 19.89 20.13
CA PHE F 76 1.74 19.34 18.92
C PHE F 76 1.84 20.32 17.76
N GLU F 77 1.14 21.46 17.82
CA GLU F 77 1.27 22.45 16.75
C GLU F 77 2.71 22.96 16.64
N ARG F 78 3.32 23.26 17.79
CA ARG F 78 4.71 23.75 17.80
C ARG F 78 5.70 22.71 17.29
N HIS F 79 5.34 21.43 17.32
CA HIS F 79 6.22 20.37 16.86
C HIS F 79 6.05 20.04 15.38
N GLY F 80 5.16 20.74 14.68
CA GLY F 80 4.97 20.53 13.27
C GLY F 80 3.87 19.57 12.89
N TYR F 81 3.07 19.09 13.85
CA TYR F 81 2.00 18.15 13.61
C TYR F 81 0.66 18.85 13.68
N ARG F 82 -0.21 18.55 12.72
CA ARG F 82 -1.52 19.19 12.62
C ARG F 82 -2.54 18.44 13.46
N VAL F 83 -3.26 19.17 14.30
CA VAL F 83 -4.28 18.60 15.19
C VAL F 83 -5.64 19.14 14.76
N THR F 84 -6.62 18.24 14.70
CA THR F 84 -7.99 18.63 14.38
C THR F 84 -8.92 17.57 14.96
N GLY F 85 -10.23 17.83 14.86
CA GLY F 85 -11.22 16.92 15.38
C GLY F 85 -12.52 17.02 14.62
N ILE F 86 -13.30 15.93 14.69
CA ILE F 86 -14.61 15.86 14.08
C ILE F 86 -15.58 15.32 15.12
N SER F 87 -16.64 16.08 15.39
CA SER F 87 -17.72 15.67 16.27
C SER F 87 -19.02 15.63 15.46
N GLY F 88 -20.14 15.41 16.16
CA GLY F 88 -21.42 15.35 15.50
C GLY F 88 -21.86 16.65 14.85
N ALA F 89 -21.26 17.78 15.26
CA ALA F 89 -21.65 19.07 14.71
C ALA F 89 -21.03 19.30 13.33
N THR F 90 -19.75 18.99 13.17
CA THR F 90 -19.02 19.25 11.94
C THR F 90 -18.79 18.00 11.10
N ALA F 91 -19.66 17.01 11.23
CA ALA F 91 -19.49 15.74 10.53
C ALA F 91 -20.19 15.69 9.18
N GLU F 92 -21.08 16.64 8.90
CA GLU F 92 -21.90 16.60 7.69
C GLU F 92 -21.33 17.54 6.64
N ASN F 93 -21.43 17.12 5.37
CA ASN F 93 -21.00 17.93 4.23
C ASN F 93 -19.52 18.26 4.28
N VAL F 94 -18.71 17.39 4.89
CA VAL F 94 -17.27 17.60 4.97
C VAL F 94 -16.56 16.42 4.32
N PRO F 95 -15.46 16.65 3.60
CA PRO F 95 -14.70 15.52 3.04
C PRO F 95 -13.89 14.81 4.11
N VAL F 96 -14.55 13.90 4.84
CA VAL F 96 -13.92 13.21 5.96
C VAL F 96 -12.63 12.51 5.52
N GLU F 97 -12.59 12.02 4.28
CA GLU F 97 -11.38 11.37 3.77
C GLU F 97 -10.20 12.33 3.77
N GLN F 98 -10.40 13.55 3.24
CA GLN F 98 -9.31 14.51 3.14
C GLN F 98 -8.87 15.01 4.51
N ILE F 99 -9.83 15.27 5.41
CA ILE F 99 -9.49 15.78 6.74
C ILE F 99 -8.59 14.80 7.47
N VAL F 100 -8.90 13.50 7.39
CA VAL F 100 -8.04 12.49 7.99
C VAL F 100 -6.69 12.46 7.29
N GLU F 101 -6.69 12.62 5.96
CA GLU F 101 -5.45 12.53 5.21
C GLU F 101 -4.56 13.74 5.41
N ASN F 102 -5.14 14.91 5.68
CA ASN F 102 -4.38 16.14 5.77
C ASN F 102 -3.91 16.49 7.18
N ASN F 103 -4.44 15.81 8.20
CA ASN F 103 -4.05 16.06 9.58
C ASN F 103 -3.39 14.82 10.16
N ASP F 104 -2.52 15.05 11.15
CA ASP F 104 -1.76 13.97 11.76
C ASP F 104 -2.42 13.40 13.01
N ILE F 105 -3.18 14.23 13.73
CA ILE F 105 -3.90 13.79 14.92
C ILE F 105 -5.36 14.18 14.77
N ILE F 106 -6.25 13.23 14.98
CA ILE F 106 -7.69 13.43 14.78
C ILE F 106 -8.39 12.99 16.07
N ILE F 107 -8.69 13.96 16.94
CA ILE F 107 -9.54 13.68 18.10
C ILE F 107 -10.95 13.44 17.60
N LEU F 108 -11.48 12.24 17.84
CA LEU F 108 -12.66 11.77 17.14
C LEU F 108 -13.70 11.25 18.12
N THR F 109 -14.97 11.49 17.79
CA THR F 109 -16.06 10.78 18.44
C THR F 109 -16.25 9.43 17.75
N PRO F 110 -16.32 8.33 18.49
CA PRO F 110 -16.30 7.01 17.85
C PRO F 110 -17.40 6.80 16.83
N GLN F 111 -18.59 7.38 17.04
CA GLN F 111 -19.68 7.18 16.09
C GLN F 111 -19.35 7.77 14.73
N ILE F 112 -18.48 8.79 14.68
CA ILE F 112 -18.06 9.35 13.39
C ILE F 112 -17.33 8.30 12.58
N LEU F 113 -16.41 7.57 13.23
CA LEU F 113 -15.65 6.55 12.51
C LEU F 113 -16.52 5.37 12.10
N VAL F 114 -17.43 4.94 12.98
CA VAL F 114 -18.32 3.83 12.65
C VAL F 114 -19.17 4.18 11.43
N ASN F 115 -19.73 5.40 11.40
CA ASN F 115 -20.55 5.81 10.27
C ASN F 115 -19.73 5.95 8.99
N ASN F 116 -18.47 6.40 9.11
CA ASN F 116 -17.62 6.56 7.94
C ASN F 116 -16.96 5.25 7.51
N LEU F 117 -16.89 4.26 8.39
CA LEU F 117 -16.42 2.94 7.98
C LEU F 117 -17.47 2.20 7.16
N LYS F 118 -18.75 2.41 7.47
CA LYS F 118 -19.81 1.77 6.69
C LYS F 118 -19.92 2.41 5.31
N LYS F 119 -19.89 3.74 5.24
CA LYS F 119 -20.06 4.46 3.98
C LYS F 119 -18.91 4.23 3.02
N GLY F 120 -17.80 3.67 3.46
CA GLY F 120 -16.66 3.45 2.60
C GLY F 120 -15.77 4.67 2.39
N THR F 121 -16.05 5.79 3.06
CA THR F 121 -15.17 6.95 2.95
C THR F 121 -13.79 6.63 3.52
N ILE F 122 -13.74 6.11 4.74
CA ILE F 122 -12.52 5.55 5.30
C ILE F 122 -12.43 4.12 4.80
N PRO F 123 -11.50 3.81 3.89
CA PRO F 123 -11.46 2.45 3.34
C PRO F 123 -11.15 1.38 4.37
N SER F 124 -10.10 1.58 5.17
CA SER F 124 -9.78 0.66 6.25
C SER F 124 -9.10 1.46 7.36
N LEU F 125 -8.95 0.81 8.52
CA LEU F 125 -8.26 1.45 9.64
C LEU F 125 -6.76 1.51 9.44
N SER F 126 -6.23 0.96 8.34
CA SER F 126 -4.81 1.03 8.06
C SER F 126 -4.32 2.46 7.85
N ILE F 127 -5.24 3.39 7.56
CA ILE F 127 -4.87 4.79 7.41
C ILE F 127 -4.26 5.33 8.69
N PHE F 128 -4.68 4.82 9.83
CA PHE F 128 -4.10 5.20 11.12
C PHE F 128 -2.95 4.27 11.47
N THR F 129 -1.95 4.83 12.15
CA THR F 129 -0.85 4.05 12.70
C THR F 129 -0.96 3.89 14.22
N LEU F 130 -1.86 4.63 14.86
CA LEU F 130 -2.04 4.55 16.30
C LEU F 130 -3.46 4.97 16.65
N MET F 131 -4.17 4.13 17.39
CA MET F 131 -5.50 4.43 17.89
C MET F 131 -5.48 4.45 19.41
N ILE F 132 -6.10 5.47 19.99
CA ILE F 132 -6.13 5.66 21.44
C ILE F 132 -7.59 5.70 21.88
N PHE F 133 -7.98 4.74 22.72
CA PHE F 133 -9.32 4.67 23.28
C PHE F 133 -9.30 5.25 24.69
N ASP F 134 -10.03 6.33 24.90
CA ASP F 134 -10.22 6.89 26.24
C ASP F 134 -11.42 6.20 26.89
N GLU F 135 -11.26 5.82 28.16
CA GLU F 135 -12.22 4.99 28.87
C GLU F 135 -12.47 3.69 28.10
N CYS F 136 -11.39 2.92 27.96
CA CYS F 136 -11.37 1.75 27.09
C CYS F 136 -12.27 0.63 27.58
N HIS F 137 -12.67 0.66 28.86
CA HIS F 137 -13.59 -0.35 29.36
C HIS F 137 -14.94 -0.30 28.66
N ASN F 138 -15.23 0.80 27.95
CA ASN F 138 -16.45 0.90 27.16
C ASN F 138 -16.45 -0.03 25.97
N THR F 139 -15.31 -0.67 25.64
CA THR F 139 -15.27 -1.61 24.53
C THR F 139 -16.03 -2.87 24.93
N SER F 140 -17.32 -2.89 24.63
CA SER F 140 -18.25 -3.84 25.24
C SER F 140 -19.34 -4.19 24.23
N LYS F 141 -20.46 -4.73 24.73
CA LYS F 141 -21.45 -5.42 23.92
C LYS F 141 -21.72 -4.75 22.57
N GLN F 142 -22.24 -3.51 22.58
CA GLN F 142 -22.59 -2.83 21.34
C GLN F 142 -22.11 -1.38 21.30
N HIS F 143 -21.18 -1.02 22.17
CA HIS F 143 -20.66 0.34 22.20
C HIS F 143 -19.86 0.63 20.92
N PRO F 144 -19.89 1.87 20.44
CA PRO F 144 -19.14 2.22 19.22
C PRO F 144 -17.67 1.87 19.28
N TYR F 145 -17.09 1.79 20.49
CA TYR F 145 -15.71 1.36 20.63
C TYR F 145 -15.52 -0.04 20.07
N ASN F 146 -16.41 -0.97 20.44
CA ASN F 146 -16.28 -2.36 19.99
C ASN F 146 -16.52 -2.47 18.49
N MET F 147 -17.49 -1.72 17.97
CA MET F 147 -17.76 -1.73 16.53
C MET F 147 -16.52 -1.32 15.75
N ILE F 148 -15.76 -0.36 16.27
CA ILE F 148 -14.51 0.03 15.63
C ILE F 148 -13.49 -1.11 15.73
N MET F 149 -13.41 -1.75 16.90
CA MET F 149 -12.48 -2.86 17.05
C MET F 149 -12.91 -4.09 16.27
N PHE F 150 -14.22 -4.25 16.05
CA PHE F 150 -14.69 -5.33 15.17
C PHE F 150 -14.10 -5.20 13.78
N ASN F 151 -14.06 -3.98 13.25
CA ASN F 151 -13.40 -3.75 11.96
C ASN F 151 -11.90 -4.00 12.07
N TYR F 152 -11.31 -3.73 13.23
CA TYR F 152 -9.87 -3.94 13.40
C TYR F 152 -9.54 -5.42 13.40
N LEU F 153 -10.41 -6.26 13.96
CA LEU F 153 -10.12 -7.69 14.06
C LEU F 153 -10.49 -8.44 12.79
N ASP F 154 -11.62 -8.11 12.18
CA ASP F 154 -12.00 -8.76 10.92
C ASP F 154 -10.96 -8.53 9.84
N GLN F 155 -10.33 -7.35 9.84
CA GLN F 155 -9.19 -7.13 8.94
C GLN F 155 -7.99 -7.96 9.37
N LYS F 156 -7.80 -8.12 10.69
CA LYS F 156 -6.66 -8.87 11.20
C LYS F 156 -6.87 -10.37 11.09
N LEU F 157 -7.98 -10.88 11.62
CA LEU F 157 -8.20 -12.32 11.67
C LEU F 157 -8.43 -12.90 10.29
N GLY F 158 -9.25 -12.24 9.47
CA GLY F 158 -9.52 -12.74 8.13
C GLY F 158 -8.28 -12.76 7.25
N GLY F 159 -8.41 -13.29 6.03
CA GLY F 159 -7.28 -13.32 5.12
C GLY F 159 -6.81 -11.96 4.67
N SER F 160 -7.45 -10.88 5.12
CA SER F 160 -7.06 -9.54 4.73
C SER F 160 -5.66 -9.21 5.24
N SER F 161 -4.81 -8.73 4.35
CA SER F 161 -3.48 -8.27 4.71
C SER F 161 -3.53 -6.77 4.98
N GLY F 162 -2.36 -6.14 5.09
CA GLY F 162 -2.29 -4.72 5.32
C GLY F 162 -1.89 -4.38 6.74
N PRO F 163 -1.16 -3.28 6.90
CA PRO F 163 -0.70 -2.90 8.24
C PRO F 163 -1.85 -2.46 9.13
N LEU F 164 -1.62 -2.56 10.44
CA LEU F 164 -2.63 -2.23 11.43
C LEU F 164 -2.07 -1.25 12.44
N PRO F 165 -2.92 -0.37 12.99
CA PRO F 165 -2.42 0.62 13.94
C PRO F 165 -2.23 0.06 15.34
N GLN F 166 -1.25 0.62 16.04
CA GLN F 166 -1.08 0.32 17.45
C GLN F 166 -2.31 0.79 18.23
N VAL F 167 -2.78 -0.04 19.14
CA VAL F 167 -4.00 0.22 19.89
C VAL F 167 -3.64 0.45 21.36
N ILE F 168 -4.08 1.57 21.91
CA ILE F 168 -3.84 1.93 23.30
C ILE F 168 -5.18 2.16 23.98
N GLY F 169 -5.28 1.72 25.23
CA GLY F 169 -6.50 1.92 26.01
C GLY F 169 -6.20 2.58 27.33
N LEU F 170 -7.08 3.49 27.73
CA LEU F 170 -6.93 4.24 28.97
C LEU F 170 -8.16 4.02 29.83
N THR F 171 -7.93 3.71 31.11
CA THR F 171 -9.04 3.49 32.03
C THR F 171 -8.49 3.54 33.46
N ALA F 172 -9.42 3.67 34.40
CA ALA F 172 -9.12 3.52 35.81
C ALA F 172 -9.56 2.16 36.35
N SER F 173 -10.31 1.39 35.57
CA SER F 173 -10.80 0.08 36.00
C SER F 173 -11.27 -0.68 34.76
N VAL F 174 -10.74 -1.89 34.56
CA VAL F 174 -11.21 -2.72 33.47
C VAL F 174 -12.50 -3.44 33.83
N GLY F 175 -12.78 -3.63 35.11
CA GLY F 175 -13.95 -4.35 35.54
C GLY F 175 -13.77 -5.86 35.44
N VAL F 176 -14.63 -6.58 36.16
CA VAL F 176 -14.63 -8.03 36.16
C VAL F 176 -15.96 -8.61 35.73
N GLY F 177 -16.95 -7.78 35.41
CA GLY F 177 -18.25 -8.31 35.02
C GLY F 177 -18.99 -8.90 36.20
N ASP F 178 -19.59 -10.06 35.98
CA ASP F 178 -20.33 -10.79 37.00
C ASP F 178 -19.49 -11.91 37.63
N ALA F 179 -18.18 -11.72 37.71
CA ALA F 179 -17.29 -12.78 38.16
C ALA F 179 -17.50 -13.09 39.64
N LYS F 180 -17.40 -14.38 39.98
CA LYS F 180 -17.51 -14.82 41.36
C LYS F 180 -16.17 -15.15 41.98
N ASN F 181 -15.17 -15.49 41.19
CA ASN F 181 -13.84 -15.82 41.69
C ASN F 181 -12.80 -15.21 40.77
N THR F 182 -11.53 -15.32 41.18
CA THR F 182 -10.44 -14.69 40.42
C THR F 182 -10.28 -15.32 39.05
N ASP F 183 -10.51 -16.62 38.93
CA ASP F 183 -10.41 -17.27 37.63
C ASP F 183 -11.47 -16.77 36.66
N GLU F 184 -12.65 -16.40 37.18
CA GLU F 184 -13.67 -15.79 36.33
C GLU F 184 -13.41 -14.31 36.11
N ALA F 185 -12.80 -13.63 37.07
CA ALA F 185 -12.39 -12.24 36.86
C ALA F 185 -11.29 -12.16 35.81
N LEU F 186 -10.31 -13.05 35.89
CA LEU F 186 -9.25 -13.09 34.87
C LEU F 186 -9.80 -13.43 33.51
N ASP F 187 -10.89 -14.21 33.45
CA ASP F 187 -11.51 -14.51 32.17
C ASP F 187 -12.07 -13.25 31.51
N TYR F 188 -12.83 -12.45 32.28
CA TYR F 188 -13.41 -11.23 31.72
C TYR F 188 -12.33 -10.24 31.31
N ILE F 189 -11.27 -10.11 32.11
CA ILE F 189 -10.21 -9.17 31.79
C ILE F 189 -9.50 -9.59 30.50
N CYS F 190 -9.34 -10.90 30.30
CA CYS F 190 -8.70 -11.38 29.07
C CYS F 190 -9.57 -11.12 27.86
N LYS F 191 -10.88 -11.23 28.00
CA LYS F 191 -11.78 -10.96 26.89
C LYS F 191 -11.76 -9.48 26.50
N LEU F 192 -11.73 -8.59 27.50
CA LEU F 192 -11.58 -7.17 27.20
C LEU F 192 -10.23 -6.87 26.57
N CYS F 193 -9.18 -7.57 27.02
CA CYS F 193 -7.88 -7.44 26.38
C CYS F 193 -7.94 -7.93 24.93
N ALA F 194 -8.78 -8.93 24.65
CA ALA F 194 -8.94 -9.40 23.29
C ALA F 194 -9.81 -8.46 22.46
N SER F 195 -10.76 -7.77 23.09
CA SER F 195 -11.58 -6.80 22.38
C SER F 195 -10.75 -5.62 21.89
N LEU F 196 -9.66 -5.31 22.60
CA LEU F 196 -8.78 -4.21 22.24
C LEU F 196 -7.45 -4.66 21.66
N ASP F 197 -7.30 -5.97 21.40
CA ASP F 197 -6.04 -6.53 20.89
C ASP F 197 -4.86 -6.12 21.77
N ALA F 198 -5.03 -6.34 23.07
CA ALA F 198 -4.07 -5.87 24.06
C ALA F 198 -3.06 -6.96 24.39
N SER F 199 -1.78 -6.62 24.29
CA SER F 199 -0.70 -7.53 24.65
C SER F 199 -0.11 -7.25 26.03
N VAL F 200 -0.29 -6.04 26.56
CA VAL F 200 0.23 -5.66 27.86
C VAL F 200 -0.84 -4.88 28.62
N ILE F 201 -0.82 -5.00 29.95
CA ILE F 201 -1.59 -4.15 30.84
C ILE F 201 -0.59 -3.38 31.68
N ALA F 202 -0.53 -2.07 31.49
CA ALA F 202 0.45 -1.21 32.14
C ALA F 202 -0.17 -0.61 33.40
N THR F 203 0.36 -0.98 34.56
CA THR F 203 -0.03 -0.40 35.84
C THR F 203 1.20 0.16 36.54
N VAL F 204 0.96 0.96 37.57
CA VAL F 204 2.04 1.56 38.34
C VAL F 204 2.48 0.55 39.40
N LYS F 205 3.71 0.07 39.27
CA LYS F 205 4.26 -0.91 40.21
C LYS F 205 5.50 -0.40 40.93
N HIS F 206 6.46 0.18 40.20
CA HIS F 206 7.70 0.62 40.80
C HIS F 206 7.59 2.00 41.45
N ASN F 207 6.65 2.83 41.01
CA ASN F 207 6.49 4.18 41.51
C ASN F 207 5.16 4.36 42.23
N LEU F 208 4.74 3.33 42.96
CA LEU F 208 3.51 3.42 43.74
C LEU F 208 3.60 4.53 44.78
N GLU F 209 4.74 4.63 45.47
CA GLU F 209 4.89 5.62 46.52
C GLU F 209 4.84 7.04 45.97
N GLU F 210 5.37 7.26 44.76
CA GLU F 210 5.21 8.55 44.12
C GLU F 210 3.75 8.80 43.76
N LEU F 211 3.05 7.76 43.31
CA LEU F 211 1.63 7.91 42.96
C LEU F 211 0.78 8.20 44.20
N GLU F 212 1.08 7.53 45.32
CA GLU F 212 0.29 7.71 46.53
C GLU F 212 0.48 9.08 47.16
N GLN F 213 1.55 9.78 46.82
CA GLN F 213 1.75 11.16 47.26
C GLN F 213 1.08 12.17 46.34
N VAL F 214 0.36 11.71 45.32
CA VAL F 214 -0.33 12.58 44.38
C VAL F 214 -1.84 12.35 44.40
N VAL F 215 -2.27 11.09 44.32
CA VAL F 215 -3.68 10.73 44.33
C VAL F 215 -3.94 9.91 45.58
N TYR F 216 -4.83 10.41 46.43
CA TYR F 216 -5.15 9.76 47.69
C TYR F 216 -6.50 9.05 47.60
N LYS F 217 -6.64 8.00 48.41
CA LYS F 217 -7.85 7.19 48.42
C LYS F 217 -8.75 7.66 49.56
N PRO F 218 -9.95 8.16 49.26
CA PRO F 218 -10.80 8.70 50.34
C PRO F 218 -11.33 7.61 51.25
N GLN F 219 -11.58 7.98 52.50
CA GLN F 219 -12.15 7.08 53.48
C GLN F 219 -13.64 6.91 53.21
N LYS F 220 -14.10 5.65 53.20
CA LYS F 220 -15.48 5.32 52.90
C LYS F 220 -16.22 4.93 54.16
N PHE F 221 -17.49 5.36 54.25
CA PHE F 221 -18.33 5.04 55.38
C PHE F 221 -19.65 4.46 54.88
N PHE F 222 -20.29 3.66 55.73
CA PHE F 222 -21.56 3.01 55.43
C PHE F 222 -22.58 3.42 56.48
N ARG F 223 -23.65 4.08 56.05
CA ARG F 223 -24.66 4.61 56.96
C ARG F 223 -25.98 3.88 56.72
N LYS F 224 -26.18 2.78 57.43
CA LYS F 224 -27.44 2.06 57.39
C LYS F 224 -28.45 2.72 58.32
N VAL F 225 -29.56 3.17 57.76
CA VAL F 225 -30.62 3.81 58.53
C VAL F 225 -31.91 3.02 58.34
N GLU F 226 -32.88 3.30 59.21
CA GLU F 226 -34.18 2.65 59.13
C GLU F 226 -35.10 3.41 58.17
N SER F 227 -36.06 2.69 57.62
CA SER F 227 -37.09 3.33 56.81
C SER F 227 -38.05 4.12 57.71
N ARG F 228 -38.74 5.08 57.11
CA ARG F 228 -39.70 5.87 57.87
C ARG F 228 -40.84 4.99 58.35
N ILE F 229 -41.00 4.91 59.67
CA ILE F 229 -41.95 3.96 60.25
C ILE F 229 -43.37 4.49 60.21
N SER F 230 -43.55 5.81 60.28
CA SER F 230 -44.87 6.42 60.31
C SER F 230 -45.15 7.03 58.94
N ASP F 231 -46.06 6.41 58.19
CA ASP F 231 -46.46 6.88 56.86
C ASP F 231 -47.98 7.01 56.82
N LYS F 232 -48.48 8.16 57.27
CA LYS F 232 -49.88 8.52 57.02
C LYS F 232 -50.06 9.08 55.62
N PHE F 233 -48.98 9.53 54.99
CA PHE F 233 -49.04 10.00 53.61
C PHE F 233 -49.37 8.85 52.65
N LYS F 234 -48.86 7.66 52.94
CA LYS F 234 -49.07 6.52 52.04
C LYS F 234 -50.49 5.99 52.13
N TYR F 235 -51.08 5.99 53.33
CA TYR F 235 -52.44 5.50 53.50
C TYR F 235 -53.44 6.33 52.72
N ILE F 236 -53.20 7.64 52.62
CA ILE F 236 -54.11 8.51 51.88
C ILE F 236 -53.97 8.27 50.39
N ILE F 237 -52.74 8.21 49.89
CA ILE F 237 -52.53 7.99 48.46
C ILE F 237 -52.98 6.60 48.05
N ALA F 238 -52.84 5.61 48.92
CA ALA F 238 -53.25 4.25 48.60
C ALA F 238 -54.75 4.17 48.33
N GLN F 239 -55.55 4.99 49.01
CA GLN F 239 -56.98 5.01 48.75
C GLN F 239 -57.28 5.73 47.44
N LEU F 240 -56.58 6.84 47.16
CA LEU F 240 -56.67 7.45 45.85
C LEU F 240 -56.14 6.52 44.77
N MET F 241 -55.18 5.65 45.14
CA MET F 241 -54.72 4.63 44.21
C MET F 241 -55.72 3.50 44.08
N ARG F 242 -56.50 3.23 45.13
CA ARG F 242 -57.58 2.27 45.03
C ARG F 242 -58.81 2.87 44.35
N ASP F 243 -59.06 4.16 44.56
CA ASP F 243 -60.12 4.84 43.83
C ASP F 243 -59.85 4.83 42.34
N THR F 244 -58.67 5.29 41.94
CA THR F 244 -58.33 5.33 40.51
C THR F 244 -58.28 3.94 39.91
N GLU F 245 -57.93 2.92 40.71
CA GLU F 245 -57.95 1.55 40.20
C GLU F 245 -59.37 1.04 40.02
N SER F 246 -60.30 1.47 40.87
CA SER F 246 -61.68 1.01 40.76
C SER F 246 -62.35 1.59 39.53
N LEU F 247 -62.02 2.83 39.18
CA LEU F 247 -62.61 3.45 38.00
C LEU F 247 -62.16 2.79 36.71
N ALA F 248 -61.07 2.01 36.75
CA ALA F 248 -60.62 1.28 35.56
C ALA F 248 -61.41 0.00 35.34
N LYS F 249 -61.85 -0.66 36.41
CA LYS F 249 -62.64 -1.87 36.27
C LYS F 249 -64.08 -1.57 35.85
N ARG F 250 -64.62 -0.42 36.28
CA ARG F 250 -65.94 0.00 35.81
C ARG F 250 -65.96 0.29 34.32
N ILE F 251 -64.79 0.41 33.68
CA ILE F 251 -64.69 0.60 32.25
C ILE F 251 -64.10 -0.62 31.56
N CYS F 252 -63.16 -1.30 32.21
CA CYS F 252 -62.53 -2.51 31.68
C CYS F 252 -62.44 -3.55 32.80
N LYS F 253 -63.38 -4.49 32.82
CA LYS F 253 -63.31 -5.59 33.77
C LYS F 253 -62.23 -6.57 33.34
N ASP F 254 -62.06 -7.64 34.12
CA ASP F 254 -61.02 -8.64 33.90
C ASP F 254 -59.64 -8.01 33.87
N LEU F 255 -59.47 -6.91 34.60
CA LEU F 255 -58.19 -6.21 34.63
C LEU F 255 -57.12 -7.01 35.36
N GLU F 256 -57.51 -7.77 36.39
CA GLU F 256 -56.56 -8.54 37.18
C GLU F 256 -55.89 -9.66 36.40
N ASN F 257 -56.32 -9.92 35.16
CA ASN F 257 -55.69 -10.93 34.31
C ASN F 257 -55.08 -10.32 33.05
N LEU F 258 -54.95 -9.00 32.98
CA LEU F 258 -54.32 -8.36 31.83
C LEU F 258 -52.80 -8.42 31.91
N SER F 259 -52.24 -8.21 33.09
CA SER F 259 -50.81 -8.26 33.31
C SER F 259 -50.45 -9.48 34.16
N GLN F 260 -49.26 -10.01 33.91
CA GLN F 260 -48.76 -11.17 34.65
C GLN F 260 -48.06 -10.77 35.94
N ILE F 261 -48.28 -9.55 36.42
CA ILE F 261 -47.68 -9.05 37.66
C ILE F 261 -48.68 -9.29 38.77
N GLN F 262 -48.54 -10.41 39.47
CA GLN F 262 -49.40 -10.74 40.59
C GLN F 262 -48.84 -10.16 41.89
N ASN F 263 -49.73 -10.03 42.88
CA ASN F 263 -49.37 -9.51 44.21
C ASN F 263 -48.76 -8.12 44.11
N ARG F 264 -49.43 -7.25 43.35
CA ARG F 264 -48.93 -5.90 43.15
C ARG F 264 -49.00 -5.11 44.45
N GLU F 265 -47.88 -4.46 44.81
CA GLU F 265 -47.80 -3.62 45.99
C GLU F 265 -47.54 -2.19 45.56
N PHE F 266 -48.19 -1.25 46.24
CA PHE F 266 -48.08 0.16 45.88
C PHE F 266 -46.68 0.69 46.22
N GLY F 267 -46.23 1.66 45.44
CA GLY F 267 -44.97 2.31 45.69
C GLY F 267 -43.74 1.47 45.44
N THR F 268 -43.83 0.48 44.57
CA THR F 268 -42.71 -0.39 44.25
C THR F 268 -42.37 -0.28 42.78
N GLN F 269 -41.19 -0.79 42.42
CA GLN F 269 -40.82 -0.92 41.01
C GLN F 269 -41.69 -1.95 40.31
N LYS F 270 -42.33 -2.85 41.06
CA LYS F 270 -43.20 -3.85 40.45
C LYS F 270 -44.52 -3.25 39.99
N TYR F 271 -45.12 -2.38 40.80
CA TYR F 271 -46.37 -1.73 40.39
C TYR F 271 -46.16 -0.87 39.16
N GLU F 272 -45.02 -0.16 39.10
CA GLU F 272 -44.70 0.60 37.91
C GLU F 272 -44.56 -0.31 36.70
N GLN F 273 -44.03 -1.52 36.90
CA GLN F 273 -44.00 -2.50 35.83
C GLN F 273 -45.39 -3.03 35.50
N TRP F 274 -46.28 -3.09 36.49
CA TRP F 274 -47.63 -3.58 36.26
C TRP F 274 -48.48 -2.53 35.54
N ILE F 275 -48.36 -1.27 35.95
CA ILE F 275 -49.20 -0.22 35.37
C ILE F 275 -48.83 0.01 33.90
N VAL F 276 -47.58 -0.27 33.52
CA VAL F 276 -47.20 -0.15 32.12
C VAL F 276 -47.60 -1.40 31.36
N THR F 277 -47.56 -2.57 31.99
CA THR F 277 -48.06 -3.78 31.34
C THR F 277 -49.56 -3.70 31.09
N VAL F 278 -50.30 -3.04 31.98
CA VAL F 278 -51.73 -2.84 31.77
C VAL F 278 -51.97 -1.81 30.67
N GLN F 279 -51.19 -0.73 30.67
CA GLN F 279 -51.42 0.37 29.74
C GLN F 279 -51.24 -0.08 28.30
N LYS F 280 -50.25 -0.93 28.03
CA LYS F 280 -50.00 -1.40 26.68
C LYS F 280 -51.00 -2.46 26.23
N ALA F 281 -51.65 -3.15 27.17
CA ALA F 281 -52.73 -4.05 26.81
C ALA F 281 -54.04 -3.32 26.56
N CYS F 282 -54.20 -2.12 27.13
CA CYS F 282 -55.37 -1.29 26.86
C CYS F 282 -55.24 -0.53 25.54
N MET F 283 -54.06 -0.49 24.94
CA MET F 283 -53.87 0.19 23.68
C MET F 283 -54.31 -0.66 22.49
N VAL F 284 -54.36 -1.98 22.64
CA VAL F 284 -54.85 -2.87 21.60
C VAL F 284 -56.32 -3.23 21.80
N PHE F 285 -57.02 -2.50 22.67
CA PHE F 285 -58.43 -2.76 22.91
C PHE F 285 -59.24 -2.47 21.64
N GLN F 286 -60.00 -3.46 21.19
CA GLN F 286 -60.75 -3.38 19.94
C GLN F 286 -62.24 -3.26 20.22
N MET F 287 -62.86 -2.24 19.66
CA MET F 287 -64.31 -2.08 19.69
C MET F 287 -64.82 -1.79 18.28
N PRO F 288 -65.91 -2.45 17.87
CA PRO F 288 -66.49 -2.15 16.55
C PRO F 288 -67.10 -0.76 16.45
N ASP F 289 -67.33 -0.09 17.58
CA ASP F 289 -67.93 1.24 17.55
C ASP F 289 -67.02 2.24 16.86
N LYS F 290 -65.72 2.18 17.15
CA LYS F 290 -64.67 3.07 16.65
C LYS F 290 -64.80 4.49 17.18
N ASP F 291 -65.84 4.78 17.95
CA ASP F 291 -65.97 6.06 18.65
C ASP F 291 -66.02 5.88 20.16
N GLU F 292 -66.64 4.80 20.64
CA GLU F 292 -66.53 4.45 22.05
C GLU F 292 -65.16 3.86 22.36
N GLU F 293 -64.52 3.23 21.37
CA GLU F 293 -63.16 2.74 21.56
C GLU F 293 -62.21 3.87 21.89
N SER F 294 -62.29 4.97 21.14
CA SER F 294 -61.46 6.14 21.43
C SER F 294 -61.83 6.75 22.77
N ARG F 295 -63.13 6.78 23.09
CA ARG F 295 -63.57 7.36 24.35
C ARG F 295 -63.14 6.53 25.55
N ILE F 296 -63.00 5.22 25.37
CA ILE F 296 -62.65 4.34 26.48
C ILE F 296 -61.15 4.13 26.60
N CYS F 297 -60.46 3.95 25.47
CA CYS F 297 -59.01 3.77 25.51
C CYS F 297 -58.31 5.01 26.03
N LYS F 298 -58.91 6.19 25.84
CA LYS F 298 -58.31 7.41 26.35
C LYS F 298 -58.36 7.46 27.87
N ALA F 299 -59.55 7.22 28.44
CA ALA F 299 -59.67 7.21 29.91
C ALA F 299 -58.82 6.12 30.52
N LEU F 300 -58.72 4.96 29.85
CA LEU F 300 -57.80 3.92 30.30
C LEU F 300 -56.36 4.39 30.23
N PHE F 301 -56.02 5.14 29.18
CA PHE F 301 -54.69 5.74 29.11
C PHE F 301 -54.48 6.79 30.19
N LEU F 302 -55.56 7.48 30.58
CA LEU F 302 -55.43 8.53 31.60
C LEU F 302 -55.45 7.95 33.00
N TYR F 303 -56.33 6.98 33.27
CA TYR F 303 -56.35 6.35 34.59
C TYR F 303 -55.04 5.65 34.89
N THR F 304 -54.44 5.02 33.88
CA THR F 304 -53.14 4.38 34.09
C THR F 304 -52.01 5.40 34.20
N SER F 305 -52.11 6.52 33.47
CA SER F 305 -51.08 7.54 33.57
C SER F 305 -51.11 8.28 34.90
N HIS F 306 -52.25 8.30 35.58
CA HIS F 306 -52.31 8.92 36.90
C HIS F 306 -51.82 8.00 38.00
N LEU F 307 -52.04 6.69 37.84
CA LEU F 307 -51.51 5.73 38.82
C LEU F 307 -49.99 5.73 38.83
N ARG F 308 -49.38 5.93 37.65
CA ARG F 308 -47.92 6.05 37.59
C ARG F 308 -47.43 7.26 38.37
N LYS F 309 -48.08 8.41 38.16
CA LYS F 309 -47.70 9.62 38.90
C LYS F 309 -48.00 9.49 40.38
N TYR F 310 -49.07 8.79 40.73
CA TYR F 310 -49.32 8.49 42.15
C TYR F 310 -48.28 7.54 42.70
N ASN F 311 -47.83 6.58 41.88
CA ASN F 311 -46.81 5.63 42.33
C ASN F 311 -45.45 6.30 42.45
N ASP F 312 -45.19 7.34 41.67
CA ASP F 312 -43.94 8.07 41.78
C ASP F 312 -43.83 8.77 43.13
N ALA F 313 -44.88 9.52 43.51
CA ALA F 313 -44.85 10.25 44.76
C ALA F 313 -44.71 9.33 45.96
N LEU F 314 -45.21 8.10 45.87
CA LEU F 314 -45.02 7.14 46.96
C LEU F 314 -43.55 6.79 47.13
N ILE F 315 -42.82 6.68 46.02
CA ILE F 315 -41.39 6.39 46.11
C ILE F 315 -40.61 7.63 46.55
N ILE F 316 -41.03 8.81 46.09
CA ILE F 316 -40.43 10.05 46.57
C ILE F 316 -40.68 10.22 48.06
N SER F 317 -41.79 9.70 48.57
CA SER F 317 -42.09 9.77 49.99
C SER F 317 -41.05 9.01 50.82
N GLU F 318 -40.65 7.82 50.35
CA GLU F 318 -39.69 7.00 51.08
C GLU F 318 -38.27 7.56 51.01
N HIS F 319 -37.99 8.49 50.11
CA HIS F 319 -36.64 8.98 49.90
C HIS F 319 -36.48 10.47 50.17
N ALA F 320 -37.55 11.17 50.55
CA ALA F 320 -37.48 12.61 50.80
C ALA F 320 -38.64 13.00 51.71
N ARG F 321 -38.89 14.30 51.82
CA ARG F 321 -40.00 14.80 52.61
C ARG F 321 -41.33 14.40 51.97
N MET F 322 -42.38 14.39 52.80
CA MET F 322 -43.73 14.22 52.27
C MET F 322 -44.17 15.40 51.43
N LYS F 323 -43.59 16.58 51.66
CA LYS F 323 -43.92 17.75 50.85
C LYS F 323 -43.38 17.61 49.44
N ASP F 324 -42.21 17.00 49.29
CA ASP F 324 -41.65 16.77 47.96
C ASP F 324 -42.51 15.82 47.13
N ALA F 325 -43.14 14.84 47.78
CA ALA F 325 -44.09 13.98 47.10
C ALA F 325 -45.37 14.73 46.76
N LEU F 326 -45.68 15.80 47.48
CA LEU F 326 -46.89 16.58 47.23
C LEU F 326 -46.67 17.63 46.14
N ASP F 327 -45.55 18.36 46.21
CA ASP F 327 -45.23 19.32 45.16
C ASP F 327 -44.99 18.63 43.82
N TYR F 328 -44.60 17.36 43.83
CA TYR F 328 -44.51 16.60 42.59
C TYR F 328 -45.89 16.39 41.98
N LEU F 329 -46.87 16.01 42.81
CA LEU F 329 -48.23 15.88 42.32
C LEU F 329 -48.86 17.23 42.04
N LYS F 330 -48.52 18.25 42.83
CA LYS F 330 -48.98 19.60 42.53
C LYS F 330 -48.54 20.03 41.14
N ASP F 331 -47.26 19.81 40.82
CA ASP F 331 -46.75 20.21 39.50
C ASP F 331 -47.34 19.37 38.38
N PHE F 332 -47.72 18.12 38.68
CA PHE F 332 -48.30 17.26 37.65
C PHE F 332 -49.71 17.71 37.30
N PHE F 333 -50.57 17.89 38.31
CA PHE F 333 -51.91 18.41 38.05
C PHE F 333 -51.84 19.84 37.51
N SER F 334 -50.78 20.57 37.82
CA SER F 334 -50.56 21.86 37.19
C SER F 334 -50.35 21.71 35.70
N ASN F 335 -49.66 20.64 35.28
CA ASN F 335 -49.49 20.35 33.87
C ASN F 335 -50.75 19.77 33.24
N VAL F 336 -51.62 19.15 34.03
CA VAL F 336 -52.89 18.63 33.50
C VAL F 336 -53.74 19.78 33.01
N ARG F 337 -53.87 20.84 33.81
CA ARG F 337 -54.50 22.06 33.34
C ARG F 337 -53.53 22.84 32.44
N ALA F 338 -54.04 23.89 31.82
CA ALA F 338 -53.27 24.70 30.88
C ALA F 338 -52.68 23.84 29.76
N ASP F 342 -60.84 18.27 29.67
CA ASP F 342 -61.35 16.90 29.71
C ASP F 342 -62.13 16.65 30.99
N GLU F 343 -63.22 15.89 30.89
CA GLU F 343 -64.02 15.54 32.07
C GLU F 343 -63.35 14.46 32.91
N ILE F 344 -62.57 13.57 32.28
CA ILE F 344 -61.88 12.54 33.04
C ILE F 344 -60.83 13.16 33.96
N GLU F 345 -60.00 14.04 33.42
CA GLU F 345 -59.03 14.76 34.25
C GLU F 345 -59.73 15.69 35.25
N GLN F 346 -60.88 16.25 34.86
CA GLN F 346 -61.64 17.08 35.79
C GLN F 346 -62.16 16.25 36.96
N ASP F 347 -62.45 14.97 36.72
CA ASP F 347 -62.86 14.10 37.83
C ASP F 347 -61.66 13.74 38.71
N LEU F 348 -60.50 13.49 38.10
CA LEU F 348 -59.32 13.13 38.87
C LEU F 348 -58.76 14.32 39.63
N THR F 349 -58.70 15.49 38.99
CA THR F 349 -58.26 16.70 39.68
C THR F 349 -59.21 17.04 40.82
N GLN F 350 -60.50 16.72 40.67
CA GLN F 350 -61.45 16.96 41.75
C GLN F 350 -61.20 16.01 42.92
N ARG F 351 -60.85 14.76 42.63
CA ARG F 351 -60.56 13.81 43.70
C ARG F 351 -59.30 14.22 44.48
N PHE F 352 -58.32 14.80 43.79
CA PHE F 352 -57.09 15.21 44.45
C PHE F 352 -57.29 16.48 45.27
N GLU F 353 -57.96 17.49 44.69
CA GLU F 353 -58.20 18.73 45.41
C GLU F 353 -59.11 18.52 46.61
N GLU F 354 -59.83 17.41 46.68
CA GLU F 354 -60.60 17.08 47.87
C GLU F 354 -59.68 16.66 49.02
N LYS F 355 -58.79 15.71 48.76
CA LYS F 355 -57.83 15.25 49.76
C LYS F 355 -56.62 16.16 49.90
N LEU F 356 -56.49 17.17 49.03
CA LEU F 356 -55.30 18.02 49.07
C LEU F 356 -55.19 18.79 50.37
N GLN F 357 -56.33 19.27 50.90
CA GLN F 357 -56.31 20.05 52.13
C GLN F 357 -55.82 19.22 53.32
N GLU F 358 -55.94 17.90 53.27
CA GLU F 358 -55.43 17.05 54.32
C GLU F 358 -53.96 16.71 54.14
N LEU F 359 -53.51 16.54 52.89
CA LEU F 359 -52.12 16.18 52.64
C LEU F 359 -51.16 17.26 53.13
N GLU F 360 -51.54 18.54 52.97
CA GLU F 360 -50.71 19.62 53.46
C GLU F 360 -50.64 19.68 54.98
N SER F 361 -51.61 19.07 55.66
CA SER F 361 -51.50 18.92 57.12
C SER F 361 -50.54 17.79 57.49
N VAL F 362 -50.60 16.67 56.76
CA VAL F 362 -49.62 15.61 56.93
C VAL F 362 -48.23 16.01 56.42
N SER F 363 -48.15 17.12 55.69
CA SER F 363 -46.87 17.62 55.19
C SER F 363 -46.14 18.48 56.21
N ARG F 364 -46.87 19.38 56.89
CA ARG F 364 -46.25 20.26 57.87
C ARG F 364 -46.04 19.60 59.23
N ASP F 365 -46.56 18.39 59.43
CA ASP F 365 -46.43 17.67 60.68
C ASP F 365 -44.95 17.43 60.98
N PRO F 366 -44.39 18.08 62.01
CA PRO F 366 -42.95 17.93 62.28
C PRO F 366 -42.56 16.53 62.70
N SER F 367 -43.51 15.69 63.12
CA SER F 367 -43.20 14.30 63.42
C SER F 367 -42.92 13.48 62.18
N ASN F 368 -43.13 14.04 60.99
CA ASN F 368 -42.87 13.33 59.74
C ASN F 368 -41.47 13.64 59.22
N GLU F 369 -40.48 13.34 60.07
CA GLU F 369 -39.08 13.49 59.71
C GLU F 369 -38.58 12.18 59.09
N ASN F 370 -37.74 12.32 58.07
CA ASN F 370 -37.19 11.16 57.40
C ASN F 370 -35.88 10.76 58.07
N PRO F 371 -35.78 9.57 58.66
CA PRO F 371 -34.51 9.16 59.29
C PRO F 371 -33.35 9.09 58.30
N LYS F 372 -33.62 8.96 57.01
CA LYS F 372 -32.57 9.03 56.01
C LYS F 372 -32.10 10.46 55.78
N LEU F 373 -33.00 11.43 55.96
CA LEU F 373 -32.65 12.84 55.84
C LEU F 373 -32.06 13.41 57.12
N GLU F 374 -32.48 12.91 58.28
CA GLU F 374 -31.94 13.41 59.54
C GLU F 374 -30.51 12.90 59.76
N ASP F 375 -30.16 11.74 59.20
CA ASP F 375 -28.78 11.31 59.24
C ASP F 375 -27.94 12.06 58.21
N LEU F 376 -28.53 12.36 57.05
CA LEU F 376 -27.86 13.22 56.08
C LEU F 376 -27.68 14.63 56.65
N CYS F 377 -28.67 15.13 57.37
CA CYS F 377 -28.53 16.42 58.04
C CYS F 377 -27.43 16.37 59.10
N PHE F 378 -27.36 15.28 59.85
CA PHE F 378 -26.34 15.14 60.88
C PHE F 378 -24.94 15.13 60.27
N ILE F 379 -24.75 14.36 59.20
CA ILE F 379 -23.44 14.28 58.56
C ILE F 379 -23.01 15.65 58.04
N LEU F 380 -23.94 16.40 57.44
CA LEU F 380 -23.59 17.69 56.86
C LEU F 380 -23.28 18.72 57.94
N GLN F 381 -23.96 18.67 59.08
CA GLN F 381 -23.67 19.60 60.15
C GLN F 381 -22.26 19.38 60.70
N GLU F 382 -21.83 18.12 60.80
CA GLU F 382 -20.55 17.80 61.42
C GLU F 382 -19.39 18.31 60.58
N GLU F 383 -19.34 17.92 59.31
CA GLU F 383 -18.16 18.21 58.48
C GLU F 383 -17.99 19.71 58.28
N TYR F 384 -19.09 20.45 58.14
CA TYR F 384 -18.99 21.90 58.00
C TYR F 384 -18.71 22.59 59.33
N HIS F 385 -19.08 21.96 60.44
CA HIS F 385 -18.64 22.46 61.74
C HIS F 385 -17.13 22.33 61.88
N LEU F 386 -16.57 21.20 61.41
CA LEU F 386 -15.13 21.02 61.44
C LEU F 386 -14.44 21.92 60.43
N ASN F 387 -14.78 21.76 59.15
CA ASN F 387 -14.21 22.57 58.07
C ASN F 387 -15.33 23.28 57.33
N PRO F 388 -15.59 24.55 57.63
CA PRO F 388 -16.68 25.27 56.93
C PRO F 388 -16.40 25.49 55.45
N GLU F 389 -15.16 25.33 55.01
CA GLU F 389 -14.81 25.42 53.60
C GLU F 389 -15.02 24.11 52.86
N THR F 390 -15.82 23.21 53.42
CA THR F 390 -16.06 21.92 52.81
C THR F 390 -16.84 22.07 51.50
N ILE F 391 -16.41 21.33 50.49
CA ILE F 391 -17.08 21.28 49.20
C ILE F 391 -17.71 19.90 49.06
N THR F 392 -19.03 19.84 49.13
CA THR F 392 -19.77 18.57 49.11
C THR F 392 -20.39 18.34 47.74
N ILE F 393 -20.44 17.07 47.33
CA ILE F 393 -21.18 16.64 46.17
C ILE F 393 -22.04 15.45 46.57
N LEU F 394 -23.35 15.58 46.37
CA LEU F 394 -24.32 14.57 46.79
C LEU F 394 -24.95 13.94 45.55
N PHE F 395 -24.73 12.64 45.37
CA PHE F 395 -25.24 11.92 44.21
C PHE F 395 -26.57 11.28 44.55
N VAL F 396 -27.55 11.43 43.66
CA VAL F 396 -28.87 10.84 43.82
C VAL F 396 -29.23 10.12 42.53
N LYS F 397 -30.23 9.24 42.62
CA LYS F 397 -30.60 8.38 41.50
C LYS F 397 -31.40 9.14 40.44
N THR F 398 -32.57 9.65 40.81
CA THR F 398 -33.47 10.29 39.87
C THR F 398 -33.38 11.81 39.96
N ARG F 399 -33.82 12.47 38.88
CA ARG F 399 -33.83 13.93 38.85
C ARG F 399 -34.92 14.51 39.74
N ALA F 400 -35.90 13.71 40.14
CA ALA F 400 -36.94 14.20 41.03
C ALA F 400 -36.37 14.53 42.40
N LEU F 401 -35.46 13.69 42.91
CA LEU F 401 -34.87 13.93 44.21
C LEU F 401 -33.80 15.02 44.15
N VAL F 402 -33.16 15.21 42.99
CA VAL F 402 -32.26 16.34 42.82
C VAL F 402 -33.02 17.65 43.02
N ASP F 403 -34.25 17.73 42.50
CA ASP F 403 -35.12 18.86 42.80
C ASP F 403 -35.57 18.84 44.25
N ALA F 404 -35.85 17.64 44.78
CA ALA F 404 -36.39 17.53 46.13
C ALA F 404 -35.35 17.88 47.17
N LEU F 405 -34.14 17.34 47.05
CA LEU F 405 -33.12 17.58 48.06
C LEU F 405 -32.65 19.02 48.07
N LYS F 406 -32.67 19.69 46.92
CA LYS F 406 -32.34 21.11 46.89
C LYS F 406 -33.35 21.93 47.69
N ASN F 407 -34.64 21.71 47.42
CA ASN F 407 -35.69 22.41 48.15
C ASN F 407 -35.71 22.02 49.62
N TRP F 408 -35.18 20.84 49.97
CA TRP F 408 -35.08 20.45 51.37
C TRP F 408 -33.93 21.19 52.05
N ILE F 409 -32.77 21.26 51.40
CA ILE F 409 -31.63 21.98 51.96
C ILE F 409 -31.95 23.46 52.08
N GLU F 410 -32.59 24.03 51.06
CA GLU F 410 -32.91 25.45 51.08
C GLU F 410 -34.01 25.79 52.08
N GLY F 411 -34.82 24.81 52.47
CA GLY F 411 -35.90 25.06 53.42
C GLY F 411 -35.62 24.50 54.80
N ASN F 412 -34.35 24.37 55.15
CA ASN F 412 -33.95 23.85 56.46
C ASN F 412 -32.99 24.85 57.10
N PRO F 413 -33.32 25.41 58.25
CA PRO F 413 -32.39 26.33 58.91
C PRO F 413 -31.13 25.66 59.42
N LYS F 414 -31.17 24.36 59.68
CA LYS F 414 -29.98 23.64 60.13
C LYS F 414 -28.93 23.49 59.03
N LEU F 415 -29.30 23.76 57.77
CA LEU F 415 -28.37 23.74 56.65
C LEU F 415 -28.26 25.12 56.00
N SER F 416 -28.46 26.18 56.80
CA SER F 416 -28.41 27.54 56.29
C SER F 416 -27.03 27.96 55.79
N PHE F 417 -26.01 27.14 56.04
CA PHE F 417 -24.68 27.41 55.53
C PHE F 417 -24.42 26.78 54.16
N LEU F 418 -25.32 25.90 53.71
CA LEU F 418 -25.17 25.25 52.41
C LEU F 418 -25.82 26.10 51.32
N LYS F 419 -25.06 26.35 50.26
CA LYS F 419 -25.55 27.07 49.09
C LYS F 419 -25.64 26.09 47.92
N PRO F 420 -26.73 25.33 47.83
CA PRO F 420 -26.75 24.17 46.93
C PRO F 420 -26.86 24.56 45.46
N GLY F 421 -26.41 23.64 44.61
CA GLY F 421 -26.60 23.75 43.18
C GLY F 421 -27.15 22.44 42.61
N ILE F 422 -27.42 22.47 41.31
CA ILE F 422 -28.03 21.34 40.62
C ILE F 422 -27.13 20.94 39.46
N LEU F 423 -27.12 19.63 39.16
CA LEU F 423 -26.40 19.11 38.00
C LEU F 423 -27.14 17.87 37.52
N THR F 424 -27.88 17.99 36.43
CA THR F 424 -28.61 16.88 35.84
C THR F 424 -28.09 16.64 34.42
N GLY F 425 -28.60 15.57 33.81
CA GLY F 425 -28.21 15.23 32.46
C GLY F 425 -28.93 16.08 31.42
N ARG F 426 -28.63 15.78 30.15
CA ARG F 426 -29.23 16.51 29.06
C ARG F 426 -30.72 16.25 28.92
N GLY F 427 -31.21 15.11 29.41
CA GLY F 427 -32.59 14.72 29.20
C GLY F 427 -32.82 14.19 27.79
N LYS F 428 -34.03 13.69 27.58
CA LYS F 428 -34.40 13.23 26.25
C LYS F 428 -34.38 14.37 25.26
N THR F 429 -33.89 14.08 24.04
CA THR F 429 -33.63 15.13 23.06
C THR F 429 -34.90 15.82 22.57
N ASN F 430 -36.07 15.22 22.78
CA ASN F 430 -37.33 15.79 22.30
C ASN F 430 -38.28 16.04 23.46
N GLN F 431 -37.74 16.47 24.60
CA GLN F 431 -38.55 16.82 25.76
C GLN F 431 -37.95 18.04 26.42
N ASN F 432 -38.82 18.91 26.94
CA ASN F 432 -38.39 20.14 27.62
C ASN F 432 -37.96 19.82 29.05
N THR F 433 -36.94 18.96 29.17
CA THR F 433 -36.44 18.50 30.45
C THR F 433 -34.92 18.62 30.51
N GLY F 434 -34.33 18.13 31.60
CA GLY F 434 -32.89 18.04 31.71
C GLY F 434 -32.21 19.41 31.82
N MET F 435 -30.90 19.36 31.64
CA MET F 435 -30.05 20.54 31.74
C MET F 435 -29.17 20.62 30.49
N THR F 436 -29.17 21.78 29.84
CA THR F 436 -28.40 21.94 28.61
C THR F 436 -26.91 22.01 28.90
N LEU F 437 -26.12 21.75 27.86
CA LEU F 437 -24.66 21.80 28.02
C LEU F 437 -24.15 23.17 28.42
N PRO F 438 -24.63 24.29 27.86
CA PRO F 438 -24.20 25.59 28.41
C PRO F 438 -24.61 25.79 29.86
N ALA F 439 -25.73 25.19 30.28
CA ALA F 439 -26.14 25.29 31.68
C ALA F 439 -25.32 24.37 32.58
N GLN F 440 -24.82 23.26 32.04
CA GLN F 440 -23.96 22.37 32.82
C GLN F 440 -22.65 23.07 33.19
N LYS F 441 -21.93 23.56 32.18
CA LYS F 441 -20.65 24.22 32.43
C LYS F 441 -20.82 25.52 33.20
N CYS F 442 -22.01 26.12 33.18
CA CYS F 442 -22.22 27.36 33.94
C CYS F 442 -22.24 27.09 35.43
N ILE F 443 -22.63 25.89 35.85
CA ILE F 443 -22.66 25.55 37.27
C ILE F 443 -21.33 24.92 37.71
N LEU F 444 -20.66 24.19 36.82
CA LEU F 444 -19.35 23.63 37.15
C LEU F 444 -18.28 24.70 37.34
N ASP F 445 -18.56 25.95 36.97
CA ASP F 445 -17.63 27.05 37.21
C ASP F 445 -18.00 27.88 38.44
N ALA F 446 -19.25 27.79 38.89
CA ALA F 446 -19.65 28.44 40.14
C ALA F 446 -19.60 27.50 41.33
N PHE F 447 -19.51 26.19 41.10
CA PHE F 447 -19.36 25.20 42.16
C PHE F 447 -17.87 25.05 42.44
N LYS F 448 -17.33 26.01 43.20
CA LYS F 448 -15.91 26.06 43.50
C LYS F 448 -15.72 26.40 44.97
N ALA F 449 -14.46 26.37 45.42
CA ALA F 449 -14.15 26.76 46.78
C ALA F 449 -14.40 28.24 47.01
N SER F 450 -14.21 29.07 45.98
CA SER F 450 -14.49 30.49 46.04
C SER F 450 -15.76 30.88 45.31
N GLY F 451 -16.48 29.91 44.73
CA GLY F 451 -17.66 30.18 43.95
C GLY F 451 -18.89 30.46 44.81
N ASP F 452 -20.01 30.65 44.12
CA ASP F 452 -21.26 30.99 44.77
C ASP F 452 -22.00 29.76 45.31
N HIS F 453 -21.53 28.56 45.02
CA HIS F 453 -22.20 27.33 45.43
C HIS F 453 -21.31 26.52 46.36
N ASN F 454 -21.93 25.94 47.38
CA ASN F 454 -21.24 25.18 48.41
C ASN F 454 -21.34 23.67 48.21
N ILE F 455 -22.52 23.16 47.89
CA ILE F 455 -22.74 21.74 47.68
C ILE F 455 -23.46 21.56 46.35
N LEU F 456 -23.04 20.54 45.59
CA LEU F 456 -23.62 20.24 44.30
C LEU F 456 -24.40 18.92 44.39
N ILE F 457 -25.71 18.99 44.21
CA ILE F 457 -26.54 17.80 44.12
C ILE F 457 -26.64 17.41 42.65
N ALA F 458 -26.22 16.18 42.34
CA ALA F 458 -26.09 15.77 40.95
C ALA F 458 -26.63 14.35 40.78
N THR F 459 -26.99 14.04 39.55
CA THR F 459 -27.35 12.69 39.15
C THR F 459 -26.08 11.92 38.79
N SER F 460 -26.23 10.75 38.17
CA SER F 460 -25.08 10.00 37.69
C SER F 460 -24.32 10.81 36.65
N VAL F 461 -22.99 10.65 36.65
CA VAL F 461 -22.13 11.30 35.67
C VAL F 461 -21.49 10.20 34.82
N ALA F 462 -20.74 10.62 33.80
CA ALA F 462 -20.09 9.68 32.90
C ALA F 462 -18.87 9.08 33.60
N ASP F 463 -18.03 8.39 32.83
CA ASP F 463 -16.90 7.67 33.40
C ASP F 463 -16.06 8.57 34.30
N GLU F 464 -15.44 9.59 33.74
CA GLU F 464 -14.70 10.56 34.54
C GLU F 464 -15.14 11.99 34.27
N GLY F 465 -15.53 12.30 33.04
CA GLY F 465 -16.04 13.62 32.70
C GLY F 465 -14.99 14.71 32.83
N ILE F 466 -15.44 15.95 32.58
CA ILE F 466 -14.57 17.09 32.72
C ILE F 466 -14.21 17.26 34.20
N ASP F 467 -13.05 17.86 34.45
CA ASP F 467 -12.58 18.03 35.82
C ASP F 467 -13.39 19.12 36.51
N ILE F 468 -14.18 18.73 37.49
CA ILE F 468 -14.93 19.67 38.30
C ILE F 468 -14.25 19.79 39.65
N ALA F 469 -14.71 20.73 40.47
CA ALA F 469 -14.03 21.06 41.71
C ALA F 469 -13.81 19.84 42.58
N GLN F 470 -12.66 19.81 43.27
CA GLN F 470 -12.36 18.73 44.20
C GLN F 470 -13.27 18.82 45.40
N CYS F 471 -14.02 17.75 45.65
CA CYS F 471 -14.98 17.69 46.74
C CYS F 471 -14.43 16.80 47.85
N ASN F 472 -14.05 17.42 48.96
CA ASN F 472 -13.54 16.67 50.11
C ASN F 472 -14.64 15.94 50.87
N LEU F 473 -15.88 16.01 50.41
CA LEU F 473 -16.99 15.26 51.00
C LEU F 473 -17.92 14.80 49.89
N VAL F 474 -18.07 13.49 49.73
CA VAL F 474 -18.95 12.90 48.74
C VAL F 474 -19.98 12.05 49.47
N ILE F 475 -21.24 12.20 49.10
CA ILE F 475 -22.34 11.47 49.73
C ILE F 475 -23.14 10.76 48.64
N LEU F 476 -23.30 9.44 48.79
CA LEU F 476 -24.11 8.64 47.88
C LEU F 476 -25.43 8.34 48.58
N TYR F 477 -26.52 8.91 48.07
CA TYR F 477 -27.83 8.82 48.71
C TYR F 477 -28.67 7.79 47.96
N GLU F 478 -28.87 6.63 48.58
CA GLU F 478 -29.60 5.53 47.96
C GLU F 478 -29.07 5.24 46.56
N TYR F 479 -27.75 5.29 46.44
CA TYR F 479 -27.07 5.35 45.15
C TYR F 479 -25.91 4.36 45.14
N VAL F 480 -25.88 3.51 44.12
CA VAL F 480 -24.83 2.50 44.00
C VAL F 480 -24.58 2.21 42.53
N GLY F 481 -23.32 1.93 42.19
CA GLY F 481 -22.92 1.60 40.85
C GLY F 481 -22.21 0.26 40.81
N ASN F 482 -21.28 0.13 39.87
CA ASN F 482 -20.47 -1.06 39.72
C ASN F 482 -19.04 -0.79 40.18
N VAL F 483 -18.17 -1.79 39.98
CA VAL F 483 -16.78 -1.65 40.40
C VAL F 483 -16.10 -0.50 39.65
N ILE F 484 -16.50 -0.25 38.40
CA ILE F 484 -15.88 0.80 37.61
C ILE F 484 -16.18 2.17 38.20
N LYS F 485 -17.47 2.47 38.38
CA LYS F 485 -17.86 3.79 38.89
C LYS F 485 -17.36 4.02 40.31
N MET F 486 -17.28 2.97 41.13
CA MET F 486 -16.79 3.13 42.49
C MET F 486 -15.35 3.64 42.50
N ILE F 487 -14.51 3.10 41.59
CA ILE F 487 -13.12 3.55 41.53
C ILE F 487 -13.03 4.95 40.92
N GLN F 488 -13.87 5.23 39.92
CA GLN F 488 -13.83 6.53 39.27
C GLN F 488 -14.29 7.64 40.20
N THR F 489 -15.25 7.36 41.08
CA THR F 489 -15.72 8.37 42.03
C THR F 489 -14.67 8.73 43.08
N ARG F 490 -13.61 7.92 43.22
CA ARG F 490 -12.50 8.31 44.09
C ARG F 490 -11.82 9.57 43.60
N GLY F 491 -11.96 9.90 42.30
CA GLY F 491 -11.36 11.09 41.75
C GLY F 491 -12.04 12.38 42.14
N ARG F 492 -13.23 12.31 42.75
CA ARG F 492 -13.88 13.53 43.25
C ARG F 492 -13.02 14.20 44.30
N GLY F 493 -12.48 13.42 45.24
CA GLY F 493 -11.48 13.95 46.15
C GLY F 493 -10.18 13.17 46.05
N ARG F 494 -9.15 13.81 45.51
CA ARG F 494 -7.83 13.20 45.40
C ARG F 494 -6.88 13.66 46.49
N ALA F 495 -7.21 14.73 47.18
CA ALA F 495 -6.38 15.24 48.27
C ALA F 495 -6.57 14.38 49.52
N ARG F 496 -5.61 14.49 50.42
CA ARG F 496 -5.65 13.75 51.68
C ARG F 496 -6.82 14.24 52.53
N GLY F 497 -7.60 13.30 53.06
CA GLY F 497 -8.70 13.64 53.94
C GLY F 497 -10.06 13.66 53.29
N SER F 498 -10.17 13.35 52.00
CA SER F 498 -11.48 13.28 51.37
C SER F 498 -12.28 12.12 51.93
N LYS F 499 -13.60 12.30 51.95
CA LYS F 499 -14.51 11.32 52.56
C LYS F 499 -15.64 10.99 51.60
N CYS F 500 -16.17 9.77 51.75
CA CYS F 500 -17.28 9.31 50.93
C CYS F 500 -18.25 8.54 51.82
N PHE F 501 -19.49 9.00 51.89
CA PHE F 501 -20.53 8.37 52.69
C PHE F 501 -21.54 7.67 51.81
N LEU F 502 -21.97 6.49 52.22
CA LEU F 502 -23.02 5.72 51.55
C LEU F 502 -24.22 5.66 52.49
N LEU F 503 -25.25 6.43 52.16
CA LEU F 503 -26.47 6.50 52.97
C LEU F 503 -27.57 5.69 52.29
N THR F 504 -28.15 4.75 53.02
CA THR F 504 -29.21 3.92 52.47
C THR F 504 -29.99 3.27 53.60
N SER F 505 -31.25 2.93 53.31
CA SER F 505 -32.07 2.13 54.20
C SER F 505 -32.21 0.69 53.74
N ASN F 506 -31.85 0.40 52.48
CA ASN F 506 -31.91 -0.95 51.94
C ASN F 506 -30.63 -1.70 52.26
N ALA F 507 -30.78 -2.92 52.78
CA ALA F 507 -29.61 -3.72 53.12
C ALA F 507 -28.84 -4.15 51.88
N GLY F 508 -29.53 -4.29 50.74
CA GLY F 508 -28.86 -4.70 49.52
C GLY F 508 -27.90 -3.67 48.96
N VAL F 509 -28.09 -2.40 49.30
CA VAL F 509 -27.17 -1.36 48.81
C VAL F 509 -25.80 -1.52 49.47
N ILE F 510 -25.78 -1.78 50.78
CA ILE F 510 -24.52 -2.05 51.46
C ILE F 510 -23.87 -3.31 50.90
N GLU F 511 -24.67 -4.33 50.63
CA GLU F 511 -24.13 -5.58 50.09
C GLU F 511 -23.50 -5.37 48.73
N LYS F 512 -24.10 -4.53 47.89
CA LYS F 512 -23.57 -4.28 46.55
C LYS F 512 -22.22 -3.56 46.61
N GLU F 513 -22.09 -2.57 47.49
CA GLU F 513 -20.82 -1.87 47.62
C GLU F 513 -19.75 -2.76 48.25
N GLN F 514 -20.15 -3.60 49.22
CA GLN F 514 -19.23 -4.61 49.73
C GLN F 514 -18.78 -5.55 48.62
N ILE F 515 -19.70 -5.90 47.71
CA ILE F 515 -19.35 -6.77 46.60
C ILE F 515 -18.42 -6.05 45.62
N ASN F 516 -18.67 -4.76 45.39
CA ASN F 516 -17.81 -3.99 44.50
C ASN F 516 -16.38 -3.93 45.03
N MET F 517 -16.23 -3.67 46.33
CA MET F 517 -14.91 -3.63 46.94
C MET F 517 -14.17 -4.95 46.75
N TYR F 518 -14.88 -6.07 46.89
CA TYR F 518 -14.25 -7.37 46.66
C TYR F 518 -13.93 -7.58 45.18
N LYS F 519 -14.71 -6.99 44.28
CA LYS F 519 -14.44 -7.11 42.86
C LYS F 519 -13.18 -6.34 42.48
N GLU F 520 -12.94 -5.19 43.13
CA GLU F 520 -11.70 -4.46 42.87
C GLU F 520 -10.48 -5.29 43.27
N LYS F 521 -10.61 -6.12 44.31
CA LYS F 521 -9.53 -7.02 44.67
C LYS F 521 -9.31 -8.08 43.61
N MET F 522 -10.41 -8.72 43.15
CA MET F 522 -10.29 -9.71 42.09
C MET F 522 -9.72 -9.11 40.81
N MET F 523 -9.90 -7.79 40.62
CA MET F 523 -9.37 -7.15 39.42
C MET F 523 -7.85 -7.04 39.47
N ASN F 524 -7.32 -6.37 40.49
CA ASN F 524 -5.88 -6.14 40.55
C ASN F 524 -5.11 -7.41 40.89
N ASP F 525 -5.73 -8.36 41.60
CA ASP F 525 -5.08 -9.64 41.81
C ASP F 525 -4.93 -10.40 40.50
N SER F 526 -5.98 -10.40 39.67
CA SER F 526 -5.89 -11.04 38.37
C SER F 526 -4.93 -10.28 37.44
N ILE F 527 -4.99 -8.95 37.49
CA ILE F 527 -4.07 -8.14 36.68
C ILE F 527 -2.62 -8.42 37.08
N LEU F 528 -2.38 -8.59 38.39
CA LEU F 528 -1.03 -8.86 38.86
C LEU F 528 -0.48 -10.15 38.29
N ARG F 529 -1.30 -11.22 38.27
CA ARG F 529 -0.82 -12.50 37.76
C ARG F 529 -0.77 -12.53 36.24
N LEU F 530 -1.61 -11.75 35.57
CA LEU F 530 -1.53 -11.67 34.11
C LEU F 530 -0.26 -10.96 33.66
N GLN F 531 0.25 -10.02 34.48
CA GLN F 531 1.50 -9.36 34.18
C GLN F 531 2.69 -10.30 34.32
N THR F 532 2.55 -11.42 35.03
CA THR F 532 3.64 -12.37 35.22
C THR F 532 3.79 -13.33 34.06
N TRP F 533 2.86 -13.35 33.11
CA TRP F 533 2.89 -14.33 32.03
C TRP F 533 3.95 -13.96 31.00
N ASP F 534 4.26 -14.94 30.16
CA ASP F 534 5.09 -14.67 28.99
C ASP F 534 4.27 -13.90 27.96
N GLU F 535 4.84 -12.79 27.47
CA GLU F 535 4.12 -11.95 26.52
C GLU F 535 3.72 -12.72 25.27
N ALA F 536 4.55 -13.67 24.84
CA ALA F 536 4.21 -14.47 23.67
C ALA F 536 3.04 -15.40 23.96
N VAL F 537 2.99 -15.99 25.16
CA VAL F 537 1.87 -16.85 25.52
C VAL F 537 0.59 -16.04 25.68
N PHE F 538 0.71 -14.80 26.14
CA PHE F 538 -0.47 -13.96 26.32
C PHE F 538 -1.10 -13.61 24.97
N ARG F 539 -0.28 -13.24 23.98
CA ARG F 539 -0.81 -12.91 22.67
C ARG F 539 -1.52 -14.11 22.05
N GLU F 540 -0.97 -15.31 22.24
CA GLU F 540 -1.58 -16.50 21.67
C GLU F 540 -2.95 -16.79 22.29
N LYS F 541 -3.14 -16.43 23.56
CA LYS F 541 -4.43 -16.69 24.20
C LYS F 541 -5.51 -15.77 23.66
N ILE F 542 -5.23 -14.47 23.59
CA ILE F 542 -6.25 -13.53 23.11
C ILE F 542 -6.54 -13.77 21.63
N LEU F 543 -5.59 -14.31 20.89
CA LEU F 543 -5.86 -14.68 19.50
C LEU F 543 -6.94 -15.75 19.42
N HIS F 544 -6.91 -16.72 20.33
CA HIS F 544 -7.99 -17.69 20.42
C HIS F 544 -9.32 -16.99 20.70
N ILE F 545 -9.32 -16.07 21.66
CA ILE F 545 -10.56 -15.38 22.03
C ILE F 545 -11.07 -14.54 20.86
N GLN F 546 -10.17 -13.84 20.17
CA GLN F 546 -10.57 -13.08 18.99
C GLN F 546 -11.13 -14.00 17.92
N THR F 547 -10.43 -15.09 17.62
CA THR F 547 -10.92 -16.04 16.63
C THR F 547 -12.22 -16.70 17.08
N HIS F 548 -12.37 -16.93 18.38
CA HIS F 548 -13.59 -17.53 18.90
C HIS F 548 -14.76 -16.54 18.86
N GLU F 549 -14.51 -15.30 19.29
CA GLU F 549 -15.56 -14.28 19.29
C GLU F 549 -16.03 -13.94 17.89
N LYS F 550 -15.13 -13.96 16.91
CA LYS F 550 -15.52 -13.64 15.54
C LYS F 550 -16.40 -14.73 14.94
N PHE F 551 -16.10 -16.00 15.26
CA PHE F 551 -16.91 -17.10 14.74
C PHE F 551 -18.38 -16.94 15.13
N ILE F 552 -18.64 -16.59 16.39
CA ILE F 552 -20.00 -16.33 16.82
C ILE F 552 -20.59 -15.12 16.10
N ARG F 553 -19.76 -14.11 15.86
CA ARG F 553 -20.22 -12.90 15.19
C ARG F 553 -20.59 -13.17 13.74
N ASP F 554 -19.79 -13.98 13.05
CA ASP F 554 -20.08 -14.32 11.65
C ASP F 554 -21.27 -15.25 11.52
N SER F 555 -21.68 -15.92 12.61
CA SER F 555 -22.67 -16.99 12.52
C SER F 555 -23.86 -16.74 13.44
N GLN F 556 -24.41 -15.54 13.40
CA GLN F 556 -25.58 -15.21 14.21
C GLN F 556 -26.85 -15.85 13.65
N PRO F 559 -30.48 -14.17 8.10
CA PRO F 559 -31.47 -13.71 9.09
C PRO F 559 -32.35 -12.58 8.55
N LYS F 560 -32.37 -12.41 7.24
CA LYS F 560 -33.17 -11.35 6.63
C LYS F 560 -34.64 -11.73 6.64
N PRO F 561 -35.50 -10.98 7.33
CA PRO F 561 -36.92 -11.30 7.34
C PRO F 561 -37.63 -10.81 6.08
N VAL F 562 -38.78 -11.42 5.81
CA VAL F 562 -39.59 -11.07 4.65
C VAL F 562 -40.53 -9.92 4.99
N PRO F 563 -40.57 -8.86 4.19
CA PRO F 563 -41.50 -7.77 4.47
C PRO F 563 -42.94 -8.17 4.20
N ASP F 564 -43.86 -7.51 4.90
CA ASP F 564 -45.29 -7.74 4.75
C ASP F 564 -45.87 -6.59 3.94
N LYS F 565 -46.30 -6.88 2.71
CA LYS F 565 -46.77 -5.87 1.78
C LYS F 565 -48.20 -5.42 2.05
N GLU F 566 -48.82 -5.88 3.12
CA GLU F 566 -50.19 -5.47 3.43
C GLU F 566 -50.22 -4.04 3.94
N ASN F 567 -51.28 -3.32 3.57
CA ASN F 567 -51.44 -1.94 4.01
C ASN F 567 -52.07 -1.90 5.40
N LYS F 568 -51.45 -1.16 6.31
CA LYS F 568 -51.89 -1.09 7.70
C LYS F 568 -52.18 0.35 8.09
N LYS F 569 -52.96 0.50 9.15
CA LYS F 569 -53.25 1.80 9.74
C LYS F 569 -52.31 2.09 10.91
N LEU F 570 -52.16 3.38 11.21
CA LEU F 570 -51.42 3.85 12.38
C LEU F 570 -52.36 4.72 13.20
N LEU F 571 -52.69 4.25 14.41
CA LEU F 571 -53.64 4.92 15.28
C LEU F 571 -52.93 5.52 16.48
N CYS F 572 -53.36 6.71 16.89
CA CYS F 572 -52.75 7.38 18.04
C CYS F 572 -52.95 6.55 19.30
N ARG F 573 -51.85 6.27 20.01
CA ARG F 573 -51.90 5.37 21.16
C ARG F 573 -52.74 5.93 22.31
N LYS F 574 -53.13 7.21 22.27
CA LYS F 574 -53.94 7.78 23.33
C LYS F 574 -55.42 7.91 22.95
N CYS F 575 -55.74 8.16 21.69
CA CYS F 575 -57.12 8.33 21.28
C CYS F 575 -57.51 7.45 20.10
N LYS F 576 -56.63 6.54 19.66
CA LYS F 576 -56.90 5.53 18.64
C LYS F 576 -57.31 6.14 17.30
N ALA F 577 -57.18 7.45 17.13
CA ALA F 577 -57.61 8.10 15.89
C ALA F 577 -56.65 7.79 14.75
N LEU F 578 -57.19 7.78 13.54
CA LEU F 578 -56.38 7.48 12.36
C LEU F 578 -55.43 8.64 12.06
N ALA F 579 -54.15 8.31 11.89
CA ALA F 579 -53.13 9.29 11.55
C ALA F 579 -52.67 9.17 10.10
N CYS F 580 -52.32 7.97 9.66
CA CYS F 580 -51.87 7.75 8.29
C CYS F 580 -51.95 6.27 7.98
N TYR F 581 -51.79 5.94 6.70
CA TYR F 581 -51.70 4.57 6.25
C TYR F 581 -50.25 4.21 5.94
N THR F 582 -49.94 2.91 6.00
CA THR F 582 -48.58 2.46 5.78
C THR F 582 -48.09 2.78 4.38
N ALA F 583 -49.01 2.92 3.41
CA ALA F 583 -48.62 3.34 2.07
C ALA F 583 -48.16 4.79 2.03
N ASP F 584 -48.59 5.61 2.98
CA ASP F 584 -48.17 7.00 3.05
C ASP F 584 -46.79 7.18 3.66
N VAL F 585 -46.19 6.13 4.21
CA VAL F 585 -44.95 6.23 4.95
C VAL F 585 -43.78 5.98 4.01
N ARG F 586 -42.78 6.86 4.08
CA ARG F 586 -41.53 6.72 3.33
C ARG F 586 -40.36 6.71 4.30
N VAL F 587 -39.25 6.12 3.86
CA VAL F 587 -38.07 5.95 4.70
C VAL F 587 -36.96 6.85 4.18
N ILE F 588 -36.12 7.32 5.11
CA ILE F 588 -34.97 8.16 4.79
C ILE F 588 -33.74 7.55 5.45
N GLU F 589 -32.79 7.08 4.64
CA GLU F 589 -31.51 6.55 5.12
C GLU F 589 -31.71 5.36 6.07
N GLU F 590 -32.76 4.58 5.83
CA GLU F 590 -33.03 3.33 6.54
C GLU F 590 -33.32 3.55 8.03
N CYS F 591 -33.38 4.80 8.48
CA CYS F 591 -33.58 5.09 9.90
C CYS F 591 -34.83 5.91 10.16
N HIS F 592 -35.07 6.97 9.41
CA HIS F 592 -36.13 7.92 9.70
C HIS F 592 -37.31 7.73 8.75
N TYR F 593 -38.50 7.98 9.27
CA TYR F 593 -39.74 7.69 8.56
C TYR F 593 -40.62 8.94 8.54
N THR F 594 -41.10 9.28 7.34
CA THR F 594 -41.93 10.47 7.12
C THR F 594 -43.26 10.06 6.51
N VAL F 595 -44.19 11.02 6.45
CA VAL F 595 -45.52 10.81 5.92
C VAL F 595 -45.77 11.80 4.79
N LEU F 596 -46.37 11.32 3.71
CA LEU F 596 -46.70 12.15 2.55
C LEU F 596 -48.18 12.51 2.57
N GLY F 597 -48.58 13.32 1.60
CA GLY F 597 -49.97 13.68 1.43
C GLY F 597 -50.40 14.82 2.34
N ASP F 598 -51.52 15.44 1.97
CA ASP F 598 -52.09 16.53 2.75
C ASP F 598 -53.13 16.08 3.76
N ALA F 599 -53.55 14.81 3.72
CA ALA F 599 -54.46 14.29 4.73
C ALA F 599 -53.78 14.23 6.09
N PHE F 600 -52.48 13.93 6.12
CA PHE F 600 -51.74 13.91 7.38
C PHE F 600 -51.51 15.31 7.92
N LYS F 601 -51.34 16.30 7.04
CA LYS F 601 -51.08 17.66 7.48
C LYS F 601 -52.24 18.27 8.25
N GLU F 602 -53.40 17.61 8.29
CA GLU F 602 -54.54 18.07 9.07
C GLU F 602 -54.76 17.24 10.32
N CYS F 603 -53.90 16.25 10.59
CA CYS F 603 -54.07 15.37 11.73
C CYS F 603 -53.21 15.75 12.93
N PHE F 604 -52.24 16.63 12.76
CA PHE F 604 -51.31 16.97 13.83
C PHE F 604 -51.23 18.48 14.03
N VAL F 605 -50.76 18.86 15.21
CA VAL F 605 -50.41 20.23 15.55
C VAL F 605 -48.98 20.24 16.06
N SER F 606 -48.31 21.36 15.91
CA SER F 606 -46.89 21.45 16.21
C SER F 606 -46.59 22.56 17.21
N ARG F 607 -45.60 22.29 18.06
CA ARG F 607 -45.00 23.22 19.00
C ARG F 607 -43.52 23.37 18.68
N PRO F 608 -42.99 24.59 18.70
CA PRO F 608 -41.56 24.78 18.36
C PRO F 608 -40.67 23.97 19.29
N HIS F 609 -39.69 23.31 18.68
CA HIS F 609 -38.86 22.34 19.40
C HIS F 609 -38.05 23.03 20.49
N PRO F 610 -38.03 22.51 21.71
CA PRO F 610 -37.24 23.13 22.77
C PRO F 610 -35.74 22.94 22.62
N LYS F 611 -35.30 22.03 21.75
CA LYS F 611 -33.88 21.76 21.55
C LYS F 611 -33.62 21.64 20.06
N PRO F 612 -33.35 22.77 19.38
CA PRO F 612 -33.13 22.73 17.94
C PRO F 612 -31.82 22.07 17.56
N LYS F 613 -31.71 20.76 17.80
CA LYS F 613 -30.52 20.02 17.45
C LYS F 613 -30.44 19.85 15.93
N GLN F 614 -29.30 19.32 15.46
CA GLN F 614 -29.07 19.11 14.05
C GLN F 614 -28.31 17.80 13.87
N PHE F 615 -28.94 16.82 13.24
CA PHE F 615 -28.32 15.53 12.95
C PHE F 615 -28.24 15.34 11.43
N SER F 616 -27.90 14.10 11.02
CA SER F 616 -27.29 13.81 9.72
C SER F 616 -27.68 14.77 8.59
N SER F 617 -28.97 14.95 8.35
CA SER F 617 -29.39 15.94 7.35
C SER F 617 -30.63 16.70 7.79
N PHE F 618 -30.99 16.65 9.06
CA PHE F 618 -32.24 17.18 9.58
C PHE F 618 -31.97 18.22 10.65
N GLU F 619 -32.74 19.30 10.62
CA GLU F 619 -32.69 20.35 11.63
C GLU F 619 -34.04 20.38 12.33
N LYS F 620 -34.05 20.03 13.63
CA LYS F 620 -35.29 20.02 14.39
C LYS F 620 -35.88 21.42 14.47
N ARG F 621 -37.13 21.56 14.04
CA ARG F 621 -37.84 22.82 14.11
C ARG F 621 -39.03 22.80 15.05
N ALA F 622 -39.70 21.66 15.21
CA ALA F 622 -40.88 21.60 16.04
C ALA F 622 -41.18 20.15 16.41
N LYS F 623 -42.01 19.98 17.43
CA LYS F 623 -42.56 18.68 17.80
C LYS F 623 -44.03 18.64 17.41
N ILE F 624 -44.48 17.50 16.91
CA ILE F 624 -45.85 17.33 16.42
C ILE F 624 -46.61 16.45 17.39
N PHE F 625 -47.89 16.80 17.60
CA PHE F 625 -48.76 16.08 18.51
C PHE F 625 -50.08 15.77 17.82
N CYS F 626 -50.85 14.86 18.41
CA CYS F 626 -52.19 14.61 17.92
C CYS F 626 -53.09 15.80 18.21
N ALA F 627 -53.94 16.14 17.24
CA ALA F 627 -54.79 17.32 17.35
C ALA F 627 -56.23 17.00 17.74
N ARG F 628 -56.65 15.76 17.61
CA ARG F 628 -58.07 15.42 17.78
C ARG F 628 -58.46 15.43 19.25
N GLN F 629 -59.54 16.16 19.57
CA GLN F 629 -60.16 16.18 20.89
C GLN F 629 -59.17 16.54 21.99
N ASN F 630 -58.19 17.38 21.68
CA ASN F 630 -57.11 17.73 22.61
C ASN F 630 -56.43 16.48 23.15
N CYS F 631 -56.21 15.50 22.26
CA CYS F 631 -55.45 14.32 22.64
C CYS F 631 -54.01 14.68 22.97
N SER F 632 -53.42 15.58 22.18
CA SER F 632 -52.11 16.19 22.44
C SER F 632 -50.99 15.16 22.55
N HIS F 633 -51.21 13.93 22.11
CA HIS F 633 -50.21 12.88 22.29
C HIS F 633 -49.03 13.11 21.35
N ASP F 634 -47.82 12.92 21.89
CA ASP F 634 -46.60 13.14 21.13
C ASP F 634 -46.50 12.16 19.97
N TRP F 635 -46.39 12.68 18.75
CA TRP F 635 -46.25 11.87 17.55
C TRP F 635 -44.82 11.84 17.02
N GLY F 636 -44.09 12.95 17.12
CA GLY F 636 -42.74 13.01 16.62
C GLY F 636 -42.21 14.42 16.51
N ILE F 637 -41.50 14.70 15.41
CA ILE F 637 -40.90 16.01 15.20
C ILE F 637 -41.12 16.43 13.75
N HIS F 638 -40.96 17.73 13.50
CA HIS F 638 -40.98 18.30 12.17
C HIS F 638 -39.60 18.91 11.89
N VAL F 639 -38.99 18.50 10.79
CA VAL F 639 -37.61 18.87 10.51
C VAL F 639 -37.50 19.62 9.19
N LYS F 640 -36.29 19.97 8.80
CA LYS F 640 -35.99 20.59 7.52
C LYS F 640 -34.97 19.69 6.83
N TYR F 641 -35.44 18.86 5.89
CA TYR F 641 -34.56 17.98 5.13
C TYR F 641 -33.85 18.81 4.06
N LYS F 642 -33.21 18.12 3.11
CA LYS F 642 -32.37 18.75 2.09
C LYS F 642 -32.98 20.04 1.54
N THR F 643 -34.19 19.95 0.99
CA THR F 643 -34.89 21.12 0.50
C THR F 643 -36.33 21.24 1.00
N PHE F 644 -36.87 20.20 1.62
CA PHE F 644 -38.26 20.20 2.07
C PHE F 644 -38.32 20.15 3.59
N GLU F 645 -39.44 20.61 4.13
CA GLU F 645 -39.73 20.54 5.55
C GLU F 645 -40.79 19.46 5.75
N ILE F 646 -40.39 18.35 6.37
CA ILE F 646 -41.23 17.16 6.46
C ILE F 646 -41.40 16.81 7.93
N PRO F 647 -42.45 16.07 8.27
CA PRO F 647 -42.57 15.50 9.61
C PRO F 647 -41.90 14.14 9.70
N VAL F 648 -41.39 13.84 10.89
CA VAL F 648 -40.78 12.55 11.20
C VAL F 648 -41.48 11.98 12.42
N ILE F 649 -42.00 10.76 12.29
CA ILE F 649 -42.79 10.14 13.33
C ILE F 649 -42.00 9.00 13.95
N LYS F 650 -42.44 8.59 15.14
CA LYS F 650 -41.90 7.41 15.83
C LYS F 650 -43.01 6.40 16.00
N ILE F 651 -42.71 5.13 15.71
CA ILE F 651 -43.71 4.07 15.81
C ILE F 651 -44.13 3.86 17.26
N GLU F 652 -43.35 4.36 18.22
CA GLU F 652 -43.70 4.28 19.63
C GLU F 652 -44.96 5.06 19.97
N SER F 653 -45.42 5.93 19.09
CA SER F 653 -46.58 6.76 19.35
C SER F 653 -47.86 6.20 18.75
N PHE F 654 -47.80 5.10 18.00
CA PHE F 654 -48.94 4.61 17.26
C PHE F 654 -49.13 3.11 17.50
N VAL F 655 -50.34 2.65 17.20
CA VAL F 655 -50.71 1.25 17.24
C VAL F 655 -51.11 0.82 15.83
N VAL F 656 -50.54 -0.29 15.37
CA VAL F 656 -50.71 -0.74 13.99
C VAL F 656 -51.91 -1.68 13.94
N GLU F 657 -52.98 -1.24 13.25
CA GLU F 657 -54.17 -2.04 13.05
C GLU F 657 -54.22 -2.56 11.63
N ASP F 658 -54.48 -3.86 11.48
CA ASP F 658 -54.64 -4.45 10.16
C ASP F 658 -56.07 -4.22 9.65
N ILE F 659 -56.19 -4.00 8.35
CA ILE F 659 -57.50 -3.67 7.77
C ILE F 659 -58.38 -4.90 7.69
N ALA F 660 -57.83 -6.01 7.18
CA ALA F 660 -58.64 -7.20 6.96
C ALA F 660 -58.99 -7.89 8.27
N THR F 661 -58.06 -7.92 9.23
CA THR F 661 -58.25 -8.64 10.48
C THR F 661 -58.71 -7.74 11.63
N GLY F 662 -58.12 -6.56 11.76
CA GLY F 662 -58.37 -5.72 12.92
C GLY F 662 -57.40 -5.94 14.06
N VAL F 663 -56.47 -6.87 13.92
CA VAL F 663 -55.48 -7.14 14.96
C VAL F 663 -54.59 -5.92 15.14
N GLN F 664 -54.45 -5.47 16.38
CA GLN F 664 -53.65 -4.31 16.72
C GLN F 664 -52.34 -4.76 17.37
N THR F 665 -51.22 -4.22 16.88
CA THR F 665 -49.90 -4.60 17.38
C THR F 665 -49.14 -3.36 17.81
N LEU F 666 -48.26 -3.55 18.79
CA LEU F 666 -47.43 -2.47 19.34
C LEU F 666 -45.97 -2.74 19.04
N TYR F 667 -45.27 -1.73 18.52
CA TYR F 667 -43.85 -1.83 18.23
C TYR F 667 -43.14 -0.63 18.85
N SER F 668 -42.05 -0.89 19.57
CA SER F 668 -41.27 0.17 20.17
C SER F 668 -40.20 0.73 19.24
N LYS F 669 -39.73 -0.06 18.28
CA LYS F 669 -38.74 0.38 17.32
C LYS F 669 -39.23 0.09 15.90
N TRP F 670 -38.77 0.89 14.95
CA TRP F 670 -39.11 0.66 13.55
C TRP F 670 -38.42 -0.58 13.01
N LYS F 671 -37.24 -0.92 13.55
CA LYS F 671 -36.50 -2.09 13.06
C LYS F 671 -37.26 -3.38 13.32
N ASP F 672 -38.03 -3.43 14.41
CA ASP F 672 -38.81 -4.61 14.76
C ASP F 672 -40.17 -4.65 14.08
N PHE F 673 -40.44 -3.72 13.17
CA PHE F 673 -41.70 -3.65 12.44
C PHE F 673 -41.40 -3.90 10.96
N HIS F 674 -41.77 -5.08 10.47
CA HIS F 674 -41.48 -5.47 9.09
C HIS F 674 -42.71 -5.22 8.22
N PHE F 675 -42.56 -4.31 7.26
CA PHE F 675 -43.62 -4.02 6.31
C PHE F 675 -42.97 -3.43 5.05
N GLU F 676 -43.80 -3.09 4.07
CA GLU F 676 -43.31 -2.56 2.81
C GLU F 676 -42.77 -1.15 3.04
N LYS F 677 -41.45 -1.04 3.20
CA LYS F 677 -40.79 0.24 3.46
C LYS F 677 -40.30 0.81 2.14
N ILE F 678 -40.95 1.89 1.69
CA ILE F 678 -40.62 2.52 0.42
C ILE F 678 -39.65 3.67 0.67
N PRO F 679 -38.52 3.74 -0.05
CA PRO F 679 -37.58 4.86 0.14
C PRO F 679 -38.18 6.20 -0.25
N PHE F 680 -37.42 7.26 -0.03
CA PHE F 680 -37.91 8.63 -0.27
C PHE F 680 -37.31 9.22 -1.55
N LYS H 4 -8.66 -56.34 -8.31
CA LYS H 4 -9.10 -55.07 -8.87
C LYS H 4 -9.92 -54.27 -7.86
N PRO H 5 -9.64 -52.97 -7.74
CA PRO H 5 -10.37 -52.14 -6.79
C PRO H 5 -11.72 -51.69 -7.34
N ARG H 6 -12.71 -51.62 -6.45
CA ARG H 6 -14.03 -51.14 -6.85
C ARG H 6 -14.04 -49.62 -6.93
N ASN H 7 -15.00 -49.10 -7.70
CA ASN H 7 -15.05 -47.66 -7.95
C ASN H 7 -15.31 -46.88 -6.67
N TYR H 8 -16.09 -47.42 -5.74
CA TYR H 8 -16.31 -46.72 -4.48
C TYR H 8 -15.11 -46.79 -3.55
N GLN H 9 -14.13 -47.65 -3.84
CA GLN H 9 -12.91 -47.67 -3.05
C GLN H 9 -11.93 -46.59 -3.51
N LEU H 10 -11.84 -46.37 -4.83
CA LEU H 10 -10.99 -45.29 -5.33
C LEU H 10 -11.53 -43.93 -4.91
N GLU H 11 -12.86 -43.79 -4.86
CA GLU H 11 -13.45 -42.53 -4.42
C GLU H 11 -13.07 -42.21 -2.98
N LEU H 12 -13.00 -43.23 -2.12
CA LEU H 12 -12.65 -43.02 -0.72
C LEU H 12 -11.16 -42.76 -0.52
N ALA H 13 -10.32 -43.13 -1.49
CA ALA H 13 -8.88 -42.98 -1.35
C ALA H 13 -8.31 -41.81 -2.13
N LEU H 14 -9.08 -41.23 -3.06
CA LEU H 14 -8.58 -40.11 -3.85
C LEU H 14 -8.15 -38.92 -3.00
N PRO H 15 -8.87 -38.50 -1.95
CA PRO H 15 -8.34 -37.39 -1.13
C PRO H 15 -6.99 -37.69 -0.51
N ALA H 16 -6.76 -38.94 -0.11
CA ALA H 16 -5.47 -39.30 0.50
C ALA H 16 -4.36 -39.31 -0.55
N MET H 17 -4.66 -39.77 -1.76
CA MET H 17 -3.67 -39.81 -2.82
C MET H 17 -3.27 -38.42 -3.31
N LYS H 18 -3.96 -37.38 -2.87
CA LYS H 18 -3.55 -36.00 -3.13
C LYS H 18 -2.81 -35.38 -1.96
N GLY H 19 -2.51 -36.15 -0.92
CA GLY H 19 -1.71 -35.70 0.19
C GLY H 19 -2.48 -35.09 1.36
N LYS H 20 -3.81 -35.10 1.31
CA LYS H 20 -4.60 -34.49 2.37
C LYS H 20 -4.78 -35.45 3.53
N ASN H 21 -4.74 -34.91 4.75
CA ASN H 21 -5.05 -35.70 5.94
C ASN H 21 -6.53 -36.06 5.92
N THR H 22 -6.83 -37.33 5.67
CA THR H 22 -8.17 -37.78 5.35
C THR H 22 -8.70 -38.75 6.40
N ILE H 23 -9.90 -38.49 6.89
CA ILE H 23 -10.67 -39.44 7.67
C ILE H 23 -11.66 -40.12 6.74
N ILE H 24 -11.69 -41.45 6.75
CA ILE H 24 -12.51 -42.23 5.85
C ILE H 24 -13.61 -42.90 6.68
N CYS H 25 -14.84 -42.40 6.56
CA CYS H 25 -15.99 -42.95 7.27
C CYS H 25 -16.82 -43.73 6.26
N ALA H 26 -16.71 -45.05 6.32
CA ALA H 26 -17.34 -45.95 5.37
C ALA H 26 -17.89 -47.17 6.11
N PRO H 27 -18.94 -47.80 5.58
CA PRO H 27 -19.57 -48.91 6.32
C PRO H 27 -18.62 -50.07 6.54
N THR H 28 -18.91 -50.85 7.59
CA THR H 28 -18.09 -52.01 7.91
C THR H 28 -18.30 -53.11 6.89
N GLY H 29 -17.20 -53.59 6.30
CA GLY H 29 -17.27 -54.61 5.28
C GLY H 29 -17.12 -54.12 3.87
N CYS H 30 -17.05 -52.80 3.66
CA CYS H 30 -16.87 -52.23 2.33
C CYS H 30 -15.44 -52.39 1.81
N GLY H 31 -14.53 -52.93 2.60
CA GLY H 31 -13.16 -53.12 2.16
C GLY H 31 -12.25 -51.97 2.49
N LYS H 32 -12.26 -51.52 3.75
CA LYS H 32 -11.38 -50.44 4.16
C LYS H 32 -9.92 -50.87 4.22
N THR H 33 -9.65 -52.18 4.25
CA THR H 33 -8.27 -52.65 4.17
C THR H 33 -7.67 -52.37 2.80
N PHE H 34 -8.38 -52.75 1.74
CA PHE H 34 -7.91 -52.50 0.38
C PHE H 34 -7.73 -51.01 0.12
N VAL H 35 -8.59 -50.17 0.72
CA VAL H 35 -8.43 -48.73 0.57
C VAL H 35 -7.10 -48.28 1.18
N SER H 36 -6.75 -48.82 2.35
CA SER H 36 -5.47 -48.49 2.97
C SER H 36 -4.30 -48.96 2.13
N LEU H 37 -4.47 -50.08 1.42
CA LEU H 37 -3.38 -50.61 0.60
C LEU H 37 -3.14 -49.73 -0.63
N LEU H 38 -4.22 -49.32 -1.30
CA LEU H 38 -4.08 -48.45 -2.46
C LEU H 38 -3.42 -47.13 -2.09
N ILE H 39 -3.75 -46.59 -0.91
CA ILE H 39 -3.12 -45.37 -0.45
C ILE H 39 -1.64 -45.61 -0.18
N CYS H 40 -1.32 -46.70 0.54
CA CYS H 40 0.08 -46.98 0.87
C CYS H 40 0.89 -47.31 -0.38
N GLU H 41 0.29 -47.99 -1.35
CA GLU H 41 0.96 -48.26 -2.61
C GLU H 41 1.22 -46.97 -3.37
N HIS H 42 0.19 -46.11 -3.48
CA HIS H 42 0.35 -44.84 -4.16
C HIS H 42 1.29 -43.90 -3.41
N HIS H 43 1.38 -44.05 -2.09
CA HIS H 43 2.22 -43.16 -1.30
C HIS H 43 3.71 -43.47 -1.45
N LEU H 44 4.05 -44.75 -1.61
CA LEU H 44 5.46 -45.14 -1.69
C LEU H 44 6.08 -44.84 -3.06
N LYS H 45 5.27 -44.68 -4.10
CA LYS H 45 5.78 -44.39 -5.43
C LYS H 45 5.84 -42.91 -5.75
N LYS H 46 5.34 -42.04 -4.86
CA LYS H 46 5.37 -40.61 -5.11
C LYS H 46 6.72 -39.98 -4.79
N PHE H 47 7.73 -40.78 -4.45
CA PHE H 47 8.99 -40.19 -4.04
C PHE H 47 10.00 -40.21 -5.17
N PRO H 48 10.94 -39.25 -5.18
CA PRO H 48 12.00 -39.25 -6.20
C PRO H 48 12.96 -40.41 -6.05
N GLN H 49 14.00 -40.45 -6.89
CA GLN H 49 14.93 -41.58 -6.88
C GLN H 49 15.70 -41.65 -5.57
N GLY H 50 16.19 -40.52 -5.08
CA GLY H 50 16.97 -40.52 -3.85
C GLY H 50 16.16 -40.55 -2.58
N GLN H 51 14.84 -40.45 -2.66
CA GLN H 51 13.97 -40.40 -1.50
C GLN H 51 13.08 -41.64 -1.44
N LYS H 52 12.74 -42.03 -0.21
CA LYS H 52 11.78 -43.10 0.01
C LYS H 52 11.04 -42.82 1.31
N GLY H 53 9.78 -43.26 1.36
CA GLY H 53 8.92 -42.97 2.50
C GLY H 53 8.79 -44.14 3.45
N LYS H 54 8.33 -43.82 4.66
CA LYS H 54 8.19 -44.79 5.73
C LYS H 54 6.76 -44.70 6.27
N VAL H 55 6.05 -45.82 6.24
CA VAL H 55 4.64 -45.87 6.62
C VAL H 55 4.50 -46.62 7.93
N VAL H 56 3.55 -46.19 8.75
CA VAL H 56 3.20 -46.87 10.00
C VAL H 56 1.70 -47.09 10.03
N PHE H 57 1.29 -48.26 10.54
CA PHE H 57 -0.11 -48.65 10.65
C PHE H 57 -0.38 -49.08 12.07
N PHE H 58 -1.51 -48.65 12.62
CA PHE H 58 -1.86 -48.90 14.01
C PHE H 58 -3.05 -49.83 14.11
N ALA H 59 -2.99 -50.76 15.06
CA ALA H 59 -4.06 -51.71 15.32
C ALA H 59 -4.23 -51.86 16.82
N ASN H 60 -5.49 -51.82 17.29
CA ASN H 60 -5.76 -51.88 18.71
C ASN H 60 -5.80 -53.30 19.26
N GLN H 61 -6.02 -54.30 18.42
CA GLN H 61 -6.09 -55.69 18.85
C GLN H 61 -4.98 -56.50 18.20
N ILE H 62 -4.42 -57.44 18.98
CA ILE H 62 -3.43 -58.36 18.42
C ILE H 62 -3.97 -59.11 17.21
N PRO H 63 -5.19 -59.65 17.21
CA PRO H 63 -5.68 -60.32 15.99
C PRO H 63 -5.70 -59.43 14.77
N VAL H 64 -6.18 -58.19 14.90
CA VAL H 64 -6.16 -57.26 13.77
C VAL H 64 -4.72 -56.92 13.40
N TYR H 65 -3.84 -56.79 14.40
CA TYR H 65 -2.43 -56.56 14.13
C TYR H 65 -1.83 -57.71 13.32
N GLU H 66 -2.14 -58.94 13.70
CA GLU H 66 -1.67 -60.09 12.93
C GLU H 66 -2.30 -60.12 11.54
N GLN H 67 -3.58 -59.72 11.45
CA GLN H 67 -4.27 -59.73 10.16
C GLN H 67 -3.64 -58.73 9.20
N GLN H 68 -3.57 -57.46 9.60
CA GLN H 68 -3.03 -56.43 8.71
C GLN H 68 -1.56 -56.67 8.39
N LYS H 69 -0.79 -57.21 9.34
CA LYS H 69 0.62 -57.48 9.08
C LYS H 69 0.77 -58.51 7.98
N SER H 70 -0.09 -59.53 7.95
CA SER H 70 -0.04 -60.53 6.90
C SER H 70 -0.56 -59.96 5.58
N VAL H 71 -1.64 -59.18 5.63
CA VAL H 71 -2.22 -58.61 4.41
C VAL H 71 -1.21 -57.70 3.72
N PHE H 72 -0.51 -56.86 4.49
CA PHE H 72 0.46 -55.95 3.90
C PHE H 72 1.69 -56.70 3.38
N SER H 73 2.14 -57.72 4.11
CA SER H 73 3.37 -58.43 3.73
C SER H 73 3.20 -59.13 2.38
N LYS H 74 2.08 -59.85 2.21
CA LYS H 74 1.83 -60.57 0.97
C LYS H 74 1.31 -59.66 -0.14
N TYR H 75 1.45 -58.35 0.02
CA TYR H 75 1.09 -57.39 -1.03
C TYR H 75 2.29 -56.58 -1.51
N PHE H 76 3.14 -56.11 -0.61
CA PHE H 76 4.27 -55.26 -0.96
C PHE H 76 5.60 -56.02 -1.01
N GLU H 77 5.59 -57.32 -0.73
CA GLU H 77 6.84 -58.09 -0.80
C GLU H 77 7.36 -58.14 -2.22
N ARG H 78 6.49 -58.39 -3.19
CA ARG H 78 6.88 -58.41 -4.60
C ARG H 78 7.10 -57.02 -5.18
N HIS H 79 6.90 -55.96 -4.38
CA HIS H 79 7.16 -54.60 -4.84
C HIS H 79 8.54 -54.09 -4.42
N GLY H 80 9.20 -54.75 -3.48
CA GLY H 80 10.50 -54.31 -3.01
C GLY H 80 10.42 -53.50 -1.74
N TYR H 81 9.49 -53.87 -0.86
CA TYR H 81 9.28 -53.18 0.42
C TYR H 81 9.40 -54.18 1.56
N ARG H 82 10.07 -53.77 2.63
CA ARG H 82 10.22 -54.61 3.81
C ARG H 82 9.13 -54.27 4.81
N VAL H 83 8.28 -55.24 5.10
CA VAL H 83 7.15 -55.08 6.02
C VAL H 83 7.49 -55.79 7.32
N THR H 84 7.26 -55.11 8.44
CA THR H 84 7.54 -55.68 9.76
C THR H 84 6.45 -55.26 10.73
N GLY H 85 6.51 -55.81 11.92
CA GLY H 85 5.56 -55.46 12.97
C GLY H 85 6.20 -55.60 14.33
N ILE H 86 5.76 -54.76 15.27
CA ILE H 86 6.23 -54.79 16.65
C ILE H 86 5.02 -54.73 17.56
N SER H 87 4.92 -55.71 18.46
CA SER H 87 3.87 -55.75 19.47
C SER H 87 4.53 -55.96 20.83
N GLY H 88 3.70 -56.05 21.88
CA GLY H 88 4.22 -56.23 23.21
C GLY H 88 5.04 -57.49 23.39
N ALA H 89 4.77 -58.51 22.56
CA ALA H 89 5.51 -59.76 22.65
C ALA H 89 6.88 -59.70 21.99
N THR H 90 7.11 -58.70 21.13
CA THR H 90 8.38 -58.59 20.41
C THR H 90 8.99 -57.19 20.53
N ALA H 91 8.57 -56.41 21.52
CA ALA H 91 9.07 -55.05 21.68
C ALA H 91 10.22 -54.93 22.67
N GLU H 92 10.41 -55.93 23.54
CA GLU H 92 11.43 -55.86 24.58
C GLU H 92 12.77 -56.36 24.05
N ASN H 93 13.84 -55.70 24.50
CA ASN H 93 15.22 -56.09 24.19
C ASN H 93 15.52 -56.06 22.70
N VAL H 94 14.85 -55.16 21.97
CA VAL H 94 15.12 -55.01 20.54
C VAL H 94 15.27 -53.52 20.22
N PRO H 95 16.21 -53.16 19.34
CA PRO H 95 16.37 -51.74 18.98
C PRO H 95 15.28 -51.25 18.05
N VAL H 96 14.16 -50.81 18.64
CA VAL H 96 13.02 -50.32 17.85
C VAL H 96 13.46 -49.26 16.85
N GLU H 97 14.44 -48.44 17.20
CA GLU H 97 14.95 -47.44 16.26
C GLU H 97 15.53 -48.10 15.02
N GLN H 98 16.32 -49.16 15.21
CA GLN H 98 16.88 -49.87 14.07
C GLN H 98 15.78 -50.55 13.25
N ILE H 99 14.76 -51.09 13.93
CA ILE H 99 13.70 -51.80 13.23
C ILE H 99 12.91 -50.84 12.34
N VAL H 100 12.61 -49.65 12.86
CA VAL H 100 11.84 -48.67 12.08
C VAL H 100 12.66 -48.16 10.90
N GLU H 101 13.94 -47.86 11.13
CA GLU H 101 14.76 -47.25 10.08
C GLU H 101 14.98 -48.21 8.92
N ASN H 102 15.13 -49.50 9.20
CA ASN H 102 15.45 -50.48 8.18
C ASN H 102 14.22 -51.11 7.54
N ASN H 103 13.02 -50.71 7.95
CA ASN H 103 11.78 -51.21 7.36
C ASN H 103 10.97 -50.06 6.79
N ASP H 104 10.25 -50.33 5.71
CA ASP H 104 9.50 -49.31 5.00
C ASP H 104 8.03 -49.24 5.41
N ILE H 105 7.44 -50.37 5.79
CA ILE H 105 6.06 -50.41 6.28
C ILE H 105 6.07 -51.12 7.63
N ILE H 106 5.62 -50.43 8.67
CA ILE H 106 5.65 -50.93 10.04
C ILE H 106 4.24 -50.93 10.59
N ILE H 107 3.64 -52.10 10.72
CA ILE H 107 2.38 -52.24 11.43
C ILE H 107 2.67 -52.33 12.91
N LEU H 108 1.98 -51.52 13.72
CA LEU H 108 2.38 -51.31 15.09
C LEU H 108 1.16 -51.29 16.00
N THR H 109 1.40 -51.61 17.27
CA THR H 109 0.47 -51.38 18.37
C THR H 109 0.68 -49.97 18.92
N PRO H 110 -0.40 -49.20 19.15
CA PRO H 110 -0.21 -47.79 19.50
C PRO H 110 0.64 -47.54 20.73
N GLN H 111 0.58 -48.43 21.73
CA GLN H 111 1.33 -48.18 22.96
C GLN H 111 2.83 -48.32 22.75
N ILE H 112 3.27 -49.11 21.77
CA ILE H 112 4.70 -49.27 21.52
C ILE H 112 5.33 -47.93 21.14
N LEU H 113 4.65 -47.17 20.26
CA LEU H 113 5.15 -45.86 19.91
C LEU H 113 5.10 -44.91 21.10
N VAL H 114 4.02 -44.98 21.89
CA VAL H 114 3.88 -44.11 23.06
C VAL H 114 5.04 -44.31 24.02
N ASN H 115 5.43 -45.57 24.27
CA ASN H 115 6.52 -45.84 25.20
C ASN H 115 7.86 -45.47 24.60
N ASN H 116 8.04 -45.68 23.29
CA ASN H 116 9.32 -45.36 22.65
C ASN H 116 9.48 -43.87 22.42
N LEU H 117 8.37 -43.12 22.31
CA LEU H 117 8.48 -41.67 22.23
C LEU H 117 8.95 -41.08 23.55
N LYS H 118 8.44 -41.60 24.67
CA LYS H 118 8.85 -41.09 25.98
C LYS H 118 10.29 -41.50 26.30
N LYS H 119 10.66 -42.75 26.00
CA LYS H 119 12.03 -43.19 26.23
C LYS H 119 13.03 -42.45 25.35
N GLY H 120 12.58 -41.81 24.28
CA GLY H 120 13.45 -41.09 23.39
C GLY H 120 14.03 -41.90 22.26
N THR H 121 13.77 -43.22 22.22
CA THR H 121 14.30 -44.05 21.14
C THR H 121 13.76 -43.61 19.79
N ILE H 122 12.57 -43.01 19.77
CA ILE H 122 12.04 -42.36 18.57
C ILE H 122 11.87 -40.88 18.91
N PRO H 123 12.74 -40.01 18.40
CA PRO H 123 12.69 -38.60 18.81
C PRO H 123 11.41 -37.89 18.37
N SER H 124 11.05 -38.00 17.10
CA SER H 124 9.84 -37.37 16.61
C SER H 124 9.21 -38.23 15.54
N LEU H 125 7.91 -37.98 15.29
CA LEU H 125 7.17 -38.72 14.27
C LEU H 125 7.60 -38.36 12.86
N SER H 126 8.56 -37.45 12.69
CA SER H 126 9.06 -37.10 11.37
C SER H 126 9.76 -38.25 10.67
N ILE H 127 10.05 -39.34 11.38
CA ILE H 127 10.66 -40.51 10.77
C ILE H 127 9.70 -41.14 9.75
N PHE H 128 8.40 -41.06 9.99
CA PHE H 128 7.41 -41.60 9.08
C PHE H 128 6.94 -40.53 8.10
N THR H 129 6.55 -40.99 6.91
CA THR H 129 5.94 -40.12 5.91
C THR H 129 4.43 -40.35 5.79
N LEU H 130 3.87 -41.24 6.59
CA LEU H 130 2.46 -41.57 6.53
C LEU H 130 2.08 -42.33 7.80
N MET H 131 0.94 -41.95 8.38
CA MET H 131 0.40 -42.63 9.56
C MET H 131 -1.04 -43.00 9.29
N ILE H 132 -1.39 -44.26 9.57
CA ILE H 132 -2.73 -44.78 9.32
C ILE H 132 -3.29 -45.29 10.64
N PHE H 133 -4.37 -44.67 11.11
CA PHE H 133 -5.04 -45.07 12.34
C PHE H 133 -6.26 -45.91 11.98
N ASP H 134 -6.23 -47.19 12.31
CA ASP H 134 -7.39 -48.05 12.17
C ASP H 134 -8.31 -47.83 13.38
N GLU H 135 -9.61 -47.69 13.11
CA GLU H 135 -10.60 -47.27 14.12
C GLU H 135 -10.19 -45.93 14.72
N CYS H 136 -10.12 -44.92 13.85
CA CYS H 136 -9.59 -43.62 14.22
C CYS H 136 -10.49 -42.85 15.17
N HIS H 137 -11.76 -43.26 15.31
CA HIS H 137 -12.62 -42.63 16.31
C HIS H 137 -12.12 -42.86 17.73
N ASN H 138 -11.21 -43.82 17.92
CA ASN H 138 -10.59 -44.05 19.22
C ASN H 138 -9.63 -42.95 19.62
N THR H 139 -9.32 -42.01 18.72
CA THR H 139 -8.48 -40.88 19.10
C THR H 139 -9.30 -39.98 20.01
N SER H 140 -9.20 -40.21 21.32
CA SER H 140 -10.20 -39.75 22.27
C SER H 140 -9.50 -39.47 23.61
N LYS H 141 -10.30 -39.44 24.69
CA LYS H 141 -9.90 -38.91 26.00
C LYS H 141 -8.45 -39.22 26.38
N GLN H 142 -8.12 -40.50 26.57
CA GLN H 142 -6.76 -40.86 26.96
C GLN H 142 -6.25 -42.08 26.21
N HIS H 143 -6.89 -42.44 25.09
CA HIS H 143 -6.45 -43.60 24.32
C HIS H 143 -5.06 -43.35 23.74
N PRO H 144 -4.26 -44.42 23.60
CA PRO H 144 -2.91 -44.26 23.02
C PRO H 144 -2.90 -43.60 21.65
N TYR H 145 -4.02 -43.68 20.92
CA TYR H 145 -4.12 -42.94 19.66
C TYR H 145 -3.96 -41.45 19.88
N ASN H 146 -4.54 -40.92 20.96
CA ASN H 146 -4.42 -39.50 21.24
C ASN H 146 -3.02 -39.13 21.71
N MET H 147 -2.42 -39.98 22.55
CA MET H 147 -1.05 -39.72 23.01
C MET H 147 -0.08 -39.65 21.85
N ILE H 148 -0.31 -40.46 20.81
CA ILE H 148 0.50 -40.36 19.59
C ILE H 148 0.21 -39.05 18.86
N MET H 149 -1.06 -38.70 18.73
CA MET H 149 -1.42 -37.46 18.04
C MET H 149 -1.07 -36.23 18.87
N PHE H 150 -1.05 -36.36 20.20
CA PHE H 150 -0.55 -35.27 21.03
C PHE H 150 0.89 -34.93 20.67
N ASN H 151 1.72 -35.95 20.45
CA ASN H 151 3.08 -35.74 19.98
C ASN H 151 3.07 -35.03 18.63
N TYR H 152 2.18 -35.44 17.73
CA TYR H 152 2.04 -34.79 16.44
C TYR H 152 1.68 -33.32 16.59
N LEU H 153 0.68 -33.02 17.43
CA LEU H 153 0.23 -31.65 17.60
C LEU H 153 1.19 -30.82 18.43
N ASP H 154 1.94 -31.45 19.34
CA ASP H 154 2.91 -30.70 20.14
C ASP H 154 4.05 -30.17 19.27
N GLN H 155 4.33 -30.83 18.15
CA GLN H 155 5.37 -30.36 17.22
C GLN H 155 4.81 -29.39 16.19
N LYS H 156 3.60 -29.65 15.69
CA LYS H 156 3.01 -28.79 14.66
C LYS H 156 2.79 -27.38 15.19
N LEU H 157 2.37 -27.25 16.45
CA LEU H 157 2.06 -25.94 17.00
C LEU H 157 3.32 -25.24 17.51
N GLY H 158 4.16 -25.95 18.25
CA GLY H 158 5.39 -25.38 18.74
C GLY H 158 6.36 -25.05 17.62
N GLY H 159 7.39 -24.29 17.98
CA GLY H 159 8.41 -23.90 17.00
C GLY H 159 9.22 -25.04 16.44
N SER H 160 9.05 -26.26 16.97
CA SER H 160 9.77 -27.42 16.48
C SER H 160 9.48 -27.67 15.01
N SER H 161 10.50 -27.55 14.16
CA SER H 161 10.34 -27.77 12.73
C SER H 161 10.37 -29.27 12.44
N GLY H 162 10.46 -29.62 11.16
CA GLY H 162 10.52 -31.00 10.76
C GLY H 162 9.29 -31.43 9.98
N PRO H 163 9.50 -32.13 8.86
CA PRO H 163 8.37 -32.58 8.04
C PRO H 163 7.55 -33.64 8.77
N LEU H 164 6.24 -33.39 8.88
CA LEU H 164 5.34 -34.29 9.58
C LEU H 164 4.63 -35.22 8.61
N PRO H 165 4.25 -36.42 9.05
CA PRO H 165 3.65 -37.39 8.14
C PRO H 165 2.17 -37.12 7.87
N GLN H 166 1.73 -37.58 6.71
CA GLN H 166 0.30 -37.57 6.39
C GLN H 166 -0.43 -38.54 7.31
N VAL H 167 -1.62 -38.13 7.76
CA VAL H 167 -2.40 -38.91 8.71
C VAL H 167 -3.68 -39.37 8.03
N ILE H 168 -3.93 -40.67 8.06
CA ILE H 168 -5.14 -41.27 7.53
C ILE H 168 -5.89 -41.95 8.67
N GLY H 169 -7.21 -41.88 8.64
CA GLY H 169 -8.04 -42.52 9.64
C GLY H 169 -9.14 -43.34 9.01
N LEU H 170 -9.44 -44.47 9.64
CA LEU H 170 -10.47 -45.38 9.18
C LEU H 170 -11.49 -45.63 10.29
N THR H 171 -12.76 -45.64 9.92
CA THR H 171 -13.84 -45.88 10.87
C THR H 171 -15.14 -46.06 10.11
N ALA H 172 -16.09 -46.71 10.76
CA ALA H 172 -17.46 -46.78 10.27
C ALA H 172 -18.36 -45.72 10.89
N SER H 173 -17.87 -45.02 11.91
CA SER H 173 -18.66 -44.00 12.59
C SER H 173 -17.71 -43.13 13.40
N VAL H 174 -17.78 -41.81 13.18
CA VAL H 174 -16.96 -40.90 13.98
C VAL H 174 -17.58 -40.66 15.34
N GLY H 175 -18.89 -40.78 15.45
CA GLY H 175 -19.59 -40.54 16.70
C GLY H 175 -19.95 -39.07 16.91
N VAL H 176 -20.84 -38.83 17.86
CA VAL H 176 -21.29 -37.48 18.17
C VAL H 176 -21.22 -37.27 19.69
N GLY H 177 -21.03 -38.34 20.44
CA GLY H 177 -20.93 -38.21 21.88
C GLY H 177 -22.28 -37.94 22.50
N ASP H 178 -22.37 -36.85 23.27
CA ASP H 178 -23.59 -36.44 23.94
C ASP H 178 -24.37 -35.39 23.15
N ALA H 179 -24.28 -35.42 21.84
CA ALA H 179 -24.91 -34.39 21.01
C ALA H 179 -26.43 -34.47 21.11
N LYS H 180 -27.05 -33.30 21.21
CA LYS H 180 -28.50 -33.18 21.21
C LYS H 180 -29.05 -32.50 19.98
N ASN H 181 -28.19 -31.96 19.12
CA ASN H 181 -28.61 -31.31 17.88
C ASN H 181 -27.47 -31.38 16.88
N THR H 182 -27.78 -31.02 15.63
CA THR H 182 -26.76 -31.08 14.58
C THR H 182 -25.62 -30.11 14.85
N ASP H 183 -25.89 -29.00 15.54
CA ASP H 183 -24.83 -28.07 15.89
C ASP H 183 -23.92 -28.66 16.97
N GLU H 184 -24.50 -29.34 17.96
CA GLU H 184 -23.68 -30.02 18.96
C GLU H 184 -22.90 -31.17 18.33
N ALA H 185 -23.51 -31.89 17.39
CA ALA H 185 -22.82 -32.99 16.73
C ALA H 185 -21.67 -32.48 15.87
N LEU H 186 -21.87 -31.36 15.17
CA LEU H 186 -20.80 -30.79 14.35
C LEU H 186 -19.64 -30.29 15.20
N ASP H 187 -19.88 -29.99 16.48
CA ASP H 187 -18.78 -29.63 17.38
C ASP H 187 -17.88 -30.84 17.64
N TYR H 188 -18.48 -32.00 17.89
CA TYR H 188 -17.69 -33.20 18.18
C TYR H 188 -16.86 -33.62 16.97
N ILE H 189 -17.47 -33.62 15.78
CA ILE H 189 -16.78 -34.09 14.59
C ILE H 189 -15.58 -33.19 14.27
N CYS H 190 -15.74 -31.88 14.41
CA CYS H 190 -14.64 -30.97 14.13
C CYS H 190 -13.51 -31.13 15.15
N LYS H 191 -13.83 -31.53 16.38
CA LYS H 191 -12.79 -31.75 17.37
C LYS H 191 -12.04 -33.06 17.13
N LEU H 192 -12.73 -34.08 16.62
CA LEU H 192 -12.05 -35.32 16.24
C LEU H 192 -11.13 -35.08 15.05
N CYS H 193 -11.58 -34.30 14.07
CA CYS H 193 -10.71 -33.91 12.96
C CYS H 193 -9.52 -33.11 13.45
N ALA H 194 -9.71 -32.28 14.48
CA ALA H 194 -8.58 -31.56 15.05
C ALA H 194 -7.64 -32.48 15.82
N SER H 195 -8.18 -33.57 16.38
CA SER H 195 -7.32 -34.52 17.08
C SER H 195 -6.48 -35.35 16.11
N LEU H 196 -6.98 -35.55 14.89
CA LEU H 196 -6.26 -36.30 13.86
C LEU H 196 -5.69 -35.39 12.78
N ASP H 197 -5.77 -34.07 12.95
CA ASP H 197 -5.24 -33.09 12.00
C ASP H 197 -5.86 -33.28 10.62
N ALA H 198 -7.07 -33.85 10.56
CA ALA H 198 -7.70 -34.18 9.30
C ALA H 198 -8.34 -32.95 8.66
N SER H 199 -8.18 -32.83 7.35
CA SER H 199 -8.80 -31.74 6.59
C SER H 199 -9.97 -32.21 5.73
N VAL H 200 -10.09 -33.50 5.47
CA VAL H 200 -11.15 -34.05 4.63
C VAL H 200 -11.81 -35.21 5.36
N ILE H 201 -13.11 -35.38 5.13
CA ILE H 201 -13.85 -36.55 5.58
C ILE H 201 -14.40 -37.21 4.32
N ALA H 202 -13.76 -38.30 3.89
CA ALA H 202 -14.12 -38.97 2.65
C ALA H 202 -15.22 -39.99 2.91
N THR H 203 -16.35 -39.83 2.22
CA THR H 203 -17.44 -40.79 2.26
C THR H 203 -17.86 -41.10 0.83
N VAL H 204 -18.65 -42.16 0.68
CA VAL H 204 -19.16 -42.55 -0.64
C VAL H 204 -20.33 -41.65 -1.00
N LYS H 205 -20.17 -40.87 -2.08
CA LYS H 205 -21.21 -39.96 -2.53
C LYS H 205 -21.58 -40.11 -3.99
N HIS H 206 -20.72 -40.71 -4.83
CA HIS H 206 -21.00 -40.89 -6.24
C HIS H 206 -21.34 -42.34 -6.59
N ASN H 207 -20.67 -43.31 -5.97
CA ASN H 207 -20.88 -44.73 -6.24
C ASN H 207 -21.79 -45.39 -5.21
N LEU H 208 -22.81 -44.66 -4.75
CA LEU H 208 -23.74 -45.20 -3.75
C LEU H 208 -24.40 -46.47 -4.26
N GLU H 209 -24.75 -46.52 -5.54
CA GLU H 209 -25.37 -47.73 -6.09
C GLU H 209 -24.42 -48.91 -6.01
N GLU H 210 -23.15 -48.71 -6.34
CA GLU H 210 -22.17 -49.79 -6.25
C GLU H 210 -21.95 -50.21 -4.79
N LEU H 211 -21.91 -49.24 -3.88
CA LEU H 211 -21.72 -49.56 -2.46
C LEU H 211 -22.91 -50.34 -1.90
N GLU H 212 -24.13 -49.93 -2.26
CA GLU H 212 -25.32 -50.59 -1.75
C GLU H 212 -25.49 -52.00 -2.29
N GLN H 213 -24.64 -52.44 -3.21
CA GLN H 213 -24.65 -53.82 -3.68
C GLN H 213 -23.74 -54.72 -2.88
N VAL H 214 -22.69 -54.15 -2.28
CA VAL H 214 -21.73 -54.93 -1.50
C VAL H 214 -22.14 -55.00 -0.03
N VAL H 215 -22.63 -53.90 0.53
CA VAL H 215 -22.99 -53.82 1.93
C VAL H 215 -24.47 -53.49 2.03
N TYR H 216 -25.27 -54.45 2.47
CA TYR H 216 -26.68 -54.25 2.73
C TYR H 216 -26.91 -54.03 4.22
N LYS H 217 -27.83 -53.14 4.55
CA LYS H 217 -28.13 -52.82 5.94
C LYS H 217 -29.23 -53.75 6.45
N PRO H 218 -28.98 -54.53 7.49
CA PRO H 218 -30.01 -55.45 7.98
C PRO H 218 -31.19 -54.70 8.60
N GLN H 219 -32.36 -55.32 8.51
CA GLN H 219 -33.57 -54.75 9.07
C GLN H 219 -33.62 -54.97 10.57
N LYS H 220 -33.77 -53.89 11.33
CA LYS H 220 -33.71 -53.94 12.78
C LYS H 220 -35.11 -54.11 13.35
N PHE H 221 -35.21 -54.95 14.39
CA PHE H 221 -36.48 -55.24 15.05
C PHE H 221 -36.36 -54.98 16.54
N PHE H 222 -37.43 -54.47 17.13
CA PHE H 222 -37.49 -54.19 18.56
C PHE H 222 -38.50 -55.12 19.21
N ARG H 223 -38.10 -55.75 20.32
CA ARG H 223 -38.94 -56.71 21.04
C ARG H 223 -38.95 -56.30 22.51
N LYS H 224 -39.96 -55.52 22.90
CA LYS H 224 -40.16 -55.13 24.30
C LYS H 224 -41.07 -56.17 24.95
N VAL H 225 -40.51 -56.95 25.87
CA VAL H 225 -41.26 -57.99 26.56
C VAL H 225 -41.45 -57.59 28.01
N GLU H 226 -42.21 -58.39 28.74
CA GLU H 226 -42.49 -58.12 30.15
C GLU H 226 -41.64 -59.02 31.04
N SER H 227 -41.28 -58.49 32.21
CA SER H 227 -40.53 -59.26 33.18
C SER H 227 -41.41 -60.35 33.79
N ARG H 228 -40.75 -61.30 34.46
CA ARG H 228 -41.47 -62.40 35.07
C ARG H 228 -42.30 -61.92 36.25
N ILE H 229 -43.39 -62.64 36.53
CA ILE H 229 -44.37 -62.24 37.53
C ILE H 229 -44.21 -63.03 38.83
N SER H 230 -44.21 -64.35 38.74
CA SER H 230 -44.14 -65.21 39.93
C SER H 230 -42.67 -65.43 40.29
N ASP H 231 -42.19 -64.62 41.22
CA ASP H 231 -40.80 -64.73 41.69
C ASP H 231 -40.75 -65.53 42.99
N LYS H 232 -40.91 -66.85 42.85
CA LYS H 232 -40.74 -67.74 43.98
C LYS H 232 -39.26 -68.01 44.26
N PHE H 233 -38.39 -67.78 43.27
CA PHE H 233 -36.95 -67.89 43.51
C PHE H 233 -36.41 -66.66 44.23
N LYS H 234 -36.85 -65.46 43.81
CA LYS H 234 -36.41 -64.24 44.47
C LYS H 234 -36.91 -64.19 45.91
N TYR H 235 -38.11 -64.71 46.17
CA TYR H 235 -38.67 -64.66 47.51
C TYR H 235 -37.82 -65.45 48.50
N ILE H 236 -37.29 -66.60 48.07
CA ILE H 236 -36.46 -67.41 48.96
C ILE H 236 -35.10 -66.76 49.17
N ILE H 237 -34.45 -66.37 48.07
CA ILE H 237 -33.13 -65.75 48.17
C ILE H 237 -33.20 -64.43 48.93
N ALA H 238 -34.36 -63.76 48.89
CA ALA H 238 -34.51 -62.51 49.64
C ALA H 238 -34.34 -62.72 51.14
N GLN H 239 -34.74 -63.88 51.65
CA GLN H 239 -34.60 -64.13 53.08
C GLN H 239 -33.17 -64.52 53.43
N LEU H 240 -32.48 -65.25 52.56
CA LEU H 240 -31.09 -65.59 52.82
C LEU H 240 -30.22 -64.34 52.91
N MET H 241 -30.54 -63.31 52.13
CA MET H 241 -29.82 -62.05 52.24
C MET H 241 -30.19 -61.33 53.52
N ARG H 242 -31.48 -61.29 53.86
CA ARG H 242 -31.89 -60.71 55.14
C ARG H 242 -31.37 -61.54 56.30
N ASP H 243 -31.25 -62.86 56.13
CA ASP H 243 -30.60 -63.68 57.15
C ASP H 243 -29.14 -63.29 57.31
N THR H 244 -28.41 -63.21 56.19
CA THR H 244 -27.00 -62.82 56.24
C THR H 244 -26.83 -61.39 56.74
N GLU H 245 -27.72 -60.49 56.33
CA GLU H 245 -27.66 -59.12 56.82
C GLU H 245 -27.92 -59.06 58.33
N SER H 246 -28.79 -59.93 58.84
CA SER H 246 -29.02 -59.96 60.28
C SER H 246 -27.80 -60.47 61.03
N LEU H 247 -27.08 -61.44 60.45
CA LEU H 247 -25.84 -61.91 61.04
C LEU H 247 -24.74 -60.86 60.96
N ALA H 248 -24.82 -59.95 59.98
CA ALA H 248 -23.89 -58.82 59.92
C ALA H 248 -24.23 -57.78 60.97
N LYS H 249 -25.52 -57.61 61.30
CA LYS H 249 -25.90 -56.70 62.37
C LYS H 249 -25.41 -57.20 63.72
N ARG H 250 -25.44 -58.51 63.93
CA ARG H 250 -25.00 -59.09 65.20
C ARG H 250 -23.51 -58.88 65.46
N ILE H 251 -22.77 -58.35 64.49
CA ILE H 251 -21.35 -58.08 64.64
C ILE H 251 -21.07 -56.58 64.57
N CYS H 252 -21.72 -55.86 63.66
CA CYS H 252 -21.48 -54.44 63.44
C CYS H 252 -22.77 -53.66 63.69
N LYS H 253 -22.82 -52.98 64.82
CA LYS H 253 -23.87 -51.99 65.02
C LYS H 253 -23.65 -50.80 64.09
N ASP H 254 -24.72 -50.07 63.81
CA ASP H 254 -24.69 -48.94 62.89
C ASP H 254 -24.21 -49.37 61.50
N LEU H 255 -24.64 -50.56 61.08
CA LEU H 255 -24.43 -50.96 59.69
C LEU H 255 -25.24 -50.10 58.74
N GLU H 256 -26.37 -49.57 59.21
CA GLU H 256 -27.27 -48.79 58.37
C GLU H 256 -26.72 -47.41 58.04
N ASN H 257 -25.67 -46.96 58.74
CA ASN H 257 -25.05 -45.67 58.46
C ASN H 257 -23.65 -45.82 57.89
N LEU H 258 -23.23 -47.04 57.55
CA LEU H 258 -21.93 -47.24 56.92
C LEU H 258 -21.92 -46.78 55.46
N SER H 259 -23.08 -46.75 54.82
CA SER H 259 -23.20 -46.35 53.42
C SER H 259 -24.15 -45.17 53.31
N GLN H 260 -23.80 -44.22 52.44
CA GLN H 260 -24.66 -43.09 52.13
C GLN H 260 -25.81 -43.49 51.20
N ILE H 261 -25.95 -44.78 50.91
CA ILE H 261 -26.98 -45.28 50.02
C ILE H 261 -28.12 -45.81 50.87
N GLN H 262 -29.28 -45.17 50.78
CA GLN H 262 -30.50 -45.64 51.43
C GLN H 262 -31.48 -46.14 50.38
N ASN H 263 -32.54 -46.80 50.86
CA ASN H 263 -33.56 -47.40 49.99
C ASN H 263 -32.94 -48.45 49.08
N ARG H 264 -32.13 -49.32 49.67
CA ARG H 264 -31.51 -50.41 48.92
C ARG H 264 -32.50 -51.56 48.74
N GLU H 265 -32.40 -52.23 47.60
CA GLU H 265 -33.33 -53.28 47.23
C GLU H 265 -32.57 -54.46 46.66
N PHE H 266 -33.01 -55.67 46.98
CA PHE H 266 -32.34 -56.87 46.52
C PHE H 266 -32.39 -56.98 44.99
N GLY H 267 -31.37 -57.61 44.42
CA GLY H 267 -31.32 -57.82 43.00
C GLY H 267 -31.12 -56.57 42.17
N THR H 268 -30.72 -55.46 42.78
CA THR H 268 -30.54 -54.20 42.09
C THR H 268 -29.06 -53.85 41.98
N GLN H 269 -28.76 -52.90 41.09
CA GLN H 269 -27.38 -52.46 40.92
C GLN H 269 -26.92 -51.63 42.12
N LYS H 270 -27.81 -50.79 42.66
CA LYS H 270 -27.45 -50.00 43.83
C LYS H 270 -27.14 -50.89 45.04
N TYR H 271 -27.78 -52.06 45.13
CA TYR H 271 -27.44 -52.99 46.20
C TYR H 271 -26.03 -53.52 46.02
N GLU H 272 -25.62 -53.78 44.78
CA GLU H 272 -24.23 -54.16 44.51
C GLU H 272 -23.29 -53.01 44.88
N GLN H 273 -23.73 -51.77 44.66
CA GLN H 273 -22.95 -50.62 45.11
C GLN H 273 -22.98 -50.47 46.62
N TRP H 274 -24.09 -50.89 47.25
CA TRP H 274 -24.19 -50.77 48.71
C TRP H 274 -23.31 -51.81 49.40
N ILE H 275 -23.31 -53.05 48.90
CA ILE H 275 -22.53 -54.10 49.53
C ILE H 275 -21.03 -53.85 49.38
N VAL H 276 -20.63 -53.04 48.39
CA VAL H 276 -19.22 -52.71 48.24
C VAL H 276 -18.84 -51.55 49.17
N THR H 277 -19.72 -50.55 49.29
CA THR H 277 -19.44 -49.44 50.19
C THR H 277 -19.35 -49.92 51.64
N VAL H 278 -20.19 -50.88 52.02
CA VAL H 278 -20.11 -51.46 53.36
C VAL H 278 -18.85 -52.30 53.48
N GLN H 279 -18.53 -53.10 52.45
CA GLN H 279 -17.35 -53.94 52.50
C GLN H 279 -16.08 -53.11 52.64
N LYS H 280 -16.04 -51.93 52.01
CA LYS H 280 -14.88 -51.05 52.17
C LYS H 280 -14.87 -50.42 53.56
N ALA H 281 -16.05 -50.09 54.11
CA ALA H 281 -16.11 -49.45 55.41
C ALA H 281 -15.78 -50.41 56.54
N CYS H 282 -16.10 -51.70 56.38
CA CYS H 282 -15.79 -52.68 57.41
C CYS H 282 -14.31 -53.01 57.51
N MET H 283 -13.49 -52.56 56.55
CA MET H 283 -12.07 -52.82 56.59
C MET H 283 -11.31 -51.82 57.46
N VAL H 284 -11.88 -50.64 57.72
CA VAL H 284 -11.24 -49.67 58.59
C VAL H 284 -11.56 -49.92 60.06
N PHE H 285 -12.26 -50.99 60.38
CA PHE H 285 -12.61 -51.30 61.76
C PHE H 285 -11.35 -51.53 62.59
N GLN H 286 -11.31 -50.90 63.76
CA GLN H 286 -10.20 -51.02 64.69
C GLN H 286 -10.70 -51.59 66.01
N MET H 287 -10.06 -52.65 66.48
CA MET H 287 -10.36 -53.23 67.78
C MET H 287 -9.08 -53.37 68.59
N PRO H 288 -9.12 -53.05 69.89
CA PRO H 288 -7.92 -53.19 70.72
C PRO H 288 -7.42 -54.63 70.82
N ASP H 289 -8.30 -55.61 70.64
CA ASP H 289 -7.88 -57.01 70.75
C ASP H 289 -6.87 -57.35 69.65
N LYS H 290 -7.10 -56.86 68.43
CA LYS H 290 -6.26 -57.06 67.25
C LYS H 290 -6.24 -58.51 66.79
N ASP H 291 -6.88 -59.41 67.52
CA ASP H 291 -7.18 -60.76 67.06
C ASP H 291 -8.66 -60.99 66.83
N GLU H 292 -9.52 -60.23 67.53
CA GLU H 292 -10.93 -60.17 67.18
C GLU H 292 -11.18 -59.15 66.07
N GLU H 293 -10.31 -58.15 65.94
CA GLU H 293 -10.35 -57.28 64.77
C GLU H 293 -10.20 -58.10 63.49
N SER H 294 -9.41 -59.16 63.53
CA SER H 294 -9.34 -60.09 62.41
C SER H 294 -10.59 -60.94 62.34
N ARG H 295 -11.13 -61.36 63.50
CA ARG H 295 -12.30 -62.23 63.51
C ARG H 295 -13.53 -61.50 63.00
N ILE H 296 -13.69 -60.23 63.36
CA ILE H 296 -14.88 -59.48 62.96
C ILE H 296 -14.82 -59.13 61.48
N CYS H 297 -13.69 -58.57 61.03
CA CYS H 297 -13.60 -58.13 59.64
C CYS H 297 -13.66 -59.31 58.68
N LYS H 298 -13.02 -60.43 59.03
CA LYS H 298 -13.08 -61.62 58.18
C LYS H 298 -14.51 -62.14 58.07
N ALA H 299 -15.28 -62.03 59.14
CA ALA H 299 -16.69 -62.43 59.08
C ALA H 299 -17.51 -61.45 58.25
N LEU H 300 -17.28 -60.15 58.43
CA LEU H 300 -17.97 -59.14 57.62
C LEU H 300 -17.59 -59.28 56.15
N PHE H 301 -16.32 -59.62 55.88
CA PHE H 301 -15.91 -59.91 54.51
C PHE H 301 -16.68 -61.10 53.95
N LEU H 302 -16.76 -62.19 54.72
CA LEU H 302 -17.50 -63.36 54.29
C LEU H 302 -19.00 -63.14 54.32
N TYR H 303 -19.48 -62.13 55.04
CA TYR H 303 -20.90 -61.79 54.98
C TYR H 303 -21.19 -60.91 53.78
N THR H 304 -20.31 -59.95 53.48
CA THR H 304 -20.49 -59.13 52.28
C THR H 304 -20.24 -59.93 51.01
N SER H 305 -19.31 -60.89 51.04
CA SER H 305 -19.02 -61.69 49.86
C SER H 305 -20.21 -62.58 49.51
N HIS H 306 -20.77 -63.28 50.50
CA HIS H 306 -21.91 -64.15 50.22
C HIS H 306 -23.15 -63.34 49.84
N LEU H 307 -23.25 -62.10 50.31
CA LEU H 307 -24.35 -61.24 49.86
C LEU H 307 -24.21 -60.88 48.39
N ARG H 308 -22.98 -60.63 47.94
CA ARG H 308 -22.74 -60.30 46.55
C ARG H 308 -23.16 -61.44 45.62
N LYS H 309 -22.80 -62.68 45.98
CA LYS H 309 -23.19 -63.82 45.15
C LYS H 309 -24.69 -64.03 45.14
N TYR H 310 -25.38 -63.67 46.23
CA TYR H 310 -26.84 -63.74 46.22
C TYR H 310 -27.45 -62.67 45.32
N ASN H 311 -26.82 -61.49 45.25
CA ASN H 311 -27.35 -60.42 44.41
C ASN H 311 -27.27 -60.80 42.93
N ASP H 312 -26.14 -61.38 42.51
CA ASP H 312 -25.99 -61.77 41.11
C ASP H 312 -26.96 -62.89 40.74
N ALA H 313 -27.23 -63.79 41.68
CA ALA H 313 -28.15 -64.89 41.40
C ALA H 313 -29.55 -64.39 41.07
N LEU H 314 -29.97 -63.31 41.72
CA LEU H 314 -31.26 -62.70 41.38
C LEU H 314 -31.22 -62.10 39.98
N ILE H 315 -30.16 -61.33 39.68
CA ILE H 315 -30.06 -60.68 38.38
C ILE H 315 -29.93 -61.71 37.27
N ILE H 316 -29.22 -62.81 37.54
CA ILE H 316 -29.15 -63.90 36.57
C ILE H 316 -30.54 -64.50 36.35
N SER H 317 -31.28 -64.71 37.44
CA SER H 317 -32.63 -65.28 37.32
C SER H 317 -33.55 -64.37 36.55
N GLU H 318 -33.35 -63.05 36.63
CA GLU H 318 -34.22 -62.12 35.91
C GLU H 318 -34.01 -62.20 34.40
N HIS H 319 -32.80 -62.55 33.96
CA HIS H 319 -32.48 -62.58 32.54
C HIS H 319 -32.37 -63.98 31.95
N ALA H 320 -32.39 -65.03 32.78
CA ALA H 320 -32.20 -66.38 32.29
C ALA H 320 -33.00 -67.33 33.17
N ARG H 321 -32.69 -68.62 33.08
CA ARG H 321 -33.40 -69.64 33.83
C ARG H 321 -33.16 -69.47 35.33
N MET H 322 -33.98 -70.16 36.13
CA MET H 322 -33.73 -70.21 37.57
C MET H 322 -32.57 -71.13 37.89
N LYS H 323 -32.42 -72.22 37.14
CA LYS H 323 -31.31 -73.14 37.36
C LYS H 323 -29.97 -72.48 37.02
N ASP H 324 -29.95 -71.61 36.01
CA ASP H 324 -28.75 -70.86 35.70
C ASP H 324 -28.33 -69.97 36.87
N ALA H 325 -29.29 -69.52 37.68
CA ALA H 325 -28.98 -68.78 38.89
C ALA H 325 -28.62 -69.73 40.03
N LEU H 326 -29.32 -70.85 40.15
CA LEU H 326 -29.01 -71.82 41.20
C LEU H 326 -27.66 -72.48 40.98
N ASP H 327 -27.34 -72.81 39.73
CA ASP H 327 -26.03 -73.39 39.45
C ASP H 327 -24.91 -72.38 39.71
N TYR H 328 -25.22 -71.08 39.61
CA TYR H 328 -24.23 -70.06 39.96
C TYR H 328 -23.96 -70.06 41.45
N LEU H 329 -24.99 -70.27 42.27
CA LEU H 329 -24.78 -70.39 43.71
C LEU H 329 -24.11 -71.70 44.08
N LYS H 330 -24.53 -72.80 43.44
CA LYS H 330 -23.85 -74.08 43.67
C LYS H 330 -22.38 -73.99 43.30
N ASP H 331 -22.06 -73.27 42.23
CA ASP H 331 -20.66 -73.09 41.84
C ASP H 331 -19.88 -72.31 42.89
N PHE H 332 -20.53 -71.36 43.57
CA PHE H 332 -19.85 -70.57 44.59
C PHE H 332 -19.53 -71.42 45.82
N PHE H 333 -20.56 -72.03 46.41
CA PHE H 333 -20.35 -72.85 47.60
C PHE H 333 -19.52 -74.10 47.32
N SER H 334 -19.45 -74.53 46.06
CA SER H 334 -18.51 -75.59 45.69
C SER H 334 -17.07 -75.13 45.87
N ASN H 335 -16.73 -73.99 45.29
CA ASN H 335 -15.40 -73.41 45.47
C ASN H 335 -15.17 -72.89 46.89
N VAL H 336 -16.23 -72.76 47.70
CA VAL H 336 -16.07 -72.28 49.07
C VAL H 336 -15.28 -73.29 49.89
N ARG H 337 -15.72 -74.55 49.90
CA ARG H 337 -14.95 -75.59 50.54
C ARG H 337 -13.66 -75.81 49.79
N ALA H 338 -12.57 -76.06 50.53
CA ALA H 338 -11.22 -76.14 49.97
C ALA H 338 -10.84 -74.83 49.29
N ASP H 342 -13.70 -73.26 57.15
CA ASP H 342 -13.88 -72.16 58.07
C ASP H 342 -15.18 -72.32 58.85
N GLU H 343 -15.26 -71.68 60.02
CA GLU H 343 -16.44 -71.80 60.87
C GLU H 343 -17.59 -70.92 60.39
N ILE H 344 -17.28 -69.76 59.78
CA ILE H 344 -18.34 -68.88 59.30
C ILE H 344 -18.88 -69.38 57.96
N GLU H 345 -18.00 -69.91 57.10
CA GLU H 345 -18.48 -70.53 55.87
C GLU H 345 -19.39 -71.71 56.16
N GLN H 346 -19.04 -72.52 57.18
CA GLN H 346 -19.89 -73.63 57.56
C GLN H 346 -21.29 -73.17 57.97
N ASP H 347 -21.40 -71.95 58.52
CA ASP H 347 -22.71 -71.39 58.82
C ASP H 347 -23.47 -71.05 57.54
N LEU H 348 -22.81 -70.34 56.62
CA LEU H 348 -23.48 -69.89 55.40
C LEU H 348 -23.66 -71.03 54.41
N THR H 349 -22.68 -71.93 54.31
CA THR H 349 -22.82 -73.07 53.40
C THR H 349 -23.93 -74.02 53.84
N GLN H 350 -24.30 -74.00 55.12
CA GLN H 350 -25.38 -74.85 55.61
C GLN H 350 -26.73 -74.16 55.54
N ARG H 351 -26.79 -72.86 55.84
CA ARG H 351 -28.03 -72.10 55.71
C ARG H 351 -28.58 -72.18 54.29
N PHE H 352 -27.69 -72.19 53.30
CA PHE H 352 -28.12 -72.30 51.91
C PHE H 352 -28.61 -73.71 51.61
N GLU H 353 -27.93 -74.74 52.13
CA GLU H 353 -28.33 -76.11 51.89
C GLU H 353 -29.68 -76.45 52.53
N GLU H 354 -30.15 -75.64 53.47
CA GLU H 354 -31.46 -75.86 54.06
C GLU H 354 -32.56 -75.65 53.03
N LYS H 355 -32.39 -74.67 52.14
CA LYS H 355 -33.37 -74.37 51.11
C LYS H 355 -32.97 -74.92 49.74
N LEU H 356 -31.87 -75.68 49.68
CA LEU H 356 -31.41 -76.19 48.38
C LEU H 356 -32.44 -77.13 47.76
N GLN H 357 -33.07 -77.97 48.58
CA GLN H 357 -34.13 -78.83 48.06
C GLN H 357 -35.37 -78.03 47.66
N GLU H 358 -35.66 -76.95 48.39
CA GLU H 358 -36.79 -76.10 48.03
C GLU H 358 -36.50 -75.26 46.79
N LEU H 359 -35.25 -74.84 46.61
CA LEU H 359 -34.90 -74.07 45.43
C LEU H 359 -34.96 -74.92 44.17
N GLU H 360 -34.48 -76.17 44.26
CA GLU H 360 -34.54 -77.05 43.09
C GLU H 360 -35.98 -77.37 42.70
N SER H 361 -36.86 -77.54 43.70
CA SER H 361 -38.26 -77.82 43.41
C SER H 361 -38.92 -76.65 42.70
N VAL H 362 -38.60 -75.42 43.10
CA VAL H 362 -39.12 -74.25 42.42
C VAL H 362 -38.47 -74.10 41.04
N SER H 363 -37.20 -74.45 40.92
CA SER H 363 -36.51 -74.36 39.63
C SER H 363 -37.05 -75.37 38.64
N ARG H 364 -37.46 -76.55 39.11
CA ARG H 364 -38.02 -77.56 38.23
C ARG H 364 -39.44 -77.24 37.80
N ASP H 365 -40.13 -76.35 38.51
CA ASP H 365 -41.52 -76.03 38.23
C ASP H 365 -41.69 -75.54 36.79
N PRO H 366 -42.42 -76.27 35.94
CA PRO H 366 -42.58 -75.82 34.55
C PRO H 366 -43.28 -74.48 34.43
N SER H 367 -44.18 -74.16 35.36
CA SER H 367 -44.83 -72.85 35.36
C SER H 367 -43.85 -71.71 35.65
N ASN H 368 -42.66 -72.04 36.17
CA ASN H 368 -41.63 -71.03 36.44
C ASN H 368 -40.69 -70.96 35.24
N GLU H 369 -41.16 -70.26 34.20
CA GLU H 369 -40.36 -70.03 33.00
C GLU H 369 -40.31 -68.55 32.71
N ASN H 370 -39.21 -68.12 32.10
CA ASN H 370 -38.97 -66.69 31.86
C ASN H 370 -39.64 -66.27 30.55
N PRO H 371 -40.51 -65.27 30.55
CA PRO H 371 -41.08 -64.80 29.29
C PRO H 371 -40.04 -64.22 28.34
N LYS H 372 -38.91 -63.73 28.88
CA LYS H 372 -37.86 -63.22 28.01
C LYS H 372 -37.18 -64.34 27.23
N LEU H 373 -37.04 -65.52 27.84
CA LEU H 373 -36.48 -66.67 27.15
C LEU H 373 -37.47 -67.31 26.19
N GLU H 374 -38.77 -67.16 26.42
CA GLU H 374 -39.77 -67.71 25.52
C GLU H 374 -39.75 -67.00 24.18
N ASP H 375 -39.77 -65.66 24.21
CA ASP H 375 -39.71 -64.90 22.96
C ASP H 375 -38.38 -65.10 22.25
N LEU H 376 -37.31 -65.36 22.99
CA LEU H 376 -36.03 -65.69 22.36
C LEU H 376 -36.10 -67.03 21.65
N CYS H 377 -36.71 -68.04 22.29
CA CYS H 377 -36.89 -69.33 21.64
C CYS H 377 -37.83 -69.21 20.44
N PHE H 378 -38.86 -68.36 20.55
CA PHE H 378 -39.78 -68.15 19.44
C PHE H 378 -39.07 -67.53 18.25
N ILE H 379 -38.23 -66.52 18.50
CA ILE H 379 -37.48 -65.88 17.42
C ILE H 379 -36.53 -66.89 16.77
N LEU H 380 -35.92 -67.76 17.58
CA LEU H 380 -35.04 -68.78 17.03
C LEU H 380 -35.82 -69.82 16.24
N GLN H 381 -36.99 -70.21 16.73
CA GLN H 381 -37.79 -71.23 16.05
C GLN H 381 -38.27 -70.75 14.69
N GLU H 382 -38.70 -69.48 14.60
CA GLU H 382 -39.28 -68.98 13.36
C GLU H 382 -38.22 -68.86 12.27
N GLU H 383 -37.03 -68.36 12.61
CA GLU H 383 -36.02 -68.10 11.59
C GLU H 383 -35.40 -69.40 11.07
N TYR H 384 -35.13 -70.36 11.97
CA TYR H 384 -34.58 -71.63 11.54
C TYR H 384 -35.62 -72.52 10.86
N HIS H 385 -36.90 -72.25 11.09
CA HIS H 385 -37.93 -72.93 10.31
C HIS H 385 -37.94 -72.44 8.87
N LEU H 386 -37.74 -71.12 8.67
CA LEU H 386 -37.70 -70.57 7.32
C LEU H 386 -36.38 -70.85 6.63
N ASN H 387 -35.27 -70.76 7.35
CA ASN H 387 -33.95 -71.07 6.82
C ASN H 387 -33.18 -71.86 7.87
N PRO H 388 -33.11 -73.19 7.73
CA PRO H 388 -32.35 -73.99 8.71
C PRO H 388 -30.85 -73.80 8.62
N GLU H 389 -30.34 -73.24 7.52
CA GLU H 389 -28.93 -72.94 7.38
C GLU H 389 -28.55 -71.61 8.05
N THR H 390 -29.41 -71.11 8.93
CA THR H 390 -29.20 -69.81 9.56
C THR H 390 -27.96 -69.84 10.47
N ILE H 391 -27.23 -68.74 10.47
CA ILE H 391 -26.07 -68.55 11.34
C ILE H 391 -26.39 -67.37 12.25
N THR H 392 -26.58 -67.64 13.54
CA THR H 392 -27.01 -66.64 14.51
C THR H 392 -25.86 -66.29 15.45
N ILE H 393 -25.85 -65.04 15.91
CA ILE H 393 -24.94 -64.59 16.95
C ILE H 393 -25.75 -63.82 17.98
N LEU H 394 -25.54 -64.13 19.25
CA LEU H 394 -26.37 -63.63 20.34
C LEU H 394 -25.49 -62.87 21.33
N PHE H 395 -25.61 -61.54 21.34
CA PHE H 395 -24.81 -60.69 22.22
C PHE H 395 -25.53 -60.48 23.55
N VAL H 396 -24.79 -60.61 24.64
CA VAL H 396 -25.28 -60.34 25.98
C VAL H 396 -24.27 -59.45 26.69
N LYS H 397 -24.56 -59.15 27.96
CA LYS H 397 -23.80 -58.16 28.71
C LYS H 397 -22.69 -58.75 29.57
N THR H 398 -22.93 -59.89 30.20
CA THR H 398 -21.98 -60.49 31.13
C THR H 398 -21.52 -61.85 30.62
N ARG H 399 -20.36 -62.29 31.14
CA ARG H 399 -19.89 -63.64 30.83
C ARG H 399 -20.72 -64.72 31.51
N ALA H 400 -21.52 -64.35 32.53
CA ALA H 400 -22.37 -65.33 33.19
C ALA H 400 -23.56 -65.70 32.30
N LEU H 401 -24.20 -64.71 31.70
CA LEU H 401 -25.32 -64.99 30.80
C LEU H 401 -24.88 -65.76 29.57
N VAL H 402 -23.61 -65.62 29.17
CA VAL H 402 -23.08 -66.41 28.07
C VAL H 402 -23.23 -67.90 28.38
N ASP H 403 -22.79 -68.31 29.58
CA ASP H 403 -22.94 -69.69 29.99
C ASP H 403 -24.40 -70.02 30.28
N ALA H 404 -25.13 -69.06 30.85
CA ALA H 404 -26.54 -69.31 31.20
C ALA H 404 -27.38 -69.59 29.97
N LEU H 405 -27.16 -68.84 28.89
CA LEU H 405 -27.94 -69.06 27.67
C LEU H 405 -27.49 -70.31 26.91
N LYS H 406 -26.20 -70.63 26.99
CA LYS H 406 -25.72 -71.85 26.31
C LYS H 406 -26.29 -73.10 26.98
N ASN H 407 -26.36 -73.11 28.31
CA ASN H 407 -26.97 -74.23 29.00
C ASN H 407 -28.48 -74.28 28.77
N TRP H 408 -29.12 -73.11 28.66
CA TRP H 408 -30.53 -73.08 28.30
C TRP H 408 -30.77 -73.55 26.88
N ILE H 409 -29.80 -73.33 25.99
CA ILE H 409 -29.94 -73.80 24.61
C ILE H 409 -29.64 -75.29 24.51
N GLU H 410 -28.51 -75.73 25.08
CA GLU H 410 -28.15 -77.14 25.01
C GLU H 410 -29.14 -78.04 25.75
N GLY H 411 -29.92 -77.47 26.67
CA GLY H 411 -30.88 -78.23 27.44
C GLY H 411 -32.33 -78.08 27.02
N ASN H 412 -32.61 -77.36 25.93
CA ASN H 412 -33.98 -77.16 25.49
C ASN H 412 -34.27 -78.05 24.30
N PRO H 413 -35.25 -78.95 24.38
CA PRO H 413 -35.60 -79.75 23.19
C PRO H 413 -36.15 -78.93 22.04
N LYS H 414 -36.70 -77.75 22.31
CA LYS H 414 -37.19 -76.87 21.25
C LYS H 414 -36.07 -76.29 20.41
N LEU H 415 -34.81 -76.40 20.85
CA LEU H 415 -33.68 -75.83 20.15
C LEU H 415 -32.63 -76.88 19.80
N SER H 416 -33.06 -78.14 19.64
CA SER H 416 -32.12 -79.22 19.36
C SER H 416 -31.37 -79.01 18.06
N PHE H 417 -31.90 -78.21 17.14
CA PHE H 417 -31.23 -77.90 15.88
C PHE H 417 -30.05 -76.95 16.06
N LEU H 418 -29.81 -76.45 17.27
CA LEU H 418 -28.75 -75.49 17.52
C LEU H 418 -27.50 -76.19 18.05
N LYS H 419 -26.33 -75.74 17.59
CA LYS H 419 -25.03 -76.21 18.05
C LYS H 419 -24.28 -74.98 18.56
N PRO H 420 -24.51 -74.58 19.81
CA PRO H 420 -24.03 -73.28 20.26
C PRO H 420 -22.53 -73.27 20.53
N GLY H 421 -21.94 -72.08 20.35
CA GLY H 421 -20.57 -71.81 20.71
C GLY H 421 -20.48 -70.65 21.67
N ILE H 422 -19.26 -70.37 22.12
CA ILE H 422 -19.00 -69.36 23.13
C ILE H 422 -17.90 -68.42 22.62
N LEU H 423 -18.03 -67.14 22.97
CA LEU H 423 -16.99 -66.15 22.66
C LEU H 423 -17.00 -65.09 23.75
N THR H 424 -15.95 -65.07 24.57
CA THR H 424 -15.81 -64.07 25.62
C THR H 424 -14.42 -63.45 25.55
N GLY H 425 -14.23 -62.41 26.33
CA GLY H 425 -12.90 -61.82 26.48
C GLY H 425 -11.98 -62.74 27.26
N ARG H 426 -10.69 -62.38 27.23
CA ARG H 426 -9.69 -63.18 27.93
C ARG H 426 -9.74 -62.99 29.44
N GLY H 427 -10.63 -62.16 29.95
CA GLY H 427 -10.75 -61.94 31.38
C GLY H 427 -9.58 -61.14 31.92
N LYS H 428 -9.61 -60.93 33.23
CA LYS H 428 -8.53 -60.21 33.89
C LYS H 428 -7.25 -61.04 33.86
N THR H 429 -6.11 -60.35 33.74
CA THR H 429 -4.84 -61.02 33.46
C THR H 429 -4.39 -61.91 34.61
N ASN H 430 -4.92 -61.74 35.81
CA ASN H 430 -4.48 -62.48 36.98
C ASN H 430 -5.63 -63.23 37.64
N GLN H 431 -6.54 -63.77 36.84
CA GLN H 431 -7.65 -64.56 37.34
C GLN H 431 -7.89 -65.73 36.41
N ASN H 432 -8.45 -66.81 36.97
CA ASN H 432 -8.71 -68.03 36.19
C ASN H 432 -10.09 -67.95 35.53
N THR H 433 -10.26 -66.92 34.71
CA THR H 433 -11.51 -66.72 33.98
C THR H 433 -11.21 -66.42 32.52
N GLY H 434 -12.24 -66.05 31.76
CA GLY H 434 -12.05 -65.64 30.40
C GLY H 434 -11.73 -66.79 29.45
N MET H 435 -11.40 -66.41 28.22
CA MET H 435 -11.11 -67.35 27.15
C MET H 435 -9.82 -66.92 26.46
N THR H 436 -8.87 -67.85 26.38
CA THR H 436 -7.57 -67.54 25.78
C THR H 436 -7.72 -67.22 24.30
N LEU H 437 -6.73 -66.50 23.77
CA LEU H 437 -6.75 -66.14 22.36
C LEU H 437 -6.77 -67.34 21.42
N PRO H 438 -5.99 -68.41 21.63
CA PRO H 438 -6.13 -69.58 20.75
C PRO H 438 -7.49 -70.24 20.85
N ALA H 439 -8.12 -70.20 22.03
CA ALA H 439 -9.47 -70.76 22.15
C ALA H 439 -10.49 -69.91 21.42
N GLN H 440 -10.30 -68.58 21.41
CA GLN H 440 -11.18 -67.71 20.63
C GLN H 440 -11.08 -68.00 19.15
N LYS H 441 -9.85 -68.05 18.62
CA LYS H 441 -9.66 -68.38 17.21
C LYS H 441 -10.16 -69.78 16.90
N CYS H 442 -10.08 -70.70 17.86
CA CYS H 442 -10.58 -72.06 17.64
C CYS H 442 -12.09 -72.06 17.41
N ILE H 443 -12.84 -71.41 18.31
CA ILE H 443 -14.29 -71.37 18.16
C ILE H 443 -14.69 -70.53 16.97
N LEU H 444 -13.93 -69.47 16.68
CA LEU H 444 -14.24 -68.63 15.52
C LEU H 444 -13.98 -69.37 14.22
N ASP H 445 -12.83 -70.03 14.10
CA ASP H 445 -12.54 -70.80 12.90
C ASP H 445 -13.45 -72.01 12.74
N ALA H 446 -14.14 -72.40 13.80
CA ALA H 446 -15.16 -73.45 13.72
C ALA H 446 -16.57 -72.90 13.63
N PHE H 447 -16.72 -71.57 13.66
CA PHE H 447 -18.02 -70.92 13.57
C PHE H 447 -18.24 -70.53 12.10
N LYS H 448 -18.80 -71.45 11.33
CA LYS H 448 -19.10 -71.24 9.92
C LYS H 448 -20.48 -71.81 9.64
N ALA H 449 -20.85 -71.85 8.36
CA ALA H 449 -22.07 -72.55 7.96
C ALA H 449 -21.82 -74.05 7.85
N SER H 450 -20.65 -74.44 7.36
CA SER H 450 -20.28 -75.83 7.23
C SER H 450 -19.57 -76.38 8.46
N GLY H 451 -19.53 -75.63 9.55
CA GLY H 451 -18.90 -76.07 10.77
C GLY H 451 -19.87 -76.72 11.74
N ASP H 452 -19.34 -77.09 12.91
CA ASP H 452 -20.13 -77.72 13.96
C ASP H 452 -20.75 -76.71 14.91
N HIS H 453 -20.79 -75.43 14.53
CA HIS H 453 -21.42 -74.38 15.34
C HIS H 453 -22.25 -73.50 14.42
N ASN H 454 -23.54 -73.39 14.71
CA ASN H 454 -24.45 -72.57 13.91
C ASN H 454 -24.96 -71.34 14.65
N ILE H 455 -24.83 -71.28 15.96
CA ILE H 455 -25.20 -70.11 16.75
C ILE H 455 -24.06 -69.81 17.72
N LEU H 456 -23.79 -68.53 17.94
CA LEU H 456 -22.68 -68.08 18.78
C LEU H 456 -23.22 -67.16 19.85
N ILE H 457 -22.98 -67.52 21.11
CA ILE H 457 -23.33 -66.67 22.25
C ILE H 457 -22.07 -65.97 22.71
N ALA H 458 -22.08 -64.64 22.68
CA ALA H 458 -20.88 -63.86 22.91
C ALA H 458 -21.18 -62.61 23.72
N THR H 459 -20.15 -62.09 24.37
CA THR H 459 -20.19 -60.80 25.02
C THR H 459 -19.84 -59.71 23.99
N SER H 460 -19.58 -58.50 24.48
CA SER H 460 -19.13 -57.43 23.60
C SER H 460 -17.82 -57.83 22.90
N VAL H 461 -17.60 -57.26 21.72
CA VAL H 461 -16.39 -57.48 20.95
C VAL H 461 -15.72 -56.12 20.77
N ALA H 462 -14.52 -56.14 20.20
CA ALA H 462 -13.81 -54.92 19.83
C ALA H 462 -14.59 -54.18 18.76
N ASP H 463 -14.09 -53.02 18.33
CA ASP H 463 -14.81 -52.13 17.42
C ASP H 463 -15.48 -52.88 16.27
N GLU H 464 -14.67 -53.54 15.44
CA GLU H 464 -15.20 -54.40 14.39
C GLU H 464 -14.72 -55.84 14.50
N GLY H 465 -13.67 -56.12 15.28
CA GLY H 465 -13.21 -57.47 15.50
C GLY H 465 -12.60 -58.08 14.25
N ILE H 466 -12.19 -59.34 14.40
CA ILE H 466 -11.65 -60.08 13.27
C ILE H 466 -12.81 -60.53 12.36
N ASP H 467 -12.47 -60.86 11.11
CA ASP H 467 -13.47 -61.27 10.14
C ASP H 467 -14.00 -62.65 10.51
N ILE H 468 -15.24 -62.70 11.01
CA ILE H 468 -15.88 -63.96 11.34
C ILE H 468 -17.01 -64.21 10.34
N ALA H 469 -17.63 -65.38 10.45
CA ALA H 469 -18.66 -65.78 9.50
C ALA H 469 -19.84 -64.80 9.54
N GLN H 470 -20.41 -64.54 8.37
CA GLN H 470 -21.56 -63.66 8.28
C GLN H 470 -22.77 -64.30 8.98
N CYS H 471 -23.50 -63.47 9.72
CA CYS H 471 -24.65 -63.93 10.50
C CYS H 471 -25.90 -63.24 9.98
N ASN H 472 -26.76 -64.02 9.31
CA ASN H 472 -28.04 -63.49 8.84
C ASN H 472 -28.98 -63.15 9.97
N LEU H 473 -28.70 -63.58 11.19
CA LEU H 473 -29.51 -63.26 12.36
C LEU H 473 -28.61 -62.75 13.48
N VAL H 474 -28.98 -61.60 14.05
CA VAL H 474 -28.26 -61.02 15.18
C VAL H 474 -29.29 -60.66 16.24
N ILE H 475 -29.06 -61.12 17.46
CA ILE H 475 -29.98 -60.90 18.58
C ILE H 475 -29.21 -60.22 19.71
N LEU H 476 -29.73 -59.07 20.15
CA LEU H 476 -29.13 -58.31 21.25
C LEU H 476 -30.02 -58.52 22.48
N TYR H 477 -29.58 -59.43 23.36
CA TYR H 477 -30.37 -59.80 24.54
C TYR H 477 -29.99 -58.86 25.68
N GLU H 478 -30.88 -57.89 25.95
CA GLU H 478 -30.65 -56.90 27.00
C GLU H 478 -29.29 -56.21 26.82
N TYR H 479 -28.98 -55.86 25.58
CA TYR H 479 -27.67 -55.34 25.21
C TYR H 479 -27.86 -54.20 24.22
N VAL H 480 -27.42 -53.01 24.62
CA VAL H 480 -27.48 -51.84 23.75
C VAL H 480 -26.16 -51.09 23.84
N GLY H 481 -25.54 -50.83 22.69
CA GLY H 481 -24.28 -50.13 22.63
C GLY H 481 -24.44 -48.66 22.37
N ASN H 482 -23.34 -48.02 21.99
CA ASN H 482 -23.33 -46.61 21.64
C ASN H 482 -23.64 -46.46 20.15
N VAL H 483 -23.47 -45.25 19.62
CA VAL H 483 -23.79 -44.99 18.22
C VAL H 483 -22.81 -45.71 17.30
N ILE H 484 -21.54 -45.82 17.71
CA ILE H 484 -20.54 -46.45 16.86
C ILE H 484 -20.78 -47.95 16.79
N LYS H 485 -21.03 -48.58 17.94
CA LYS H 485 -21.23 -50.02 17.97
C LYS H 485 -22.49 -50.43 17.20
N MET H 486 -23.53 -49.59 17.26
CA MET H 486 -24.75 -49.88 16.51
C MET H 486 -24.46 -49.99 15.01
N ILE H 487 -23.56 -49.17 14.50
CA ILE H 487 -23.23 -49.20 13.08
C ILE H 487 -22.27 -50.35 12.76
N GLN H 488 -21.35 -50.66 13.69
CA GLN H 488 -20.36 -51.69 13.40
C GLN H 488 -20.98 -53.08 13.42
N THR H 489 -21.94 -53.32 14.32
CA THR H 489 -22.60 -54.63 14.36
C THR H 489 -23.44 -54.90 13.12
N ARG H 490 -23.70 -53.88 12.29
CA ARG H 490 -24.32 -54.13 11.00
C ARG H 490 -23.44 -55.02 10.12
N GLY H 491 -22.12 -54.95 10.30
CA GLY H 491 -21.20 -55.75 9.52
C GLY H 491 -21.29 -57.23 9.74
N ARG H 492 -22.02 -57.67 10.79
CA ARG H 492 -22.25 -59.09 10.97
C ARG H 492 -23.05 -59.68 9.82
N GLY H 493 -24.04 -58.93 9.34
CA GLY H 493 -24.73 -59.32 8.13
C GLY H 493 -24.64 -58.26 7.05
N ARG H 494 -23.89 -58.55 6.00
CA ARG H 494 -23.72 -57.62 4.88
C ARG H 494 -24.59 -57.95 3.69
N ALA H 495 -25.02 -59.20 3.55
CA ALA H 495 -25.83 -59.60 2.42
C ALA H 495 -27.30 -59.25 2.65
N ARG H 496 -28.05 -59.21 1.55
CA ARG H 496 -29.48 -58.90 1.63
C ARG H 496 -30.22 -59.94 2.45
N GLY H 497 -31.21 -59.47 3.22
CA GLY H 497 -32.04 -60.36 4.01
C GLY H 497 -31.60 -60.56 5.44
N SER H 498 -30.44 -60.03 5.83
CA SER H 498 -30.00 -60.13 7.21
C SER H 498 -30.92 -59.33 8.12
N LYS H 499 -30.96 -59.72 9.39
CA LYS H 499 -31.86 -59.12 10.36
C LYS H 499 -31.16 -58.97 11.70
N CYS H 500 -31.62 -58.00 12.49
CA CYS H 500 -31.09 -57.74 13.82
C CYS H 500 -32.25 -57.53 14.77
N PHE H 501 -32.25 -58.26 15.88
CA PHE H 501 -33.29 -58.18 16.89
C PHE H 501 -32.73 -57.59 18.17
N LEU H 502 -33.56 -56.79 18.84
CA LEU H 502 -33.22 -56.18 20.13
C LEU H 502 -34.27 -56.62 21.14
N LEU H 503 -33.97 -57.69 21.89
CA LEU H 503 -34.88 -58.23 22.87
C LEU H 503 -34.55 -57.65 24.25
N THR H 504 -35.57 -57.12 24.93
CA THR H 504 -35.37 -56.55 26.25
C THR H 504 -36.73 -56.38 26.92
N SER H 505 -36.69 -56.34 28.25
CA SER H 505 -37.86 -55.98 29.06
C SER H 505 -37.71 -54.61 29.70
N ASN H 506 -36.71 -53.85 29.29
CA ASN H 506 -36.44 -52.51 29.83
C ASN H 506 -36.68 -51.51 28.71
N ALA H 507 -37.70 -50.67 28.88
CA ALA H 507 -38.01 -49.66 27.87
C ALA H 507 -36.87 -48.68 27.66
N GLY H 508 -35.99 -48.51 28.65
CA GLY H 508 -34.83 -47.66 28.46
C GLY H 508 -33.86 -48.19 27.44
N VAL H 509 -33.80 -49.51 27.29
CA VAL H 509 -32.95 -50.10 26.25
C VAL H 509 -33.51 -49.79 24.88
N ILE H 510 -34.83 -49.92 24.71
CA ILE H 510 -35.46 -49.58 23.43
C ILE H 510 -35.24 -48.10 23.11
N GLU H 511 -35.51 -47.24 24.09
CA GLU H 511 -35.36 -45.80 23.87
C GLU H 511 -33.92 -45.42 23.59
N LYS H 512 -32.95 -46.16 24.15
CA LYS H 512 -31.55 -45.84 23.91
C LYS H 512 -31.15 -46.12 22.47
N GLU H 513 -31.60 -47.24 21.90
CA GLU H 513 -31.28 -47.54 20.51
C GLU H 513 -31.96 -46.56 19.56
N GLN H 514 -33.14 -46.04 19.95
CA GLN H 514 -33.78 -44.98 19.17
C GLN H 514 -32.92 -43.72 19.16
N ILE H 515 -32.19 -43.46 20.25
CA ILE H 515 -31.32 -42.29 20.31
C ILE H 515 -30.13 -42.48 19.38
N ASN H 516 -29.48 -43.65 19.42
CA ASN H 516 -28.33 -43.91 18.57
C ASN H 516 -28.70 -43.80 17.09
N MET H 517 -29.88 -44.31 16.72
CA MET H 517 -30.32 -44.21 15.34
C MET H 517 -30.55 -42.77 14.92
N TYR H 518 -30.96 -41.91 15.85
CA TYR H 518 -31.09 -40.49 15.56
C TYR H 518 -29.74 -39.78 15.59
N LYS H 519 -28.80 -40.28 16.40
CA LYS H 519 -27.46 -39.72 16.41
C LYS H 519 -26.73 -39.99 15.11
N GLU H 520 -26.98 -41.16 14.51
CA GLU H 520 -26.38 -41.46 13.21
C GLU H 520 -26.88 -40.50 12.15
N LYS H 521 -28.15 -40.10 12.23
CA LYS H 521 -28.67 -39.08 11.31
C LYS H 521 -27.97 -37.74 11.53
N MET H 522 -27.81 -37.34 12.79
CA MET H 522 -27.06 -36.12 13.09
C MET H 522 -25.63 -36.24 12.60
N MET H 523 -25.01 -37.42 12.80
CA MET H 523 -23.65 -37.63 12.35
C MET H 523 -23.54 -37.49 10.83
N ASN H 524 -24.47 -38.09 10.09
CA ASN H 524 -24.41 -38.02 8.64
C ASN H 524 -24.77 -36.62 8.14
N ASP H 525 -25.73 -35.97 8.78
CA ASP H 525 -26.09 -34.60 8.38
C ASP H 525 -24.93 -33.65 8.64
N SER H 526 -24.27 -33.77 9.79
CA SER H 526 -23.15 -32.90 10.10
C SER H 526 -21.98 -33.14 9.15
N ILE H 527 -21.73 -34.41 8.80
CA ILE H 527 -20.64 -34.73 7.89
C ILE H 527 -20.91 -34.13 6.51
N LEU H 528 -22.17 -34.18 6.05
CA LEU H 528 -22.49 -33.67 4.73
C LEU H 528 -22.24 -32.17 4.64
N ARG H 529 -22.75 -31.41 5.60
CA ARG H 529 -22.53 -29.97 5.58
C ARG H 529 -21.10 -29.58 5.93
N LEU H 530 -20.29 -30.54 6.40
CA LEU H 530 -18.87 -30.28 6.56
C LEU H 530 -18.15 -30.30 5.21
N GLN H 531 -18.52 -31.23 4.33
CA GLN H 531 -17.90 -31.37 3.02
C GLN H 531 -18.26 -30.24 2.07
N THR H 532 -19.08 -29.28 2.48
CA THR H 532 -19.45 -28.14 1.66
C THR H 532 -18.58 -26.92 1.90
N TRP H 533 -17.59 -27.03 2.77
CA TRP H 533 -16.74 -25.89 3.14
C TRP H 533 -15.47 -25.89 2.30
N ASP H 534 -14.97 -24.68 2.02
CA ASP H 534 -13.66 -24.55 1.41
C ASP H 534 -12.61 -25.18 2.31
N GLU H 535 -11.76 -26.02 1.72
CA GLU H 535 -10.82 -26.82 2.51
C GLU H 535 -9.90 -25.94 3.35
N ALA H 536 -9.64 -24.70 2.92
CA ALA H 536 -8.82 -23.80 3.71
C ALA H 536 -9.57 -23.30 4.93
N VAL H 537 -10.88 -23.06 4.80
CA VAL H 537 -11.69 -22.65 5.95
C VAL H 537 -11.75 -23.77 6.99
N PHE H 538 -11.75 -25.03 6.54
CA PHE H 538 -11.76 -26.15 7.47
C PHE H 538 -10.43 -26.25 8.21
N ARG H 539 -9.31 -26.18 7.48
CA ARG H 539 -8.00 -26.21 8.11
C ARG H 539 -7.85 -25.05 9.10
N GLU H 540 -8.39 -23.89 8.75
CA GLU H 540 -8.34 -22.75 9.67
C GLU H 540 -9.13 -23.01 10.94
N LYS H 541 -10.18 -23.84 10.86
CA LYS H 541 -11.03 -24.09 12.01
C LYS H 541 -10.40 -25.08 12.98
N ILE H 542 -9.85 -26.18 12.46
CA ILE H 542 -9.25 -27.18 13.33
C ILE H 542 -8.01 -26.61 14.02
N LEU H 543 -7.30 -25.69 13.36
CA LEU H 543 -6.11 -25.09 13.98
C LEU H 543 -6.48 -24.33 15.24
N HIS H 544 -7.62 -23.64 15.22
CA HIS H 544 -8.14 -23.02 16.44
C HIS H 544 -8.36 -24.06 17.53
N ILE H 545 -8.95 -25.21 17.15
CA ILE H 545 -9.21 -26.26 18.13
C ILE H 545 -7.92 -26.93 18.56
N GLN H 546 -6.99 -27.13 17.62
CA GLN H 546 -5.71 -27.76 17.96
C GLN H 546 -4.93 -26.91 18.96
N THR H 547 -4.97 -25.59 18.79
CA THR H 547 -4.28 -24.69 19.72
C THR H 547 -5.06 -24.49 21.02
N HIS H 548 -6.38 -24.66 20.98
CA HIS H 548 -7.18 -24.55 22.20
C HIS H 548 -6.94 -25.73 23.13
N GLU H 549 -6.93 -26.95 22.58
CA GLU H 549 -6.79 -28.14 23.41
C GLU H 549 -5.40 -28.22 24.03
N LYS H 550 -4.35 -27.88 23.27
CA LYS H 550 -3.00 -27.88 23.83
C LYS H 550 -2.86 -26.81 24.92
N PHE H 551 -3.56 -25.69 24.76
CA PHE H 551 -3.54 -24.65 25.80
C PHE H 551 -4.03 -25.20 27.13
N ILE H 552 -5.13 -25.96 27.10
CA ILE H 552 -5.62 -26.60 28.32
C ILE H 552 -4.70 -27.72 28.76
N ARG H 553 -4.03 -28.37 27.80
CA ARG H 553 -3.18 -29.52 28.12
C ARG H 553 -1.96 -29.10 28.92
N ASP H 554 -1.34 -27.97 28.56
CA ASP H 554 -0.16 -27.47 29.25
C ASP H 554 -0.51 -26.65 30.50
N SER H 555 -1.75 -26.69 30.96
CA SER H 555 -2.17 -25.89 32.10
C SER H 555 -2.69 -26.75 33.24
N GLN H 556 -1.96 -27.82 33.56
CA GLN H 556 -2.35 -28.72 34.65
C GLN H 556 -1.12 -29.30 35.33
N PRO H 559 2.28 -31.15 38.08
CA PRO H 559 2.04 -31.12 39.53
C PRO H 559 2.47 -32.41 40.23
N LYS H 560 3.05 -32.27 41.42
CA LYS H 560 3.51 -33.42 42.18
C LYS H 560 3.46 -33.11 43.67
N PRO H 561 2.63 -33.81 44.44
CA PRO H 561 2.55 -33.52 45.87
C PRO H 561 3.75 -34.04 46.63
N VAL H 562 3.90 -33.54 47.85
CA VAL H 562 5.03 -33.92 48.70
C VAL H 562 4.79 -35.33 49.24
N PRO H 563 5.79 -36.20 49.20
CA PRO H 563 5.62 -37.56 49.74
C PRO H 563 5.51 -37.55 51.26
N ASP H 564 5.19 -38.72 51.80
CA ASP H 564 5.06 -38.94 53.23
C ASP H 564 6.15 -39.88 53.68
N LYS H 565 7.06 -39.39 54.54
CA LYS H 565 8.17 -40.19 55.01
C LYS H 565 7.82 -41.09 56.19
N GLU H 566 6.63 -40.93 56.77
CA GLU H 566 6.24 -41.75 57.90
C GLU H 566 6.08 -43.21 57.50
N ASN H 567 6.45 -44.11 58.41
CA ASN H 567 6.32 -45.53 58.16
C ASN H 567 4.86 -45.95 58.21
N LYS H 568 4.52 -47.01 57.47
CA LYS H 568 3.15 -47.46 57.35
C LYS H 568 3.07 -48.97 57.50
N LYS H 569 1.88 -49.43 57.88
CA LYS H 569 1.59 -50.85 58.03
C LYS H 569 0.63 -51.29 56.94
N LEU H 570 0.98 -52.35 56.23
CA LEU H 570 0.13 -52.93 55.19
C LEU H 570 -0.50 -54.21 55.74
N LEU H 571 -1.82 -54.25 55.78
CA LEU H 571 -2.55 -55.37 56.36
C LEU H 571 -3.46 -56.00 55.32
N CYS H 572 -3.63 -57.32 55.43
CA CYS H 572 -4.53 -58.03 54.53
C CYS H 572 -5.97 -57.55 54.75
N ARG H 573 -6.64 -57.18 53.65
CA ARG H 573 -7.98 -56.63 53.76
C ARG H 573 -9.01 -57.64 54.28
N LYS H 574 -8.69 -58.93 54.24
CA LYS H 574 -9.64 -59.94 54.68
C LYS H 574 -9.46 -60.32 56.15
N CYS H 575 -8.22 -60.46 56.61
CA CYS H 575 -7.96 -60.89 57.98
C CYS H 575 -7.10 -59.91 58.78
N LYS H 576 -6.85 -58.72 58.23
CA LYS H 576 -6.09 -57.67 58.92
C LYS H 576 -4.71 -58.13 59.38
N ALA H 577 -4.19 -59.20 58.79
CA ALA H 577 -2.89 -59.72 59.18
C ALA H 577 -1.77 -58.82 58.65
N LEU H 578 -0.72 -58.67 59.46
CA LEU H 578 0.41 -57.83 59.08
C LEU H 578 1.15 -58.45 57.90
N ALA H 579 1.20 -57.73 56.79
CA ALA H 579 1.87 -58.20 55.59
C ALA H 579 3.32 -57.72 55.53
N CYS H 580 3.53 -56.40 55.56
CA CYS H 580 4.86 -55.81 55.50
C CYS H 580 4.75 -54.34 55.92
N TYR H 581 5.90 -53.67 55.90
CA TYR H 581 5.98 -52.25 56.16
C TYR H 581 6.39 -51.51 54.89
N THR H 582 6.00 -50.25 54.78
CA THR H 582 6.40 -49.45 53.62
C THR H 582 7.91 -49.26 53.55
N ALA H 583 8.63 -49.47 54.65
CA ALA H 583 10.08 -49.47 54.60
C ALA H 583 10.64 -50.63 53.80
N ASP H 584 9.87 -51.71 53.65
CA ASP H 584 10.28 -52.86 52.86
C ASP H 584 9.90 -52.75 51.39
N VAL H 585 9.01 -51.83 51.04
CA VAL H 585 8.50 -51.73 49.67
C VAL H 585 9.48 -50.92 48.82
N ARG H 586 9.91 -51.50 47.71
CA ARG H 586 10.71 -50.81 46.71
C ARG H 586 9.94 -50.75 45.40
N VAL H 587 10.31 -49.80 44.56
CA VAL H 587 9.61 -49.53 43.30
C VAL H 587 10.50 -49.92 42.14
N ILE H 588 9.91 -50.56 41.14
CA ILE H 588 10.62 -51.00 39.94
C ILE H 588 10.01 -50.30 38.74
N GLU H 589 10.85 -49.62 37.95
CA GLU H 589 10.43 -48.95 36.71
C GLU H 589 9.29 -47.97 36.95
N GLU H 590 9.25 -47.37 38.13
CA GLU H 590 8.27 -46.35 38.52
C GLU H 590 6.83 -46.84 38.49
N CYS H 591 6.61 -48.15 38.35
CA CYS H 591 5.25 -48.64 38.22
C CYS H 591 4.92 -49.78 39.19
N HIS H 592 5.87 -50.66 39.47
CA HIS H 592 5.61 -51.89 40.22
C HIS H 592 6.28 -51.84 41.58
N TYR H 593 5.67 -52.52 42.55
CA TYR H 593 6.06 -52.43 43.96
C TYR H 593 6.26 -53.83 44.51
N THR H 594 7.47 -54.11 44.99
CA THR H 594 7.83 -55.39 45.56
C THR H 594 8.17 -55.24 47.03
N VAL H 595 8.34 -56.36 47.71
CA VAL H 595 8.63 -56.40 49.14
C VAL H 595 9.95 -57.12 49.35
N LEU H 596 10.83 -56.51 50.15
CA LEU H 596 12.14 -57.07 50.45
C LEU H 596 12.13 -57.79 51.79
N GLY H 597 13.20 -58.53 52.04
CA GLY H 597 13.37 -59.20 53.32
C GLY H 597 12.76 -60.59 53.35
N ASP H 598 13.34 -61.45 54.18
CA ASP H 598 12.84 -62.81 54.35
C ASP H 598 11.66 -62.89 55.30
N ALA H 599 11.39 -61.84 56.07
CA ALA H 599 10.23 -61.85 56.96
C ALA H 599 8.92 -61.90 56.19
N PHE H 600 8.89 -61.27 55.00
CA PHE H 600 7.69 -61.30 54.17
C PHE H 600 7.46 -62.66 53.54
N LYS H 601 8.51 -63.47 53.39
CA LYS H 601 8.40 -64.79 52.76
C LYS H 601 7.64 -65.80 53.62
N GLU H 602 7.23 -65.43 54.84
CA GLU H 602 6.41 -66.31 55.67
C GLU H 602 5.00 -65.77 55.86
N CYS H 603 4.60 -64.78 55.08
CA CYS H 603 3.26 -64.21 55.17
C CYS H 603 2.35 -64.62 54.03
N PHE H 604 2.86 -65.32 53.02
CA PHE H 604 2.06 -65.64 51.84
C PHE H 604 2.35 -67.05 51.36
N VAL H 605 1.36 -67.64 50.70
CA VAL H 605 1.52 -68.85 49.92
C VAL H 605 1.38 -68.49 48.45
N SER H 606 1.65 -69.47 47.58
CA SER H 606 1.62 -69.21 46.15
C SER H 606 1.07 -70.40 45.38
N ARG H 607 0.23 -70.11 44.38
CA ARG H 607 -0.27 -71.01 43.35
C ARG H 607 0.24 -70.57 41.98
N PRO H 608 0.57 -71.51 41.10
CA PRO H 608 1.10 -71.12 39.78
C PRO H 608 0.10 -70.29 39.00
N HIS H 609 0.63 -69.44 38.11
CA HIS H 609 -0.18 -68.46 37.42
C HIS H 609 -1.01 -69.12 36.32
N PRO H 610 -2.28 -68.75 36.17
CA PRO H 610 -3.13 -69.36 35.14
C PRO H 610 -2.92 -68.76 33.75
N LYS H 611 -2.47 -67.50 33.68
CA LYS H 611 -2.20 -66.83 32.41
C LYS H 611 -0.78 -66.26 32.45
N PRO H 612 0.23 -67.11 32.30
CA PRO H 612 1.62 -66.63 32.39
C PRO H 612 2.06 -65.81 31.20
N LYS H 613 1.59 -64.56 31.12
CA LYS H 613 2.07 -63.64 30.10
C LYS H 613 3.40 -63.02 30.54
N GLN H 614 3.93 -62.13 29.72
CA GLN H 614 5.20 -61.49 30.01
C GLN H 614 5.15 -60.03 29.58
N PHE H 615 5.49 -59.13 30.50
CA PHE H 615 5.59 -57.71 30.23
C PHE H 615 7.04 -57.27 30.45
N SER H 616 7.25 -55.95 30.50
CA SER H 616 8.51 -55.28 30.18
C SER H 616 9.76 -56.07 30.56
N SER H 617 9.86 -56.50 31.81
CA SER H 617 10.98 -57.36 32.20
C SER H 617 10.54 -58.44 33.17
N PHE H 618 9.26 -58.81 33.17
CA PHE H 618 8.69 -59.70 34.16
C PHE H 618 8.05 -60.90 33.47
N GLU H 619 8.30 -62.09 34.01
CA GLU H 619 7.64 -63.32 33.57
C GLU H 619 6.83 -63.87 34.73
N LYS H 620 5.50 -63.74 34.63
CA LYS H 620 4.62 -64.23 35.68
C LYS H 620 4.81 -65.73 35.89
N ARG H 621 4.81 -66.15 37.15
CA ARG H 621 4.94 -67.57 37.46
C ARG H 621 3.86 -68.02 38.44
N ALA H 622 3.39 -67.12 39.30
CA ALA H 622 2.47 -67.53 40.36
C ALA H 622 1.67 -66.33 40.85
N LYS H 623 0.58 -66.63 41.53
CA LYS H 623 -0.16 -65.66 42.33
C LYS H 623 0.10 -65.94 43.80
N ILE H 624 0.10 -64.88 44.61
CA ILE H 624 0.42 -64.98 46.03
C ILE H 624 -0.82 -64.62 46.84
N PHE H 625 -1.03 -65.36 47.93
CA PHE H 625 -2.21 -65.19 48.77
C PHE H 625 -1.77 -65.20 50.23
N CYS H 626 -2.61 -64.60 51.08
CA CYS H 626 -2.32 -64.56 52.52
C CYS H 626 -2.25 -65.97 53.08
N ALA H 627 -1.16 -66.28 53.77
CA ALA H 627 -0.94 -67.62 54.30
C ALA H 627 -1.65 -67.87 55.62
N ARG H 628 -2.08 -66.82 56.31
CA ARG H 628 -2.61 -66.98 57.66
C ARG H 628 -4.01 -67.59 57.65
N GLN H 629 -4.23 -68.57 58.52
CA GLN H 629 -5.56 -69.12 58.82
C GLN H 629 -6.31 -69.52 57.56
N ASN H 630 -5.58 -69.85 56.50
CA ASN H 630 -6.15 -70.09 55.17
C ASN H 630 -7.09 -68.95 54.78
N CYS H 631 -6.63 -67.72 54.99
CA CYS H 631 -7.37 -66.56 54.50
C CYS H 631 -7.36 -66.52 52.98
N SER H 632 -6.19 -66.77 52.37
CA SER H 632 -6.04 -66.96 50.94
C SER H 632 -6.48 -65.75 50.12
N HIS H 633 -6.47 -64.56 50.72
CA HIS H 633 -6.84 -63.36 49.98
C HIS H 633 -5.77 -63.04 48.94
N ASP H 634 -6.21 -62.67 47.74
CA ASP H 634 -5.30 -62.35 46.64
C ASP H 634 -4.44 -61.14 47.00
N TRP H 635 -3.13 -61.36 47.16
CA TRP H 635 -2.21 -60.27 47.43
C TRP H 635 -1.55 -59.73 46.17
N GLY H 636 -1.30 -60.59 45.18
CA GLY H 636 -0.63 -60.17 43.96
C GLY H 636 -0.07 -61.34 43.17
N ILE H 637 1.13 -61.17 42.62
CA ILE H 637 1.77 -62.20 41.82
C ILE H 637 3.23 -62.33 42.24
N HIS H 638 3.85 -63.42 41.79
CA HIS H 638 5.27 -63.66 41.98
C HIS H 638 5.90 -63.85 40.60
N VAL H 639 6.87 -63.00 40.26
CA VAL H 639 7.38 -62.90 38.90
C VAL H 639 8.90 -63.09 38.91
N LYS H 640 9.49 -63.01 37.72
CA LYS H 640 10.92 -63.05 37.52
C LYS H 640 11.37 -61.76 36.87
N TYR H 641 12.19 -60.98 37.59
CA TYR H 641 12.80 -59.79 37.02
C TYR H 641 14.07 -60.17 36.27
N LYS H 642 14.92 -59.19 35.95
CA LYS H 642 16.13 -59.44 35.17
C LYS H 642 16.87 -60.68 35.65
N THR H 643 17.31 -60.69 36.91
CA THR H 643 17.97 -61.85 37.49
C THR H 643 17.33 -62.29 38.80
N PHE H 644 16.21 -61.70 39.19
CA PHE H 644 15.60 -61.94 40.49
C PHE H 644 14.30 -62.71 40.35
N GLU H 645 13.79 -63.17 41.50
CA GLU H 645 12.50 -63.84 41.60
C GLU H 645 11.77 -63.18 42.77
N ILE H 646 10.92 -62.20 42.46
CA ILE H 646 10.39 -61.30 43.48
C ILE H 646 8.86 -61.27 43.44
N PRO H 647 8.20 -61.01 44.57
CA PRO H 647 6.74 -60.84 44.55
C PRO H 647 6.34 -59.40 44.27
N VAL H 648 5.38 -59.19 43.35
CA VAL H 648 4.84 -57.88 43.07
C VAL H 648 3.42 -57.83 43.62
N ILE H 649 3.13 -56.81 44.42
CA ILE H 649 1.86 -56.71 45.13
C ILE H 649 1.03 -55.58 44.54
N LYS H 650 -0.27 -55.66 44.77
CA LYS H 650 -1.21 -54.60 44.42
C LYS H 650 -1.78 -54.01 45.69
N ILE H 651 -1.78 -52.68 45.79
CA ILE H 651 -2.28 -52.00 46.98
C ILE H 651 -3.77 -52.21 47.17
N GLU H 652 -4.47 -52.61 46.10
CA GLU H 652 -5.89 -52.94 46.18
C GLU H 652 -6.18 -54.07 47.16
N SER H 653 -5.16 -54.81 47.58
CA SER H 653 -5.33 -55.95 48.49
C SER H 653 -5.01 -55.61 49.94
N PHE H 654 -4.50 -54.42 50.22
CA PHE H 654 -4.00 -54.09 51.55
C PHE H 654 -4.63 -52.81 52.06
N VAL H 655 -4.85 -52.76 53.37
CA VAL H 655 -5.30 -51.56 54.07
C VAL H 655 -4.11 -50.94 54.79
N VAL H 656 -3.87 -49.66 54.55
CA VAL H 656 -2.71 -48.97 55.09
C VAL H 656 -3.05 -48.44 56.48
N GLU H 657 -2.23 -48.81 57.47
CA GLU H 657 -2.36 -48.32 58.83
C GLU H 657 -1.14 -47.48 59.18
N ASP H 658 -1.36 -46.23 59.53
CA ASP H 658 -0.27 -45.37 59.94
C ASP H 658 0.25 -45.83 61.30
N ILE H 659 1.59 -45.93 61.42
CA ILE H 659 2.18 -46.44 62.66
C ILE H 659 1.90 -45.48 63.82
N ALA H 660 1.98 -44.18 63.57
CA ALA H 660 1.84 -43.20 64.64
C ALA H 660 0.38 -42.98 65.01
N THR H 661 -0.43 -42.52 64.06
CA THR H 661 -1.81 -42.14 64.35
C THR H 661 -2.76 -43.32 64.38
N GLY H 662 -2.36 -44.48 63.87
CA GLY H 662 -3.22 -45.65 63.88
C GLY H 662 -4.38 -45.60 62.92
N VAL H 663 -4.45 -44.59 62.05
CA VAL H 663 -5.55 -44.48 61.09
C VAL H 663 -5.37 -45.53 60.00
N GLN H 664 -6.46 -46.18 59.63
CA GLN H 664 -6.47 -47.17 58.56
C GLN H 664 -7.11 -46.56 57.32
N THR H 665 -6.36 -46.56 56.22
CA THR H 665 -6.79 -45.92 54.98
C THR H 665 -6.72 -46.92 53.83
N LEU H 666 -7.64 -46.76 52.88
CA LEU H 666 -7.74 -47.63 51.72
C LEU H 666 -7.20 -46.92 50.48
N TYR H 667 -6.51 -47.67 49.63
CA TYR H 667 -5.98 -47.15 48.38
C TYR H 667 -6.14 -48.22 47.30
N SER H 668 -6.71 -47.83 46.16
CA SER H 668 -6.94 -48.77 45.07
C SER H 668 -5.79 -48.79 44.06
N LYS H 669 -5.15 -47.65 43.83
CA LYS H 669 -4.02 -47.56 42.92
C LYS H 669 -2.82 -47.02 43.66
N TRP H 670 -1.62 -47.42 43.21
CA TRP H 670 -0.40 -46.99 43.86
C TRP H 670 -0.15 -45.50 43.65
N LYS H 671 -0.52 -44.97 42.48
CA LYS H 671 -0.30 -43.56 42.18
C LYS H 671 -1.07 -42.62 43.09
N ASP H 672 -1.98 -43.15 43.91
CA ASP H 672 -2.73 -42.34 44.86
C ASP H 672 -2.25 -42.50 46.30
N PHE H 673 -1.38 -43.47 46.56
CA PHE H 673 -0.82 -43.70 47.90
C PHE H 673 0.52 -42.99 47.97
N HIS H 674 0.51 -41.77 48.51
CA HIS H 674 1.69 -40.91 48.52
C HIS H 674 2.54 -41.25 49.74
N PHE H 675 3.69 -41.87 49.50
CA PHE H 675 4.68 -42.13 50.54
C PHE H 675 6.06 -42.17 49.89
N GLU H 676 7.09 -42.39 50.70
CA GLU H 676 8.46 -42.42 50.19
C GLU H 676 8.65 -43.68 49.35
N LYS H 677 8.56 -43.53 48.03
CA LYS H 677 8.71 -44.64 47.10
C LYS H 677 10.18 -44.77 46.74
N ILE H 678 10.87 -45.72 47.36
CA ILE H 678 12.30 -45.91 47.17
C ILE H 678 12.54 -46.80 45.96
N PRO H 679 13.40 -46.40 45.02
CA PRO H 679 13.67 -47.24 43.85
C PRO H 679 14.35 -48.56 44.19
N PHE H 680 14.56 -49.40 43.19
CA PHE H 680 15.08 -50.74 43.40
C PHE H 680 16.57 -50.83 43.06
N LYS J 4 36.35 10.49 -16.29
CA LYS J 4 35.68 11.75 -16.58
C LYS J 4 34.93 11.68 -17.91
N PRO J 5 33.69 12.15 -17.91
CA PRO J 5 32.87 12.09 -19.13
C PRO J 5 33.15 13.25 -20.07
N ARG J 6 32.71 13.07 -21.32
CA ARG J 6 32.78 14.13 -22.30
C ARG J 6 31.58 15.05 -22.16
N ASN J 7 31.74 16.29 -22.64
CA ASN J 7 30.75 17.33 -22.38
C ASN J 7 29.41 17.01 -23.02
N TYR J 8 29.40 16.37 -24.20
CA TYR J 8 28.13 16.04 -24.83
C TYR J 8 27.43 14.90 -24.12
N GLN J 9 28.20 14.03 -23.45
CA GLN J 9 27.58 12.96 -22.66
C GLN J 9 26.79 13.52 -21.49
N LEU J 10 27.34 14.55 -20.82
CA LEU J 10 26.57 15.24 -19.79
C LEU J 10 25.37 15.96 -20.37
N GLU J 11 25.49 16.47 -21.60
CA GLU J 11 24.39 17.16 -22.24
C GLU J 11 23.23 16.20 -22.52
N LEU J 12 23.54 15.02 -23.06
CA LEU J 12 22.50 14.02 -23.31
C LEU J 12 21.87 13.53 -22.01
N ALA J 13 22.67 13.43 -20.95
CA ALA J 13 22.16 12.92 -19.68
C ALA J 13 21.45 13.96 -18.85
N LEU J 14 21.66 15.26 -19.14
CA LEU J 14 21.08 16.31 -18.31
C LEU J 14 19.56 16.23 -18.22
N PRO J 15 18.79 16.05 -19.31
CA PRO J 15 17.34 15.93 -19.14
C PRO J 15 16.92 14.73 -18.32
N ALA J 16 17.66 13.62 -18.39
CA ALA J 16 17.31 12.44 -17.61
C ALA J 16 17.58 12.66 -16.13
N MET J 17 18.70 13.33 -15.81
CA MET J 17 19.04 13.56 -14.42
C MET J 17 18.09 14.52 -13.72
N LYS J 18 17.29 15.26 -14.47
CA LYS J 18 16.25 16.11 -13.90
C LYS J 18 14.94 15.36 -13.68
N GLY J 19 14.95 14.03 -13.79
CA GLY J 19 13.77 13.23 -13.57
C GLY J 19 12.84 13.11 -14.76
N LYS J 20 13.17 13.72 -15.90
CA LYS J 20 12.29 13.71 -17.04
C LYS J 20 12.47 12.44 -17.86
N ASN J 21 11.36 11.80 -18.22
CA ASN J 21 11.42 10.66 -19.13
C ASN J 21 11.93 11.12 -20.48
N THR J 22 13.08 10.58 -20.89
CA THR J 22 13.83 11.13 -22.01
C THR J 22 14.24 10.02 -22.97
N ILE J 23 14.25 10.35 -24.26
CA ILE J 23 14.79 9.51 -25.31
C ILE J 23 16.11 10.13 -25.75
N ILE J 24 17.21 9.41 -25.58
CA ILE J 24 18.54 9.90 -25.90
C ILE J 24 18.90 9.39 -27.29
N CYS J 25 18.79 10.27 -28.28
CA CYS J 25 19.16 9.96 -29.66
C CYS J 25 20.54 10.55 -29.93
N ALA J 26 21.48 9.69 -30.32
CA ALA J 26 22.87 10.11 -30.49
C ALA J 26 23.57 9.11 -31.40
N PRO J 27 24.62 9.54 -32.11
CA PRO J 27 25.26 8.64 -33.07
C PRO J 27 25.85 7.40 -32.40
N THR J 28 25.93 6.32 -33.17
CA THR J 28 26.49 5.07 -32.69
C THR J 28 27.98 5.25 -32.41
N GLY J 29 28.40 4.93 -31.19
CA GLY J 29 29.79 5.05 -30.79
C GLY J 29 30.12 6.24 -29.92
N CYS J 30 29.15 7.13 -29.68
CA CYS J 30 29.40 8.29 -28.84
C CYS J 30 29.47 7.95 -27.36
N GLY J 31 29.13 6.72 -26.98
CA GLY J 31 29.16 6.33 -25.58
C GLY J 31 27.82 6.45 -24.88
N LYS J 32 26.77 5.91 -25.51
CA LYS J 32 25.44 5.95 -24.89
C LYS J 32 25.42 5.18 -23.59
N THR J 33 26.14 4.05 -23.53
CA THR J 33 26.21 3.27 -22.29
C THR J 33 26.80 4.10 -21.16
N PHE J 34 27.89 4.81 -21.43
CA PHE J 34 28.47 5.72 -20.44
C PHE J 34 27.44 6.75 -19.98
N VAL J 35 26.61 7.24 -20.90
CA VAL J 35 25.58 8.21 -20.53
C VAL J 35 24.58 7.57 -19.59
N SER J 36 24.11 6.37 -19.92
CA SER J 36 23.15 5.68 -19.06
C SER J 36 23.77 5.37 -17.70
N LEU J 37 25.07 5.05 -17.67
CA LEU J 37 25.76 4.86 -16.40
C LEU J 37 25.75 6.14 -15.57
N LEU J 38 26.01 7.28 -16.22
CA LEU J 38 25.96 8.55 -15.52
C LEU J 38 24.55 8.86 -15.02
N ILE J 39 23.54 8.46 -15.80
CA ILE J 39 22.15 8.64 -15.36
C ILE J 39 21.84 7.72 -14.19
N CYS J 40 22.19 6.44 -14.32
CA CYS J 40 21.93 5.48 -13.25
C CYS J 40 22.68 5.85 -11.97
N GLU J 41 23.93 6.32 -12.12
CA GLU J 41 24.70 6.77 -10.97
C GLU J 41 24.03 7.96 -10.29
N HIS J 42 23.55 8.91 -11.09
CA HIS J 42 22.89 10.08 -10.52
C HIS J 42 21.49 9.74 -10.00
N HIS J 43 20.83 8.75 -10.59
CA HIS J 43 19.48 8.41 -10.17
C HIS J 43 19.46 7.82 -8.77
N LEU J 44 20.41 6.93 -8.46
CA LEU J 44 20.44 6.27 -7.17
C LEU J 44 20.99 7.17 -6.06
N LYS J 45 21.80 8.17 -6.41
CA LYS J 45 22.40 9.02 -5.38
C LYS J 45 21.40 9.96 -4.75
N LYS J 46 20.40 10.42 -5.51
CA LYS J 46 19.36 11.28 -4.95
C LYS J 46 18.33 10.51 -4.14
N PHE J 47 18.57 9.23 -3.87
CA PHE J 47 17.76 8.48 -2.92
C PHE J 47 18.47 8.47 -1.58
N PRO J 48 17.84 8.96 -0.50
CA PRO J 48 18.53 9.07 0.79
C PRO J 48 18.79 7.72 1.44
N GLN J 49 19.34 7.75 2.65
CA GLN J 49 19.52 6.52 3.43
C GLN J 49 18.19 5.85 3.72
N GLY J 50 17.13 6.64 3.91
CA GLY J 50 15.84 6.08 4.27
C GLY J 50 15.11 5.36 3.15
N GLN J 51 15.51 5.59 1.90
CA GLN J 51 14.89 4.96 0.75
C GLN J 51 15.97 4.28 -0.09
N LYS J 52 15.55 3.60 -1.15
CA LYS J 52 16.48 2.91 -2.03
C LYS J 52 15.91 2.89 -3.45
N GLY J 53 16.78 3.07 -4.43
CA GLY J 53 16.37 3.02 -5.81
C GLY J 53 16.46 1.62 -6.41
N LYS J 54 15.79 1.45 -7.54
CA LYS J 54 15.80 0.17 -8.25
C LYS J 54 15.74 0.44 -9.74
N VAL J 55 16.78 0.03 -10.46
CA VAL J 55 16.92 0.33 -11.87
C VAL J 55 16.90 -0.98 -12.66
N VAL J 56 16.26 -0.96 -13.82
CA VAL J 56 16.26 -2.08 -14.75
C VAL J 56 16.83 -1.60 -16.08
N PHE J 57 17.67 -2.44 -16.68
CA PHE J 57 18.29 -2.15 -17.97
C PHE J 57 18.01 -3.32 -18.90
N PHE J 58 17.31 -3.07 -20.00
CA PHE J 58 16.90 -4.12 -20.91
C PHE J 58 17.93 -4.30 -22.03
N ALA J 59 18.06 -5.54 -22.48
CA ALA J 59 18.96 -5.89 -23.58
C ALA J 59 18.30 -6.97 -24.42
N ASN J 60 18.22 -6.74 -25.73
CA ASN J 60 17.53 -7.67 -26.62
C ASN J 60 18.40 -8.83 -27.08
N GLN J 61 19.69 -8.83 -26.76
CA GLN J 61 20.59 -9.89 -27.17
C GLN J 61 21.42 -10.37 -25.99
N ILE J 62 21.73 -11.67 -26.00
CA ILE J 62 22.60 -12.24 -24.97
C ILE J 62 23.99 -11.61 -24.99
N PRO J 63 24.65 -11.42 -26.13
CA PRO J 63 25.97 -10.75 -26.09
C PRO J 63 25.94 -9.37 -25.48
N VAL J 64 24.90 -8.57 -25.79
CA VAL J 64 24.78 -7.26 -25.16
C VAL J 64 24.36 -7.41 -23.70
N TYR J 65 23.62 -8.48 -23.39
CA TYR J 65 23.22 -8.72 -22.01
C TYR J 65 24.43 -8.93 -21.11
N GLU J 66 25.36 -9.79 -21.52
CA GLU J 66 26.54 -10.07 -20.70
C GLU J 66 27.47 -8.86 -20.64
N GLN J 67 27.56 -8.10 -21.74
CA GLN J 67 28.42 -6.91 -21.76
C GLN J 67 27.94 -5.88 -20.75
N GLN J 68 26.67 -5.46 -20.87
CA GLN J 68 26.13 -4.44 -19.99
C GLN J 68 26.15 -4.88 -18.54
N LYS J 69 25.94 -6.18 -18.29
CA LYS J 69 26.02 -6.69 -16.91
C LYS J 69 27.44 -6.57 -16.38
N SER J 70 28.44 -6.76 -17.24
CA SER J 70 29.83 -6.58 -16.82
C SER J 70 30.17 -5.10 -16.70
N VAL J 71 29.69 -4.28 -17.63
CA VAL J 71 29.97 -2.85 -17.60
C VAL J 71 29.33 -2.20 -16.38
N PHE J 72 28.06 -2.52 -16.13
CA PHE J 72 27.36 -1.95 -14.98
C PHE J 72 27.97 -2.42 -13.66
N SER J 73 28.47 -3.66 -13.61
CA SER J 73 29.04 -4.17 -12.37
C SER J 73 30.35 -3.46 -12.03
N LYS J 74 31.27 -3.40 -13.00
CA LYS J 74 32.58 -2.82 -12.74
C LYS J 74 32.55 -1.30 -12.60
N TYR J 75 31.47 -0.65 -13.05
CA TYR J 75 31.34 0.78 -12.84
C TYR J 75 30.85 1.10 -11.44
N PHE J 76 29.84 0.37 -10.95
CA PHE J 76 29.26 0.58 -9.64
C PHE J 76 29.86 -0.33 -8.57
N GLU J 77 30.93 -1.06 -8.90
CA GLU J 77 31.57 -1.91 -7.89
C GLU J 77 32.17 -1.08 -6.78
N ARG J 78 32.69 0.11 -7.11
CA ARG J 78 33.19 1.03 -6.10
C ARG J 78 32.08 1.75 -5.35
N HIS J 79 30.84 1.71 -5.87
CA HIS J 79 29.73 2.42 -5.24
C HIS J 79 29.09 1.61 -4.13
N GLY J 80 29.11 0.29 -4.22
CA GLY J 80 28.48 -0.55 -3.21
C GLY J 80 27.01 -0.78 -3.45
N TYR J 81 26.64 -1.09 -4.69
CA TYR J 81 25.29 -1.46 -5.06
C TYR J 81 25.25 -2.95 -5.40
N ARG J 82 24.03 -3.49 -5.45
CA ARG J 82 23.80 -4.87 -5.85
C ARG J 82 23.37 -4.88 -7.32
N VAL J 83 24.23 -5.40 -8.18
CA VAL J 83 23.98 -5.48 -9.61
C VAL J 83 23.87 -6.96 -10.00
N THR J 84 22.83 -7.29 -10.76
CA THR J 84 22.61 -8.65 -11.20
C THR J 84 21.89 -8.65 -12.53
N GLY J 85 21.82 -9.82 -13.16
CA GLY J 85 21.14 -9.97 -14.42
C GLY J 85 20.34 -11.25 -14.45
N ILE J 86 19.35 -11.28 -15.33
CA ILE J 86 18.48 -12.44 -15.52
C ILE J 86 18.26 -12.64 -17.01
N SER J 87 18.56 -13.84 -17.50
CA SER J 87 18.31 -14.20 -18.89
C SER J 87 17.52 -15.50 -18.96
N GLY J 88 17.38 -16.07 -20.16
CA GLY J 88 16.61 -17.29 -20.29
C GLY J 88 17.17 -18.45 -19.51
N ALA J 89 18.48 -18.48 -19.29
CA ALA J 89 19.10 -19.59 -18.56
C ALA J 89 18.79 -19.51 -17.08
N THR J 90 19.09 -18.37 -16.45
CA THR J 90 19.01 -18.22 -15.00
C THR J 90 17.63 -17.76 -14.53
N ALA J 91 16.57 -18.03 -15.28
CA ALA J 91 15.24 -17.58 -14.92
C ALA J 91 14.32 -18.66 -14.39
N GLU J 92 14.54 -19.93 -14.77
CA GLU J 92 13.63 -20.99 -14.39
C GLU J 92 13.86 -21.44 -12.95
N ASN J 93 12.75 -21.81 -12.29
CA ASN J 93 12.76 -22.36 -10.94
C ASN J 93 13.39 -21.44 -9.91
N VAL J 94 13.40 -20.14 -10.16
CA VAL J 94 13.89 -19.17 -9.19
C VAL J 94 12.81 -18.13 -8.95
N PRO J 95 12.69 -17.58 -7.74
CA PRO J 95 11.73 -16.50 -7.49
C PRO J 95 12.20 -15.19 -8.08
N VAL J 96 11.93 -14.96 -9.37
CA VAL J 96 12.33 -13.74 -10.05
C VAL J 96 11.85 -12.50 -9.29
N GLU J 97 10.74 -12.62 -8.57
CA GLU J 97 10.26 -11.53 -7.73
C GLU J 97 11.31 -11.14 -6.69
N GLN J 98 11.97 -12.14 -6.09
CA GLN J 98 12.90 -11.85 -5.00
C GLN J 98 14.20 -11.25 -5.50
N ILE J 99 14.67 -11.70 -6.67
CA ILE J 99 15.91 -11.16 -7.24
C ILE J 99 15.78 -9.66 -7.49
N VAL J 100 14.62 -9.23 -7.97
CA VAL J 100 14.39 -7.81 -8.20
C VAL J 100 14.35 -7.06 -6.87
N GLU J 101 13.71 -7.63 -5.85
CA GLU J 101 13.59 -6.96 -4.56
C GLU J 101 14.93 -6.86 -3.84
N ASN J 102 15.80 -7.86 -3.99
CA ASN J 102 17.04 -7.94 -3.25
C ASN J 102 18.22 -7.33 -4.01
N ASN J 103 17.98 -6.69 -5.14
CA ASN J 103 19.04 -6.04 -5.91
C ASN J 103 18.59 -4.64 -6.32
N ASP J 104 19.57 -3.79 -6.60
CA ASP J 104 19.32 -2.39 -6.93
C ASP J 104 19.41 -2.10 -8.41
N ILE J 105 20.27 -2.80 -9.14
CA ILE J 105 20.41 -2.64 -10.58
C ILE J 105 20.23 -4.02 -11.21
N ILE J 106 19.19 -4.17 -12.03
CA ILE J 106 18.81 -5.46 -12.58
C ILE J 106 18.87 -5.35 -14.10
N ILE J 107 20.00 -5.78 -14.67
CA ILE J 107 20.05 -5.98 -16.12
C ILE J 107 19.09 -7.11 -16.47
N LEU J 108 18.31 -6.93 -17.53
CA LEU J 108 17.20 -7.83 -17.80
C LEU J 108 17.02 -8.05 -19.28
N THR J 109 16.58 -9.26 -19.62
CA THR J 109 16.04 -9.58 -20.94
C THR J 109 14.55 -9.26 -20.95
N PRO J 110 14.06 -8.49 -21.93
CA PRO J 110 12.68 -7.97 -21.82
C PRO J 110 11.61 -9.04 -21.67
N GLN J 111 11.77 -10.19 -22.34
CA GLN J 111 10.76 -11.24 -22.25
C GLN J 111 10.64 -11.81 -20.85
N ILE J 112 11.68 -11.68 -20.01
CA ILE J 112 11.58 -12.14 -18.63
C ILE J 112 10.55 -11.32 -17.87
N LEU J 113 10.61 -10.00 -18.02
CA LEU J 113 9.63 -9.13 -17.36
C LEU J 113 8.25 -9.32 -17.96
N VAL J 114 8.17 -9.51 -19.29
CA VAL J 114 6.89 -9.75 -19.94
C VAL J 114 6.21 -10.99 -19.35
N ASN J 115 6.94 -12.10 -19.28
CA ASN J 115 6.37 -13.33 -18.77
C ASN J 115 6.05 -13.22 -17.28
N ASN J 116 6.89 -12.51 -16.53
CA ASN J 116 6.66 -12.36 -15.10
C ASN J 116 5.56 -11.36 -14.77
N LEU J 117 5.25 -10.44 -15.69
CA LEU J 117 4.14 -9.53 -15.46
C LEU J 117 2.80 -10.22 -15.66
N LYS J 118 2.74 -11.16 -16.61
CA LYS J 118 1.49 -11.89 -16.85
C LYS J 118 1.14 -12.78 -15.68
N LYS J 119 2.11 -13.56 -15.18
CA LYS J 119 1.85 -14.50 -14.11
C LYS J 119 1.47 -13.81 -12.80
N GLY J 120 1.87 -12.55 -12.62
CA GLY J 120 1.62 -11.85 -11.38
C GLY J 120 2.76 -11.91 -10.38
N THR J 121 3.88 -12.55 -10.73
CA THR J 121 5.04 -12.56 -9.85
C THR J 121 5.55 -11.14 -9.63
N ILE J 122 5.71 -10.38 -10.71
CA ILE J 122 5.97 -8.95 -10.63
C ILE J 122 4.62 -8.25 -10.82
N PRO J 123 3.98 -7.78 -9.75
CA PRO J 123 2.62 -7.24 -9.88
C PRO J 123 2.55 -5.95 -10.68
N SER J 124 3.38 -4.97 -10.34
CA SER J 124 3.37 -3.68 -11.03
C SER J 124 4.79 -3.19 -11.23
N LEU J 125 4.96 -2.33 -12.23
CA LEU J 125 6.26 -1.72 -12.51
C LEU J 125 6.67 -0.69 -11.48
N SER J 126 5.82 -0.41 -10.49
CA SER J 126 6.18 0.53 -9.43
C SER J 126 7.36 0.05 -8.60
N ILE J 127 7.67 -1.26 -8.66
CA ILE J 127 8.84 -1.78 -7.96
C ILE J 127 10.12 -1.13 -8.49
N PHE J 128 10.12 -0.72 -9.75
CA PHE J 128 11.26 -0.04 -10.34
C PHE J 128 11.09 1.47 -10.22
N THR J 129 12.22 2.17 -10.11
CA THR J 129 12.24 3.62 -10.13
C THR J 129 12.85 4.19 -11.41
N LEU J 130 13.39 3.33 -12.27
CA LEU J 130 14.02 3.79 -13.51
C LEU J 130 14.13 2.61 -14.47
N MET J 131 13.58 2.78 -15.66
CA MET J 131 13.67 1.78 -16.72
C MET J 131 14.45 2.36 -17.88
N ILE J 132 15.47 1.64 -18.34
CA ILE J 132 16.36 2.09 -19.40
C ILE J 132 16.21 1.12 -20.57
N PHE J 133 15.64 1.59 -21.67
CA PHE J 133 15.42 0.78 -22.86
C PHE J 133 16.57 1.01 -23.83
N ASP J 134 17.48 0.04 -23.89
CA ASP J 134 18.53 0.08 -24.91
C ASP J 134 17.93 -0.20 -26.28
N GLU J 135 18.28 0.63 -27.26
CA GLU J 135 17.69 0.57 -28.61
C GLU J 135 16.16 0.71 -28.52
N CYS J 136 15.74 1.87 -28.03
CA CYS J 136 14.33 2.12 -27.73
C CYS J 136 13.46 2.24 -28.97
N HIS J 137 14.06 2.30 -30.16
CA HIS J 137 13.26 2.31 -31.39
C HIS J 137 12.50 1.01 -31.58
N ASN J 138 12.89 -0.06 -30.87
CA ASN J 138 12.18 -1.34 -30.92
C ASN J 138 10.85 -1.32 -30.19
N THR J 139 10.50 -0.22 -29.52
CA THR J 139 9.21 -0.14 -28.84
C THR J 139 8.11 -0.01 -29.90
N SER J 140 7.60 -1.14 -30.36
CA SER J 140 6.84 -1.19 -31.61
C SER J 140 5.76 -2.28 -31.49
N LYS J 141 5.26 -2.71 -32.64
CA LYS J 141 4.01 -3.46 -32.79
C LYS J 141 3.77 -4.50 -31.70
N GLN J 142 4.62 -5.54 -31.63
CA GLN J 142 4.45 -6.58 -30.62
C GLN J 142 5.78 -6.94 -29.95
N HIS J 143 6.77 -6.07 -30.02
CA HIS J 143 8.04 -6.31 -29.36
C HIS J 143 7.85 -6.30 -27.84
N PRO J 144 8.64 -7.09 -27.11
CA PRO J 144 8.53 -7.08 -25.64
C PRO J 144 8.70 -5.71 -25.01
N TYR J 145 9.26 -4.73 -25.74
CA TYR J 145 9.34 -3.38 -25.19
C TYR J 145 7.96 -2.75 -25.04
N ASN J 146 7.12 -2.88 -26.07
CA ASN J 146 5.76 -2.34 -25.98
C ASN J 146 4.92 -3.13 -24.98
N MET J 147 5.03 -4.46 -25.01
CA MET J 147 4.31 -5.29 -24.04
C MET J 147 4.63 -4.86 -22.62
N ILE J 148 5.90 -4.54 -22.36
CA ILE J 148 6.26 -3.97 -21.07
C ILE J 148 5.68 -2.57 -20.91
N MET J 149 5.80 -1.74 -21.96
CA MET J 149 5.29 -0.38 -21.88
C MET J 149 3.77 -0.32 -21.92
N PHE J 150 3.11 -1.35 -22.44
CA PHE J 150 1.65 -1.41 -22.31
C PHE J 150 1.24 -1.51 -20.85
N ASN J 151 1.99 -2.27 -20.05
CA ASN J 151 1.74 -2.34 -18.62
C ASN J 151 1.93 -0.96 -17.98
N TYR J 152 2.96 -0.24 -18.40
CA TYR J 152 3.21 1.11 -17.89
C TYR J 152 2.04 2.03 -18.21
N LEU J 153 1.57 2.00 -19.45
CA LEU J 153 0.52 2.93 -19.88
C LEU J 153 -0.86 2.51 -19.39
N ASP J 154 -1.11 1.20 -19.27
CA ASP J 154 -2.38 0.76 -18.69
C ASP J 154 -2.53 1.24 -17.26
N GLN J 155 -1.43 1.31 -16.51
CA GLN J 155 -1.47 1.80 -15.14
C GLN J 155 -1.59 3.32 -15.08
N LYS J 156 -0.93 4.02 -16.01
CA LYS J 156 -0.97 5.48 -16.02
C LYS J 156 -2.34 5.99 -16.43
N LEU J 157 -2.86 5.50 -17.56
CA LEU J 157 -4.13 6.01 -18.07
C LEU J 157 -5.29 5.55 -17.20
N GLY J 158 -5.23 4.33 -16.68
CA GLY J 158 -6.24 3.88 -15.74
C GLY J 158 -6.12 4.57 -14.41
N GLY J 159 -7.16 4.41 -13.60
CA GLY J 159 -7.19 4.99 -12.27
C GLY J 159 -6.22 4.37 -11.27
N SER J 160 -5.43 3.39 -11.69
CA SER J 160 -4.50 2.72 -10.79
C SER J 160 -3.46 3.69 -10.28
N SER J 161 -3.36 3.80 -8.96
CA SER J 161 -2.37 4.66 -8.32
C SER J 161 -1.02 3.95 -8.29
N GLY J 162 -0.07 4.51 -7.54
CA GLY J 162 1.26 3.95 -7.47
C GLY J 162 2.20 4.64 -8.44
N PRO J 163 3.30 5.19 -7.94
CA PRO J 163 4.21 5.95 -8.80
C PRO J 163 4.90 5.04 -9.81
N LEU J 164 5.07 5.56 -11.02
CA LEU J 164 5.69 4.85 -12.12
C LEU J 164 7.16 5.22 -12.23
N PRO J 165 7.99 4.33 -12.75
CA PRO J 165 9.42 4.62 -12.87
C PRO J 165 9.69 5.65 -13.96
N GLN J 166 10.84 6.31 -13.83
CA GLN J 166 11.32 7.19 -14.89
C GLN J 166 11.82 6.35 -16.05
N VAL J 167 11.33 6.64 -17.26
CA VAL J 167 11.62 5.84 -18.44
C VAL J 167 12.66 6.56 -19.28
N ILE J 168 13.77 5.89 -19.57
CA ILE J 168 14.85 6.45 -20.38
C ILE J 168 15.03 5.56 -21.61
N GLY J 169 15.21 6.19 -22.76
CA GLY J 169 15.43 5.47 -24.00
C GLY J 169 16.75 5.87 -24.63
N LEU J 170 17.45 4.88 -25.18
CA LEU J 170 18.73 5.09 -25.85
C LEU J 170 18.63 4.56 -27.27
N THR J 171 19.03 5.39 -28.24
CA THR J 171 18.95 4.99 -29.64
C THR J 171 19.84 5.91 -30.47
N ALA J 172 20.12 5.45 -31.70
CA ALA J 172 20.81 6.27 -32.68
C ALA J 172 19.89 6.84 -33.74
N SER J 173 18.69 6.27 -33.89
CA SER J 173 17.73 6.75 -34.88
C SER J 173 16.35 6.29 -34.44
N VAL J 174 15.49 7.24 -34.07
CA VAL J 174 14.13 6.88 -33.66
C VAL J 174 13.30 6.43 -34.86
N GLY J 175 13.70 6.79 -36.07
CA GLY J 175 12.98 6.39 -37.26
C GLY J 175 11.81 7.31 -37.57
N VAL J 176 11.29 7.18 -38.79
CA VAL J 176 10.13 7.93 -39.24
C VAL J 176 9.05 7.05 -39.83
N GLY J 177 9.28 5.75 -39.95
CA GLY J 177 8.27 4.88 -40.52
C GLY J 177 8.10 5.10 -42.01
N ASP J 178 6.86 5.03 -42.48
CA ASP J 178 6.51 5.23 -43.87
C ASP J 178 6.24 6.69 -44.20
N ALA J 179 6.75 7.63 -43.41
CA ALA J 179 6.43 9.04 -43.59
C ALA J 179 6.97 9.54 -44.93
N LYS J 180 6.20 10.44 -45.55
CA LYS J 180 6.58 11.06 -46.81
C LYS J 180 6.88 12.54 -46.69
N ASN J 181 6.55 13.17 -45.56
CA ASN J 181 6.86 14.57 -45.32
C ASN J 181 7.10 14.78 -43.84
N THR J 182 7.67 15.94 -43.50
CA THR J 182 8.05 16.21 -42.12
C THR J 182 6.85 16.20 -41.18
N ASP J 183 5.68 16.62 -41.66
CA ASP J 183 4.47 16.56 -40.85
C ASP J 183 4.14 15.12 -40.47
N GLU J 184 4.25 14.20 -41.43
CA GLU J 184 4.03 12.79 -41.14
C GLU J 184 5.16 12.22 -40.28
N ALA J 185 6.40 12.70 -40.51
CA ALA J 185 7.52 12.22 -39.72
C ALA J 185 7.39 12.64 -38.27
N LEU J 186 6.96 13.88 -38.02
CA LEU J 186 6.79 14.35 -36.64
C LEU J 186 5.69 13.59 -35.93
N ASP J 187 4.67 13.12 -36.65
CA ASP J 187 3.64 12.30 -36.03
C ASP J 187 4.18 10.94 -35.61
N TYR J 188 5.05 10.35 -36.43
CA TYR J 188 5.65 9.07 -36.07
C TYR J 188 6.57 9.21 -34.86
N ILE J 189 7.34 10.30 -34.80
CA ILE J 189 8.23 10.50 -33.67
C ILE J 189 7.44 10.71 -32.39
N CYS J 190 6.31 11.43 -32.47
CA CYS J 190 5.45 11.59 -31.31
C CYS J 190 4.74 10.30 -30.95
N LYS J 191 4.61 9.35 -31.88
CA LYS J 191 4.07 8.04 -31.55
C LYS J 191 5.04 7.25 -30.69
N LEU J 192 6.33 7.33 -31.00
CA LEU J 192 7.34 6.64 -30.20
C LEU J 192 7.47 7.28 -28.82
N CYS J 193 7.48 8.61 -28.76
CA CYS J 193 7.54 9.30 -27.47
C CYS J 193 6.35 8.94 -26.60
N ALA J 194 5.18 8.76 -27.21
CA ALA J 194 4.00 8.33 -26.45
C ALA J 194 4.12 6.88 -26.02
N SER J 195 4.74 6.03 -26.86
CA SER J 195 4.93 4.64 -26.51
C SER J 195 5.87 4.49 -25.31
N LEU J 196 6.82 5.41 -25.16
CA LEU J 196 7.77 5.39 -24.05
C LEU J 196 7.48 6.47 -23.02
N ASP J 197 6.39 7.22 -23.17
CA ASP J 197 5.99 8.26 -22.23
C ASP J 197 7.12 9.27 -22.01
N ALA J 198 7.71 9.71 -23.12
CA ALA J 198 8.87 10.59 -23.10
C ALA J 198 8.43 12.04 -23.27
N SER J 199 9.00 12.93 -22.46
CA SER J 199 8.74 14.36 -22.56
C SER J 199 9.85 15.12 -23.27
N VAL J 200 11.02 14.51 -23.45
CA VAL J 200 12.17 15.18 -24.04
C VAL J 200 12.89 14.19 -24.96
N ILE J 201 13.34 14.68 -26.11
CA ILE J 201 14.28 13.96 -26.96
C ILE J 201 15.62 14.67 -26.84
N ALA J 202 16.54 14.08 -26.08
CA ALA J 202 17.82 14.70 -25.80
C ALA J 202 18.81 14.38 -26.91
N THR J 203 19.30 15.41 -27.59
CA THR J 203 20.30 15.27 -28.64
C THR J 203 21.41 16.27 -28.41
N VAL J 204 22.60 15.97 -28.96
CA VAL J 204 23.74 16.86 -28.83
C VAL J 204 23.51 18.09 -29.68
N LYS J 205 23.47 19.26 -29.04
CA LYS J 205 23.21 20.50 -29.75
C LYS J 205 24.27 21.56 -29.43
N HIS J 206 24.83 21.51 -28.22
CA HIS J 206 25.77 22.52 -27.77
C HIS J 206 27.23 22.08 -27.85
N ASN J 207 27.49 20.78 -27.98
CA ASN J 207 28.84 20.26 -28.10
C ASN J 207 28.98 19.41 -29.34
N LEU J 208 28.38 19.86 -30.45
CA LEU J 208 28.53 19.15 -31.72
C LEU J 208 29.98 19.14 -32.19
N GLU J 209 30.73 20.21 -31.92
CA GLU J 209 32.14 20.24 -32.27
C GLU J 209 32.90 19.12 -31.55
N GLU J 210 32.63 18.95 -30.25
CA GLU J 210 33.30 17.91 -29.49
C GLU J 210 32.88 16.52 -29.94
N LEU J 211 31.60 16.35 -30.27
CA LEU J 211 31.11 15.05 -30.72
C LEU J 211 31.68 14.69 -32.09
N GLU J 212 31.79 15.67 -32.98
CA GLU J 212 32.30 15.40 -34.32
C GLU J 212 33.77 15.00 -34.31
N GLN J 213 34.50 15.30 -33.24
CA GLN J 213 35.88 14.86 -33.08
C GLN J 213 35.98 13.48 -32.46
N VAL J 214 34.86 12.79 -32.27
CA VAL J 214 34.84 11.45 -31.69
C VAL J 214 34.30 10.47 -32.71
N VAL J 215 33.09 10.71 -33.19
CA VAL J 215 32.42 9.85 -34.17
C VAL J 215 32.35 10.60 -35.49
N TYR J 216 33.00 10.04 -36.51
CA TYR J 216 32.98 10.61 -37.86
C TYR J 216 31.97 9.87 -38.73
N LYS J 217 31.51 10.56 -39.77
CA LYS J 217 30.56 9.99 -40.71
C LYS J 217 31.31 9.50 -41.94
N PRO J 218 31.27 8.21 -42.26
CA PRO J 218 32.06 7.70 -43.39
C PRO J 218 31.51 8.18 -44.72
N GLN J 219 32.41 8.33 -45.68
CA GLN J 219 32.04 8.74 -47.03
C GLN J 219 31.36 7.58 -47.74
N LYS J 220 30.11 7.79 -48.17
CA LYS J 220 29.31 6.75 -48.79
C LYS J 220 29.42 6.84 -50.31
N PHE J 221 29.49 5.68 -50.96
CA PHE J 221 29.60 5.60 -52.41
C PHE J 221 28.53 4.66 -52.95
N PHE J 222 28.01 5.00 -54.13
CA PHE J 222 27.01 4.20 -54.82
C PHE J 222 27.62 3.63 -56.09
N ARG J 223 27.46 2.33 -56.29
CA ARG J 223 28.03 1.63 -57.44
C ARG J 223 26.92 0.89 -58.18
N LYS J 224 26.36 1.52 -59.20
CA LYS J 224 25.34 0.92 -60.04
C LYS J 224 26.01 0.16 -61.17
N VAL J 225 25.84 -1.16 -61.19
CA VAL J 225 26.43 -2.02 -62.21
C VAL J 225 25.30 -2.67 -63.01
N GLU J 226 25.70 -3.37 -64.07
CA GLU J 226 24.77 -4.10 -64.91
C GLU J 226 24.83 -5.59 -64.58
N SER J 227 23.74 -6.29 -64.88
CA SER J 227 23.69 -7.73 -64.71
C SER J 227 24.37 -8.42 -65.89
N ARG J 228 24.72 -9.69 -65.70
CA ARG J 228 25.35 -10.46 -66.76
C ARG J 228 24.40 -10.60 -67.95
N ILE J 229 24.91 -10.33 -69.15
CA ILE J 229 24.06 -10.18 -70.33
C ILE J 229 23.45 -11.52 -70.73
N SER J 230 24.29 -12.48 -71.10
CA SER J 230 23.84 -13.79 -71.53
C SER J 230 24.31 -14.83 -70.53
N ASP J 231 23.45 -15.80 -70.23
CA ASP J 231 23.76 -16.88 -69.30
C ASP J 231 23.40 -18.20 -69.97
N LYS J 232 24.41 -18.90 -70.50
CA LYS J 232 24.21 -20.28 -70.88
C LYS J 232 23.87 -21.14 -69.68
N PHE J 233 24.26 -20.70 -68.48
CA PHE J 233 23.88 -21.40 -67.26
C PHE J 233 22.39 -21.30 -66.99
N LYS J 234 21.82 -20.11 -67.19
CA LYS J 234 20.39 -19.93 -66.95
C LYS J 234 19.56 -20.65 -68.02
N TYR J 235 20.05 -20.65 -69.26
CA TYR J 235 19.32 -21.34 -70.33
C TYR J 235 19.26 -22.85 -70.10
N ILE J 236 20.23 -23.40 -69.38
CA ILE J 236 20.19 -24.82 -69.06
C ILE J 236 19.23 -25.09 -67.91
N ILE J 237 19.31 -24.30 -66.84
CA ILE J 237 18.41 -24.49 -65.71
C ILE J 237 16.97 -24.20 -66.10
N ALA J 238 16.76 -23.28 -67.05
CA ALA J 238 15.41 -23.04 -67.56
C ALA J 238 14.87 -24.28 -68.27
N GLN J 239 15.75 -25.10 -68.84
CA GLN J 239 15.31 -26.34 -69.45
C GLN J 239 14.86 -27.34 -68.39
N LEU J 240 15.67 -27.51 -67.33
CA LEU J 240 15.30 -28.43 -66.27
C LEU J 240 14.03 -27.99 -65.55
N MET J 241 13.80 -26.68 -65.46
CA MET J 241 12.60 -26.19 -64.77
C MET J 241 11.36 -26.36 -65.63
N ARG J 242 11.46 -26.06 -66.93
CA ARG J 242 10.33 -26.33 -67.83
C ARG J 242 10.09 -27.83 -67.98
N ASP J 243 11.12 -28.66 -67.75
CA ASP J 243 10.91 -30.11 -67.69
C ASP J 243 10.20 -30.49 -66.39
N THR J 244 10.71 -30.02 -65.26
CA THR J 244 10.08 -30.33 -63.98
C THR J 244 8.69 -29.75 -63.87
N GLU J 245 8.42 -28.64 -64.57
CA GLU J 245 7.06 -28.12 -64.62
C GLU J 245 6.13 -29.10 -65.30
N SER J 246 6.50 -29.56 -66.50
CA SER J 246 5.63 -30.46 -67.26
C SER J 246 5.41 -31.78 -66.54
N LEU J 247 6.37 -32.21 -65.73
CA LEU J 247 6.17 -33.41 -64.93
C LEU J 247 5.02 -33.22 -63.95
N ALA J 248 4.88 -32.02 -63.39
CA ALA J 248 3.72 -31.70 -62.59
C ALA J 248 2.48 -31.49 -63.44
N LYS J 249 2.65 -30.94 -64.65
CA LYS J 249 1.53 -30.80 -65.56
C LYS J 249 1.01 -32.16 -66.01
N ARG J 250 1.92 -33.13 -66.16
CA ARG J 250 1.52 -34.50 -66.49
C ARG J 250 0.87 -35.22 -65.33
N ILE J 251 0.85 -34.63 -64.15
CA ILE J 251 0.21 -35.21 -62.97
C ILE J 251 -0.98 -34.38 -62.52
N CYS J 252 -0.82 -33.06 -62.47
CA CYS J 252 -1.89 -32.14 -62.10
C CYS J 252 -2.09 -31.17 -63.27
N LYS J 253 -3.06 -31.49 -64.13
CA LYS J 253 -3.38 -30.61 -65.24
C LYS J 253 -4.00 -29.31 -64.73
N ASP J 254 -4.08 -28.32 -65.62
CA ASP J 254 -4.57 -26.99 -65.28
C ASP J 254 -3.78 -26.39 -64.12
N LEU J 255 -2.45 -26.56 -64.16
CA LEU J 255 -1.59 -26.08 -63.09
C LEU J 255 -1.42 -24.57 -63.11
N GLU J 256 -1.55 -23.94 -64.28
CA GLU J 256 -1.41 -22.50 -64.42
C GLU J 256 -2.58 -21.71 -63.82
N ASN J 257 -3.51 -22.39 -63.15
CA ASN J 257 -4.60 -21.74 -62.42
C ASN J 257 -4.63 -22.12 -60.95
N LEU J 258 -3.67 -22.91 -60.48
CA LEU J 258 -3.66 -23.29 -59.07
C LEU J 258 -3.47 -22.09 -58.16
N SER J 259 -2.56 -21.19 -58.52
CA SER J 259 -2.37 -19.94 -57.81
C SER J 259 -2.87 -18.78 -58.65
N GLN J 260 -3.08 -17.64 -58.00
CA GLN J 260 -3.56 -16.44 -58.66
C GLN J 260 -2.42 -15.60 -59.23
N ILE J 261 -1.23 -16.17 -59.39
CA ILE J 261 -0.06 -15.45 -59.87
C ILE J 261 0.15 -15.80 -61.33
N GLN J 262 0.10 -14.78 -62.19
CA GLN J 262 0.33 -14.93 -63.62
C GLN J 262 1.55 -14.14 -64.05
N ASN J 263 2.01 -14.41 -65.27
CA ASN J 263 3.19 -13.77 -65.85
C ASN J 263 4.40 -13.92 -64.93
N ARG J 264 4.70 -15.16 -64.56
CA ARG J 264 5.82 -15.48 -63.71
C ARG J 264 7.06 -15.76 -64.55
N GLU J 265 8.21 -15.33 -64.07
CA GLU J 265 9.47 -15.50 -64.76
C GLU J 265 10.37 -16.45 -63.97
N PHE J 266 11.19 -17.20 -64.70
CA PHE J 266 12.10 -18.16 -64.07
C PHE J 266 13.20 -17.43 -63.31
N GLY J 267 13.44 -17.84 -62.07
CA GLY J 267 14.50 -17.26 -61.26
C GLY J 267 14.15 -15.94 -60.61
N THR J 268 12.92 -15.80 -60.11
CA THR J 268 12.47 -14.57 -59.47
C THR J 268 11.85 -14.89 -58.12
N GLN J 269 11.72 -13.85 -57.29
CA GLN J 269 10.99 -14.00 -56.04
C GLN J 269 9.51 -14.24 -56.29
N LYS J 270 8.96 -13.60 -57.33
CA LYS J 270 7.57 -13.86 -57.71
C LYS J 270 7.38 -15.32 -58.11
N TYR J 271 8.41 -15.94 -58.69
CA TYR J 271 8.34 -17.38 -58.97
C TYR J 271 8.37 -18.19 -57.68
N GLU J 272 9.15 -17.75 -56.70
CA GLU J 272 9.25 -18.47 -55.45
C GLU J 272 7.92 -18.47 -54.69
N GLN J 273 7.20 -17.35 -54.73
CA GLN J 273 5.88 -17.33 -54.10
C GLN J 273 4.91 -18.23 -54.86
N TRP J 274 5.04 -18.32 -56.17
CA TRP J 274 4.18 -19.20 -56.96
C TRP J 274 4.43 -20.66 -56.62
N ILE J 275 5.70 -21.06 -56.55
CA ILE J 275 6.01 -22.45 -56.27
C ILE J 275 5.61 -22.85 -54.86
N VAL J 276 5.52 -21.88 -53.95
CA VAL J 276 5.03 -22.17 -52.59
C VAL J 276 3.50 -22.12 -52.54
N THR J 277 2.89 -21.19 -53.29
CA THR J 277 1.44 -21.15 -53.37
C THR J 277 0.89 -22.42 -54.01
N VAL J 278 1.55 -22.89 -55.06
CA VAL J 278 1.14 -24.16 -55.70
C VAL J 278 1.37 -25.33 -54.76
N GLN J 279 2.51 -25.33 -54.05
CA GLN J 279 2.82 -26.43 -53.15
C GLN J 279 1.80 -26.53 -52.02
N LYS J 280 1.34 -25.39 -51.50
CA LYS J 280 0.26 -25.40 -50.53
C LYS J 280 -1.02 -25.93 -51.14
N ALA J 281 -1.25 -25.69 -52.43
CA ALA J 281 -2.47 -26.15 -53.09
C ALA J 281 -2.40 -27.63 -53.44
N CYS J 282 -1.19 -28.15 -53.68
CA CYS J 282 -1.03 -29.57 -53.96
C CYS J 282 -1.07 -30.43 -52.70
N MET J 283 -1.00 -29.82 -51.51
CA MET J 283 -1.14 -30.54 -50.26
C MET J 283 -2.59 -30.72 -49.83
N VAL J 284 -3.52 -30.01 -50.45
CA VAL J 284 -4.93 -30.10 -50.09
C VAL J 284 -5.72 -30.93 -51.11
N PHE J 285 -5.03 -31.71 -51.95
CA PHE J 285 -5.71 -32.55 -52.92
C PHE J 285 -6.47 -33.68 -52.21
N GLN J 286 -7.73 -33.84 -52.56
CA GLN J 286 -8.59 -34.88 -52.00
C GLN J 286 -8.84 -35.94 -53.06
N MET J 287 -8.50 -37.18 -52.74
CA MET J 287 -8.66 -38.30 -53.66
C MET J 287 -9.31 -39.48 -52.95
N PRO J 288 -10.09 -40.29 -53.67
CA PRO J 288 -10.78 -41.40 -53.01
C PRO J 288 -9.86 -42.55 -52.62
N ASP J 289 -8.87 -42.88 -53.46
CA ASP J 289 -8.05 -44.06 -53.22
C ASP J 289 -7.22 -43.93 -51.95
N LYS J 290 -6.65 -42.74 -51.72
CA LYS J 290 -5.82 -42.42 -50.56
C LYS J 290 -4.51 -43.22 -50.57
N ASP J 291 -4.31 -44.06 -51.58
CA ASP J 291 -3.02 -44.70 -51.80
C ASP J 291 -2.26 -44.09 -52.97
N GLU J 292 -2.97 -43.65 -54.01
CA GLU J 292 -2.37 -42.79 -55.02
C GLU J 292 -2.29 -41.35 -54.54
N GLU J 293 -3.19 -40.95 -53.64
CA GLU J 293 -3.11 -39.62 -53.04
C GLU J 293 -1.80 -39.44 -52.29
N SER J 294 -1.42 -40.43 -51.49
CA SER J 294 -0.12 -40.42 -50.84
C SER J 294 1.01 -40.44 -51.87
N ARG J 295 0.75 -40.94 -53.08
CA ARG J 295 1.75 -41.01 -54.13
C ARG J 295 1.74 -39.78 -55.03
N ILE J 296 0.55 -39.27 -55.38
CA ILE J 296 0.45 -38.13 -56.28
C ILE J 296 0.88 -36.85 -55.57
N CYS J 297 0.50 -36.70 -54.30
CA CYS J 297 0.87 -35.49 -53.57
C CYS J 297 2.37 -35.45 -53.30
N LYS J 298 2.98 -36.60 -53.03
CA LYS J 298 4.42 -36.62 -52.81
C LYS J 298 5.20 -36.37 -54.09
N ALA J 299 4.67 -36.82 -55.23
CA ALA J 299 5.33 -36.55 -56.51
C ALA J 299 5.35 -35.06 -56.79
N LEU J 300 4.28 -34.35 -56.43
CA LEU J 300 4.24 -32.89 -56.61
C LEU J 300 5.07 -32.18 -55.54
N PHE J 301 5.15 -32.74 -54.33
CA PHE J 301 5.97 -32.14 -53.29
C PHE J 301 7.44 -32.09 -53.70
N LEU J 302 7.91 -33.11 -54.42
CA LEU J 302 9.28 -33.12 -54.90
C LEU J 302 9.46 -32.30 -56.16
N TYR J 303 8.44 -32.25 -57.02
CA TYR J 303 8.53 -31.43 -58.22
C TYR J 303 8.66 -29.95 -57.88
N THR J 304 7.94 -29.50 -56.84
CA THR J 304 8.03 -28.10 -56.44
C THR J 304 9.30 -27.84 -55.62
N SER J 305 9.66 -28.76 -54.72
CA SER J 305 10.87 -28.58 -53.93
C SER J 305 12.12 -28.58 -54.80
N HIS J 306 12.07 -29.17 -55.99
CA HIS J 306 13.19 -29.09 -56.91
C HIS J 306 13.15 -27.81 -57.73
N LEU J 307 11.95 -27.39 -58.17
CA LEU J 307 11.80 -26.08 -58.79
C LEU J 307 12.19 -24.97 -57.83
N ARG J 308 11.99 -25.19 -56.53
CA ARG J 308 12.43 -24.21 -55.53
C ARG J 308 13.95 -24.14 -55.48
N LYS J 309 14.63 -25.29 -55.52
CA LYS J 309 16.09 -25.29 -55.43
C LYS J 309 16.72 -24.82 -56.74
N TYR J 310 16.04 -25.01 -57.87
CA TYR J 310 16.53 -24.45 -59.13
C TYR J 310 16.39 -22.92 -59.14
N ASN J 311 15.30 -22.41 -58.57
CA ASN J 311 15.09 -20.97 -58.52
C ASN J 311 16.18 -20.30 -57.69
N ASP J 312 16.60 -20.95 -56.60
CA ASP J 312 17.69 -20.39 -55.79
C ASP J 312 18.98 -20.33 -56.59
N ALA J 313 19.26 -21.37 -57.38
CA ALA J 313 20.51 -21.41 -58.14
C ALA J 313 20.59 -20.25 -59.14
N LEU J 314 19.45 -19.90 -59.77
CA LEU J 314 19.46 -18.76 -60.68
C LEU J 314 19.77 -17.47 -59.94
N ILE J 315 19.23 -17.31 -58.73
CA ILE J 315 19.53 -16.13 -57.94
C ILE J 315 20.99 -16.14 -57.47
N ILE J 316 21.48 -17.32 -57.05
CA ILE J 316 22.89 -17.45 -56.69
C ILE J 316 23.77 -17.20 -57.90
N SER J 317 23.30 -17.59 -59.10
CA SER J 317 24.07 -17.33 -60.31
C SER J 317 24.11 -15.84 -60.61
N GLU J 318 23.00 -15.12 -60.36
CA GLU J 318 22.95 -13.70 -60.71
C GLU J 318 23.78 -12.85 -59.75
N HIS J 319 24.00 -13.31 -58.53
CA HIS J 319 24.72 -12.56 -57.52
C HIS J 319 26.10 -13.12 -57.21
N ALA J 320 26.46 -14.26 -57.79
CA ALA J 320 27.74 -14.90 -57.48
C ALA J 320 28.21 -15.64 -58.73
N ARG J 321 29.17 -16.55 -58.54
CA ARG J 321 29.71 -17.31 -59.66
C ARG J 321 28.71 -18.37 -60.13
N MET J 322 28.93 -18.85 -61.35
CA MET J 322 28.18 -20.02 -61.82
C MET J 322 28.58 -21.27 -61.06
N LYS J 323 29.79 -21.29 -60.50
CA LYS J 323 30.24 -22.43 -59.71
C LYS J 323 29.51 -22.51 -58.37
N ASP J 324 29.13 -21.36 -57.81
CA ASP J 324 28.47 -21.36 -56.51
C ASP J 324 27.06 -21.92 -56.60
N ALA J 325 26.31 -21.57 -57.65
CA ALA J 325 25.00 -22.16 -57.85
C ALA J 325 25.10 -23.64 -58.14
N LEU J 326 26.20 -24.07 -58.76
CA LEU J 326 26.40 -25.50 -59.03
C LEU J 326 26.61 -26.27 -57.74
N ASP J 327 27.50 -25.78 -56.86
CA ASP J 327 27.72 -26.43 -55.57
C ASP J 327 26.45 -26.43 -54.73
N TYR J 328 25.57 -25.44 -54.93
CA TYR J 328 24.29 -25.44 -54.23
C TYR J 328 23.39 -26.56 -54.74
N LEU J 329 23.37 -26.78 -56.06
CA LEU J 329 22.58 -27.88 -56.61
C LEU J 329 23.23 -29.23 -56.29
N LYS J 330 24.56 -29.29 -56.30
CA LYS J 330 25.26 -30.53 -55.97
C LYS J 330 24.96 -30.97 -54.55
N ASP J 331 25.23 -30.09 -53.58
CA ASP J 331 24.98 -30.40 -52.17
C ASP J 331 23.51 -30.70 -51.90
N PHE J 332 22.60 -30.19 -52.75
CA PHE J 332 21.18 -30.48 -52.57
C PHE J 332 20.86 -31.94 -52.87
N PHE J 333 21.21 -32.39 -54.07
CA PHE J 333 20.92 -33.78 -54.44
C PHE J 333 21.69 -34.76 -53.57
N SER J 334 22.95 -34.44 -53.26
CA SER J 334 23.78 -35.33 -52.45
C SER J 334 23.29 -35.46 -51.02
N ASN J 335 22.32 -34.65 -50.60
CA ASN J 335 21.75 -34.73 -49.25
C ASN J 335 20.37 -35.36 -49.22
N VAL J 336 19.79 -35.68 -50.38
CA VAL J 336 18.54 -36.44 -50.41
C VAL J 336 18.81 -37.90 -50.09
N ARG J 337 19.79 -38.50 -50.76
CA ARG J 337 20.20 -39.87 -50.49
C ARG J 337 21.13 -39.92 -49.29
N ALA J 338 20.96 -40.94 -48.46
CA ALA J 338 21.77 -41.16 -47.27
C ALA J 338 21.77 -39.94 -46.36
N ASP J 342 14.45 -43.53 -53.62
CA ASP J 342 13.21 -42.88 -54.06
C ASP J 342 13.11 -42.89 -55.57
N GLU J 343 11.93 -43.21 -56.09
CA GLU J 343 11.74 -43.38 -57.53
C GLU J 343 11.75 -42.03 -58.25
N ILE J 344 10.81 -41.16 -57.90
CA ILE J 344 10.71 -39.86 -58.56
C ILE J 344 11.96 -39.02 -58.32
N GLU J 345 12.55 -39.14 -57.13
CA GLU J 345 13.81 -38.42 -56.86
C GLU J 345 14.93 -38.95 -57.74
N GLN J 346 14.96 -40.26 -58.00
CA GLN J 346 15.96 -40.82 -58.90
C GLN J 346 15.70 -40.43 -60.36
N ASP J 347 14.45 -40.11 -60.70
CA ASP J 347 14.14 -39.64 -62.05
C ASP J 347 14.80 -38.29 -62.31
N LEU J 348 14.52 -37.30 -61.47
CA LEU J 348 15.10 -35.97 -61.66
C LEU J 348 16.61 -35.97 -61.47
N THR J 349 17.12 -36.83 -60.58
CA THR J 349 18.57 -36.93 -60.41
C THR J 349 19.25 -37.45 -61.66
N GLN J 350 18.55 -38.27 -62.45
CA GLN J 350 19.08 -38.67 -63.76
C GLN J 350 18.99 -37.54 -64.76
N ARG J 351 17.94 -36.72 -64.68
CA ARG J 351 17.82 -35.57 -65.57
C ARG J 351 18.88 -34.52 -65.25
N PHE J 352 19.21 -34.35 -63.97
CA PHE J 352 20.22 -33.38 -63.59
C PHE J 352 21.62 -33.85 -63.98
N GLU J 353 21.92 -35.13 -63.75
CA GLU J 353 23.23 -35.66 -64.09
C GLU J 353 23.47 -35.73 -65.59
N GLU J 354 22.40 -35.73 -66.39
CA GLU J 354 22.57 -35.68 -67.85
C GLU J 354 23.06 -34.32 -68.29
N LYS J 355 22.40 -33.25 -67.84
CA LYS J 355 22.77 -31.89 -68.19
C LYS J 355 23.89 -31.33 -67.31
N LEU J 356 24.36 -32.10 -66.32
CA LEU J 356 25.44 -31.62 -65.46
C LEU J 356 26.73 -31.44 -66.25
N GLN J 357 26.95 -32.26 -67.28
CA GLN J 357 28.18 -32.18 -68.05
C GLN J 357 28.32 -30.82 -68.73
N GLU J 358 27.24 -30.34 -69.35
CA GLU J 358 27.28 -29.04 -70.01
C GLU J 358 27.34 -27.89 -69.02
N LEU J 359 26.92 -28.10 -67.77
CA LEU J 359 26.94 -27.03 -66.79
C LEU J 359 28.37 -26.63 -66.43
N GLU J 360 29.20 -27.61 -66.06
CA GLU J 360 30.57 -27.30 -65.64
C GLU J 360 31.42 -26.75 -66.78
N SER J 361 31.04 -27.00 -68.03
CA SER J 361 31.75 -26.40 -69.14
C SER J 361 31.59 -24.88 -69.15
N VAL J 362 30.50 -24.38 -68.58
CA VAL J 362 30.28 -22.95 -68.47
C VAL J 362 30.69 -22.49 -67.07
N SER J 363 30.55 -23.39 -66.09
CA SER J 363 30.89 -23.05 -64.72
C SER J 363 32.40 -22.88 -64.53
N ARG J 364 33.21 -23.58 -65.33
CA ARG J 364 34.66 -23.41 -65.29
C ARG J 364 35.16 -22.42 -66.33
N ASP J 365 34.31 -22.01 -67.27
CA ASP J 365 34.70 -21.06 -68.31
C ASP J 365 34.96 -19.69 -67.69
N PRO J 366 36.20 -19.18 -67.72
CA PRO J 366 36.45 -17.84 -67.17
C PRO J 366 35.92 -16.71 -68.04
N SER J 367 35.40 -17.02 -69.24
CA SER J 367 34.95 -15.97 -70.14
C SER J 367 33.71 -15.26 -69.61
N ASN J 368 32.85 -15.97 -68.89
CA ASN J 368 31.60 -15.41 -68.37
C ASN J 368 31.71 -15.28 -66.86
N GLU J 369 32.19 -14.12 -66.40
CA GLU J 369 32.21 -13.76 -65.00
C GLU J 369 31.15 -12.71 -64.72
N ASN J 370 30.88 -12.48 -63.44
CA ASN J 370 29.83 -11.55 -63.04
C ASN J 370 30.36 -10.12 -63.12
N PRO J 371 29.70 -9.23 -63.87
CA PRO J 371 30.12 -7.81 -63.86
C PRO J 371 29.95 -7.15 -62.50
N LYS J 372 29.27 -7.78 -61.55
CA LYS J 372 29.19 -7.27 -60.19
C LYS J 372 30.41 -7.67 -59.39
N LEU J 373 30.92 -8.88 -59.61
CA LEU J 373 32.11 -9.33 -58.90
C LEU J 373 33.37 -8.61 -59.37
N GLU J 374 33.42 -8.23 -60.65
CA GLU J 374 34.58 -7.49 -61.14
C GLU J 374 34.68 -6.11 -60.49
N ASP J 375 33.54 -5.42 -60.37
CA ASP J 375 33.55 -4.13 -59.68
C ASP J 375 33.85 -4.29 -58.20
N LEU J 376 33.38 -5.39 -57.59
CA LEU J 376 33.72 -5.66 -56.20
C LEU J 376 35.20 -5.94 -56.03
N CYS J 377 35.78 -6.73 -56.93
CA CYS J 377 37.22 -6.96 -56.90
C CYS J 377 37.99 -5.69 -57.18
N PHE J 378 37.50 -4.85 -58.10
CA PHE J 378 38.14 -3.58 -58.40
C PHE J 378 38.20 -2.68 -57.16
N ILE J 379 37.13 -2.66 -56.38
CA ILE J 379 37.12 -1.86 -55.15
C ILE J 379 38.11 -2.42 -54.14
N LEU J 380 38.13 -3.75 -53.97
CA LEU J 380 39.05 -4.36 -53.02
C LEU J 380 40.49 -4.22 -53.50
N GLN J 381 40.73 -4.32 -54.81
CA GLN J 381 42.09 -4.13 -55.33
C GLN J 381 42.55 -2.69 -55.11
N GLU J 382 41.66 -1.72 -55.31
CA GLU J 382 42.03 -0.33 -55.14
C GLU J 382 42.22 0.04 -53.68
N GLU J 383 41.28 -0.38 -52.83
CA GLU J 383 41.30 0.06 -51.43
C GLU J 383 42.45 -0.59 -50.65
N TYR J 384 42.84 -1.81 -51.02
CA TYR J 384 43.97 -2.45 -50.36
C TYR J 384 45.31 -2.10 -50.97
N HIS J 385 45.32 -1.65 -52.24
CA HIS J 385 46.55 -1.11 -52.81
C HIS J 385 46.96 0.17 -52.09
N LEU J 386 45.99 1.01 -51.74
CA LEU J 386 46.30 2.25 -51.04
C LEU J 386 46.65 1.99 -49.58
N ASN J 387 46.12 0.94 -48.99
CA ASN J 387 46.40 0.59 -47.59
C ASN J 387 46.21 -0.91 -47.44
N PRO J 388 47.29 -1.69 -47.45
CA PRO J 388 47.16 -3.14 -47.26
C PRO J 388 46.69 -3.52 -45.87
N GLU J 389 46.71 -2.60 -44.91
CA GLU J 389 46.20 -2.85 -43.57
C GLU J 389 44.71 -2.57 -43.45
N THR J 390 43.99 -2.51 -44.56
CA THR J 390 42.57 -2.22 -44.54
C THR J 390 41.79 -3.37 -43.91
N ILE J 391 40.78 -3.03 -43.11
CA ILE J 391 39.91 -3.99 -42.47
C ILE J 391 38.52 -3.79 -43.06
N THR J 392 38.05 -4.77 -43.83
CA THR J 392 36.79 -4.67 -44.55
C THR J 392 35.76 -5.60 -43.91
N ILE J 393 34.50 -5.16 -43.91
CA ILE J 393 33.37 -6.01 -43.59
C ILE J 393 32.40 -5.97 -44.77
N LEU J 394 31.74 -7.08 -45.02
CA LEU J 394 30.93 -7.26 -46.23
C LEU J 394 29.60 -7.87 -45.84
N PHE J 395 28.51 -7.18 -46.17
CA PHE J 395 27.17 -7.62 -45.83
C PHE J 395 26.41 -8.06 -47.08
N VAL J 396 25.71 -9.18 -46.98
CA VAL J 396 24.87 -9.71 -48.04
C VAL J 396 23.54 -10.15 -47.44
N LYS J 397 22.65 -10.65 -48.30
CA LYS J 397 21.30 -10.99 -47.88
C LYS J 397 21.24 -12.38 -47.23
N THR J 398 21.60 -13.41 -47.97
CA THR J 398 21.42 -14.79 -47.55
C THR J 398 22.70 -15.38 -46.99
N ARG J 399 22.55 -16.48 -46.24
CA ARG J 399 23.70 -17.17 -45.69
C ARG J 399 24.45 -17.95 -46.76
N ALA J 400 23.73 -18.43 -47.80
CA ALA J 400 24.41 -19.12 -48.88
C ALA J 400 25.29 -18.18 -49.68
N LEU J 401 24.87 -16.92 -49.82
CA LEU J 401 25.70 -15.93 -50.49
C LEU J 401 26.93 -15.56 -49.66
N VAL J 402 26.89 -15.77 -48.35
CA VAL J 402 28.09 -15.61 -47.54
C VAL J 402 29.14 -16.64 -47.93
N ASP J 403 28.73 -17.91 -47.98
CA ASP J 403 29.65 -18.98 -48.37
C ASP J 403 30.09 -18.81 -49.83
N ALA J 404 29.18 -18.32 -50.68
CA ALA J 404 29.50 -18.15 -52.09
C ALA J 404 30.57 -17.09 -52.31
N LEU J 405 30.49 -15.98 -51.57
CA LEU J 405 31.49 -14.93 -51.70
C LEU J 405 32.84 -15.36 -51.13
N LYS J 406 32.82 -16.15 -50.05
CA LYS J 406 34.06 -16.63 -49.47
C LYS J 406 34.84 -17.49 -50.45
N ASN J 407 34.17 -18.47 -51.06
CA ASN J 407 34.84 -19.36 -52.01
C ASN J 407 35.24 -18.61 -53.27
N TRP J 408 34.56 -17.52 -53.61
CA TRP J 408 35.00 -16.70 -54.73
C TRP J 408 36.26 -15.91 -54.38
N ILE J 409 36.36 -15.44 -53.14
CA ILE J 409 37.55 -14.71 -52.72
C ILE J 409 38.77 -15.61 -52.72
N GLU J 410 38.65 -16.79 -52.11
CA GLU J 410 39.77 -17.71 -52.03
C GLU J 410 40.08 -18.36 -53.37
N GLY J 411 39.16 -18.28 -54.34
CA GLY J 411 39.39 -18.85 -55.65
C GLY J 411 39.86 -17.84 -56.67
N ASN J 412 39.86 -16.55 -56.31
CA ASN J 412 40.30 -15.49 -57.20
C ASN J 412 41.74 -15.14 -56.88
N PRO J 413 42.67 -15.31 -57.82
CA PRO J 413 44.07 -14.96 -57.52
C PRO J 413 44.30 -13.47 -57.34
N LYS J 414 43.47 -12.63 -57.94
CA LYS J 414 43.63 -11.18 -57.78
C LYS J 414 43.29 -10.70 -56.37
N LEU J 415 42.66 -11.54 -55.56
CA LEU J 415 42.34 -11.21 -54.17
C LEU J 415 43.15 -12.05 -53.20
N SER J 416 44.37 -12.44 -53.58
CA SER J 416 45.20 -13.31 -52.75
C SER J 416 45.58 -12.65 -51.43
N PHE J 417 45.56 -11.32 -51.36
CA PHE J 417 45.89 -10.61 -50.13
C PHE J 417 44.77 -10.66 -49.10
N LEU J 418 43.61 -11.21 -49.46
CA LEU J 418 42.46 -11.24 -48.57
C LEU J 418 42.44 -12.53 -47.75
N LYS J 419 42.19 -12.39 -46.45
CA LYS J 419 42.05 -13.50 -45.52
C LYS J 419 40.62 -13.48 -45.01
N PRO J 420 39.68 -14.13 -45.70
CA PRO J 420 38.27 -13.93 -45.40
C PRO J 420 37.82 -14.60 -44.11
N GLY J 421 36.66 -14.15 -43.63
CA GLY J 421 36.04 -14.75 -42.46
C GLY J 421 34.53 -14.73 -42.62
N ILE J 422 33.87 -15.60 -41.87
CA ILE J 422 32.43 -15.84 -42.00
C ILE J 422 31.75 -15.49 -40.69
N LEU J 423 30.58 -14.86 -40.79
CA LEU J 423 29.73 -14.60 -39.62
C LEU J 423 28.28 -14.66 -40.06
N THR J 424 27.54 -15.64 -39.56
CA THR J 424 26.12 -15.80 -39.84
C THR J 424 25.33 -15.76 -38.54
N GLY J 425 24.01 -15.85 -38.65
CA GLY J 425 23.16 -15.96 -37.49
C GLY J 425 23.22 -17.35 -36.88
N ARG J 426 22.56 -17.47 -35.73
CA ARG J 426 22.51 -18.76 -35.04
C ARG J 426 21.64 -19.79 -35.76
N GLY J 427 20.86 -19.37 -36.76
CA GLY J 427 20.00 -20.27 -37.48
C GLY J 427 18.80 -20.68 -36.65
N LYS J 428 17.98 -21.56 -37.23
CA LYS J 428 16.84 -22.11 -36.52
C LYS J 428 17.32 -23.06 -35.42
N THR J 429 16.62 -23.04 -34.29
CA THR J 429 17.01 -23.86 -33.14
C THR J 429 16.84 -25.35 -33.40
N ASN J 430 16.24 -25.76 -34.51
CA ASN J 430 15.99 -27.16 -34.81
C ASN J 430 16.48 -27.54 -36.20
N GLN J 431 17.56 -26.91 -36.66
CA GLN J 431 18.16 -27.24 -37.95
C GLN J 431 19.67 -27.23 -37.82
N ASN J 432 20.33 -28.13 -38.54
CA ASN J 432 21.79 -28.23 -38.55
C ASN J 432 22.39 -27.15 -39.47
N THR J 433 22.10 -25.90 -39.12
CA THR J 433 22.58 -24.75 -39.87
C THR J 433 23.01 -23.67 -38.89
N GLY J 434 23.47 -22.55 -39.43
CA GLY J 434 23.76 -21.38 -38.63
C GLY J 434 25.16 -21.35 -38.04
N MET J 435 25.29 -20.72 -36.87
CA MET J 435 26.58 -20.53 -36.22
C MET J 435 26.34 -20.28 -34.74
N THR J 436 26.88 -21.15 -33.89
CA THR J 436 26.66 -21.03 -32.46
C THR J 436 27.30 -19.75 -31.92
N LEU J 437 26.81 -19.32 -30.76
CA LEU J 437 27.36 -18.13 -30.11
C LEU J 437 28.85 -18.26 -29.83
N PRO J 438 29.37 -19.37 -29.28
CA PRO J 438 30.83 -19.49 -29.16
C PRO J 438 31.53 -19.47 -30.50
N ALA J 439 30.92 -20.04 -31.54
CA ALA J 439 31.51 -19.97 -32.87
C ALA J 439 31.49 -18.53 -33.40
N GLN J 440 30.52 -17.73 -32.98
CA GLN J 440 30.49 -16.33 -33.39
C GLN J 440 31.60 -15.54 -32.70
N LYS J 441 31.69 -15.65 -31.37
CA LYS J 441 32.70 -14.89 -30.64
C LYS J 441 34.12 -15.34 -30.99
N CYS J 442 34.31 -16.61 -31.32
CA CYS J 442 35.65 -17.08 -31.67
C CYS J 442 36.11 -16.48 -32.99
N ILE J 443 35.18 -16.28 -33.94
CA ILE J 443 35.56 -15.71 -35.22
C ILE J 443 35.79 -14.20 -35.10
N LEU J 444 34.97 -13.52 -34.30
CA LEU J 444 35.11 -12.07 -34.15
C LEU J 444 36.39 -11.68 -33.44
N ASP J 445 36.99 -12.58 -32.66
CA ASP J 445 38.26 -12.26 -32.00
C ASP J 445 39.44 -12.37 -32.95
N ALA J 446 39.33 -13.21 -33.97
CA ALA J 446 40.36 -13.35 -34.99
C ALA J 446 40.19 -12.36 -36.14
N PHE J 447 39.24 -11.44 -36.03
CA PHE J 447 38.97 -10.44 -37.05
C PHE J 447 39.43 -9.09 -36.51
N LYS J 448 40.71 -8.79 -36.70
CA LYS J 448 41.31 -7.55 -36.23
C LYS J 448 42.42 -7.15 -37.20
N ALA J 449 43.08 -6.04 -36.89
CA ALA J 449 44.30 -5.70 -37.62
C ALA J 449 45.42 -6.66 -37.26
N SER J 450 45.53 -7.03 -35.98
CA SER J 450 46.49 -8.02 -35.50
C SER J 450 45.88 -9.41 -35.41
N GLY J 451 44.87 -9.71 -36.23
CA GLY J 451 44.18 -10.97 -36.21
C GLY J 451 44.48 -11.83 -37.42
N ASP J 452 43.72 -12.92 -37.53
CA ASP J 452 43.93 -13.88 -38.61
C ASP J 452 43.23 -13.46 -39.89
N HIS J 453 42.12 -12.73 -39.79
CA HIS J 453 41.26 -12.43 -40.93
C HIS J 453 41.32 -10.95 -41.28
N ASN J 454 41.39 -10.67 -42.58
CA ASN J 454 41.41 -9.30 -43.10
C ASN J 454 40.00 -8.77 -43.35
N ILE J 455 39.14 -9.58 -43.97
CA ILE J 455 37.80 -9.16 -44.34
C ILE J 455 36.80 -10.14 -43.73
N LEU J 456 35.66 -9.62 -43.28
CA LEU J 456 34.60 -10.42 -42.67
C LEU J 456 33.36 -10.35 -43.56
N ILE J 457 32.89 -11.51 -44.01
CA ILE J 457 31.66 -11.62 -44.78
C ILE J 457 30.55 -12.04 -43.83
N ALA J 458 29.49 -11.23 -43.76
CA ALA J 458 28.46 -11.45 -42.76
C ALA J 458 27.08 -11.13 -43.32
N THR J 459 26.06 -11.63 -42.62
CA THR J 459 24.68 -11.26 -42.87
C THR J 459 24.33 -10.07 -41.98
N SER J 460 23.04 -9.76 -41.87
CA SER J 460 22.59 -8.67 -41.02
C SER J 460 22.95 -8.95 -39.57
N VAL J 461 23.31 -7.89 -38.85
CA VAL J 461 23.60 -7.96 -37.43
C VAL J 461 22.52 -7.20 -36.68
N ALA J 462 22.53 -7.31 -35.35
CA ALA J 462 21.57 -6.59 -34.52
C ALA J 462 21.81 -5.09 -34.63
N ASP J 463 21.00 -4.32 -33.91
CA ASP J 463 21.02 -2.85 -33.97
C ASP J 463 22.45 -2.31 -33.94
N GLU J 464 23.16 -2.55 -32.85
CA GLU J 464 24.58 -2.21 -32.77
C GLU J 464 25.46 -3.39 -32.41
N GLY J 465 24.92 -4.42 -31.75
CA GLY J 465 25.69 -5.60 -31.41
C GLY J 465 26.85 -5.31 -30.47
N ILE J 466 27.63 -6.36 -30.24
CA ILE J 466 28.84 -6.21 -29.45
C ILE J 466 29.82 -5.33 -30.21
N ASP J 467 30.68 -4.63 -29.47
CA ASP J 467 31.65 -3.73 -30.08
C ASP J 467 32.75 -4.54 -30.75
N ILE J 468 32.74 -4.57 -32.07
CA ILE J 468 33.70 -5.34 -32.83
C ILE J 468 34.74 -4.39 -33.41
N ALA J 469 35.79 -4.96 -34.00
CA ALA J 469 36.87 -4.16 -34.55
C ALA J 469 36.37 -3.20 -35.62
N GLN J 470 36.93 -2.00 -35.64
CA GLN J 470 36.48 -0.98 -36.59
C GLN J 470 36.91 -1.34 -38.01
N CYS J 471 35.99 -1.16 -38.94
CA CYS J 471 36.23 -1.42 -40.36
C CYS J 471 36.29 -0.09 -41.10
N ASN J 472 37.45 0.22 -41.68
CA ASN J 472 37.58 1.41 -42.51
C ASN J 472 37.05 1.20 -43.92
N LEU J 473 36.32 0.11 -44.15
CA LEU J 473 35.72 -0.16 -45.45
C LEU J 473 34.52 -1.06 -45.25
N VAL J 474 33.33 -0.56 -45.57
CA VAL J 474 32.09 -1.32 -45.48
C VAL J 474 31.51 -1.43 -46.88
N ILE J 475 31.10 -2.64 -47.26
CA ILE J 475 30.53 -2.89 -48.59
C ILE J 475 29.19 -3.59 -48.41
N LEU J 476 28.14 -2.98 -48.93
CA LEU J 476 26.80 -3.58 -48.94
C LEU J 476 26.57 -4.19 -50.32
N TYR J 477 26.56 -5.52 -50.39
CA TYR J 477 26.44 -6.24 -51.65
C TYR J 477 24.97 -6.61 -51.85
N GLU J 478 24.29 -5.87 -52.72
CA GLU J 478 22.85 -6.06 -52.95
C GLU J 478 22.07 -6.05 -51.64
N TYR J 479 22.45 -5.12 -50.76
CA TYR J 479 21.93 -5.08 -49.40
C TYR J 479 21.57 -3.64 -49.05
N VAL J 480 20.41 -3.46 -48.42
CA VAL J 480 20.00 -2.15 -47.93
C VAL J 480 18.96 -2.37 -46.83
N GLY J 481 19.03 -1.55 -45.79
CA GLY J 481 18.08 -1.63 -44.70
C GLY J 481 17.17 -0.43 -44.64
N ASN J 482 16.72 -0.08 -43.44
CA ASN J 482 15.88 1.08 -43.24
C ASN J 482 16.74 2.28 -42.84
N VAL J 483 16.10 3.38 -42.45
CA VAL J 483 16.85 4.55 -42.02
C VAL J 483 17.59 4.28 -40.71
N ILE J 484 17.04 3.41 -39.87
CA ILE J 484 17.68 3.11 -38.59
C ILE J 484 18.98 2.35 -38.80
N LYS J 485 18.94 1.27 -39.59
CA LYS J 485 20.14 0.50 -39.85
C LYS J 485 21.18 1.30 -40.63
N MET J 486 20.74 2.22 -41.50
CA MET J 486 21.68 3.04 -42.25
C MET J 486 22.55 3.88 -41.34
N ILE J 487 22.00 4.35 -40.22
CA ILE J 487 22.78 5.17 -39.29
C ILE J 487 23.65 4.28 -38.41
N GLN J 488 23.14 3.10 -38.04
CA GLN J 488 23.90 2.22 -37.14
C GLN J 488 25.16 1.69 -37.80
N THR J 489 25.06 1.28 -39.07
CA THR J 489 26.23 0.74 -39.77
C THR J 489 27.31 1.79 -40.01
N ARG J 490 27.03 3.06 -39.72
CA ARG J 490 28.10 4.05 -39.69
C ARG J 490 29.04 3.83 -38.52
N GLY J 491 28.58 3.15 -37.47
CA GLY J 491 29.42 2.82 -36.34
C GLY J 491 30.43 1.73 -36.60
N ARG J 492 30.26 0.97 -37.68
CA ARG J 492 31.26 -0.02 -38.05
C ARG J 492 32.62 0.62 -38.28
N GLY J 493 32.64 1.78 -38.93
CA GLY J 493 33.84 2.59 -38.99
C GLY J 493 33.59 4.00 -38.51
N ARG J 494 34.16 4.36 -37.36
CA ARG J 494 34.03 5.70 -36.80
C ARG J 494 35.26 6.55 -37.05
N ALA J 495 36.37 5.95 -37.44
CA ALA J 495 37.59 6.70 -37.68
C ALA J 495 37.47 7.55 -38.94
N ARG J 496 38.30 8.59 -39.00
CA ARG J 496 38.31 9.46 -40.17
C ARG J 496 38.79 8.69 -41.39
N GLY J 497 38.16 8.96 -42.53
CA GLY J 497 38.51 8.29 -43.76
C GLY J 497 37.83 6.96 -44.00
N SER J 498 36.86 6.59 -43.17
CA SER J 498 36.11 5.36 -43.40
C SER J 498 35.19 5.54 -44.61
N LYS J 499 34.93 4.43 -45.29
CA LYS J 499 34.14 4.46 -46.53
C LYS J 499 33.11 3.34 -46.50
N CYS J 500 31.98 3.60 -47.16
CA CYS J 500 30.90 2.62 -47.28
C CYS J 500 30.45 2.58 -48.73
N PHE J 501 30.62 1.42 -49.37
CA PHE J 501 30.20 1.22 -50.75
C PHE J 501 28.86 0.47 -50.79
N LEU J 502 28.07 0.78 -51.82
CA LEU J 502 26.78 0.14 -52.03
C LEU J 502 26.77 -0.44 -53.44
N LEU J 503 26.98 -1.75 -53.55
CA LEU J 503 27.01 -2.44 -54.82
C LEU J 503 25.66 -3.09 -55.09
N THR J 504 25.08 -2.78 -56.25
CA THR J 504 23.80 -3.34 -56.62
C THR J 504 23.59 -3.19 -58.12
N SER J 505 22.89 -4.16 -58.70
CA SER J 505 22.43 -4.07 -60.08
C SER J 505 20.98 -3.65 -60.19
N ASN J 506 20.29 -3.53 -59.05
CA ASN J 506 18.91 -3.07 -59.01
C ASN J 506 18.90 -1.58 -58.69
N ALA J 507 18.39 -0.77 -59.61
CA ALA J 507 18.29 0.67 -59.38
C ALA J 507 17.35 1.00 -58.23
N GLY J 508 16.46 0.08 -57.88
CA GLY J 508 15.60 0.29 -56.72
C GLY J 508 16.36 0.28 -55.40
N VAL J 509 17.46 -0.47 -55.34
CA VAL J 509 18.30 -0.45 -54.15
C VAL J 509 19.03 0.89 -54.03
N ILE J 510 19.46 1.46 -55.16
CA ILE J 510 20.01 2.81 -55.16
C ILE J 510 18.96 3.81 -54.69
N GLU J 511 17.77 3.73 -55.26
CA GLU J 511 16.68 4.63 -54.86
C GLU J 511 16.31 4.44 -53.40
N LYS J 512 16.39 3.19 -52.90
CA LYS J 512 15.99 2.91 -51.53
C LYS J 512 16.89 3.64 -50.53
N GLU J 513 18.21 3.52 -50.70
CA GLU J 513 19.12 4.21 -49.79
C GLU J 513 19.04 5.72 -49.96
N GLN J 514 18.69 6.19 -51.17
CA GLN J 514 18.41 7.61 -51.35
C GLN J 514 17.24 8.06 -50.47
N ILE J 515 16.19 7.23 -50.40
CA ILE J 515 15.04 7.57 -49.56
C ILE J 515 15.45 7.56 -48.09
N ASN J 516 16.23 6.57 -47.67
CA ASN J 516 16.70 6.54 -46.29
C ASN J 516 17.54 7.77 -45.97
N MET J 517 18.33 8.24 -46.93
CA MET J 517 19.09 9.47 -46.74
C MET J 517 18.16 10.67 -46.54
N TYR J 518 17.03 10.67 -47.25
CA TYR J 518 16.07 11.76 -47.07
C TYR J 518 15.26 11.59 -45.79
N LYS J 519 14.93 10.34 -45.43
CA LYS J 519 14.17 10.10 -44.20
C LYS J 519 14.94 10.56 -42.97
N GLU J 520 16.27 10.40 -42.99
CA GLU J 520 17.07 10.87 -41.86
C GLU J 520 16.99 12.38 -41.70
N LYS J 521 16.95 13.10 -42.82
CA LYS J 521 16.77 14.55 -42.75
C LYS J 521 15.41 14.90 -42.14
N MET J 522 14.36 14.20 -42.56
CA MET J 522 13.05 14.40 -41.93
C MET J 522 13.07 14.05 -40.46
N MET J 523 13.90 13.07 -40.07
CA MET J 523 13.99 12.70 -38.65
C MET J 523 14.62 13.83 -37.84
N ASN J 524 15.78 14.31 -38.28
CA ASN J 524 16.50 15.34 -37.52
C ASN J 524 15.76 16.67 -37.56
N ASP J 525 15.28 17.08 -38.74
CA ASP J 525 14.59 18.36 -38.85
C ASP J 525 13.28 18.37 -38.07
N SER J 526 12.61 17.22 -37.95
CA SER J 526 11.40 17.17 -37.13
C SER J 526 11.74 17.21 -35.65
N ILE J 527 12.80 16.52 -35.25
CA ILE J 527 13.22 16.52 -33.85
C ILE J 527 13.58 17.93 -33.41
N LEU J 528 14.24 18.70 -34.29
CA LEU J 528 14.66 20.05 -33.93
C LEU J 528 13.46 20.95 -33.64
N ARG J 529 12.42 20.87 -34.47
CA ARG J 529 11.24 21.69 -34.25
C ARG J 529 10.39 21.19 -33.09
N LEU J 530 10.51 19.90 -32.74
CA LEU J 530 9.81 19.39 -31.57
C LEU J 530 10.43 19.93 -30.28
N GLN J 531 11.76 20.02 -30.24
CA GLN J 531 12.44 20.55 -29.07
C GLN J 531 12.12 22.02 -28.83
N THR J 532 11.63 22.73 -29.84
CA THR J 532 11.28 24.14 -29.71
C THR J 532 9.93 24.35 -29.03
N TRP J 533 9.21 23.29 -28.70
CA TRP J 533 7.91 23.41 -28.07
C TRP J 533 8.05 23.46 -26.55
N ASP J 534 7.07 24.08 -25.90
CA ASP J 534 7.03 24.09 -24.46
C ASP J 534 6.77 22.68 -23.94
N GLU J 535 7.58 22.25 -22.97
CA GLU J 535 7.51 20.87 -22.49
C GLU J 535 6.11 20.54 -21.95
N ALA J 536 5.45 21.51 -21.34
CA ALA J 536 4.11 21.28 -20.82
C ALA J 536 3.12 21.03 -21.95
N VAL J 537 3.27 21.73 -23.07
CA VAL J 537 2.41 21.49 -24.21
C VAL J 537 2.73 20.14 -24.84
N PHE J 538 4.01 19.73 -24.82
CA PHE J 538 4.40 18.45 -25.41
C PHE J 538 3.82 17.29 -24.62
N ARG J 539 3.88 17.34 -23.29
CA ARG J 539 3.33 16.26 -22.48
C ARG J 539 1.84 16.12 -22.68
N GLU J 540 1.13 17.26 -22.83
CA GLU J 540 -0.31 17.21 -23.06
C GLU J 540 -0.63 16.64 -24.44
N LYS J 541 0.28 16.77 -25.41
CA LYS J 541 0.03 16.21 -26.72
C LYS J 541 0.22 14.69 -26.74
N ILE J 542 1.28 14.20 -26.10
CA ILE J 542 1.53 12.76 -26.09
C ILE J 542 0.52 12.03 -25.21
N LEU J 543 -0.07 12.71 -24.23
CA LEU J 543 -1.09 12.06 -23.41
C LEU J 543 -2.32 11.72 -24.23
N HIS J 544 -2.68 12.60 -25.18
CA HIS J 544 -3.80 12.30 -26.07
C HIS J 544 -3.47 11.15 -27.01
N ILE J 545 -2.19 11.02 -27.42
CA ILE J 545 -1.79 9.90 -28.27
C ILE J 545 -1.79 8.61 -27.48
N GLN J 546 -1.35 8.65 -26.22
CA GLN J 546 -1.40 7.47 -25.38
C GLN J 546 -2.83 7.01 -25.15
N THR J 547 -3.72 7.95 -24.84
CA THR J 547 -5.13 7.60 -24.67
C THR J 547 -5.74 7.12 -25.97
N HIS J 548 -5.30 7.69 -27.10
CA HIS J 548 -5.80 7.25 -28.40
C HIS J 548 -5.33 5.84 -28.72
N GLU J 549 -4.06 5.53 -28.42
CA GLU J 549 -3.54 4.20 -28.72
C GLU J 549 -4.14 3.14 -27.82
N LYS J 550 -4.32 3.45 -26.53
CA LYS J 550 -4.96 2.50 -25.63
C LYS J 550 -6.41 2.24 -26.04
N PHE J 551 -7.09 3.25 -26.56
CA PHE J 551 -8.44 3.05 -27.11
C PHE J 551 -8.40 2.04 -28.26
N ILE J 552 -7.48 2.23 -29.20
CA ILE J 552 -7.33 1.28 -30.30
C ILE J 552 -6.85 -0.06 -29.78
N ARG J 553 -5.95 -0.05 -28.80
CA ARG J 553 -5.41 -1.30 -28.26
C ARG J 553 -6.49 -2.12 -27.56
N ASP J 554 -7.36 -1.46 -26.78
CA ASP J 554 -8.46 -2.12 -26.12
C ASP J 554 -9.64 -2.38 -27.05
N SER J 555 -9.48 -2.18 -28.36
CA SER J 555 -10.55 -2.35 -29.33
C SER J 555 -10.40 -3.62 -30.17
N GLN J 556 -9.52 -4.53 -29.77
CA GLN J 556 -9.32 -5.77 -30.50
C GLN J 556 -8.84 -6.89 -29.59
N PRO J 559 -11.52 -11.06 -27.37
CA PRO J 559 -12.44 -11.88 -28.17
C PRO J 559 -12.01 -13.35 -28.23
N LYS J 560 -12.30 -14.10 -27.17
CA LYS J 560 -11.94 -15.51 -27.14
C LYS J 560 -12.79 -16.30 -28.13
N PRO J 561 -12.19 -17.23 -28.86
CA PRO J 561 -12.96 -18.01 -29.85
C PRO J 561 -13.74 -19.13 -29.18
N VAL J 562 -14.63 -19.72 -29.98
CA VAL J 562 -15.42 -20.88 -29.56
C VAL J 562 -14.75 -22.14 -30.12
N PRO J 563 -14.58 -23.19 -29.33
CA PRO J 563 -13.88 -24.39 -29.83
C PRO J 563 -14.71 -25.15 -30.84
N ASP J 564 -14.08 -26.15 -31.44
CA ASP J 564 -14.71 -27.03 -32.43
C ASP J 564 -14.50 -28.46 -31.93
N LYS J 565 -15.53 -29.01 -31.27
CA LYS J 565 -15.42 -30.33 -30.66
C LYS J 565 -15.30 -31.45 -31.69
N GLU J 566 -15.61 -31.17 -32.96
CA GLU J 566 -15.52 -32.19 -33.99
C GLU J 566 -14.07 -32.65 -34.16
N ASN J 567 -13.82 -33.93 -33.90
CA ASN J 567 -12.47 -34.48 -34.03
C ASN J 567 -12.00 -34.40 -35.48
N LYS J 568 -10.70 -34.24 -35.65
CA LYS J 568 -10.10 -34.05 -36.97
C LYS J 568 -8.92 -35.00 -37.14
N LYS J 569 -8.43 -35.08 -38.37
CA LYS J 569 -7.24 -35.86 -38.70
C LYS J 569 -6.04 -34.95 -38.89
N LEU J 570 -4.84 -35.55 -38.77
CA LEU J 570 -3.58 -34.86 -39.01
C LEU J 570 -2.76 -35.71 -39.97
N LEU J 571 -2.55 -35.19 -41.19
CA LEU J 571 -1.84 -35.91 -42.23
C LEU J 571 -0.51 -35.23 -42.52
N CYS J 572 0.52 -36.02 -42.80
CA CYS J 572 1.82 -35.47 -43.16
C CYS J 572 1.73 -34.72 -44.48
N ARG J 573 2.22 -33.48 -44.49
CA ARG J 573 2.07 -32.64 -45.67
C ARG J 573 2.81 -33.17 -46.89
N LYS J 574 3.75 -34.10 -46.70
CA LYS J 574 4.51 -34.65 -47.82
C LYS J 574 3.84 -35.89 -48.40
N CYS J 575 3.44 -36.84 -47.56
CA CYS J 575 2.91 -38.12 -48.03
C CYS J 575 1.45 -38.34 -47.64
N LYS J 576 0.77 -37.33 -47.08
CA LYS J 576 -0.64 -37.36 -46.74
C LYS J 576 -0.99 -38.48 -45.76
N ALA J 577 0.00 -39.08 -45.11
CA ALA J 577 -0.24 -40.22 -44.23
C ALA J 577 -0.81 -39.77 -42.90
N LEU J 578 -1.72 -40.58 -42.35
CA LEU J 578 -2.33 -40.26 -41.07
C LEU J 578 -1.33 -40.44 -39.94
N ALA J 579 -1.27 -39.46 -39.04
CA ALA J 579 -0.38 -39.50 -37.89
C ALA J 579 -1.13 -39.77 -36.58
N CYS J 580 -2.14 -38.97 -36.28
CA CYS J 580 -2.90 -39.12 -35.05
C CYS J 580 -4.23 -38.39 -35.20
N TYR J 581 -5.10 -38.59 -34.21
CA TYR J 581 -6.34 -37.84 -34.09
C TYR J 581 -6.20 -36.77 -33.01
N THR J 582 -7.08 -35.77 -33.09
CA THR J 582 -7.01 -34.66 -32.14
C THR J 582 -7.37 -35.07 -30.73
N ALA J 583 -8.05 -36.21 -30.55
CA ALA J 583 -8.40 -36.65 -29.21
C ALA J 583 -7.18 -37.09 -28.40
N ASP J 584 -6.14 -37.58 -29.07
CA ASP J 584 -4.93 -38.02 -28.40
C ASP J 584 -3.96 -36.88 -28.10
N VAL J 585 -4.33 -35.64 -28.43
CA VAL J 585 -3.44 -34.49 -28.29
C VAL J 585 -3.75 -33.77 -26.99
N ARG J 586 -2.69 -33.34 -26.29
CA ARG J 586 -2.80 -32.56 -25.07
C ARG J 586 -2.02 -31.26 -25.23
N VAL J 587 -2.24 -30.34 -24.29
CA VAL J 587 -1.61 -29.03 -24.30
C VAL J 587 -0.87 -28.83 -22.99
N ILE J 588 0.41 -28.49 -23.08
CA ILE J 588 1.26 -28.28 -21.91
C ILE J 588 1.63 -26.80 -21.85
N GLU J 589 1.34 -26.16 -20.71
CA GLU J 589 1.66 -24.76 -20.48
C GLU J 589 1.06 -23.85 -21.56
N GLU J 590 -0.06 -24.27 -22.14
CA GLU J 590 -0.82 -23.52 -23.14
C GLU J 590 -0.01 -23.19 -24.39
N CYS J 591 1.15 -23.80 -24.58
CA CYS J 591 2.00 -23.50 -25.72
C CYS J 591 2.28 -24.71 -26.60
N HIS J 592 2.66 -25.83 -26.00
CA HIS J 592 3.20 -26.96 -26.74
C HIS J 592 2.21 -28.13 -26.75
N TYR J 593 2.29 -28.95 -27.79
CA TYR J 593 1.29 -29.95 -28.09
C TYR J 593 1.95 -31.31 -28.25
N THR J 594 1.60 -32.25 -27.37
CA THR J 594 2.12 -33.60 -27.41
C THR J 594 0.99 -34.58 -27.74
N VAL J 595 1.37 -35.80 -28.11
CA VAL J 595 0.42 -36.83 -28.51
C VAL J 595 0.58 -38.04 -27.58
N LEU J 596 -0.54 -38.68 -27.26
CA LEU J 596 -0.56 -39.84 -26.39
C LEU J 596 -0.69 -41.12 -27.22
N GLY J 597 -0.72 -42.26 -26.54
CA GLY J 597 -0.96 -43.53 -27.19
C GLY J 597 0.25 -44.13 -27.88
N ASP J 598 0.39 -45.46 -27.80
CA ASP J 598 1.49 -46.14 -28.47
C ASP J 598 1.32 -46.19 -29.98
N ALA J 599 0.13 -45.86 -30.50
CA ALA J 599 -0.07 -45.87 -31.95
C ALA J 599 0.77 -44.78 -32.62
N PHE J 600 0.87 -43.60 -31.99
CA PHE J 600 1.64 -42.51 -32.58
C PHE J 600 3.13 -42.78 -32.50
N LYS J 601 3.59 -43.51 -31.48
CA LYS J 601 5.01 -43.80 -31.32
C LYS J 601 5.58 -44.62 -32.47
N GLU J 602 4.73 -45.21 -33.32
CA GLU J 602 5.19 -45.98 -34.46
C GLU J 602 5.15 -45.20 -35.76
N CYS J 603 4.39 -44.11 -35.82
CA CYS J 603 4.26 -43.34 -37.05
C CYS J 603 5.48 -42.46 -37.34
N PHE J 604 6.27 -42.14 -36.32
CA PHE J 604 7.42 -41.25 -36.48
C PHE J 604 8.70 -41.95 -36.03
N VAL J 605 9.79 -41.65 -36.74
CA VAL J 605 11.11 -42.10 -36.35
C VAL J 605 11.82 -40.96 -35.63
N SER J 606 12.89 -41.29 -34.92
CA SER J 606 13.64 -40.33 -34.13
C SER J 606 15.08 -40.28 -34.60
N ARG J 607 15.59 -39.06 -34.80
CA ARG J 607 16.98 -38.81 -35.16
C ARG J 607 17.53 -37.74 -34.24
N PRO J 608 18.81 -37.82 -33.86
CA PRO J 608 19.34 -36.92 -32.82
C PRO J 608 19.23 -35.45 -33.21
N HIS J 609 19.09 -34.61 -32.19
CA HIS J 609 18.90 -33.17 -32.34
C HIS J 609 20.24 -32.45 -32.31
N PRO J 610 20.53 -31.57 -33.26
CA PRO J 610 21.85 -30.92 -33.30
C PRO J 610 22.03 -29.78 -32.32
N LYS J 611 20.96 -29.24 -31.75
CA LYS J 611 21.03 -28.13 -30.80
C LYS J 611 20.22 -28.46 -29.55
N PRO J 612 20.73 -29.39 -28.72
CA PRO J 612 19.96 -29.82 -27.54
C PRO J 612 19.95 -28.77 -26.43
N LYS J 613 19.24 -27.66 -26.66
CA LYS J 613 19.12 -26.61 -25.66
C LYS J 613 18.04 -26.98 -24.65
N GLN J 614 17.66 -26.02 -23.81
CA GLN J 614 16.67 -26.26 -22.76
C GLN J 614 15.79 -25.03 -22.59
N PHE J 615 14.48 -25.22 -22.64
CA PHE J 615 13.51 -24.17 -22.36
C PHE J 615 12.69 -24.60 -21.14
N SER J 616 11.57 -23.91 -20.92
CA SER J 616 10.92 -23.78 -19.61
C SER J 616 10.97 -25.04 -18.75
N SER J 617 10.52 -26.17 -19.30
CA SER J 617 10.59 -27.42 -18.56
C SER J 617 10.99 -28.59 -19.45
N PHE J 618 11.59 -28.32 -20.61
CA PHE J 618 11.85 -29.34 -21.62
C PHE J 618 13.33 -29.41 -21.92
N GLU J 619 13.73 -30.54 -22.51
CA GLU J 619 15.12 -30.77 -22.91
C GLU J 619 15.10 -31.53 -24.23
N LYS J 620 15.40 -30.83 -25.33
CA LYS J 620 15.39 -31.47 -26.63
C LYS J 620 16.41 -32.60 -26.68
N ARG J 621 16.00 -33.72 -27.27
CA ARG J 621 16.88 -34.87 -27.43
C ARG J 621 16.97 -35.36 -28.86
N ALA J 622 15.88 -35.27 -29.62
CA ALA J 622 15.85 -35.78 -30.98
C ALA J 622 14.81 -35.03 -31.78
N LYS J 623 14.86 -35.19 -33.10
CA LYS J 623 13.85 -34.70 -34.02
C LYS J 623 13.03 -35.86 -34.53
N ILE J 624 11.74 -35.61 -34.78
CA ILE J 624 10.81 -36.64 -35.19
C ILE J 624 10.42 -36.42 -36.66
N PHE J 625 10.34 -37.51 -37.41
CA PHE J 625 10.08 -37.45 -38.84
C PHE J 625 9.05 -38.51 -39.21
N CYS J 626 8.36 -38.28 -40.32
CA CYS J 626 7.46 -39.31 -40.84
C CYS J 626 8.25 -40.53 -41.28
N ALA J 627 7.66 -41.70 -41.10
CA ALA J 627 8.35 -42.97 -41.30
C ALA J 627 7.91 -43.73 -42.54
N ARG J 628 6.91 -43.23 -43.27
CA ARG J 628 6.36 -43.98 -44.39
C ARG J 628 7.31 -43.90 -45.59
N GLN J 629 7.93 -45.03 -45.92
CA GLN J 629 8.79 -45.18 -47.09
C GLN J 629 9.86 -44.09 -47.14
N ASN J 630 10.51 -43.89 -45.99
CA ASN J 630 11.56 -42.87 -45.84
C ASN J 630 11.05 -41.50 -46.26
N CYS J 631 9.85 -41.16 -45.79
CA CYS J 631 9.33 -39.80 -46.00
C CYS J 631 10.22 -38.78 -45.29
N SER J 632 10.50 -39.01 -44.01
CA SER J 632 11.44 -38.22 -43.23
C SER J 632 11.07 -36.73 -43.22
N HIS J 633 9.79 -36.41 -43.36
CA HIS J 633 9.35 -35.03 -43.28
C HIS J 633 9.37 -34.57 -41.83
N ASP J 634 9.94 -33.39 -41.60
CA ASP J 634 10.07 -32.87 -40.24
C ASP J 634 8.70 -32.66 -39.62
N TRP J 635 8.46 -33.38 -38.52
CA TRP J 635 7.21 -33.25 -37.77
C TRP J 635 7.35 -32.43 -36.50
N GLY J 636 8.53 -32.45 -35.88
CA GLY J 636 8.74 -31.74 -34.64
C GLY J 636 9.97 -32.24 -33.90
N ILE J 637 9.90 -32.29 -32.57
CA ILE J 637 11.01 -32.75 -31.74
C ILE J 637 10.47 -33.64 -30.63
N HIS J 638 11.33 -34.52 -30.14
CA HIS J 638 11.03 -35.36 -28.98
C HIS J 638 11.89 -34.88 -27.82
N VAL J 639 11.24 -34.43 -26.75
CA VAL J 639 11.94 -33.85 -25.62
C VAL J 639 11.68 -34.69 -24.37
N LYS J 640 12.29 -34.30 -23.26
CA LYS J 640 12.06 -34.91 -21.96
C LYS J 640 11.43 -33.87 -21.04
N TYR J 641 10.24 -34.16 -20.54
CA TYR J 641 9.55 -33.27 -19.62
C TYR J 641 10.14 -33.47 -18.22
N LYS J 642 9.45 -32.96 -17.20
CA LYS J 642 9.92 -33.11 -15.83
C LYS J 642 10.22 -34.57 -15.49
N THR J 643 9.37 -35.49 -15.95
CA THR J 643 9.56 -36.92 -15.69
C THR J 643 9.39 -37.82 -16.89
N PHE J 644 8.73 -37.37 -17.96
CA PHE J 644 8.40 -38.23 -19.09
C PHE J 644 9.18 -37.83 -20.34
N GLU J 645 9.22 -38.76 -21.29
CA GLU J 645 9.80 -38.53 -22.61
C GLU J 645 8.65 -38.53 -23.61
N ILE J 646 8.38 -37.38 -24.21
CA ILE J 646 7.19 -37.20 -25.04
C ILE J 646 7.61 -36.59 -26.37
N PRO J 647 6.81 -36.78 -27.41
CA PRO J 647 7.00 -36.03 -28.65
C PRO J 647 6.31 -34.68 -28.57
N VAL J 648 6.85 -33.71 -29.31
CA VAL J 648 6.29 -32.37 -29.41
C VAL J 648 6.21 -32.02 -30.88
N ILE J 649 5.00 -31.92 -31.40
CA ILE J 649 4.76 -31.72 -32.82
C ILE J 649 4.45 -30.25 -33.08
N LYS J 650 4.53 -29.87 -34.36
CA LYS J 650 4.13 -28.55 -34.82
C LYS J 650 3.09 -28.72 -35.92
N ILE J 651 2.00 -27.94 -35.82
CA ILE J 651 0.92 -28.03 -36.79
C ILE J 651 1.38 -27.64 -38.19
N GLU J 652 2.50 -26.92 -38.29
CA GLU J 652 3.05 -26.55 -39.58
C GLU J 652 3.47 -27.77 -40.40
N SER J 653 3.65 -28.92 -39.77
CA SER J 653 4.07 -30.14 -40.45
C SER J 653 2.91 -30.97 -40.98
N PHE J 654 1.67 -30.65 -40.58
CA PHE J 654 0.53 -31.50 -40.91
C PHE J 654 -0.50 -30.71 -41.70
N VAL J 655 -1.39 -31.47 -42.35
CA VAL J 655 -2.59 -30.94 -42.99
C VAL J 655 -3.79 -31.56 -42.28
N VAL J 656 -4.75 -30.73 -41.90
CA VAL J 656 -5.87 -31.16 -41.08
C VAL J 656 -7.02 -31.59 -41.97
N GLU J 657 -7.52 -32.81 -41.76
CA GLU J 657 -8.64 -33.34 -42.51
C GLU J 657 -9.86 -33.46 -41.60
N ASP J 658 -11.02 -33.10 -42.14
CA ASP J 658 -12.27 -33.20 -41.39
C ASP J 658 -12.76 -34.65 -41.43
N ILE J 659 -13.13 -35.18 -40.27
CA ILE J 659 -13.62 -36.55 -40.20
C ILE J 659 -14.89 -36.70 -41.05
N ALA J 660 -15.73 -35.67 -41.07
CA ALA J 660 -16.99 -35.72 -41.80
C ALA J 660 -16.83 -35.25 -43.26
N THR J 661 -16.38 -34.01 -43.46
CA THR J 661 -16.34 -33.41 -44.79
C THR J 661 -15.00 -33.57 -45.50
N GLY J 662 -13.96 -34.04 -44.80
CA GLY J 662 -12.69 -34.32 -45.45
C GLY J 662 -11.98 -33.12 -46.03
N VAL J 663 -12.28 -31.92 -45.55
CA VAL J 663 -11.63 -30.71 -46.06
C VAL J 663 -10.20 -30.65 -45.51
N GLN J 664 -9.23 -30.51 -46.41
CA GLN J 664 -7.83 -30.46 -46.03
C GLN J 664 -7.41 -29.00 -45.86
N THR J 665 -7.03 -28.63 -44.64
CA THR J 665 -6.70 -27.25 -44.30
C THR J 665 -5.30 -27.19 -43.71
N LEU J 666 -4.60 -26.09 -44.01
CA LEU J 666 -3.24 -25.85 -43.54
C LEU J 666 -3.26 -24.80 -42.43
N TYR J 667 -2.45 -25.03 -41.40
CA TYR J 667 -2.37 -24.12 -40.26
C TYR J 667 -0.91 -23.95 -39.85
N SER J 668 -0.48 -22.70 -39.73
CA SER J 668 0.92 -22.43 -39.40
C SER J 668 1.18 -22.48 -37.91
N LYS J 669 0.34 -21.80 -37.12
CA LYS J 669 0.50 -21.73 -35.68
C LYS J 669 -0.70 -22.37 -34.99
N TRP J 670 -0.43 -23.00 -33.84
CA TRP J 670 -1.47 -23.74 -33.13
C TRP J 670 -2.59 -22.85 -32.61
N LYS J 671 -2.35 -21.54 -32.50
CA LYS J 671 -3.39 -20.65 -31.98
C LYS J 671 -4.48 -20.41 -33.01
N ASP J 672 -4.11 -20.34 -34.30
CA ASP J 672 -5.06 -20.09 -35.37
C ASP J 672 -5.81 -21.35 -35.80
N PHE J 673 -5.45 -22.51 -35.25
CA PHE J 673 -6.15 -23.77 -35.53
C PHE J 673 -7.02 -24.06 -34.32
N HIS J 674 -8.27 -23.61 -34.38
CA HIS J 674 -9.18 -23.63 -33.24
C HIS J 674 -9.88 -24.98 -33.15
N PHE J 675 -9.68 -25.68 -32.04
CA PHE J 675 -10.34 -26.95 -31.78
C PHE J 675 -10.37 -27.17 -30.27
N GLU J 676 -10.92 -28.31 -29.86
CA GLU J 676 -10.99 -28.65 -28.45
C GLU J 676 -9.60 -29.04 -27.93
N LYS J 677 -8.89 -28.07 -27.37
CA LYS J 677 -7.52 -28.30 -26.89
C LYS J 677 -7.59 -28.78 -25.45
N ILE J 678 -7.39 -30.09 -25.26
CA ILE J 678 -7.50 -30.71 -23.94
C ILE J 678 -6.22 -30.46 -23.15
N PRO J 679 -6.30 -29.89 -21.95
CA PRO J 679 -5.10 -29.72 -21.13
C PRO J 679 -4.50 -31.08 -20.77
N PHE J 680 -3.19 -31.07 -20.57
CA PHE J 680 -2.43 -32.30 -20.28
C PHE J 680 -2.91 -32.96 -18.99
N LYS L 4 -52.69 14.95 -15.11
CA LYS L 4 -52.68 13.55 -14.72
C LYS L 4 -51.57 12.80 -15.44
N PRO L 5 -50.39 12.72 -14.82
CA PRO L 5 -49.25 12.08 -15.48
C PRO L 5 -49.44 10.57 -15.58
N ARG L 6 -49.13 10.04 -16.76
CA ARG L 6 -49.19 8.59 -16.97
C ARG L 6 -47.95 7.93 -16.42
N ASN L 7 -48.08 6.65 -16.08
CA ASN L 7 -47.01 5.95 -15.37
C ASN L 7 -45.76 5.79 -16.23
N TYR L 8 -45.94 5.58 -17.54
CA TYR L 8 -44.76 5.47 -18.40
C TYR L 8 -44.05 6.80 -18.56
N GLN L 9 -44.77 7.91 -18.42
CA GLN L 9 -44.12 9.21 -18.40
C GLN L 9 -43.27 9.38 -17.15
N LEU L 10 -43.75 8.88 -16.01
CA LEU L 10 -42.92 8.87 -14.80
C LEU L 10 -41.72 7.96 -14.98
N GLU L 11 -41.90 6.84 -15.69
CA GLU L 11 -40.79 5.91 -15.90
C GLU L 11 -39.70 6.54 -16.75
N LEU L 12 -40.08 7.27 -17.80
CA LEU L 12 -39.09 7.90 -18.67
C LEU L 12 -38.35 9.03 -17.95
N ALA L 13 -39.03 9.73 -17.05
CA ALA L 13 -38.43 10.86 -16.35
C ALA L 13 -37.61 10.46 -15.13
N LEU L 14 -37.90 9.31 -14.53
CA LEU L 14 -37.24 8.91 -13.29
C LEU L 14 -35.72 8.93 -13.36
N PRO L 15 -35.05 8.41 -14.41
CA PRO L 15 -33.59 8.55 -14.46
C PRO L 15 -33.14 10.00 -14.57
N ALA L 16 -33.90 10.84 -15.28
CA ALA L 16 -33.51 12.23 -15.45
C ALA L 16 -33.68 13.01 -14.15
N MET L 17 -34.74 12.73 -13.39
CA MET L 17 -34.97 13.42 -12.13
C MET L 17 -33.93 13.08 -11.07
N LYS L 18 -33.08 12.08 -11.32
CA LYS L 18 -31.98 11.74 -10.43
C LYS L 18 -30.67 12.40 -10.85
N GLY L 19 -30.72 13.37 -11.76
CA GLY L 19 -29.53 14.07 -12.20
C GLY L 19 -28.72 13.37 -13.27
N LYS L 20 -29.15 12.18 -13.71
CA LYS L 20 -28.39 11.42 -14.70
C LYS L 20 -28.69 11.95 -16.10
N ASN L 21 -27.64 12.26 -16.86
CA ASN L 21 -27.80 12.68 -18.24
C ASN L 21 -28.45 11.56 -19.04
N THR L 22 -29.67 11.81 -19.53
CA THR L 22 -30.54 10.77 -20.04
C THR L 22 -30.99 11.08 -21.46
N ILE L 23 -31.06 10.04 -22.29
CA ILE L 23 -31.69 10.12 -23.60
C ILE L 23 -33.01 9.36 -23.51
N ILE L 24 -34.11 10.05 -23.84
CA ILE L 24 -35.44 9.47 -23.79
C ILE L 24 -35.83 9.07 -25.21
N CYS L 25 -35.95 7.76 -25.43
CA CYS L 25 -36.41 7.22 -26.72
C CYS L 25 -37.82 6.68 -26.50
N ALA L 26 -38.79 7.32 -27.15
CA ALA L 26 -40.20 7.00 -26.94
C ALA L 26 -40.97 7.26 -28.22
N PRO L 27 -42.05 6.53 -28.48
CA PRO L 27 -42.76 6.69 -29.75
C PRO L 27 -43.35 8.10 -29.92
N THR L 28 -43.61 8.45 -31.17
CA THR L 28 -44.21 9.75 -31.48
C THR L 28 -45.67 9.75 -31.07
N GLY L 29 -46.04 10.70 -30.22
CA GLY L 29 -47.41 10.85 -29.77
C GLY L 29 -47.67 10.39 -28.35
N CYS L 30 -46.68 9.81 -27.68
CA CYS L 30 -46.85 9.37 -26.31
C CYS L 30 -46.70 10.50 -25.30
N GLY L 31 -46.34 11.70 -25.75
CA GLY L 31 -46.23 12.83 -24.84
C GLY L 31 -44.86 13.05 -24.28
N LYS L 32 -43.84 13.10 -25.15
CA LYS L 32 -42.50 13.47 -24.70
C LYS L 32 -42.44 14.90 -24.19
N THR L 33 -43.37 15.76 -24.62
CA THR L 33 -43.37 17.14 -24.17
C THR L 33 -43.69 17.24 -22.69
N PHE L 34 -44.66 16.45 -22.20
CA PHE L 34 -45.01 16.49 -20.79
C PHE L 34 -43.87 16.00 -19.92
N VAL L 35 -43.11 15.01 -20.40
CA VAL L 35 -41.98 14.50 -19.63
C VAL L 35 -40.93 15.58 -19.43
N SER L 36 -40.77 16.47 -20.42
CA SER L 36 -39.86 17.60 -20.25
C SER L 36 -40.32 18.49 -19.10
N LEU L 37 -41.62 18.77 -19.03
CA LEU L 37 -42.15 19.58 -17.93
C LEU L 37 -41.90 18.92 -16.58
N LEU L 38 -42.13 17.60 -16.51
CA LEU L 38 -41.91 16.88 -15.25
C LEU L 38 -40.44 16.89 -14.87
N ILE L 39 -39.54 16.69 -15.84
CA ILE L 39 -38.12 16.72 -15.56
C ILE L 39 -37.69 18.13 -15.17
N CYS L 40 -38.19 19.14 -15.87
CA CYS L 40 -37.78 20.52 -15.58
C CYS L 40 -38.35 21.00 -14.26
N GLU L 41 -39.61 20.65 -13.97
CA GLU L 41 -40.21 21.04 -12.69
C GLU L 41 -39.43 20.47 -11.52
N HIS L 42 -39.13 19.18 -11.55
CA HIS L 42 -38.35 18.55 -10.49
C HIS L 42 -36.95 19.15 -10.42
N HIS L 43 -36.43 19.65 -11.53
CA HIS L 43 -35.07 20.18 -11.56
C HIS L 43 -34.99 21.58 -10.95
N LEU L 44 -36.03 22.40 -11.15
CA LEU L 44 -36.01 23.76 -10.63
C LEU L 44 -36.33 23.83 -9.14
N LYS L 45 -37.10 22.86 -8.63
CA LYS L 45 -37.49 22.85 -7.23
C LYS L 45 -36.48 22.16 -6.32
N LYS L 46 -35.51 21.44 -6.89
CA LYS L 46 -34.50 20.77 -6.09
C LYS L 46 -33.41 21.70 -5.60
N PHE L 47 -33.32 22.91 -6.13
CA PHE L 47 -32.23 23.80 -5.75
C PHE L 47 -32.52 24.48 -4.42
N PRO L 48 -31.49 24.69 -3.58
CA PRO L 48 -31.71 25.38 -2.29
C PRO L 48 -32.04 26.85 -2.47
N GLN L 49 -32.13 27.58 -1.36
CA GLN L 49 -32.46 29.00 -1.42
C GLN L 49 -31.35 29.80 -2.10
N GLY L 50 -30.10 29.51 -1.77
CA GLY L 50 -28.98 30.29 -2.28
C GLY L 50 -28.60 30.04 -3.72
N GLN L 51 -29.17 29.01 -4.34
CA GLN L 51 -28.90 28.69 -5.73
C GLN L 51 -30.20 28.67 -6.52
N LYS L 52 -30.13 29.06 -7.78
CA LYS L 52 -31.28 29.01 -8.67
C LYS L 52 -30.90 28.29 -9.96
N GLY L 53 -31.85 27.52 -10.49
CA GLY L 53 -31.62 26.78 -11.71
C GLY L 53 -31.89 27.61 -12.95
N LYS L 54 -31.44 27.08 -14.09
CA LYS L 54 -31.65 27.74 -15.37
C LYS L 54 -31.71 26.66 -16.44
N VAL L 55 -32.89 26.45 -17.01
CA VAL L 55 -33.13 25.39 -17.98
C VAL L 55 -33.23 26.02 -19.37
N VAL L 56 -32.56 25.42 -20.34
CA VAL L 56 -32.61 25.85 -21.74
C VAL L 56 -33.19 24.71 -22.56
N PHE L 57 -34.20 25.03 -23.37
CA PHE L 57 -34.89 24.05 -24.20
C PHE L 57 -34.67 24.42 -25.66
N PHE L 58 -34.22 23.45 -26.45
CA PHE L 58 -33.89 23.67 -27.85
C PHE L 58 -34.99 23.15 -28.76
N ALA L 59 -35.22 23.86 -29.86
CA ALA L 59 -36.17 23.47 -30.89
C ALA L 59 -35.60 23.88 -32.24
N ASN L 60 -35.66 22.98 -33.21
CA ASN L 60 -34.99 23.20 -34.48
C ASN L 60 -35.81 24.04 -35.45
N GLN L 61 -37.14 23.96 -35.38
CA GLN L 61 -38.01 24.72 -36.27
C GLN L 61 -38.71 25.84 -35.52
N ILE L 62 -38.96 26.94 -36.24
CA ILE L 62 -39.65 28.08 -35.62
C ILE L 62 -41.04 27.71 -35.14
N PRO L 63 -41.88 26.99 -35.90
CA PRO L 63 -43.20 26.61 -35.35
C PRO L 63 -43.11 25.79 -34.08
N VAL L 64 -42.13 24.88 -33.98
CA VAL L 64 -41.95 24.12 -32.74
C VAL L 64 -41.45 25.03 -31.63
N TYR L 65 -40.70 26.08 -31.98
CA TYR L 65 -40.25 27.04 -30.99
C TYR L 65 -41.43 27.78 -30.37
N GLU L 66 -42.40 28.18 -31.18
CA GLU L 66 -43.59 28.86 -30.65
C GLU L 66 -44.41 27.93 -29.78
N GLN L 67 -44.60 26.68 -30.23
CA GLN L 67 -45.47 25.75 -29.52
C GLN L 67 -44.92 25.37 -28.16
N GLN L 68 -43.59 25.31 -28.03
CA GLN L 68 -42.98 24.89 -26.76
C GLN L 68 -42.94 26.03 -25.75
N LYS L 69 -42.58 27.24 -26.21
CA LYS L 69 -42.56 28.38 -25.30
C LYS L 69 -43.94 28.68 -24.74
N SER L 70 -45.00 28.39 -25.50
CA SER L 70 -46.34 28.59 -24.99
C SER L 70 -46.67 27.59 -23.88
N VAL L 71 -46.27 26.33 -24.07
CA VAL L 71 -46.56 25.30 -23.06
C VAL L 71 -45.80 25.58 -21.77
N PHE L 72 -44.51 25.90 -21.88
CA PHE L 72 -43.70 26.14 -20.69
C PHE L 72 -44.17 27.39 -19.94
N SER L 73 -44.54 28.44 -20.67
CA SER L 73 -44.99 29.67 -20.02
C SER L 73 -46.28 29.44 -19.24
N LYS L 74 -47.21 28.67 -19.81
CA LYS L 74 -48.47 28.43 -19.14
C LYS L 74 -48.34 27.45 -17.98
N TYR L 75 -47.33 26.58 -18.03
CA TYR L 75 -47.17 25.55 -17.01
C TYR L 75 -46.39 26.04 -15.79
N PHE L 76 -45.30 26.77 -16.00
CA PHE L 76 -44.39 27.14 -14.92
C PHE L 76 -44.62 28.54 -14.38
N GLU L 77 -45.59 29.29 -14.93
CA GLU L 77 -45.80 30.66 -14.47
C GLU L 77 -46.28 30.69 -13.02
N ARG L 78 -47.24 29.82 -12.67
CA ARG L 78 -47.77 29.83 -11.31
C ARG L 78 -46.72 29.39 -10.29
N HIS L 79 -45.74 28.61 -10.71
CA HIS L 79 -44.68 28.18 -9.80
C HIS L 79 -43.72 29.31 -9.47
N GLY L 80 -43.69 30.37 -10.27
CA GLY L 80 -42.80 31.48 -10.04
C GLY L 80 -41.51 31.46 -10.82
N TYR L 81 -41.50 30.84 -12.00
CA TYR L 81 -40.31 30.77 -12.84
C TYR L 81 -40.54 31.59 -14.11
N ARG L 82 -39.52 32.36 -14.50
CA ARG L 82 -39.62 33.24 -15.64
C ARG L 82 -39.24 32.50 -16.92
N VAL L 83 -40.12 32.56 -17.91
CA VAL L 83 -39.91 31.89 -19.19
C VAL L 83 -39.70 32.95 -20.27
N THR L 84 -38.89 32.61 -21.26
CA THR L 84 -38.61 33.51 -22.37
C THR L 84 -38.22 32.69 -23.59
N GLY L 85 -37.86 33.39 -24.66
CA GLY L 85 -37.42 32.73 -25.88
C GLY L 85 -36.65 33.69 -26.75
N ILE L 86 -35.68 33.16 -27.50
CA ILE L 86 -34.87 33.93 -28.43
C ILE L 86 -34.82 33.19 -29.76
N SER L 87 -35.20 33.89 -30.83
CA SER L 87 -35.14 33.34 -32.17
C SER L 87 -34.55 34.40 -33.10
N GLY L 88 -34.33 34.01 -34.36
CA GLY L 88 -33.72 34.92 -35.32
C GLY L 88 -34.49 36.23 -35.48
N ALA L 89 -35.78 36.24 -35.17
CA ALA L 89 -36.55 37.46 -35.25
C ALA L 89 -36.22 38.40 -34.10
N THR L 90 -35.98 37.86 -32.92
CA THR L 90 -35.74 38.64 -31.71
C THR L 90 -34.36 38.35 -31.13
N ALA L 91 -33.36 38.14 -32.00
CA ALA L 91 -32.01 37.80 -31.56
C ALA L 91 -31.05 38.98 -31.55
N GLU L 92 -31.18 39.87 -32.53
CA GLU L 92 -30.22 40.97 -32.68
C GLU L 92 -30.69 42.21 -31.93
N ASN L 93 -29.73 43.09 -31.64
CA ASN L 93 -29.98 44.37 -30.99
C ASN L 93 -30.61 44.20 -29.60
N VAL L 94 -30.33 43.09 -28.95
CA VAL L 94 -30.83 42.83 -27.59
C VAL L 94 -29.74 42.16 -26.77
N PRO L 95 -29.63 42.48 -25.48
CA PRO L 95 -28.57 41.86 -24.65
C PRO L 95 -28.89 40.42 -24.29
N VAL L 96 -28.51 39.48 -25.16
CA VAL L 96 -28.76 38.05 -24.94
C VAL L 96 -28.27 37.61 -23.57
N GLU L 97 -27.18 38.22 -23.07
CA GLU L 97 -26.69 37.88 -21.74
C GLU L 97 -27.72 38.20 -20.68
N GLN L 98 -28.38 39.35 -20.78
CA GLN L 98 -29.38 39.73 -19.79
C GLN L 98 -30.63 38.87 -19.90
N ILE L 99 -31.00 38.48 -21.12
CA ILE L 99 -32.22 37.70 -21.33
C ILE L 99 -32.12 36.36 -20.60
N VAL L 100 -30.99 35.68 -20.74
CA VAL L 100 -30.79 34.40 -20.08
C VAL L 100 -30.59 34.61 -18.58
N GLU L 101 -29.85 35.65 -18.20
CA GLU L 101 -29.52 35.87 -16.80
C GLU L 101 -30.77 36.12 -15.95
N ASN L 102 -31.79 36.76 -16.51
CA ASN L 102 -32.96 37.17 -15.75
C ASN L 102 -34.14 36.23 -15.93
N ASN L 103 -33.97 35.13 -16.65
CA ASN L 103 -35.04 34.15 -16.85
C ASN L 103 -34.60 32.78 -16.35
N ASP L 104 -35.57 31.98 -15.94
CA ASP L 104 -35.32 30.65 -15.40
C ASP L 104 -35.43 29.54 -16.44
N ILE L 105 -36.31 29.69 -17.43
CA ILE L 105 -36.46 28.75 -18.53
C ILE L 105 -36.37 29.54 -19.83
N ILE L 106 -35.45 29.14 -20.71
CA ILE L 106 -35.18 29.85 -21.95
C ILE L 106 -35.32 28.86 -23.10
N ILE L 107 -36.43 28.94 -23.84
CA ILE L 107 -36.58 28.17 -25.07
C ILE L 107 -35.76 28.85 -26.15
N LEU L 108 -34.88 28.10 -26.79
CA LEU L 108 -33.84 28.68 -27.63
C LEU L 108 -33.73 27.94 -28.95
N THR L 109 -33.50 28.71 -30.02
CA THR L 109 -33.11 28.15 -31.30
C THR L 109 -31.62 27.79 -31.24
N PRO L 110 -31.23 26.60 -31.71
CA PRO L 110 -29.86 26.11 -31.44
C PRO L 110 -28.77 27.03 -31.98
N GLN L 111 -28.98 27.67 -33.14
CA GLN L 111 -27.94 28.52 -33.70
C GLN L 111 -27.72 29.77 -32.87
N ILE L 112 -28.74 30.22 -32.12
CA ILE L 112 -28.59 31.40 -31.27
C ILE L 112 -27.50 31.16 -30.22
N LEU L 113 -27.49 29.98 -29.62
CA LEU L 113 -26.48 29.69 -28.61
C LEU L 113 -25.09 29.56 -29.22
N VAL L 114 -25.01 28.97 -30.42
CA VAL L 114 -23.71 28.80 -31.07
C VAL L 114 -23.08 30.15 -31.39
N ASN L 115 -23.87 31.08 -31.92
CA ASN L 115 -23.33 32.39 -32.27
C ASN L 115 -22.92 33.18 -31.04
N ASN L 116 -23.64 33.01 -29.93
CA ASN L 116 -23.33 33.75 -28.71
C ASN L 116 -22.18 33.15 -27.93
N LEU L 117 -21.84 31.89 -28.18
CA LEU L 117 -20.62 31.32 -27.61
C LEU L 117 -19.39 31.76 -28.37
N LYS L 118 -19.52 32.01 -29.67
CA LYS L 118 -18.40 32.55 -30.45
C LYS L 118 -18.07 33.98 -30.01
N LYS L 119 -19.07 34.87 -30.03
CA LYS L 119 -18.87 36.25 -29.65
C LYS L 119 -18.59 36.44 -28.17
N GLY L 120 -18.68 35.37 -27.37
CA GLY L 120 -18.40 35.46 -25.95
C GLY L 120 -19.47 36.10 -25.11
N THR L 121 -20.61 36.48 -25.69
CA THR L 121 -21.68 37.05 -24.90
C THR L 121 -22.19 36.07 -23.86
N ILE L 122 -22.19 34.78 -24.19
CA ILE L 122 -22.42 33.71 -23.22
C ILE L 122 -21.05 33.07 -22.95
N PRO L 123 -20.46 33.28 -21.77
CA PRO L 123 -19.10 32.78 -21.52
C PRO L 123 -18.98 31.27 -21.64
N SER L 124 -19.77 30.52 -20.87
CA SER L 124 -19.73 29.07 -20.92
C SER L 124 -21.12 28.53 -20.64
N LEU L 125 -21.28 27.23 -20.83
CA LEU L 125 -22.54 26.55 -20.56
C LEU L 125 -22.79 26.37 -19.07
N SER L 126 -21.85 26.77 -18.21
CA SER L 126 -22.06 26.71 -16.77
C SER L 126 -23.18 27.63 -16.31
N ILE L 127 -23.61 28.56 -17.14
CA ILE L 127 -24.74 29.42 -16.79
C ILE L 127 -26.03 28.60 -16.71
N PHE L 128 -26.12 27.53 -17.47
CA PHE L 128 -27.29 26.66 -17.45
C PHE L 128 -27.10 25.53 -16.46
N THR L 129 -28.20 25.11 -15.84
CA THR L 129 -28.22 23.96 -14.96
C THR L 129 -28.83 22.73 -15.61
N LEU L 130 -29.51 22.90 -16.75
CA LEU L 130 -30.16 21.79 -17.44
C LEU L 130 -30.34 22.16 -18.89
N MET L 131 -29.84 21.30 -19.79
CA MET L 131 -30.01 21.47 -21.23
C MET L 131 -30.87 20.35 -21.75
N ILE L 132 -31.94 20.70 -22.46
CA ILE L 132 -32.89 19.75 -23.02
C ILE L 132 -32.86 19.88 -24.53
N PHE L 133 -32.37 18.85 -25.22
CA PHE L 133 -32.35 18.81 -26.67
C PHE L 133 -33.57 18.06 -27.17
N ASP L 134 -34.39 18.74 -27.97
CA ASP L 134 -35.52 18.09 -28.63
C ASP L 134 -35.07 17.54 -29.97
N GLU L 135 -35.51 16.32 -30.27
CA GLU L 135 -34.99 15.55 -31.41
C GLU L 135 -33.47 15.41 -31.30
N CYS L 136 -33.05 14.81 -30.18
CA CYS L 136 -31.63 14.73 -29.85
C CYS L 136 -30.83 13.89 -30.83
N HIS L 137 -31.51 13.09 -31.67
CA HIS L 137 -30.80 12.37 -32.71
C HIS L 137 -30.12 13.30 -33.70
N ASN L 138 -30.57 14.56 -33.77
CA ASN L 138 -29.96 15.54 -34.67
C ASN L 138 -28.55 15.94 -34.24
N THR L 139 -28.08 15.49 -33.08
CA THR L 139 -26.72 15.78 -32.64
C THR L 139 -25.75 14.98 -33.48
N SER L 140 -25.31 15.55 -34.60
CA SER L 140 -24.61 14.80 -35.64
C SER L 140 -23.57 15.71 -36.28
N LYS L 141 -23.10 15.32 -37.47
CA LYS L 141 -21.85 15.81 -38.05
C LYS L 141 -21.60 17.29 -37.80
N GLN L 142 -22.44 18.18 -38.35
CA GLN L 142 -22.25 19.61 -38.16
C GLN L 142 -23.54 20.33 -37.78
N HIS L 143 -24.51 19.62 -37.21
CA HIS L 143 -25.73 20.25 -36.75
C HIS L 143 -25.43 21.19 -35.58
N PRO L 144 -26.19 22.28 -35.44
CA PRO L 144 -25.99 23.17 -34.29
C PRO L 144 -26.04 22.48 -32.95
N TYR L 145 -26.72 21.35 -32.85
CA TYR L 145 -26.74 20.58 -31.60
C TYR L 145 -25.34 20.13 -31.21
N ASN L 146 -24.61 19.53 -32.16
CA ASN L 146 -23.27 19.05 -31.86
C ASN L 146 -22.32 20.19 -31.54
N MET L 147 -22.47 21.32 -32.23
CA MET L 147 -21.64 22.48 -31.93
C MET L 147 -21.82 22.93 -30.48
N ILE L 148 -23.05 22.86 -29.97
CA ILE L 148 -23.30 23.14 -28.56
C ILE L 148 -22.61 22.11 -27.69
N MET L 149 -22.74 20.83 -28.05
CA MET L 149 -22.12 19.78 -27.25
C MET L 149 -20.60 19.78 -27.40
N PHE L 150 -20.08 20.28 -28.53
CA PHE L 150 -18.64 20.40 -28.68
C PHE L 150 -18.08 21.40 -27.66
N ASN L 151 -18.79 22.50 -27.43
CA ASN L 151 -18.42 23.41 -26.36
C ASN L 151 -18.48 22.71 -25.00
N TYR L 152 -19.56 21.97 -24.77
CA TYR L 152 -19.71 21.20 -23.53
C TYR L 152 -18.56 20.22 -23.35
N LEU L 153 -18.26 19.45 -24.40
CA LEU L 153 -17.24 18.40 -24.27
C LEU L 153 -15.84 19.00 -24.15
N ASP L 154 -15.54 20.03 -24.94
CA ASP L 154 -14.22 20.66 -24.83
C ASP L 154 -13.97 21.20 -23.43
N GLN L 155 -14.98 21.77 -22.80
CA GLN L 155 -14.84 22.23 -21.43
C GLN L 155 -14.75 21.07 -20.44
N LYS L 156 -15.43 19.96 -20.75
CA LYS L 156 -15.43 18.83 -19.83
C LYS L 156 -14.09 18.09 -19.85
N LEU L 157 -13.60 17.76 -21.04
CA LEU L 157 -12.40 16.93 -21.14
C LEU L 157 -11.16 17.71 -20.70
N GLY L 158 -11.01 18.94 -21.17
CA GLY L 158 -9.91 19.77 -20.75
C GLY L 158 -9.94 20.09 -19.27
N GLY L 159 -8.83 20.60 -18.76
CA GLY L 159 -8.75 20.98 -17.37
C GLY L 159 -9.67 22.09 -16.94
N SER L 160 -10.45 22.64 -17.87
CA SER L 160 -11.40 23.70 -17.56
C SER L 160 -12.43 23.24 -16.54
N SER L 161 -12.37 23.83 -15.34
CA SER L 161 -13.32 23.52 -14.29
C SER L 161 -14.59 24.33 -14.48
N GLY L 162 -15.45 24.36 -13.48
CA GLY L 162 -16.75 24.97 -13.61
C GLY L 162 -17.80 23.93 -13.90
N PRO L 163 -18.89 23.93 -13.13
CA PRO L 163 -19.89 22.87 -13.27
C PRO L 163 -20.55 22.90 -14.65
N LEU L 164 -20.98 21.72 -15.10
CA LEU L 164 -21.64 21.58 -16.38
C LEU L 164 -23.11 21.20 -16.17
N PRO L 165 -24.00 21.63 -17.06
CA PRO L 165 -25.43 21.36 -16.85
C PRO L 165 -25.79 19.91 -17.13
N GLN L 166 -26.95 19.53 -16.61
CA GLN L 166 -27.52 18.23 -16.94
C GLN L 166 -28.07 18.26 -18.37
N VAL L 167 -27.89 17.16 -19.10
CA VAL L 167 -28.25 17.08 -20.51
C VAL L 167 -29.30 15.99 -20.68
N ILE L 168 -30.41 16.35 -21.31
CA ILE L 168 -31.52 15.44 -21.58
C ILE L 168 -31.74 15.37 -23.09
N GLY L 169 -32.06 14.17 -23.58
CA GLY L 169 -32.36 13.97 -24.98
C GLY L 169 -33.76 13.42 -25.15
N LEU L 170 -34.38 13.76 -26.28
CA LEU L 170 -35.73 13.32 -26.59
C LEU L 170 -35.79 12.94 -28.07
N THR L 171 -36.24 11.72 -28.35
CA THR L 171 -36.33 11.26 -29.73
C THR L 171 -37.27 10.07 -29.81
N ALA L 172 -37.75 9.81 -31.03
CA ALA L 172 -38.49 8.59 -31.31
C ALA L 172 -37.58 7.45 -31.76
N SER L 173 -36.38 7.77 -32.23
CA SER L 173 -35.42 6.78 -32.69
C SER L 173 -34.05 7.43 -32.75
N VAL L 174 -33.07 6.81 -32.08
CA VAL L 174 -31.71 7.34 -32.12
C VAL L 174 -30.99 7.00 -33.42
N GLY L 175 -31.42 5.95 -34.12
CA GLY L 175 -30.81 5.56 -35.37
C GLY L 175 -29.59 4.69 -35.20
N VAL L 176 -29.19 4.05 -36.29
CA VAL L 176 -28.01 3.19 -36.32
C VAL L 176 -27.08 3.51 -37.47
N GLY L 177 -27.43 4.47 -38.33
CA GLY L 177 -26.54 4.83 -39.42
C GLY L 177 -26.48 3.73 -40.47
N ASP L 178 -25.25 3.41 -40.89
CA ASP L 178 -25.01 2.38 -41.89
C ASP L 178 -24.68 1.03 -41.26
N ALA L 179 -25.25 0.74 -40.09
CA ALA L 179 -24.93 -0.49 -39.39
C ALA L 179 -25.45 -1.70 -40.14
N LYS L 180 -24.67 -2.79 -40.10
CA LYS L 180 -25.06 -4.06 -40.72
C LYS L 180 -25.23 -5.18 -39.72
N ASN L 181 -24.75 -5.02 -38.48
CA ASN L 181 -24.93 -6.03 -37.45
C ASN L 181 -25.20 -5.33 -36.12
N THR L 182 -25.60 -6.12 -35.12
CA THR L 182 -25.95 -5.54 -33.82
C THR L 182 -24.75 -4.89 -33.16
N ASP L 183 -23.56 -5.47 -33.33
CA ASP L 183 -22.36 -4.88 -32.76
C ASP L 183 -22.05 -3.53 -33.41
N GLU L 184 -22.23 -3.43 -34.73
CA GLU L 184 -22.03 -2.15 -35.40
C GLU L 184 -23.07 -1.13 -34.97
N ALA L 185 -24.33 -1.57 -34.83
CA ALA L 185 -25.38 -0.65 -34.40
C ALA L 185 -25.13 -0.15 -32.98
N LEU L 186 -24.64 -1.02 -32.10
CA LEU L 186 -24.35 -0.61 -30.74
C LEU L 186 -23.23 0.42 -30.69
N ASP L 187 -22.25 0.31 -31.58
CA ASP L 187 -21.19 1.32 -31.63
C ASP L 187 -21.75 2.68 -32.02
N TYR L 188 -22.74 2.71 -32.91
CA TYR L 188 -23.35 3.98 -33.31
C TYR L 188 -24.12 4.59 -32.15
N ILE L 189 -24.96 3.79 -31.48
CA ILE L 189 -25.77 4.30 -30.38
C ILE L 189 -24.88 4.82 -29.25
N CYS L 190 -23.78 4.12 -28.97
CA CYS L 190 -22.86 4.57 -27.93
C CYS L 190 -22.19 5.88 -28.32
N LYS L 191 -21.81 6.03 -29.60
CA LYS L 191 -21.18 7.28 -30.04
C LYS L 191 -22.12 8.47 -29.93
N LEU L 192 -23.42 8.24 -30.15
CA LEU L 192 -24.38 9.32 -29.94
C LEU L 192 -24.56 9.63 -28.46
N CYS L 193 -24.57 8.58 -27.62
CA CYS L 193 -24.63 8.80 -26.17
C CYS L 193 -23.43 9.61 -25.69
N ALA L 194 -22.26 9.39 -26.30
CA ALA L 194 -21.09 10.18 -25.95
C ALA L 194 -21.21 11.61 -26.46
N SER L 195 -21.86 11.81 -27.60
CA SER L 195 -22.04 13.16 -28.12
C SER L 195 -22.97 13.98 -27.23
N LEU L 196 -23.83 13.32 -26.47
CA LEU L 196 -24.73 14.00 -25.54
C LEU L 196 -24.38 13.71 -24.09
N ASP L 197 -23.23 13.06 -23.85
CA ASP L 197 -22.77 12.73 -22.49
C ASP L 197 -23.83 11.93 -21.74
N ALA L 198 -24.56 11.08 -22.48
CA ALA L 198 -25.66 10.33 -21.89
C ALA L 198 -25.14 9.10 -21.17
N SER L 199 -25.57 8.93 -19.92
CA SER L 199 -25.24 7.76 -19.13
C SER L 199 -26.40 6.76 -19.04
N VAL L 200 -27.61 7.18 -19.40
CA VAL L 200 -28.78 6.32 -19.37
C VAL L 200 -29.55 6.52 -20.66
N ILE L 201 -30.25 5.46 -21.10
CA ILE L 201 -31.20 5.54 -22.20
C ILE L 201 -32.56 5.17 -21.64
N ALA L 202 -33.48 6.13 -21.62
CA ALA L 202 -34.80 5.93 -21.01
C ALA L 202 -35.77 5.40 -22.07
N THR L 203 -36.19 4.16 -21.90
CA THR L 203 -37.22 3.55 -22.74
C THR L 203 -38.28 2.93 -21.84
N VAL L 204 -39.53 2.98 -22.29
CA VAL L 204 -40.63 2.41 -21.53
C VAL L 204 -40.47 0.89 -21.50
N LYS L 205 -40.34 0.33 -20.31
CA LYS L 205 -40.18 -1.11 -20.16
C LYS L 205 -41.18 -1.73 -19.19
N HIS L 206 -41.52 -1.04 -18.11
CA HIS L 206 -42.40 -1.58 -17.09
C HIS L 206 -43.87 -1.28 -17.34
N ASN L 207 -44.17 -0.25 -18.12
CA ASN L 207 -45.55 0.16 -18.41
C ASN L 207 -45.84 0.09 -19.90
N LEU L 208 -45.39 -0.99 -20.55
CA LEU L 208 -45.63 -1.15 -21.98
C LEU L 208 -47.11 -1.30 -22.27
N GLU L 209 -47.84 -2.01 -21.41
CA GLU L 209 -49.27 -2.21 -21.64
C GLU L 209 -50.04 -0.91 -21.60
N GLU L 210 -49.57 0.07 -20.83
CA GLU L 210 -50.19 1.38 -20.81
C GLU L 210 -49.78 2.22 -22.02
N LEU L 211 -48.51 2.11 -22.43
CA LEU L 211 -48.04 2.86 -23.60
C LEU L 211 -48.75 2.39 -24.87
N GLU L 212 -49.03 1.09 -24.97
CA GLU L 212 -49.71 0.56 -26.15
C GLU L 212 -51.17 0.93 -26.22
N GLN L 213 -51.75 1.45 -25.13
CA GLN L 213 -53.12 1.95 -25.17
C GLN L 213 -53.22 3.38 -25.67
N VAL L 214 -52.10 4.11 -25.74
CA VAL L 214 -52.10 5.49 -26.20
C VAL L 214 -51.58 5.61 -27.62
N VAL L 215 -50.51 4.89 -27.95
CA VAL L 215 -49.89 4.93 -29.26
C VAL L 215 -49.93 3.52 -29.84
N TYR L 216 -50.70 3.34 -30.92
CA TYR L 216 -50.81 2.06 -31.58
C TYR L 216 -49.98 2.05 -32.85
N LYS L 217 -49.50 0.86 -33.22
CA LYS L 217 -48.62 0.69 -34.36
C LYS L 217 -49.46 0.47 -35.62
N PRO L 218 -49.50 1.41 -36.56
CA PRO L 218 -50.29 1.20 -37.78
C PRO L 218 -49.72 0.08 -38.63
N GLN L 219 -50.60 -0.56 -39.39
CA GLN L 219 -50.21 -1.67 -40.24
C GLN L 219 -49.72 -1.15 -41.58
N LYS L 220 -48.57 -1.65 -42.02
CA LYS L 220 -47.92 -1.20 -43.24
C LYS L 220 -48.19 -2.18 -44.38
N PHE L 221 -48.46 -1.63 -45.56
CA PHE L 221 -48.71 -2.42 -46.76
C PHE L 221 -47.76 -1.98 -47.85
N PHE L 222 -47.27 -2.95 -48.64
CA PHE L 222 -46.35 -2.70 -49.73
C PHE L 222 -47.05 -2.98 -51.06
N ARG L 223 -47.02 -2.01 -51.96
CA ARG L 223 -47.69 -2.10 -53.26
C ARG L 223 -46.64 -1.92 -54.35
N LYS L 224 -46.03 -3.01 -54.77
CA LYS L 224 -45.07 -3.00 -55.86
C LYS L 224 -45.81 -3.10 -57.19
N VAL L 225 -45.69 -2.06 -58.02
CA VAL L 225 -46.37 -2.03 -59.31
C VAL L 225 -45.34 -1.88 -60.41
N GLU L 226 -45.80 -1.85 -61.66
CA GLU L 226 -44.93 -1.74 -62.82
C GLU L 226 -44.96 -0.33 -63.39
N SER L 227 -43.91 0.01 -64.13
CA SER L 227 -43.90 1.26 -64.88
C SER L 227 -44.72 1.11 -66.15
N ARG L 228 -45.16 2.24 -66.70
CA ARG L 228 -46.03 2.22 -67.87
C ARG L 228 -45.32 1.59 -69.06
N ILE L 229 -45.99 0.59 -69.67
CA ILE L 229 -45.38 -0.15 -70.77
C ILE L 229 -45.35 0.72 -72.03
N SER L 230 -46.52 1.14 -72.50
CA SER L 230 -46.63 1.94 -73.71
C SER L 230 -46.46 3.41 -73.35
N ASP L 231 -45.47 4.06 -73.97
CA ASP L 231 -45.22 5.49 -73.74
C ASP L 231 -44.76 6.09 -75.07
N LYS L 232 -45.70 6.67 -75.81
CA LYS L 232 -45.35 7.45 -76.98
C LYS L 232 -44.97 8.89 -76.63
N PHE L 233 -45.45 9.38 -75.49
CA PHE L 233 -45.05 10.70 -75.01
C PHE L 233 -43.53 10.77 -74.81
N LYS L 234 -42.94 9.71 -74.27
CA LYS L 234 -41.49 9.69 -74.10
C LYS L 234 -40.77 9.71 -75.45
N TYR L 235 -41.34 9.07 -76.47
CA TYR L 235 -40.72 9.09 -77.79
C TYR L 235 -40.72 10.48 -78.41
N ILE L 236 -41.76 11.28 -78.13
CA ILE L 236 -41.82 12.63 -78.66
C ILE L 236 -40.76 13.50 -78.00
N ILE L 237 -40.69 13.48 -76.67
CA ILE L 237 -39.73 14.30 -75.96
C ILE L 237 -38.30 13.79 -76.17
N ALA L 238 -38.15 12.49 -76.44
CA ALA L 238 -36.82 11.95 -76.68
C ALA L 238 -36.17 12.56 -77.91
N GLN L 239 -36.96 12.89 -78.94
CA GLN L 239 -36.40 13.52 -80.12
C GLN L 239 -36.06 14.98 -79.86
N LEU L 240 -36.92 15.69 -79.12
CA LEU L 240 -36.55 17.03 -78.66
C LEU L 240 -35.31 16.99 -77.79
N MET L 241 -35.10 15.88 -77.08
CA MET L 241 -33.89 15.72 -76.29
C MET L 241 -32.71 15.28 -77.15
N ARG L 242 -32.94 14.35 -78.08
CA ARG L 242 -31.87 13.92 -78.98
C ARG L 242 -31.40 15.06 -79.87
N ASP L 243 -32.32 15.92 -80.30
CA ASP L 243 -31.94 17.02 -81.18
C ASP L 243 -31.22 18.12 -80.41
N THR L 244 -31.65 18.42 -79.19
CA THR L 244 -31.04 19.50 -78.43
C THR L 244 -29.59 19.18 -78.07
N GLU L 245 -29.24 17.91 -77.97
CA GLU L 245 -27.84 17.54 -77.80
C GLU L 245 -27.05 17.82 -79.07
N SER L 246 -27.57 17.38 -80.22
CA SER L 246 -26.86 17.54 -81.49
C SER L 246 -26.76 19.01 -81.91
N LEU L 247 -27.61 19.89 -81.37
CA LEU L 247 -27.44 21.32 -81.60
C LEU L 247 -26.28 21.89 -80.81
N ALA L 248 -25.80 21.18 -79.79
CA ALA L 248 -24.60 21.57 -79.05
C ALA L 248 -23.36 20.79 -79.48
N LYS L 249 -23.53 19.62 -80.08
CA LYS L 249 -22.37 18.87 -80.58
C LYS L 249 -21.65 19.64 -81.68
N ARG L 250 -22.37 20.44 -82.45
CA ARG L 250 -21.71 21.28 -83.45
C ARG L 250 -20.98 22.44 -82.81
N ILE L 251 -21.59 23.08 -81.81
CA ILE L 251 -20.93 24.17 -81.11
C ILE L 251 -19.75 23.64 -80.29
N CYS L 252 -19.93 22.49 -79.66
CA CYS L 252 -18.89 21.89 -78.80
C CYS L 252 -18.61 20.48 -79.29
N LYS L 253 -17.54 20.32 -80.07
CA LYS L 253 -17.06 18.99 -80.41
C LYS L 253 -16.43 18.34 -79.18
N ASP L 254 -16.13 17.04 -79.31
CA ASP L 254 -15.52 16.27 -78.22
C ASP L 254 -16.39 16.30 -76.97
N LEU L 255 -17.71 16.29 -77.18
CA LEU L 255 -18.66 16.47 -76.07
C LEU L 255 -18.76 15.23 -75.20
N GLU L 256 -18.58 14.04 -75.78
CA GLU L 256 -18.79 12.80 -75.03
C GLU L 256 -17.72 12.56 -73.97
N ASN L 257 -16.67 13.39 -73.93
CA ASN L 257 -15.63 13.27 -72.91
C ASN L 257 -15.68 14.39 -71.89
N LEU L 258 -16.58 15.37 -72.05
CA LEU L 258 -16.76 16.38 -71.01
C LEU L 258 -17.22 15.76 -69.70
N SER L 259 -17.98 14.67 -69.78
CA SER L 259 -18.50 13.98 -68.61
C SER L 259 -17.80 12.64 -68.43
N GLN L 260 -17.73 12.19 -67.17
CA GLN L 260 -17.22 10.86 -66.85
C GLN L 260 -18.33 9.82 -66.78
N ILE L 261 -19.44 10.04 -67.48
CA ILE L 261 -20.57 9.14 -67.50
C ILE L 261 -20.87 8.78 -68.95
N GLN L 262 -21.17 7.49 -69.19
CA GLN L 262 -21.53 7.00 -70.50
C GLN L 262 -22.85 6.25 -70.42
N ASN L 263 -23.41 5.97 -71.61
CA ASN L 263 -24.67 5.25 -71.73
C ASN L 263 -25.80 5.96 -70.98
N ARG L 264 -25.91 7.26 -71.21
CA ARG L 264 -26.96 8.05 -70.57
C ARG L 264 -28.31 7.69 -71.18
N GLU L 265 -29.30 7.47 -70.32
CA GLU L 265 -30.66 7.19 -70.75
C GLU L 265 -31.57 8.36 -70.38
N PHE L 266 -32.49 8.68 -71.28
CA PHE L 266 -33.33 9.87 -71.09
C PHE L 266 -34.38 9.61 -70.02
N GLY L 267 -34.59 10.62 -69.16
CA GLY L 267 -35.55 10.51 -68.08
C GLY L 267 -35.02 9.93 -66.79
N THR L 268 -33.70 9.74 -66.67
CA THR L 268 -33.10 9.14 -65.49
C THR L 268 -32.45 10.21 -64.62
N GLN L 269 -32.11 9.80 -63.40
CA GLN L 269 -31.35 10.67 -62.51
C GLN L 269 -29.92 10.85 -63.00
N LYS L 270 -29.36 9.83 -63.64
CA LYS L 270 -27.98 9.91 -64.13
C LYS L 270 -27.85 10.96 -65.23
N TYR L 271 -28.89 11.15 -66.04
CA TYR L 271 -28.85 12.21 -67.05
C TYR L 271 -28.73 13.59 -66.41
N GLU L 272 -29.34 13.78 -65.24
CA GLU L 272 -29.24 15.06 -64.55
C GLU L 272 -27.81 15.35 -64.11
N GLN L 273 -27.06 14.32 -63.73
CA GLN L 273 -25.65 14.53 -63.40
C GLN L 273 -24.79 14.67 -64.64
N TRP L 274 -25.19 14.02 -65.74
CA TRP L 274 -24.44 14.15 -66.99
C TRP L 274 -24.59 15.54 -67.59
N ILE L 275 -25.76 16.16 -67.43
CA ILE L 275 -26.00 17.45 -68.05
C ILE L 275 -25.39 18.58 -67.23
N VAL L 276 -25.42 18.46 -65.90
CA VAL L 276 -24.78 19.48 -65.06
C VAL L 276 -23.26 19.40 -65.19
N THR L 277 -22.72 18.20 -65.36
CA THR L 277 -21.30 18.07 -65.68
C THR L 277 -20.98 18.76 -67.00
N VAL L 278 -21.84 18.62 -67.99
CA VAL L 278 -21.68 19.34 -69.24
C VAL L 278 -21.85 20.83 -69.02
N GLN L 279 -22.91 21.22 -68.29
CA GLN L 279 -23.17 22.63 -68.04
C GLN L 279 -22.03 23.29 -67.27
N LYS L 280 -21.35 22.54 -66.41
CA LYS L 280 -20.22 23.11 -65.68
C LYS L 280 -18.96 23.16 -66.55
N ALA L 281 -18.76 22.16 -67.39
CA ALA L 281 -17.61 22.18 -68.30
C ALA L 281 -17.79 23.22 -69.39
N CYS L 282 -19.03 23.49 -69.80
CA CYS L 282 -19.31 24.51 -70.80
C CYS L 282 -19.34 25.92 -70.23
N MET L 283 -18.99 26.08 -68.96
CA MET L 283 -18.83 27.40 -68.36
C MET L 283 -17.39 27.87 -68.34
N VAL L 284 -16.43 26.94 -68.28
CA VAL L 284 -15.02 27.28 -68.18
C VAL L 284 -14.39 27.31 -69.55
N PHE L 285 -15.22 27.33 -70.60
CA PHE L 285 -14.71 27.37 -71.96
C PHE L 285 -13.96 28.67 -72.20
N GLN L 286 -12.77 28.56 -72.78
CA GLN L 286 -11.91 29.70 -73.07
C GLN L 286 -11.79 29.87 -74.58
N MET L 287 -12.10 31.06 -75.07
CA MET L 287 -11.96 31.39 -76.49
C MET L 287 -11.26 32.74 -76.60
N PRO L 288 -10.26 32.87 -77.46
CA PRO L 288 -9.51 34.14 -77.55
C PRO L 288 -10.33 35.31 -78.07
N ASP L 289 -11.54 35.06 -78.61
CA ASP L 289 -12.33 36.15 -79.18
C ASP L 289 -13.01 36.98 -78.11
N LYS L 290 -13.52 36.33 -77.06
CA LYS L 290 -14.27 36.91 -75.94
C LYS L 290 -15.64 37.42 -76.37
N ASP L 291 -15.97 37.37 -77.65
CA ASP L 291 -17.33 37.60 -78.13
C ASP L 291 -18.01 36.32 -78.60
N GLU L 292 -17.29 35.46 -79.31
CA GLU L 292 -17.79 34.12 -79.59
C GLU L 292 -17.75 33.24 -78.35
N GLU L 293 -16.92 33.58 -77.37
CA GLU L 293 -16.96 32.89 -76.08
C GLU L 293 -18.28 33.16 -75.38
N SER L 294 -18.68 34.45 -75.31
CA SER L 294 -19.95 34.79 -74.69
C SER L 294 -21.14 34.27 -75.48
N ARG L 295 -21.01 34.16 -76.81
CA ARG L 295 -22.10 33.64 -77.62
C ARG L 295 -22.23 32.13 -77.49
N ILE L 296 -21.10 31.43 -77.38
CA ILE L 296 -21.13 29.98 -77.33
C ILE L 296 -21.46 29.49 -75.91
N CYS L 297 -20.80 30.07 -74.91
CA CYS L 297 -21.02 29.62 -73.53
C CYS L 297 -22.47 29.88 -73.08
N LYS L 298 -23.11 30.92 -73.62
CA LYS L 298 -24.51 31.14 -73.33
C LYS L 298 -25.41 30.22 -74.17
N ALA L 299 -25.02 29.92 -75.40
CA ALA L 299 -25.78 28.99 -76.22
C ALA L 299 -25.78 27.60 -75.60
N LEU L 300 -24.63 27.16 -75.08
CA LEU L 300 -24.57 25.88 -74.40
C LEU L 300 -25.36 25.90 -73.09
N PHE L 301 -25.38 27.05 -72.41
CA PHE L 301 -26.16 27.17 -71.17
C PHE L 301 -27.63 26.95 -71.45
N LEU L 302 -28.15 27.59 -72.50
CA LEU L 302 -29.57 27.46 -72.82
C LEU L 302 -29.89 26.06 -73.35
N TYR L 303 -28.97 25.47 -74.12
CA TYR L 303 -29.14 24.09 -74.54
C TYR L 303 -29.23 23.15 -73.34
N THR L 304 -28.38 23.37 -72.34
CA THR L 304 -28.41 22.54 -71.14
C THR L 304 -29.64 22.84 -70.30
N SER L 305 -30.00 24.12 -70.17
CA SER L 305 -31.15 24.51 -69.35
C SER L 305 -32.44 23.88 -69.89
N HIS L 306 -32.56 23.78 -71.22
CA HIS L 306 -33.74 23.17 -71.81
C HIS L 306 -33.64 21.64 -71.81
N LEU L 307 -32.44 21.10 -71.93
CA LEU L 307 -32.25 19.66 -71.80
C LEU L 307 -32.59 19.18 -70.39
N ARG L 308 -32.34 20.02 -69.39
CA ARG L 308 -32.67 19.66 -68.01
C ARG L 308 -34.18 19.58 -67.82
N LYS L 309 -34.92 20.59 -68.28
CA LYS L 309 -36.37 20.59 -68.14
C LYS L 309 -37.02 19.45 -68.89
N TYR L 310 -36.44 19.08 -70.05
CA TYR L 310 -36.94 17.91 -70.78
C TYR L 310 -36.77 16.64 -69.95
N ASN L 311 -35.59 16.48 -69.33
CA ASN L 311 -35.39 15.34 -68.43
C ASN L 311 -36.26 15.47 -67.18
N ASP L 312 -36.44 16.70 -66.69
CA ASP L 312 -37.34 16.91 -65.55
C ASP L 312 -38.77 16.56 -65.91
N ALA L 313 -39.17 16.81 -67.16
CA ALA L 313 -40.54 16.50 -67.58
C ALA L 313 -40.77 14.99 -67.62
N LEU L 314 -39.80 14.23 -68.12
CA LEU L 314 -39.96 12.78 -68.20
C LEU L 314 -40.13 12.15 -66.82
N ILE L 315 -39.32 12.59 -65.85
CA ILE L 315 -39.42 12.05 -64.50
C ILE L 315 -40.79 12.36 -63.90
N ILE L 316 -41.40 13.48 -64.28
CA ILE L 316 -42.75 13.79 -63.82
C ILE L 316 -43.75 12.84 -64.45
N SER L 317 -43.68 12.65 -65.77
CA SER L 317 -44.59 11.76 -66.46
C SER L 317 -44.41 10.30 -66.04
N GLU L 318 -43.24 9.94 -65.51
CA GLU L 318 -43.04 8.58 -65.01
C GLU L 318 -43.84 8.33 -63.74
N HIS L 319 -44.02 9.36 -62.91
CA HIS L 319 -44.71 9.22 -61.63
C HIS L 319 -46.11 9.82 -61.63
N ALA L 320 -46.53 10.49 -62.70
CA ALA L 320 -47.82 11.14 -62.74
C ALA L 320 -48.32 11.14 -64.17
N ARG L 321 -49.33 11.96 -64.46
CA ARG L 321 -49.93 12.00 -65.78
C ARG L 321 -49.00 12.68 -66.78
N MET L 322 -49.26 12.41 -68.07
CA MET L 322 -48.57 13.13 -69.14
C MET L 322 -48.98 14.59 -69.17
N LYS L 323 -50.19 14.90 -68.71
CA LYS L 323 -50.64 16.29 -68.67
C LYS L 323 -49.81 17.11 -67.67
N ASP L 324 -49.46 16.50 -66.53
CA ASP L 324 -48.67 17.21 -65.53
C ASP L 324 -47.29 17.57 -66.07
N ALA L 325 -46.65 16.64 -66.79
CA ALA L 325 -45.34 16.93 -67.37
C ALA L 325 -45.42 17.99 -68.45
N LEU L 326 -46.56 18.11 -69.13
CA LEU L 326 -46.70 19.09 -70.20
C LEU L 326 -46.87 20.50 -69.65
N ASP L 327 -47.70 20.66 -68.62
CA ASP L 327 -47.84 21.98 -67.98
C ASP L 327 -46.51 22.46 -67.40
N TYR L 328 -45.69 21.52 -66.92
CA TYR L 328 -44.34 21.89 -66.48
C TYR L 328 -43.51 22.41 -67.65
N LEU L 329 -43.68 21.82 -68.84
CA LEU L 329 -42.98 22.32 -70.02
C LEU L 329 -43.55 23.66 -70.47
N LYS L 330 -44.88 23.77 -70.54
CA LYS L 330 -45.50 25.03 -70.95
C LYS L 330 -45.15 26.16 -69.98
N ASP L 331 -45.12 25.85 -68.69
CA ASP L 331 -44.75 26.87 -67.70
C ASP L 331 -43.31 27.32 -67.88
N PHE L 332 -42.44 26.43 -68.39
CA PHE L 332 -41.03 26.78 -68.55
C PHE L 332 -40.84 27.79 -69.69
N PHE L 333 -41.23 27.41 -70.91
CA PHE L 333 -41.06 28.31 -72.05
C PHE L 333 -41.83 29.61 -71.85
N SER L 334 -42.96 29.56 -71.15
CA SER L 334 -43.71 30.78 -70.86
C SER L 334 -42.94 31.74 -69.96
N ASN L 335 -41.93 31.25 -69.26
CA ASN L 335 -41.13 32.09 -68.36
C ASN L 335 -39.74 32.38 -68.88
N VAL L 336 -39.27 31.66 -69.90
CA VAL L 336 -37.96 31.97 -70.48
C VAL L 336 -38.01 33.28 -71.25
N ARG L 337 -39.13 33.54 -71.93
CA ARG L 337 -39.30 34.81 -72.61
C ARG L 337 -39.41 35.95 -71.59
N ALA L 338 -39.24 37.17 -72.08
CA ALA L 338 -39.28 38.38 -71.26
C ALA L 338 -38.26 38.30 -70.11
N ASP L 342 -34.37 35.85 -77.10
CA ASP L 342 -33.08 35.40 -77.58
C ASP L 342 -33.23 34.57 -78.85
N GLU L 343 -32.31 34.74 -79.80
CA GLU L 343 -32.42 34.06 -81.08
C GLU L 343 -32.34 32.55 -80.92
N ILE L 344 -31.64 32.06 -79.90
CA ILE L 344 -31.60 30.63 -79.65
C ILE L 344 -32.78 30.17 -78.80
N GLU L 345 -33.30 31.05 -77.94
CA GLU L 345 -34.54 30.75 -77.23
C GLU L 345 -35.67 30.50 -78.22
N GLN L 346 -35.96 31.48 -79.08
CA GLN L 346 -37.00 31.33 -80.08
C GLN L 346 -36.69 30.23 -81.07
N ASP L 347 -35.41 29.86 -81.23
CA ASP L 347 -35.05 28.68 -82.01
C ASP L 347 -35.62 27.42 -81.35
N LEU L 348 -35.28 27.21 -80.08
CA LEU L 348 -35.78 26.03 -79.36
C LEU L 348 -37.26 26.15 -79.05
N THR L 349 -37.75 27.37 -78.80
CA THR L 349 -39.17 27.54 -78.51
C THR L 349 -40.02 27.20 -79.73
N GLN L 350 -39.57 27.60 -80.92
CA GLN L 350 -40.25 27.18 -82.14
C GLN L 350 -40.15 25.68 -82.35
N ARG L 351 -38.97 25.11 -82.07
CA ARG L 351 -38.79 23.67 -82.16
C ARG L 351 -39.67 22.90 -81.18
N PHE L 352 -40.20 23.59 -80.16
CA PHE L 352 -41.09 22.97 -79.18
C PHE L 352 -42.56 23.08 -79.59
N GLU L 353 -43.00 24.28 -79.98
CA GLU L 353 -44.38 24.46 -80.41
C GLU L 353 -44.67 23.64 -81.68
N GLU L 354 -43.65 23.36 -82.48
CA GLU L 354 -43.83 22.54 -83.66
C GLU L 354 -44.36 21.15 -83.29
N LYS L 355 -43.88 20.59 -82.19
CA LYS L 355 -44.33 19.29 -81.71
C LYS L 355 -45.32 19.39 -80.55
N LEU L 356 -45.73 20.60 -80.18
CA LEU L 356 -46.62 20.77 -79.02
C LEU L 356 -47.99 20.17 -79.29
N GLN L 357 -48.58 20.49 -80.45
CA GLN L 357 -49.90 19.95 -80.78
C GLN L 357 -49.87 18.43 -80.88
N GLU L 358 -48.72 17.85 -81.20
CA GLU L 358 -48.59 16.39 -81.22
C GLU L 358 -48.60 15.82 -79.81
N LEU L 359 -48.18 16.61 -78.82
CA LEU L 359 -48.15 16.14 -77.44
C LEU L 359 -49.53 16.13 -76.81
N GLU L 360 -50.29 17.23 -76.97
CA GLU L 360 -51.62 17.32 -76.38
C GLU L 360 -52.57 16.26 -76.94
N SER L 361 -52.27 15.70 -78.11
CA SER L 361 -53.06 14.58 -78.62
C SER L 361 -52.84 13.33 -77.78
N VAL L 362 -51.68 13.21 -77.14
CA VAL L 362 -51.39 12.04 -76.32
C VAL L 362 -51.85 12.23 -74.88
N SER L 363 -51.93 13.48 -74.40
CA SER L 363 -52.30 13.71 -73.01
C SER L 363 -53.74 13.28 -72.73
N ARG L 364 -54.64 13.48 -73.69
CA ARG L 364 -56.06 13.21 -73.47
C ARG L 364 -56.46 11.78 -73.77
N ASP L 365 -55.57 10.97 -74.33
CA ASP L 365 -55.88 9.59 -74.66
C ASP L 365 -56.25 8.83 -73.39
N PRO L 366 -57.47 8.28 -73.28
CA PRO L 366 -57.83 7.51 -72.08
C PRO L 366 -57.00 6.25 -71.90
N SER L 367 -56.21 5.85 -72.90
CA SER L 367 -55.31 4.71 -72.77
C SER L 367 -54.04 5.05 -72.01
N ASN L 368 -53.82 6.32 -71.67
CA ASN L 368 -52.63 6.74 -70.93
C ASN L 368 -52.87 6.73 -69.43
N GLU L 369 -53.35 5.59 -68.93
CA GLU L 369 -53.57 5.42 -67.49
C GLU L 369 -52.26 4.99 -66.83
N ASN L 370 -51.75 5.83 -65.93
CA ASN L 370 -50.52 5.50 -65.22
C ASN L 370 -50.77 4.30 -64.32
N PRO L 371 -50.02 3.20 -64.47
CA PRO L 371 -50.22 2.04 -63.59
C PRO L 371 -50.02 2.34 -62.12
N LYS L 372 -49.27 3.40 -61.79
CA LYS L 372 -49.08 3.77 -60.39
C LYS L 372 -50.24 4.62 -59.87
N LEU L 373 -50.77 5.49 -60.72
CA LEU L 373 -51.94 6.29 -60.32
C LEU L 373 -53.19 5.44 -60.21
N GLU L 374 -53.28 4.36 -61.01
CA GLU L 374 -54.45 3.49 -60.93
C GLU L 374 -54.47 2.73 -59.61
N ASP L 375 -53.32 2.22 -59.17
CA ASP L 375 -53.26 1.55 -57.88
C ASP L 375 -53.50 2.53 -56.74
N LEU L 376 -53.03 3.77 -56.89
CA LEU L 376 -53.33 4.79 -55.90
C LEU L 376 -54.82 5.12 -55.88
N CYS L 377 -55.45 5.16 -57.06
CA CYS L 377 -56.89 5.38 -57.11
C CYS L 377 -57.65 4.23 -56.46
N PHE L 378 -57.13 3.01 -56.56
CA PHE L 378 -57.79 1.86 -55.96
C PHE L 378 -57.72 1.91 -54.44
N ILE L 379 -56.55 2.23 -53.90
CA ILE L 379 -56.38 2.30 -52.44
C ILE L 379 -57.31 3.37 -51.86
N LEU L 380 -57.44 4.50 -52.55
CA LEU L 380 -58.30 5.57 -52.05
C LEU L 380 -59.76 5.17 -52.06
N GLN L 381 -60.22 4.55 -53.16
CA GLN L 381 -61.63 4.21 -53.28
C GLN L 381 -62.03 3.17 -52.24
N GLU L 382 -61.18 2.18 -52.00
CA GLU L 382 -61.51 1.13 -51.03
C GLU L 382 -61.64 1.71 -49.62
N GLU L 383 -60.62 2.42 -49.15
CA GLU L 383 -60.62 2.92 -47.78
C GLU L 383 -61.73 3.94 -47.56
N TYR L 384 -62.04 4.75 -48.56
CA TYR L 384 -63.12 5.73 -48.43
C TYR L 384 -64.50 5.11 -48.63
N HIS L 385 -64.58 3.94 -49.24
CA HIS L 385 -65.85 3.22 -49.28
C HIS L 385 -66.17 2.64 -47.90
N LEU L 386 -65.16 2.11 -47.22
CA LEU L 386 -65.37 1.55 -45.88
C LEU L 386 -65.65 2.66 -44.86
N ASN L 387 -64.77 3.65 -44.80
CA ASN L 387 -64.94 4.79 -43.91
C ASN L 387 -64.83 6.07 -44.73
N PRO L 388 -65.96 6.66 -45.13
CA PRO L 388 -65.90 7.91 -45.91
C PRO L 388 -65.36 9.09 -45.12
N GLU L 389 -65.25 8.98 -43.79
CA GLU L 389 -64.66 10.01 -42.96
C GLU L 389 -63.15 9.89 -42.87
N THR L 390 -62.52 9.20 -43.81
CA THR L 390 -61.09 8.94 -43.75
C THR L 390 -60.29 10.22 -44.00
N ILE L 391 -59.29 10.45 -43.16
CA ILE L 391 -58.36 11.56 -43.31
C ILE L 391 -57.05 10.98 -43.83
N THR L 392 -56.71 11.29 -45.08
CA THR L 392 -55.51 10.76 -45.72
C THR L 392 -54.42 11.82 -45.78
N ILE L 393 -53.18 11.37 -45.75
CA ILE L 393 -52.01 12.21 -45.99
C ILE L 393 -51.10 11.49 -46.97
N LEU L 394 -50.77 12.17 -48.07
CA LEU L 394 -50.02 11.58 -49.17
C LEU L 394 -48.67 12.27 -49.28
N PHE L 395 -47.59 11.48 -49.21
CA PHE L 395 -46.23 12.00 -49.22
C PHE L 395 -45.58 11.72 -50.56
N VAL L 396 -45.04 12.77 -51.19
CA VAL L 396 -44.29 12.65 -52.43
C VAL L 396 -42.94 13.34 -52.24
N LYS L 397 -42.05 13.09 -53.20
CA LYS L 397 -40.66 13.51 -53.07
C LYS L 397 -40.40 14.94 -53.55
N THR L 398 -41.11 15.39 -54.58
CA THR L 398 -40.86 16.68 -55.19
C THR L 398 -42.07 17.59 -55.05
N ARG L 399 -41.82 18.90 -55.00
CA ARG L 399 -42.91 19.87 -54.97
C ARG L 399 -43.72 19.85 -56.27
N ALA L 400 -43.13 19.39 -57.37
CA ALA L 400 -43.87 19.27 -58.62
C ALA L 400 -44.91 18.15 -58.53
N LEU L 401 -44.53 17.01 -57.95
CA LEU L 401 -45.47 15.91 -57.79
C LEU L 401 -46.66 16.30 -56.92
N VAL L 402 -46.47 17.26 -56.00
CA VAL L 402 -47.59 17.76 -55.21
C VAL L 402 -48.58 18.48 -56.11
N ASP L 403 -48.10 19.44 -56.90
CA ASP L 403 -48.96 20.14 -57.85
C ASP L 403 -49.57 19.17 -58.85
N ALA L 404 -48.82 18.13 -59.23
CA ALA L 404 -49.33 17.14 -60.17
C ALA L 404 -50.47 16.33 -59.54
N LEU L 405 -50.18 15.66 -58.42
CA LEU L 405 -51.18 14.82 -57.78
C LEU L 405 -52.36 15.61 -57.24
N LYS L 406 -52.21 16.92 -57.04
CA LYS L 406 -53.35 17.75 -56.70
C LYS L 406 -54.30 17.90 -57.88
N ASN L 407 -53.73 18.07 -59.09
CA ASN L 407 -54.56 18.23 -60.27
C ASN L 407 -55.21 16.92 -60.68
N TRP L 408 -54.44 15.82 -60.60
CA TRP L 408 -54.97 14.51 -60.97
C TRP L 408 -56.14 14.10 -60.07
N ILE L 409 -56.23 14.64 -58.86
CA ILE L 409 -57.35 14.32 -57.98
C ILE L 409 -58.57 15.16 -58.34
N GLU L 410 -58.40 16.47 -58.45
CA GLU L 410 -59.52 17.34 -58.81
C GLU L 410 -59.96 17.15 -60.26
N GLY L 411 -59.13 16.51 -61.09
CA GLY L 411 -59.48 16.20 -62.46
C GLY L 411 -59.96 14.79 -62.70
N ASN L 412 -60.20 14.00 -61.64
CA ASN L 412 -60.66 12.64 -61.75
C ASN L 412 -62.04 12.52 -61.11
N PRO L 413 -63.05 11.98 -61.82
CA PRO L 413 -64.38 11.86 -61.23
C PRO L 413 -64.50 10.74 -60.21
N LYS L 414 -63.67 9.70 -60.31
CA LYS L 414 -63.71 8.60 -59.35
C LYS L 414 -63.22 9.02 -57.96
N LEU L 415 -62.64 10.20 -57.83
CA LEU L 415 -62.17 10.75 -56.56
C LEU L 415 -62.93 12.03 -56.21
N SER L 416 -64.24 12.05 -56.49
CA SER L 416 -65.04 13.24 -56.22
C SER L 416 -65.19 13.51 -54.73
N PHE L 417 -64.98 12.50 -53.88
CA PHE L 417 -65.13 12.65 -52.44
C PHE L 417 -63.94 13.34 -51.79
N LEU L 418 -62.91 13.71 -52.55
CA LEU L 418 -61.69 14.27 -51.98
C LEU L 418 -61.69 15.79 -52.14
N LYS L 419 -61.31 16.48 -51.05
CA LYS L 419 -61.11 17.92 -51.04
C LYS L 419 -59.62 18.17 -50.77
N PRO L 420 -58.77 18.06 -51.79
CA PRO L 420 -57.33 18.01 -51.52
C PRO L 420 -56.75 19.35 -51.11
N GLY L 421 -55.74 19.28 -50.23
CA GLY L 421 -54.98 20.44 -49.85
C GLY L 421 -53.49 20.20 -50.08
N ILE L 422 -52.72 21.29 -49.99
CA ILE L 422 -51.30 21.26 -50.31
C ILE L 422 -50.52 21.71 -49.08
N LEU L 423 -49.31 21.16 -48.94
CA LEU L 423 -48.39 21.57 -47.87
C LEU L 423 -46.97 21.30 -48.34
N THR L 424 -46.24 22.35 -48.69
CA THR L 424 -44.85 22.24 -49.11
C THR L 424 -43.96 23.05 -48.18
N GLY L 425 -42.66 22.99 -48.42
CA GLY L 425 -41.69 23.70 -47.61
C GLY L 425 -41.62 25.18 -47.94
N ARG L 426 -40.82 25.90 -47.16
CA ARG L 426 -40.64 27.32 -47.37
C ARG L 426 -39.99 27.64 -48.70
N GLY L 427 -39.34 26.67 -49.33
CA GLY L 427 -38.60 26.92 -50.55
C GLY L 427 -37.26 27.57 -50.26
N LYS L 428 -36.72 28.21 -51.29
CA LYS L 428 -35.48 28.97 -51.14
C LYS L 428 -35.78 30.39 -50.67
N THR L 429 -34.86 30.94 -49.88
CA THR L 429 -35.12 32.22 -49.23
C THR L 429 -35.18 33.37 -50.24
N ASN L 430 -34.52 33.23 -51.39
CA ASN L 430 -34.43 34.31 -52.36
C ASN L 430 -35.06 33.93 -53.70
N GLN L 431 -36.12 33.13 -53.66
CA GLN L 431 -36.85 32.77 -54.87
C GLN L 431 -38.34 32.78 -54.58
N ASN L 432 -39.13 33.05 -55.61
CA ASN L 432 -40.59 33.10 -55.45
C ASN L 432 -41.17 31.69 -55.56
N THR L 433 -40.65 30.77 -54.76
CA THR L 433 -41.08 29.38 -54.72
C THR L 433 -41.60 29.06 -53.32
N GLY L 434 -41.98 27.79 -53.14
CA GLY L 434 -42.36 27.30 -51.83
C GLY L 434 -43.62 27.90 -51.27
N MET L 435 -43.95 27.52 -50.04
CA MET L 435 -45.16 27.97 -49.36
C MET L 435 -44.75 28.81 -48.15
N THR L 436 -45.36 29.99 -48.02
CA THR L 436 -45.04 30.87 -46.91
C THR L 436 -45.46 30.25 -45.58
N LEU L 437 -44.83 30.70 -44.51
CA LEU L 437 -45.16 30.20 -43.18
C LEU L 437 -46.62 30.40 -42.80
N PRO L 438 -47.22 31.58 -42.99
CA PRO L 438 -48.65 31.70 -42.67
C PRO L 438 -49.53 30.82 -43.54
N ALA L 439 -49.14 30.57 -44.79
CA ALA L 439 -49.90 29.67 -45.65
C ALA L 439 -49.82 28.24 -45.14
N GLN L 440 -48.72 27.87 -44.48
CA GLN L 440 -48.62 26.53 -43.89
C GLN L 440 -49.63 26.37 -42.76
N LYS L 441 -49.66 27.34 -41.84
CA LYS L 441 -50.55 27.23 -40.69
C LYS L 441 -52.02 27.35 -41.08
N CYS L 442 -52.31 28.08 -42.16
CA CYS L 442 -53.70 28.25 -42.57
C CYS L 442 -54.28 26.96 -43.13
N ILE L 443 -53.46 26.14 -43.79
CA ILE L 443 -53.96 24.88 -44.33
C ILE L 443 -53.98 23.80 -43.26
N LEU L 444 -53.01 23.82 -42.34
CA LEU L 444 -53.01 22.87 -41.24
C LEU L 444 -54.24 23.03 -40.35
N ASP L 445 -54.61 24.27 -40.04
CA ASP L 445 -55.82 24.52 -39.27
C ASP L 445 -57.06 24.06 -40.05
N ALA L 446 -57.05 24.24 -41.36
CA ALA L 446 -58.14 23.81 -42.22
C ALA L 446 -58.09 22.31 -42.54
N PHE L 447 -57.24 21.55 -41.85
CA PHE L 447 -57.08 20.13 -42.11
C PHE L 447 -57.59 19.36 -40.89
N LYS L 448 -58.90 19.11 -40.87
CA LYS L 448 -59.54 18.32 -39.82
C LYS L 448 -60.69 17.53 -40.47
N ALA L 449 -61.52 16.92 -39.63
CA ALA L 449 -62.77 16.35 -40.13
C ALA L 449 -63.83 17.42 -40.28
N SER L 450 -63.94 18.32 -39.29
CA SER L 450 -64.74 19.53 -39.42
C SER L 450 -64.05 20.59 -40.27
N GLY L 451 -62.88 20.29 -40.83
CA GLY L 451 -62.16 21.21 -41.67
C GLY L 451 -62.62 21.15 -43.13
N ASP L 452 -61.93 21.92 -43.96
CA ASP L 452 -62.30 22.08 -45.36
C ASP L 452 -61.67 21.05 -46.28
N HIS L 453 -60.79 20.19 -45.78
CA HIS L 453 -60.01 19.32 -46.64
C HIS L 453 -60.01 17.89 -46.12
N ASN L 454 -60.08 16.94 -47.06
CA ASN L 454 -60.09 15.51 -46.78
C ASN L 454 -58.68 14.92 -46.76
N ILE L 455 -57.92 15.13 -47.83
CA ILE L 455 -56.61 14.53 -48.01
C ILE L 455 -55.58 15.63 -48.20
N LEU L 456 -54.43 15.49 -47.54
CA LEU L 456 -53.34 16.43 -47.62
C LEU L 456 -52.20 15.81 -48.44
N ILE L 457 -51.81 16.48 -49.52
CA ILE L 457 -50.69 16.07 -50.34
C ILE L 457 -49.51 16.95 -49.96
N ALA L 458 -48.48 16.35 -49.36
CA ALA L 458 -47.37 17.09 -48.80
C ALA L 458 -46.04 16.46 -49.18
N THR L 459 -44.98 17.25 -49.06
CA THR L 459 -43.62 16.78 -49.21
C THR L 459 -43.11 16.28 -47.85
N SER L 460 -41.81 16.06 -47.76
CA SER L 460 -41.21 15.64 -46.49
C SER L 460 -41.45 16.68 -45.41
N VAL L 461 -41.79 16.21 -44.22
CA VAL L 461 -41.90 17.05 -43.04
C VAL L 461 -40.77 16.67 -42.09
N ALA L 462 -40.32 17.64 -41.28
CA ALA L 462 -39.22 17.43 -40.36
C ALA L 462 -39.61 16.46 -39.26
N ASP L 463 -38.70 16.23 -38.31
CA ASP L 463 -38.74 15.13 -37.36
C ASP L 463 -40.15 14.79 -36.89
N GLU L 464 -40.79 15.71 -36.18
CA GLU L 464 -42.18 15.52 -35.78
C GLU L 464 -43.06 16.69 -36.16
N GLY L 465 -42.52 17.91 -36.12
CA GLY L 465 -43.29 19.09 -36.51
C GLY L 465 -44.45 19.38 -35.57
N ILE L 466 -45.30 20.31 -36.02
CA ILE L 466 -46.49 20.64 -35.27
C ILE L 466 -47.45 19.45 -35.29
N ASP L 467 -48.27 19.35 -34.25
CA ASP L 467 -49.23 18.24 -34.13
C ASP L 467 -50.41 18.53 -35.05
N ILE L 468 -50.35 17.99 -36.27
CA ILE L 468 -51.45 18.11 -37.20
C ILE L 468 -52.47 17.01 -36.90
N ALA L 469 -53.68 17.17 -37.45
CA ALA L 469 -54.75 16.23 -37.17
C ALA L 469 -54.36 14.81 -37.59
N GLN L 470 -54.86 13.84 -36.83
CA GLN L 470 -54.52 12.44 -37.08
C GLN L 470 -55.06 12.00 -38.44
N CYS L 471 -54.22 11.30 -39.19
CA CYS L 471 -54.58 10.76 -40.50
C CYS L 471 -54.62 9.25 -40.39
N ASN L 472 -55.82 8.67 -40.47
CA ASN L 472 -55.99 7.22 -40.39
C ASN L 472 -55.57 6.51 -41.67
N LEU L 473 -54.92 7.21 -42.60
CA LEU L 473 -54.42 6.58 -43.82
C LEU L 473 -53.22 7.38 -44.30
N VAL L 474 -52.03 6.77 -44.25
CA VAL L 474 -50.81 7.38 -44.75
C VAL L 474 -50.39 6.63 -46.01
N ILE L 475 -50.09 7.38 -47.07
CA ILE L 475 -49.70 6.80 -48.35
C ILE L 475 -48.37 7.42 -48.76
N LEU L 476 -47.34 6.59 -48.87
CA LEU L 476 -46.02 7.02 -49.30
C LEU L 476 -45.85 6.69 -50.77
N TYR L 477 -45.85 7.73 -51.62
CA TYR L 477 -45.84 7.58 -53.07
C TYR L 477 -44.43 7.80 -53.58
N GLU L 478 -43.74 6.70 -53.90
CA GLU L 478 -42.34 6.75 -54.35
C GLU L 478 -41.47 7.49 -53.33
N TYR L 479 -41.78 7.29 -52.05
CA TYR L 479 -41.22 8.08 -50.97
C TYR L 479 -40.62 7.16 -49.93
N VAL L 480 -39.35 7.38 -49.59
CA VAL L 480 -38.67 6.61 -48.56
C VAL L 480 -37.78 7.55 -47.75
N GLY L 481 -37.54 7.17 -46.50
CA GLY L 481 -36.67 7.90 -45.60
C GLY L 481 -35.71 6.95 -44.90
N ASN L 482 -35.33 7.34 -43.69
CA ASN L 482 -34.48 6.51 -42.85
C ASN L 482 -35.32 5.82 -41.78
N VAL L 483 -34.65 5.06 -40.91
CA VAL L 483 -35.35 4.36 -39.84
C VAL L 483 -35.98 5.35 -38.87
N ILE L 484 -35.38 6.52 -38.69
CA ILE L 484 -35.95 7.53 -37.81
C ILE L 484 -37.25 8.07 -38.39
N LYS L 485 -37.24 8.45 -39.67
CA LYS L 485 -38.46 8.94 -40.31
C LYS L 485 -39.54 7.87 -40.35
N MET L 486 -39.16 6.60 -40.40
CA MET L 486 -40.14 5.52 -40.38
C MET L 486 -40.89 5.49 -39.05
N ILE L 487 -40.16 5.53 -37.94
CA ILE L 487 -40.80 5.52 -36.63
C ILE L 487 -41.54 6.83 -36.39
N GLN L 488 -41.01 7.94 -36.90
CA GLN L 488 -41.64 9.24 -36.69
C GLN L 488 -42.97 9.32 -37.43
N THR L 489 -43.00 8.90 -38.69
CA THR L 489 -44.21 9.00 -39.50
C THR L 489 -45.35 8.15 -38.96
N ARG L 490 -45.08 7.26 -38.00
CA ARG L 490 -46.18 6.55 -37.34
C ARG L 490 -47.06 7.51 -36.54
N GLY L 491 -46.50 8.62 -36.09
CA GLY L 491 -47.26 9.58 -35.30
C GLY L 491 -48.43 10.20 -36.05
N ARG L 492 -48.43 10.12 -37.39
CA ARG L 492 -49.57 10.59 -38.16
C ARG L 492 -50.83 9.82 -37.79
N GLY L 493 -50.72 8.51 -37.67
CA GLY L 493 -51.81 7.70 -37.19
C GLY L 493 -51.45 6.91 -35.95
N ARG L 494 -52.01 7.30 -34.81
CA ARG L 494 -51.79 6.59 -33.55
C ARG L 494 -53.01 5.80 -33.11
N ALA L 495 -54.21 6.21 -33.51
CA ALA L 495 -55.42 5.49 -33.15
C ALA L 495 -55.42 4.11 -33.79
N ARG L 496 -56.12 3.18 -33.14
CA ARG L 496 -56.20 1.82 -33.64
C ARG L 496 -56.89 1.79 -35.00
N GLY L 497 -56.32 1.02 -35.92
CA GLY L 497 -56.86 0.88 -37.25
C GLY L 497 -56.17 1.73 -38.31
N SER L 498 -55.29 2.63 -37.91
CA SER L 498 -54.57 3.45 -38.88
C SER L 498 -53.71 2.57 -39.78
N LYS L 499 -53.61 2.97 -41.05
CA LYS L 499 -52.91 2.18 -42.06
C LYS L 499 -51.89 3.04 -42.77
N CYS L 500 -50.80 2.41 -43.20
CA CYS L 500 -49.76 3.07 -43.98
C CYS L 500 -49.50 2.24 -45.24
N PHE L 501 -49.40 2.92 -46.38
CA PHE L 501 -49.16 2.27 -47.66
C PHE L 501 -47.85 2.78 -48.25
N LEU L 502 -47.12 1.88 -48.89
CA LEU L 502 -45.89 2.21 -49.62
C LEU L 502 -46.11 1.82 -51.08
N LEU L 503 -46.39 2.80 -51.92
CA LEU L 503 -46.68 2.59 -53.33
C LEU L 503 -45.47 3.04 -54.14
N THR L 504 -44.92 2.12 -54.94
CA THR L 504 -43.76 2.43 -55.76
C THR L 504 -43.66 1.41 -56.88
N SER L 505 -42.97 1.82 -57.95
CA SER L 505 -42.64 0.93 -59.05
C SER L 505 -41.19 0.45 -59.00
N ASN L 506 -40.40 0.94 -58.04
CA ASN L 506 -39.01 0.58 -57.90
C ASN L 506 -38.85 -0.44 -56.78
N ALA L 507 -38.20 -1.56 -57.08
CA ALA L 507 -37.97 -2.58 -56.07
C ALA L 507 -37.00 -2.09 -54.98
N GLY L 508 -36.06 -1.21 -55.35
CA GLY L 508 -35.12 -0.67 -54.38
C GLY L 508 -35.78 0.15 -53.29
N VAL L 509 -36.99 0.67 -53.54
CA VAL L 509 -37.71 1.39 -52.50
C VAL L 509 -38.40 0.41 -51.55
N ILE L 510 -39.03 -0.64 -52.09
CA ILE L 510 -39.60 -1.68 -51.25
C ILE L 510 -38.51 -2.33 -50.40
N GLU L 511 -37.36 -2.61 -51.02
CA GLU L 511 -36.26 -3.25 -50.31
C GLU L 511 -35.64 -2.32 -49.28
N LYS L 512 -35.72 -1.00 -49.50
CA LYS L 512 -35.16 -0.05 -48.55
C LYS L 512 -35.97 -0.02 -47.25
N GLU L 513 -37.29 0.02 -47.35
CA GLU L 513 -38.12 0.00 -46.16
C GLU L 513 -38.01 -1.32 -45.41
N GLN L 514 -37.80 -2.41 -46.15
CA GLN L 514 -37.49 -3.69 -45.51
C GLN L 514 -36.23 -3.58 -44.65
N ILE L 515 -35.24 -2.83 -45.14
CA ILE L 515 -33.99 -2.65 -44.40
C ILE L 515 -34.24 -1.80 -43.15
N ASN L 516 -35.05 -0.75 -43.28
CA ASN L 516 -35.31 0.14 -42.15
C ASN L 516 -35.99 -0.62 -41.01
N MET L 517 -36.92 -1.51 -41.34
CA MET L 517 -37.58 -2.31 -40.31
C MET L 517 -36.58 -3.21 -39.58
N TYR L 518 -35.55 -3.68 -40.28
CA TYR L 518 -34.52 -4.48 -39.63
C TYR L 518 -33.55 -3.60 -38.84
N LYS L 519 -33.32 -2.36 -39.29
CA LYS L 519 -32.49 -1.45 -38.51
C LYS L 519 -33.18 -1.06 -37.21
N GLU L 520 -34.52 -0.93 -37.23
CA GLU L 520 -35.25 -0.70 -36.00
C GLU L 520 -35.06 -1.85 -35.01
N LYS L 521 -35.02 -3.08 -35.53
CA LYS L 521 -34.77 -4.24 -34.67
C LYS L 521 -33.38 -4.16 -34.04
N MET L 522 -32.38 -3.79 -34.84
CA MET L 522 -31.02 -3.63 -34.29
C MET L 522 -30.97 -2.50 -33.27
N MET L 523 -31.77 -1.46 -33.46
CA MET L 523 -31.76 -0.34 -32.53
C MET L 523 -32.30 -0.75 -31.17
N ASN L 524 -33.51 -1.31 -31.12
CA ASN L 524 -34.11 -1.69 -29.85
C ASN L 524 -33.37 -2.84 -29.20
N ASP L 525 -32.84 -3.78 -29.98
CA ASP L 525 -32.07 -4.88 -29.41
C ASP L 525 -30.76 -4.40 -28.82
N SER L 526 -30.07 -3.47 -29.49
CA SER L 526 -28.84 -2.92 -28.94
C SER L 526 -29.11 -2.11 -27.69
N ILE L 527 -30.24 -1.40 -27.66
CA ILE L 527 -30.59 -0.60 -26.48
C ILE L 527 -30.84 -1.49 -25.27
N LEU L 528 -31.57 -2.59 -25.47
CA LEU L 528 -31.84 -3.50 -24.35
C LEU L 528 -30.56 -4.08 -23.77
N ARG L 529 -29.61 -4.45 -24.64
CA ARG L 529 -28.32 -4.92 -24.15
C ARG L 529 -27.54 -3.79 -23.49
N LEU L 530 -27.61 -2.58 -24.06
CA LEU L 530 -26.93 -1.44 -23.47
C LEU L 530 -27.46 -1.16 -22.07
N GLN L 531 -28.77 -1.34 -21.86
CA GLN L 531 -29.36 -1.07 -20.55
C GLN L 531 -28.98 -2.10 -19.50
N THR L 532 -28.47 -3.27 -19.91
CA THR L 532 -28.07 -4.30 -18.96
C THR L 532 -26.70 -4.05 -18.36
N TRP L 533 -26.00 -2.99 -18.77
CA TRP L 533 -24.67 -2.72 -18.28
C TRP L 533 -24.72 -1.96 -16.95
N ASP L 534 -23.65 -2.09 -16.17
CA ASP L 534 -23.47 -1.27 -14.99
C ASP L 534 -23.14 0.16 -15.43
N GLU L 535 -23.86 1.14 -14.87
CA GLU L 535 -23.73 2.51 -15.33
C GLU L 535 -22.31 3.02 -15.19
N ALA L 536 -21.63 2.64 -14.11
CA ALA L 536 -20.23 3.06 -13.92
C ALA L 536 -19.34 2.52 -15.03
N VAL L 537 -19.60 1.28 -15.46
CA VAL L 537 -18.84 0.71 -16.57
C VAL L 537 -19.24 1.39 -17.88
N PHE L 538 -20.52 1.75 -18.03
CA PHE L 538 -20.97 2.39 -19.25
C PHE L 538 -20.47 3.83 -19.36
N ARG L 539 -20.42 4.53 -18.22
CA ARG L 539 -19.94 5.91 -18.24
C ARG L 539 -18.48 5.99 -18.68
N GLU L 540 -17.66 5.03 -18.25
CA GLU L 540 -16.27 5.04 -18.66
C GLU L 540 -16.12 4.74 -20.15
N LYS L 541 -17.01 3.91 -20.71
CA LYS L 541 -16.92 3.60 -22.13
C LYS L 541 -17.20 4.82 -22.98
N ILE L 542 -18.19 5.64 -22.59
CA ILE L 542 -18.46 6.84 -23.38
C ILE L 542 -17.37 7.88 -23.18
N LEU L 543 -16.70 7.87 -22.03
CA LEU L 543 -15.55 8.76 -21.85
C LEU L 543 -14.39 8.34 -22.74
N HIS L 544 -14.22 7.02 -22.93
CA HIS L 544 -13.29 6.54 -23.95
C HIS L 544 -13.64 7.10 -25.33
N ILE L 545 -14.94 7.11 -25.65
CA ILE L 545 -15.37 7.60 -26.96
C ILE L 545 -15.26 9.11 -27.04
N GLN L 546 -15.66 9.81 -25.97
CA GLN L 546 -15.61 11.27 -25.99
C GLN L 546 -14.20 11.79 -26.22
N THR L 547 -13.20 11.18 -25.57
CA THR L 547 -11.82 11.57 -25.81
C THR L 547 -11.37 11.17 -27.21
N HIS L 548 -11.79 9.99 -27.68
CA HIS L 548 -11.43 9.54 -29.02
C HIS L 548 -12.05 10.45 -30.08
N GLU L 549 -13.33 10.80 -29.91
CA GLU L 549 -13.99 11.66 -30.89
C GLU L 549 -13.38 13.05 -30.93
N LYS L 550 -12.90 13.55 -29.79
CA LYS L 550 -12.22 14.85 -29.78
C LYS L 550 -10.83 14.75 -30.39
N PHE L 551 -10.18 13.60 -30.25
CA PHE L 551 -8.86 13.41 -30.87
C PHE L 551 -8.95 13.52 -32.39
N ILE L 552 -10.03 12.99 -32.97
CA ILE L 552 -10.27 13.16 -34.40
C ILE L 552 -10.61 14.61 -34.71
N ARG L 553 -11.38 15.25 -33.82
CA ARG L 553 -11.81 16.63 -34.05
C ARG L 553 -10.62 17.59 -34.06
N ASP L 554 -9.61 17.32 -33.23
CA ASP L 554 -8.45 18.20 -33.16
C ASP L 554 -7.38 17.86 -34.20
N SER L 555 -7.55 16.79 -34.97
CA SER L 555 -6.65 16.45 -36.05
C SER L 555 -7.05 17.11 -37.37
N GLN L 556 -7.81 18.21 -37.30
CA GLN L 556 -8.33 18.86 -38.49
C GLN L 556 -8.02 20.35 -38.49
N PRO L 559 -4.10 25.06 -40.39
CA PRO L 559 -4.73 24.63 -41.65
C PRO L 559 -5.50 25.75 -42.33
N LYS L 560 -5.58 26.90 -41.68
CA LYS L 560 -6.23 28.06 -42.28
C LYS L 560 -5.53 28.43 -43.57
N PRO L 561 -6.26 28.86 -44.59
CA PRO L 561 -5.65 29.05 -45.92
C PRO L 561 -4.67 30.21 -45.94
N VAL L 562 -3.84 30.20 -46.98
CA VAL L 562 -2.95 31.31 -47.30
C VAL L 562 -3.55 32.05 -48.50
N PRO L 563 -3.76 33.36 -48.41
CA PRO L 563 -4.48 34.06 -49.48
C PRO L 563 -3.69 34.10 -50.78
N ASP L 564 -4.42 34.21 -51.88
CA ASP L 564 -3.86 34.39 -53.22
C ASP L 564 -4.09 35.85 -53.58
N LYS L 565 -3.15 36.71 -53.18
CA LYS L 565 -3.33 38.15 -53.32
C LYS L 565 -3.33 38.61 -54.77
N GLU L 566 -2.99 37.75 -55.72
CA GLU L 566 -3.05 38.12 -57.12
C GLU L 566 -4.49 38.43 -57.51
N ASN L 567 -4.71 39.58 -58.14
CA ASN L 567 -6.05 40.02 -58.48
C ASN L 567 -6.68 39.07 -59.50
N LYS L 568 -7.97 38.82 -59.34
CA LYS L 568 -8.72 37.91 -60.20
C LYS L 568 -9.83 38.67 -60.91
N LYS L 569 -10.29 38.11 -62.02
CA LYS L 569 -11.39 38.65 -62.78
C LYS L 569 -12.57 37.70 -62.71
N LEU L 570 -13.76 38.24 -62.42
CA LEU L 570 -14.97 37.43 -62.26
C LEU L 570 -15.85 37.58 -63.49
N LEU L 571 -16.23 36.44 -64.07
CA LEU L 571 -17.13 36.40 -65.21
C LEU L 571 -18.45 35.77 -64.80
N CYS L 572 -19.53 36.20 -65.45
CA CYS L 572 -20.82 35.58 -65.22
C CYS L 572 -20.84 34.17 -65.81
N ARG L 573 -21.45 33.24 -65.09
CA ARG L 573 -21.50 31.85 -65.56
C ARG L 573 -22.37 31.69 -66.80
N LYS L 574 -23.22 32.67 -67.11
CA LYS L 574 -24.13 32.58 -68.24
C LYS L 574 -23.73 33.47 -69.40
N CYS L 575 -23.53 34.77 -69.16
CA CYS L 575 -23.19 35.71 -70.22
C CYS L 575 -21.68 35.91 -70.40
N LYS L 576 -20.87 35.38 -69.49
CA LYS L 576 -19.41 35.41 -69.56
C LYS L 576 -18.85 36.82 -69.54
N ALA L 577 -19.63 37.81 -69.13
CA ALA L 577 -19.14 39.18 -69.06
C ALA L 577 -18.57 39.48 -67.68
N LEU L 578 -17.79 40.55 -67.60
CA LEU L 578 -17.14 40.95 -66.36
C LEU L 578 -18.15 41.62 -65.43
N ALA L 579 -18.11 41.22 -64.15
CA ALA L 579 -18.84 41.91 -63.11
C ALA L 579 -17.94 42.87 -62.33
N CYS L 580 -16.85 42.35 -61.77
CA CYS L 580 -15.90 43.16 -61.03
C CYS L 580 -14.61 42.36 -60.84
N TYR L 581 -13.61 43.04 -60.31
CA TYR L 581 -12.34 42.41 -59.97
C TYR L 581 -12.27 42.18 -58.47
N THR L 582 -11.50 41.17 -58.06
CA THR L 582 -11.40 40.82 -56.65
C THR L 582 -10.80 41.95 -55.82
N ALA L 583 -10.16 42.94 -56.45
CA ALA L 583 -9.65 44.08 -55.70
C ALA L 583 -10.77 45.01 -55.26
N ASP L 584 -11.85 45.09 -56.05
CA ASP L 584 -12.98 45.96 -55.74
C ASP L 584 -14.05 45.25 -54.91
N VAL L 585 -13.73 44.11 -54.31
CA VAL L 585 -14.67 43.33 -53.52
C VAL L 585 -14.31 43.45 -52.05
N ARG L 586 -15.33 43.58 -51.20
CA ARG L 586 -15.15 43.68 -49.77
C ARG L 586 -15.98 42.59 -49.07
N VAL L 587 -15.62 42.33 -47.81
CA VAL L 587 -16.27 41.30 -47.00
C VAL L 587 -16.85 41.95 -45.76
N ILE L 588 -18.05 41.52 -45.37
CA ILE L 588 -18.77 42.08 -44.23
C ILE L 588 -19.03 40.96 -43.23
N GLU L 589 -18.65 41.21 -41.97
CA GLU L 589 -18.90 40.27 -40.86
C GLU L 589 -18.36 38.88 -41.16
N GLU L 590 -17.30 38.80 -41.97
CA GLU L 590 -16.61 37.57 -42.35
C GLU L 590 -17.50 36.60 -43.11
N CYS L 591 -18.71 37.00 -43.49
CA CYS L 591 -19.67 36.10 -44.11
C CYS L 591 -20.09 36.54 -45.50
N HIS L 592 -20.46 37.81 -45.68
CA HIS L 592 -21.05 38.30 -46.91
C HIS L 592 -20.05 39.12 -47.70
N TYR L 593 -20.29 39.21 -49.02
CA TYR L 593 -19.34 39.80 -49.96
C TYR L 593 -20.06 40.83 -50.81
N THR L 594 -19.54 42.06 -50.80
CA THR L 594 -20.10 43.18 -51.55
C THR L 594 -19.03 43.77 -52.45
N VAL L 595 -19.47 44.61 -53.39
CA VAL L 595 -18.60 45.24 -54.36
C VAL L 595 -18.77 46.75 -54.26
N LEU L 596 -17.66 47.48 -54.41
CA LEU L 596 -17.66 48.94 -54.40
C LEU L 596 -17.46 49.46 -55.81
N GLY L 597 -17.81 50.74 -56.00
CA GLY L 597 -17.62 51.39 -57.28
C GLY L 597 -18.86 51.41 -58.15
N ASP L 598 -19.18 52.59 -58.69
CA ASP L 598 -20.38 52.72 -59.53
C ASP L 598 -20.20 52.09 -60.91
N ALA L 599 -18.96 51.78 -61.31
CA ALA L 599 -18.75 51.08 -62.57
C ALA L 599 -19.37 49.69 -62.54
N PHE L 600 -19.49 49.11 -61.34
CA PHE L 600 -20.16 47.82 -61.17
C PHE L 600 -21.67 47.95 -61.21
N LYS L 601 -22.22 49.13 -60.93
CA LYS L 601 -23.67 49.30 -60.94
C LYS L 601 -24.25 49.12 -62.33
N GLU L 602 -23.51 49.47 -63.37
CA GLU L 602 -23.99 49.28 -64.74
C GLU L 602 -23.95 47.82 -65.17
N CYS L 603 -23.27 46.95 -64.43
CA CYS L 603 -23.16 45.55 -64.79
C CYS L 603 -24.35 44.71 -64.31
N PHE L 604 -25.23 45.27 -63.48
CA PHE L 604 -26.35 44.52 -62.95
C PHE L 604 -27.59 45.41 -62.89
N VAL L 605 -28.76 44.77 -62.94
CA VAL L 605 -30.03 45.42 -62.68
C VAL L 605 -30.62 44.83 -61.41
N SER L 606 -31.75 45.36 -60.95
CA SER L 606 -32.35 44.90 -59.72
C SER L 606 -33.86 44.78 -59.87
N ARG L 607 -34.41 43.69 -59.34
CA ARG L 607 -35.83 43.43 -59.26
C ARG L 607 -36.23 43.18 -57.81
N PRO L 608 -37.45 43.56 -57.41
CA PRO L 608 -37.83 43.46 -55.99
C PRO L 608 -37.78 42.02 -55.49
N HIS L 609 -37.43 41.88 -54.21
CA HIS L 609 -37.25 40.58 -53.59
C HIS L 609 -38.62 39.98 -53.23
N PRO L 610 -38.84 38.70 -53.52
CA PRO L 610 -40.15 38.09 -53.23
C PRO L 610 -40.37 37.77 -51.77
N LYS L 611 -39.32 37.58 -50.98
CA LYS L 611 -39.43 37.27 -49.56
C LYS L 611 -38.54 38.25 -48.79
N PRO L 612 -39.00 39.49 -48.62
CA PRO L 612 -38.16 40.50 -47.96
C PRO L 612 -38.00 40.26 -46.47
N LYS L 613 -37.18 39.28 -46.10
CA LYS L 613 -36.88 39.03 -44.70
C LYS L 613 -35.65 39.83 -44.28
N GLN L 614 -35.35 39.79 -42.97
CA GLN L 614 -34.25 40.53 -42.40
C GLN L 614 -33.42 39.61 -41.52
N PHE L 615 -32.11 39.56 -41.77
CA PHE L 615 -31.19 38.78 -40.97
C PHE L 615 -30.19 39.70 -40.27
N SER L 616 -29.16 39.09 -39.66
CA SER L 616 -28.41 39.68 -38.55
C SER L 616 -28.28 41.20 -38.59
N SER L 617 -27.88 41.76 -39.73
CA SER L 617 -27.81 43.21 -39.86
C SER L 617 -28.26 43.71 -41.23
N PHE L 618 -28.84 42.86 -42.06
CA PHE L 618 -29.18 43.20 -43.44
C PHE L 618 -30.67 43.02 -43.67
N GLU L 619 -31.21 43.81 -44.60
CA GLU L 619 -32.62 43.80 -44.94
C GLU L 619 -32.75 43.55 -46.44
N LYS L 620 -33.31 42.39 -46.80
CA LYS L 620 -33.46 42.02 -48.20
C LYS L 620 -34.45 42.97 -48.88
N ARG L 621 -33.95 43.77 -49.82
CA ARG L 621 -34.78 44.73 -50.55
C ARG L 621 -35.07 44.32 -51.98
N ALA L 622 -34.09 43.76 -52.70
CA ALA L 622 -34.29 43.45 -54.10
C ALA L 622 -33.33 42.34 -54.50
N LYS L 623 -33.70 41.63 -55.56
CA LYS L 623 -32.83 40.65 -56.21
C LYS L 623 -32.15 41.29 -57.41
N ILE L 624 -30.85 41.06 -57.53
CA ILE L 624 -30.04 41.65 -58.59
C ILE L 624 -29.65 40.58 -59.59
N PHE L 625 -29.70 40.93 -60.88
CA PHE L 625 -29.44 40.01 -61.97
C PHE L 625 -28.45 40.63 -62.93
N CYS L 626 -28.00 39.83 -63.90
CA CYS L 626 -27.12 40.33 -64.94
C CYS L 626 -27.89 41.26 -65.87
N ALA L 627 -27.22 42.31 -66.35
CA ALA L 627 -27.85 43.33 -67.15
C ALA L 627 -27.47 43.29 -68.63
N ARG L 628 -26.42 42.55 -68.99
CA ARG L 628 -25.90 42.59 -70.36
C ARG L 628 -26.71 41.71 -71.29
N GLN L 629 -27.20 42.29 -72.38
CA GLN L 629 -27.87 41.57 -73.46
C GLN L 629 -29.03 40.71 -72.96
N ASN L 630 -29.70 41.18 -71.91
CA ASN L 630 -30.80 40.45 -71.27
C ASN L 630 -30.39 39.03 -70.91
N CYS L 631 -29.36 38.93 -70.08
CA CYS L 631 -28.98 37.64 -69.51
C CYS L 631 -29.81 37.33 -68.27
N SER L 632 -30.00 38.34 -67.41
CA SER L 632 -30.89 38.26 -66.25
C SER L 632 -30.55 37.07 -65.34
N HIS L 633 -29.29 36.67 -65.32
CA HIS L 633 -28.86 35.57 -64.46
C HIS L 633 -28.76 36.06 -63.02
N ASP L 634 -29.26 35.24 -62.10
CA ASP L 634 -29.25 35.60 -60.68
C ASP L 634 -27.81 35.71 -60.18
N TRP L 635 -27.43 36.92 -59.75
CA TRP L 635 -26.12 37.16 -59.19
C TRP L 635 -26.14 37.30 -57.67
N GLY L 636 -27.28 37.61 -57.09
CA GLY L 636 -27.37 37.79 -55.64
C GLY L 636 -28.59 38.60 -55.24
N ILE L 637 -28.43 39.46 -54.24
CA ILE L 637 -29.50 40.32 -53.74
C ILE L 637 -28.95 41.72 -53.50
N HIS L 638 -29.87 42.65 -53.29
CA HIS L 638 -29.53 44.01 -52.89
C HIS L 638 -30.17 44.27 -51.54
N VAL L 639 -29.36 44.67 -50.56
CA VAL L 639 -29.80 44.81 -49.19
C VAL L 639 -29.78 46.29 -48.80
N LYS L 640 -30.37 46.58 -47.64
CA LYS L 640 -30.34 47.90 -47.03
C LYS L 640 -29.61 47.77 -45.71
N TYR L 641 -28.37 48.24 -45.66
CA TYR L 641 -27.55 48.14 -44.46
C TYR L 641 -27.97 49.23 -43.48
N LYS L 642 -27.15 49.45 -42.44
CA LYS L 642 -27.49 50.43 -41.41
C LYS L 642 -27.81 51.79 -42.02
N THR L 643 -26.90 52.32 -42.83
CA THR L 643 -27.14 53.56 -43.54
C THR L 643 -26.91 53.48 -45.03
N PHE L 644 -26.28 52.41 -45.52
CA PHE L 644 -25.99 52.26 -46.95
C PHE L 644 -26.96 51.27 -47.59
N GLU L 645 -26.91 51.22 -48.92
CA GLU L 645 -27.70 50.28 -49.71
C GLU L 645 -26.78 49.67 -50.76
N ILE L 646 -26.25 48.49 -50.46
CA ILE L 646 -25.19 47.89 -51.28
C ILE L 646 -25.71 46.57 -51.82
N PRO L 647 -25.08 46.05 -52.88
CA PRO L 647 -25.41 44.70 -53.34
C PRO L 647 -24.55 43.64 -52.67
N VAL L 648 -25.13 42.45 -52.53
CA VAL L 648 -24.43 41.29 -51.99
C VAL L 648 -24.59 40.16 -52.99
N ILE L 649 -23.46 39.60 -53.44
CA ILE L 649 -23.45 38.63 -54.51
C ILE L 649 -23.02 37.26 -53.97
N LYS L 650 -23.14 36.25 -54.83
CA LYS L 650 -22.77 34.88 -54.50
C LYS L 650 -21.82 34.34 -55.55
N ILE L 651 -20.75 33.67 -55.11
CA ILE L 651 -19.78 33.13 -56.05
C ILE L 651 -20.37 32.00 -56.88
N GLU L 652 -21.51 31.44 -56.45
CA GLU L 652 -22.20 30.43 -57.24
C GLU L 652 -22.65 30.95 -58.59
N SER L 653 -22.70 32.27 -58.78
CA SER L 653 -23.15 32.88 -60.02
C SER L 653 -22.01 33.25 -60.96
N PHE L 654 -20.76 33.08 -60.54
CA PHE L 654 -19.64 33.58 -61.32
C PHE L 654 -18.61 32.48 -61.56
N VAL L 655 -17.80 32.68 -62.60
CA VAL L 655 -16.62 31.89 -62.88
C VAL L 655 -15.41 32.80 -62.78
N VAL L 656 -14.42 32.38 -61.99
CA VAL L 656 -13.25 33.20 -61.70
C VAL L 656 -12.18 32.95 -62.75
N GLU L 657 -11.72 34.02 -63.39
CA GLU L 657 -10.67 33.94 -64.41
C GLU L 657 -9.42 34.65 -63.89
N ASP L 658 -8.27 34.01 -64.07
CA ASP L 658 -7.01 34.59 -63.66
C ASP L 658 -6.50 35.57 -64.72
N ILE L 659 -5.99 36.71 -64.25
CA ILE L 659 -5.52 37.75 -65.18
C ILE L 659 -4.31 37.25 -65.96
N ALA L 660 -3.43 36.49 -65.32
CA ALA L 660 -2.19 36.08 -65.96
C ALA L 660 -2.38 34.86 -66.85
N THR L 661 -2.79 33.73 -66.27
CA THR L 661 -2.88 32.48 -67.01
C THR L 661 -4.19 32.34 -67.79
N GLY L 662 -5.29 32.83 -67.22
CA GLY L 662 -6.59 32.65 -67.84
C GLY L 662 -7.32 31.39 -67.45
N VAL L 663 -6.99 30.79 -66.31
CA VAL L 663 -7.67 29.59 -65.85
C VAL L 663 -9.02 29.97 -65.27
N GLN L 664 -10.07 29.36 -65.79
CA GLN L 664 -11.43 29.63 -65.34
C GLN L 664 -11.87 28.52 -64.38
N THR L 665 -12.21 28.90 -63.16
CA THR L 665 -12.51 27.95 -62.09
C THR L 665 -13.88 28.26 -61.48
N LEU L 666 -14.63 27.20 -61.19
CA LEU L 666 -15.96 27.33 -60.60
C LEU L 666 -15.89 27.09 -59.10
N TYR L 667 -16.43 28.03 -58.33
CA TYR L 667 -16.51 27.92 -56.88
C TYR L 667 -17.97 27.98 -56.45
N SER L 668 -18.37 27.04 -55.59
CA SER L 668 -19.74 27.01 -55.08
C SER L 668 -19.91 27.87 -53.84
N LYS L 669 -18.92 27.85 -52.94
CA LYS L 669 -18.96 28.62 -51.71
C LYS L 669 -17.78 29.57 -51.66
N TRP L 670 -17.96 30.70 -50.98
CA TRP L 670 -16.89 31.68 -50.86
C TRP L 670 -15.74 31.16 -50.01
N LYS L 671 -16.02 30.29 -49.03
CA LYS L 671 -14.96 29.73 -48.21
C LYS L 671 -13.98 28.91 -49.03
N ASP L 672 -14.45 28.33 -50.14
CA ASP L 672 -13.58 27.59 -51.05
C ASP L 672 -12.75 28.50 -51.94
N PHE L 673 -13.07 29.79 -52.00
CA PHE L 673 -12.36 30.75 -52.83
C PHE L 673 -11.34 31.48 -51.95
N HIS L 674 -10.06 31.22 -52.20
CA HIS L 674 -8.98 31.76 -51.38
C HIS L 674 -8.33 32.93 -52.12
N PHE L 675 -8.59 34.15 -51.65
CA PHE L 675 -7.95 35.33 -52.19
C PHE L 675 -7.86 36.37 -51.07
N GLU L 676 -7.37 37.56 -51.42
CA GLU L 676 -7.26 38.63 -50.43
C GLU L 676 -8.64 39.18 -50.12
N LYS L 677 -9.28 38.63 -49.09
CA LYS L 677 -10.63 39.05 -48.70
C LYS L 677 -10.50 40.32 -47.86
N ILE L 678 -10.45 41.45 -48.53
CA ILE L 678 -10.29 42.73 -47.85
C ILE L 678 -11.57 43.07 -47.10
N PRO L 679 -11.51 43.36 -45.79
CA PRO L 679 -12.73 43.66 -45.04
C PRO L 679 -13.41 44.92 -45.53
N PHE L 680 -14.63 45.12 -45.04
CA PHE L 680 -15.45 46.27 -45.44
C PHE L 680 -14.96 47.55 -44.78
#